data_1QJT
#
_entry.id   1QJT
#
_cell.length_a   1.000
_cell.length_b   1.000
_cell.length_c   1.000
_cell.angle_alpha   90.00
_cell.angle_beta   90.00
_cell.angle_gamma   90.00
#
_symmetry.space_group_name_H-M   'P 1'
#
_entity_poly.entity_id   1
_entity_poly.type   'polypeptide(L)'
_entity_poly.pdbx_seq_one_letter_code
;LSLTQLSSGNPVYEKYYRQVEAGNTGRVLALDAAAFLKKSGLPDLILGKIWDLADTDGKGVLSKQEFFVALRLVACAQNG
LEVSLSSLSLAVPPPRFHD
;
_entity_poly.pdbx_strand_id   A
#
# COMPACT_ATOMS: atom_id res chain seq x y z
N LEU A 1 -3.89 0.15 1.51
CA LEU A 1 -4.31 0.23 0.11
C LEU A 1 -3.09 0.57 -0.75
N SER A 2 -3.37 1.24 -1.87
CA SER A 2 -2.31 1.62 -2.79
C SER A 2 -2.27 3.14 -2.91
N LEU A 3 -1.24 3.61 -3.60
CA LEU A 3 -1.06 5.04 -3.81
C LEU A 3 -2.37 5.64 -4.30
N THR A 4 -3.08 4.88 -5.12
CA THR A 4 -4.34 5.33 -5.65
C THR A 4 -5.25 5.86 -4.54
N GLN A 5 -5.72 4.94 -3.72
CA GLN A 5 -6.60 5.31 -2.61
C GLN A 5 -5.87 6.28 -1.67
N LEU A 6 -4.57 6.08 -1.56
CA LEU A 6 -3.76 6.94 -0.71
C LEU A 6 -4.14 8.40 -0.94
N SER A 7 -4.34 8.73 -2.21
CA SER A 7 -4.70 10.09 -2.57
C SER A 7 -5.20 10.12 -4.02
N SER A 8 -6.29 9.39 -4.26
CA SER A 8 -6.87 9.33 -5.59
C SER A 8 -5.76 9.20 -6.65
N GLY A 9 -4.66 8.61 -6.21
CA GLY A 9 -3.52 8.42 -7.11
C GLY A 9 -2.87 9.76 -7.46
N ASN A 10 -2.57 10.52 -6.43
CA ASN A 10 -1.95 11.83 -6.61
C ASN A 10 -0.42 11.65 -6.65
N PRO A 11 0.16 11.96 -7.85
CA PRO A 11 1.59 11.85 -8.04
C PRO A 11 2.32 13.00 -7.35
N VAL A 12 1.55 14.00 -6.94
CA VAL A 12 2.12 15.15 -6.28
C VAL A 12 3.12 14.69 -5.22
N TYR A 13 2.75 13.62 -4.52
CA TYR A 13 3.61 13.07 -3.49
C TYR A 13 4.89 12.49 -4.09
N GLU A 14 4.74 11.89 -5.26
CA GLU A 14 5.87 11.29 -5.94
C GLU A 14 7.01 12.31 -6.07
N LYS A 15 6.62 13.56 -6.26
CA LYS A 15 7.59 14.63 -6.39
C LYS A 15 8.51 14.64 -5.17
N TYR A 16 7.91 14.42 -4.02
CA TYR A 16 8.66 14.41 -2.77
C TYR A 16 9.43 13.09 -2.62
N TYR A 17 8.73 11.99 -2.86
CA TYR A 17 9.33 10.68 -2.75
C TYR A 17 10.59 10.58 -3.61
N ARG A 18 10.65 11.44 -4.63
CA ARG A 18 11.79 11.46 -5.52
C ARG A 18 12.84 12.47 -5.02
N GLN A 19 12.36 13.43 -4.25
CA GLN A 19 13.25 14.44 -3.70
C GLN A 19 14.30 13.81 -2.79
N VAL A 20 13.86 12.80 -2.05
CA VAL A 20 14.74 12.10 -1.13
C VAL A 20 15.60 11.11 -1.93
N GLU A 21 14.97 10.45 -2.88
CA GLU A 21 15.66 9.47 -3.70
C GLU A 21 17.07 9.98 -4.04
N ALA A 22 18.03 9.07 -3.96
CA ALA A 22 19.40 9.40 -4.25
C ALA A 22 19.85 8.70 -5.53
N GLY A 23 20.87 9.25 -6.16
CA GLY A 23 21.39 8.69 -7.39
C GLY A 23 20.41 8.93 -8.55
N ASN A 24 20.65 8.20 -9.64
CA ASN A 24 19.81 8.33 -10.82
C ASN A 24 19.35 6.94 -11.26
N THR A 25 18.73 6.23 -10.33
CA THR A 25 18.24 4.89 -10.60
C THR A 25 16.71 4.86 -10.53
N GLY A 26 16.18 5.61 -9.58
CA GLY A 26 14.74 5.68 -9.40
C GLY A 26 14.31 4.91 -8.16
N ARG A 27 15.20 4.88 -7.18
CA ARG A 27 14.92 4.19 -5.93
C ARG A 27 15.33 5.06 -4.74
N VAL A 28 14.53 4.97 -3.68
CA VAL A 28 14.80 5.74 -2.47
C VAL A 28 15.70 4.91 -1.54
N LEU A 29 16.91 5.43 -1.34
CA LEU A 29 17.86 4.76 -0.48
C LEU A 29 17.30 4.68 0.94
N ALA A 30 16.23 5.43 1.16
CA ALA A 30 15.58 5.45 2.46
C ALA A 30 16.29 6.48 3.35
N LEU A 31 17.60 6.32 3.47
CA LEU A 31 18.40 7.22 4.28
C LEU A 31 17.97 8.66 4.02
N ASP A 32 17.92 9.01 2.73
CA ASP A 32 17.52 10.35 2.34
C ASP A 32 16.11 10.62 2.85
N ALA A 33 15.28 9.60 2.80
CA ALA A 33 13.90 9.72 3.26
C ALA A 33 13.89 10.36 4.65
N ALA A 34 14.61 9.73 5.57
CA ALA A 34 14.69 10.23 6.93
C ALA A 34 15.08 11.71 6.90
N ALA A 35 15.86 12.07 5.90
CA ALA A 35 16.31 13.44 5.75
C ALA A 35 15.11 14.34 5.45
N PHE A 36 14.32 13.91 4.49
CA PHE A 36 13.13 14.67 4.10
C PHE A 36 12.10 14.69 5.24
N LEU A 37 12.06 13.59 5.98
CA LEU A 37 11.13 13.48 7.09
C LEU A 37 11.54 14.45 8.19
N LYS A 38 12.82 14.44 8.51
CA LYS A 38 13.34 15.32 9.55
C LYS A 38 12.96 16.76 9.22
N LYS A 39 12.66 16.99 7.95
CA LYS A 39 12.28 18.32 7.49
C LYS A 39 10.82 18.58 7.87
N SER A 40 10.23 17.61 8.56
CA SER A 40 8.85 17.73 8.99
C SER A 40 8.75 18.69 10.17
N GLY A 41 9.23 18.23 11.31
CA GLY A 41 9.20 19.04 12.52
C GLY A 41 9.19 18.15 13.77
N LEU A 42 8.64 16.96 13.61
CA LEU A 42 8.56 16.01 14.71
C LEU A 42 9.98 15.58 15.11
N PRO A 43 10.08 15.02 16.34
CA PRO A 43 11.36 14.57 16.86
C PRO A 43 11.78 13.25 16.20
N ASP A 44 13.03 12.88 16.44
CA ASP A 44 13.57 11.66 15.87
C ASP A 44 12.96 10.45 16.60
N LEU A 45 12.67 10.66 17.87
CA LEU A 45 12.08 9.60 18.68
C LEU A 45 10.76 9.17 18.06
N ILE A 46 9.81 10.09 18.05
CA ILE A 46 8.50 9.82 17.49
C ILE A 46 8.65 9.31 16.06
N LEU A 47 9.62 9.89 15.36
CA LEU A 47 9.89 9.51 13.98
C LEU A 47 10.28 8.03 13.93
N GLY A 48 11.24 7.67 14.78
CA GLY A 48 11.70 6.30 14.84
C GLY A 48 10.53 5.32 14.75
N LYS A 49 9.48 5.63 15.48
CA LYS A 49 8.29 4.78 15.48
C LYS A 49 7.72 4.70 14.06
N ILE A 50 7.68 5.85 13.41
CA ILE A 50 7.17 5.93 12.05
C ILE A 50 7.96 4.97 11.16
N TRP A 51 9.27 5.14 11.18
CA TRP A 51 10.15 4.31 10.38
C TRP A 51 9.88 2.84 10.74
N ASP A 52 10.00 2.56 12.03
CA ASP A 52 9.77 1.21 12.52
C ASP A 52 8.49 0.65 11.88
N LEU A 53 7.43 1.44 11.98
CA LEU A 53 6.14 1.04 11.43
C LEU A 53 6.23 1.07 9.91
N ALA A 54 7.11 1.91 9.41
CA ALA A 54 7.30 2.05 7.97
C ALA A 54 8.01 0.80 7.43
N ASP A 55 9.29 0.70 7.78
CA ASP A 55 10.10 -0.42 7.35
C ASP A 55 9.25 -1.70 7.39
N THR A 56 9.24 -2.39 6.27
CA THR A 56 8.48 -3.64 6.16
C THR A 56 8.98 -4.48 4.99
N ASP A 57 9.23 -3.79 3.87
CA ASP A 57 9.72 -4.46 2.68
C ASP A 57 10.90 -5.36 3.05
N GLY A 58 11.81 -4.80 3.82
CA GLY A 58 12.99 -5.54 4.26
C GLY A 58 14.25 -4.69 4.11
N LYS A 59 14.55 -4.32 2.88
CA LYS A 59 15.72 -3.51 2.59
C LYS A 59 15.43 -2.05 3.00
N GLY A 60 16.48 -1.39 3.47
CA GLY A 60 16.36 0.00 3.88
C GLY A 60 15.54 0.81 2.88
N VAL A 61 15.88 0.62 1.61
CA VAL A 61 15.19 1.33 0.55
C VAL A 61 13.69 1.38 0.86
N LEU A 62 13.06 2.46 0.42
CA LEU A 62 11.64 2.64 0.65
C LEU A 62 10.87 2.26 -0.62
N SER A 63 9.55 2.28 -0.50
CA SER A 63 8.69 1.95 -1.62
C SER A 63 7.67 3.06 -1.85
N LYS A 64 6.51 2.67 -2.36
CA LYS A 64 5.45 3.62 -2.64
C LYS A 64 4.66 3.87 -1.35
N GLN A 65 3.58 3.11 -1.20
CA GLN A 65 2.74 3.26 -0.02
C GLN A 65 3.60 3.46 1.23
N GLU A 66 4.57 2.58 1.39
CA GLU A 66 5.45 2.65 2.54
C GLU A 66 5.82 4.10 2.84
N PHE A 67 6.57 4.70 1.92
CA PHE A 67 6.99 6.08 2.08
C PHE A 67 5.78 7.02 2.15
N PHE A 68 4.81 6.75 1.29
CA PHE A 68 3.60 7.56 1.25
C PHE A 68 2.85 7.49 2.58
N VAL A 69 3.18 6.46 3.36
CA VAL A 69 2.55 6.28 4.65
C VAL A 69 3.29 7.11 5.70
N ALA A 70 4.54 6.74 5.94
CA ALA A 70 5.36 7.45 6.90
C ALA A 70 5.15 8.95 6.74
N LEU A 71 4.87 9.35 5.51
CA LEU A 71 4.65 10.76 5.20
C LEU A 71 3.48 11.27 6.03
N ARG A 72 2.27 10.92 5.59
CA ARG A 72 1.07 11.35 6.28
C ARG A 72 1.14 10.96 7.75
N LEU A 73 1.90 9.91 8.02
CA LEU A 73 2.06 9.43 9.39
C LEU A 73 2.61 10.56 10.26
N VAL A 74 3.62 11.23 9.75
CA VAL A 74 4.24 12.34 10.47
C VAL A 74 3.16 13.35 10.86
N ALA A 75 2.20 13.52 9.96
CA ALA A 75 1.11 14.44 10.19
C ALA A 75 0.26 13.95 11.36
N CYS A 76 0.49 12.70 11.72
CA CYS A 76 -0.24 12.08 12.81
C CYS A 76 0.32 12.63 14.13
N ALA A 77 1.55 12.25 14.41
CA ALA A 77 2.21 12.69 15.63
C ALA A 77 2.19 14.22 15.69
N GLN A 78 2.00 14.82 14.52
CA GLN A 78 1.96 16.27 14.43
C GLN A 78 0.79 16.82 15.25
N ASN A 79 -0.22 15.98 15.43
CA ASN A 79 -1.39 16.38 16.19
C ASN A 79 -1.33 15.72 17.58
N GLY A 80 -0.38 14.82 17.73
CA GLY A 80 -0.21 14.12 18.99
C GLY A 80 -0.88 12.75 18.96
N LEU A 81 -1.25 12.34 17.75
CA LEU A 81 -1.91 11.05 17.57
C LEU A 81 -0.85 9.94 17.63
N GLU A 82 -1.33 8.71 17.46
CA GLU A 82 -0.45 7.56 17.49
C GLU A 82 0.61 7.68 16.39
N VAL A 83 1.55 6.74 16.43
CA VAL A 83 2.63 6.73 15.45
C VAL A 83 2.52 5.47 14.59
N SER A 84 1.64 4.57 15.02
CA SER A 84 1.42 3.32 14.31
C SER A 84 0.25 3.47 13.34
N LEU A 85 0.29 2.67 12.29
CA LEU A 85 -0.76 2.70 11.29
C LEU A 85 -2.09 2.30 11.93
N SER A 86 -1.98 1.55 13.02
CA SER A 86 -3.16 1.09 13.73
C SER A 86 -4.02 2.29 14.15
N SER A 87 -3.39 3.46 14.13
CA SER A 87 -4.08 4.69 14.50
C SER A 87 -4.04 5.67 13.33
N LEU A 88 -4.00 5.12 12.12
CA LEU A 88 -3.97 5.94 10.93
C LEU A 88 -5.30 5.82 10.20
N SER A 89 -5.37 6.49 9.05
CA SER A 89 -6.58 6.47 8.25
C SER A 89 -7.67 7.31 8.92
N LEU A 90 -7.23 8.39 9.54
CA LEU A 90 -8.16 9.29 10.22
C LEU A 90 -8.12 10.66 9.55
N ALA A 91 -8.61 11.66 10.28
CA ALA A 91 -8.63 13.01 9.77
C ALA A 91 -7.53 13.83 10.43
N VAL A 92 -6.30 13.35 10.27
CA VAL A 92 -5.15 14.02 10.86
C VAL A 92 -4.93 15.36 10.14
N PRO A 93 -4.25 16.28 10.86
CA PRO A 93 -3.97 17.61 10.31
C PRO A 93 -2.85 17.54 9.27
N PRO A 94 -2.61 18.69 8.61
CA PRO A 94 -1.57 18.77 7.59
C PRO A 94 -0.19 18.82 8.23
N PRO A 95 0.79 18.20 7.52
CA PRO A 95 2.16 18.15 8.00
C PRO A 95 2.85 19.51 7.82
N ARG A 96 4.17 19.48 7.91
CA ARG A 96 4.96 20.69 7.77
C ARG A 96 5.54 20.78 6.35
N PHE A 97 5.81 19.61 5.79
CA PHE A 97 6.36 19.55 4.45
C PHE A 97 5.73 20.60 3.53
N HIS A 98 6.41 20.88 2.44
CA HIS A 98 5.93 21.86 1.48
C HIS A 98 4.64 21.35 0.83
N ASP A 99 3.95 22.27 0.17
CA ASP A 99 2.71 21.93 -0.50
C ASP A 99 3.02 21.19 -1.81
N LEU A 1 -3.89 0.15 1.51
CA LEU A 1 -4.31 0.23 0.11
C LEU A 1 -3.07 0.17 -0.78
N SER A 2 -3.32 0.24 -2.09
CA SER A 2 -2.24 0.19 -3.05
C SER A 2 -2.80 0.28 -4.46
N LEU A 3 -1.90 0.24 -5.44
CA LEU A 3 -2.29 0.33 -6.83
C LEU A 3 -2.76 -1.05 -7.31
N THR A 4 -2.13 -2.08 -6.76
CA THR A 4 -2.47 -3.44 -7.12
C THR A 4 -3.98 -3.66 -7.03
N GLN A 5 -4.50 -3.53 -5.82
CA GLN A 5 -5.93 -3.70 -5.60
C GLN A 5 -6.72 -2.65 -6.37
N LEU A 6 -6.12 -1.47 -6.48
CA LEU A 6 -6.76 -0.37 -7.19
C LEU A 6 -7.34 -0.89 -8.51
N SER A 7 -6.56 -1.75 -9.16
CA SER A 7 -6.98 -2.33 -10.43
C SER A 7 -6.07 -3.49 -10.80
N SER A 8 -6.09 -4.51 -9.95
CA SER A 8 -5.27 -5.70 -10.18
C SER A 8 -3.87 -5.27 -10.65
N GLY A 9 -3.47 -4.09 -10.24
CA GLY A 9 -2.18 -3.56 -10.61
C GLY A 9 -2.13 -3.21 -12.10
N ASN A 10 -3.11 -2.41 -12.52
CA ASN A 10 -3.19 -2.00 -13.91
C ASN A 10 -2.38 -0.71 -14.10
N PRO A 11 -1.29 -0.82 -14.91
CA PRO A 11 -0.44 0.32 -15.18
C PRO A 11 -1.10 1.28 -16.16
N VAL A 12 -2.25 0.85 -16.68
CA VAL A 12 -2.99 1.66 -17.63
C VAL A 12 -3.20 3.06 -17.04
N TYR A 13 -3.45 3.09 -15.74
CA TYR A 13 -3.68 4.35 -15.05
C TYR A 13 -2.40 5.19 -15.04
N GLU A 14 -1.27 4.50 -14.93
CA GLU A 14 0.01 5.17 -14.90
C GLU A 14 0.18 6.06 -16.14
N LYS A 15 -0.28 5.55 -17.26
CA LYS A 15 -0.19 6.28 -18.52
C LYS A 15 -0.71 7.70 -18.31
N TYR A 16 -1.83 7.78 -17.61
CA TYR A 16 -2.45 9.08 -17.33
C TYR A 16 -1.69 9.82 -16.23
N TYR A 17 -1.39 9.09 -15.16
CA TYR A 17 -0.67 9.68 -14.05
C TYR A 17 0.60 10.38 -14.52
N ARG A 18 1.15 9.88 -15.62
CA ARG A 18 2.35 10.45 -16.19
C ARG A 18 2.01 11.56 -17.18
N GLN A 19 0.81 11.48 -17.71
CA GLN A 19 0.33 12.46 -18.67
C GLN A 19 0.27 13.85 -18.02
N VAL A 20 -0.03 13.85 -16.73
CA VAL A 20 -0.12 15.09 -15.98
C VAL A 20 1.27 15.49 -15.49
N GLU A 21 2.01 14.48 -15.04
CA GLU A 21 3.35 14.72 -14.53
C GLU A 21 4.07 15.76 -15.38
N ALA A 22 4.81 16.62 -14.70
CA ALA A 22 5.55 17.67 -15.38
C ALA A 22 7.04 17.39 -15.27
N GLY A 23 7.77 17.80 -16.30
CA GLY A 23 9.21 17.59 -16.33
C GLY A 23 9.55 16.12 -16.55
N ASN A 24 10.84 15.82 -16.39
CA ASN A 24 11.30 14.45 -16.57
C ASN A 24 11.97 13.97 -15.28
N THR A 25 11.25 14.14 -14.18
CA THR A 25 11.76 13.73 -12.88
C THR A 25 11.03 12.48 -12.40
N GLY A 26 9.77 12.39 -12.77
CA GLY A 26 8.95 11.25 -12.38
C GLY A 26 8.02 11.61 -11.21
N ARG A 27 7.73 12.90 -11.11
CA ARG A 27 6.86 13.38 -10.06
C ARG A 27 5.77 14.28 -10.64
N VAL A 28 4.58 14.15 -10.07
CA VAL A 28 3.44 14.93 -10.53
C VAL A 28 3.35 16.21 -9.69
N LEU A 29 3.53 17.34 -10.36
CA LEU A 29 3.48 18.63 -9.70
C LEU A 29 2.09 18.82 -9.10
N ALA A 30 1.17 17.95 -9.50
CA ALA A 30 -0.19 18.01 -9.00
C ALA A 30 -0.99 19.01 -9.85
N LEU A 31 -0.42 20.20 -10.01
CA LEU A 31 -1.06 21.24 -10.80
C LEU A 31 -1.62 20.63 -12.08
N ASP A 32 -0.81 19.79 -12.71
CA ASP A 32 -1.21 19.15 -13.95
C ASP A 32 -2.29 18.10 -13.64
N ALA A 33 -2.15 17.46 -12.49
CA ALA A 33 -3.09 16.46 -12.07
C ALA A 33 -4.50 17.07 -12.02
N ALA A 34 -4.55 18.32 -11.62
CA ALA A 34 -5.81 19.03 -11.53
C ALA A 34 -6.29 19.40 -12.93
N ALA A 35 -5.33 19.52 -13.84
CA ALA A 35 -5.64 19.86 -15.21
C ALA A 35 -6.26 18.65 -15.91
N PHE A 36 -5.62 17.51 -15.72
CA PHE A 36 -6.10 16.27 -16.33
C PHE A 36 -7.50 15.91 -15.81
N LEU A 37 -7.65 16.02 -14.51
CA LEU A 37 -8.92 15.72 -13.88
C LEU A 37 -10.03 16.50 -14.58
N LYS A 38 -9.79 17.79 -14.76
CA LYS A 38 -10.76 18.66 -15.40
C LYS A 38 -11.25 17.98 -16.69
N LYS A 39 -10.42 17.10 -17.22
CA LYS A 39 -10.76 16.39 -18.44
C LYS A 39 -11.67 15.21 -18.09
N SER A 40 -12.35 15.34 -16.96
CA SER A 40 -13.24 14.29 -16.50
C SER A 40 -14.69 14.63 -16.91
N GLY A 41 -15.26 15.58 -16.19
CA GLY A 41 -16.61 16.01 -16.45
C GLY A 41 -17.21 16.74 -15.24
N LEU A 42 -16.69 16.39 -14.07
CA LEU A 42 -17.17 17.00 -12.84
C LEU A 42 -16.76 18.47 -12.82
N PRO A 43 -17.44 19.25 -11.93
CA PRO A 43 -17.17 20.66 -11.80
C PRO A 43 -15.86 20.91 -11.05
N ASP A 44 -15.68 22.15 -10.63
CA ASP A 44 -14.48 22.52 -9.90
C ASP A 44 -14.78 22.48 -8.39
N LEU A 45 -15.98 22.91 -8.04
CA LEU A 45 -16.39 22.93 -6.65
C LEU A 45 -16.34 21.50 -6.09
N ILE A 46 -17.02 20.59 -6.78
CA ILE A 46 -17.05 19.20 -6.36
C ILE A 46 -15.64 18.62 -6.42
N LEU A 47 -14.88 19.08 -7.41
CA LEU A 47 -13.53 18.62 -7.58
C LEU A 47 -12.69 19.02 -6.37
N GLY A 48 -12.76 20.30 -6.04
CA GLY A 48 -12.01 20.82 -4.90
C GLY A 48 -12.07 19.86 -3.72
N LYS A 49 -13.27 19.36 -3.45
CA LYS A 49 -13.48 18.43 -2.36
C LYS A 49 -12.58 17.21 -2.56
N ILE A 50 -12.56 16.73 -3.79
CA ILE A 50 -11.75 15.57 -4.14
C ILE A 50 -10.29 15.84 -3.75
N TRP A 51 -9.77 16.96 -4.27
CA TRP A 51 -8.40 17.34 -4.00
C TRP A 51 -8.23 17.41 -2.49
N ASP A 52 -9.07 18.21 -1.85
CA ASP A 52 -9.02 18.38 -0.41
C ASP A 52 -8.83 17.01 0.25
N LEU A 53 -9.66 16.07 -0.17
CA LEU A 53 -9.60 14.72 0.37
C LEU A 53 -8.34 14.03 -0.14
N ALA A 54 -7.95 14.41 -1.35
CA ALA A 54 -6.76 13.84 -1.96
C ALA A 54 -5.52 14.27 -1.17
N ASP A 55 -5.23 15.56 -1.27
CA ASP A 55 -4.07 16.11 -0.57
C ASP A 55 -3.95 15.46 0.81
N THR A 56 -2.76 14.94 1.07
CA THR A 56 -2.50 14.29 2.34
C THR A 56 -1.00 14.18 2.59
N ASP A 57 -0.28 13.80 1.54
CA ASP A 57 1.16 13.66 1.62
C ASP A 57 1.75 14.91 2.27
N GLY A 58 1.31 16.05 1.78
CA GLY A 58 1.79 17.33 2.31
C GLY A 58 2.10 18.30 1.18
N LYS A 59 2.98 17.88 0.29
CA LYS A 59 3.37 18.71 -0.84
C LYS A 59 2.33 18.56 -1.95
N GLY A 60 2.01 19.69 -2.57
CA GLY A 60 1.04 19.69 -3.65
C GLY A 60 1.20 18.46 -4.55
N VAL A 61 2.45 18.12 -4.82
CA VAL A 61 2.75 16.97 -5.65
C VAL A 61 1.85 15.81 -5.25
N LEU A 62 1.48 15.02 -6.24
CA LEU A 62 0.61 13.86 -6.00
C LEU A 62 1.48 12.60 -5.94
N SER A 63 0.84 11.51 -5.56
CA SER A 63 1.52 10.23 -5.46
C SER A 63 0.81 9.17 -6.31
N LYS A 64 0.90 7.94 -5.85
CA LYS A 64 0.27 6.83 -6.56
C LYS A 64 -1.21 6.76 -6.16
N GLN A 65 -1.48 5.98 -5.12
CA GLN A 65 -2.83 5.82 -4.62
C GLN A 65 -3.58 7.15 -4.68
N GLU A 66 -2.92 8.19 -4.19
CA GLU A 66 -3.51 9.51 -4.17
C GLU A 66 -4.21 9.80 -5.50
N PHE A 67 -3.39 10.02 -6.53
CA PHE A 67 -3.91 10.31 -7.85
C PHE A 67 -4.82 9.17 -8.34
N PHE A 68 -4.40 7.95 -8.04
CA PHE A 68 -5.17 6.78 -8.44
C PHE A 68 -6.50 6.72 -7.70
N VAL A 69 -6.62 7.58 -6.70
CA VAL A 69 -7.84 7.64 -5.91
C VAL A 69 -8.78 8.70 -6.50
N ALA A 70 -8.29 9.93 -6.50
CA ALA A 70 -9.07 11.04 -7.03
C ALA A 70 -9.65 10.65 -8.39
N LEU A 71 -8.94 9.75 -9.06
CA LEU A 71 -9.38 9.29 -10.37
C LEU A 71 -10.74 8.60 -10.24
N ARG A 72 -10.72 7.45 -9.60
CA ARG A 72 -11.94 6.69 -9.40
C ARG A 72 -12.95 7.49 -8.58
N LEU A 73 -12.42 8.41 -7.78
CA LEU A 73 -13.25 9.25 -6.95
C LEU A 73 -14.23 10.02 -7.82
N VAL A 74 -13.73 10.49 -8.96
CA VAL A 74 -14.55 11.24 -9.88
C VAL A 74 -15.71 10.37 -10.35
N ALA A 75 -15.39 9.10 -10.59
CA ALA A 75 -16.40 8.15 -11.05
C ALA A 75 -17.49 8.02 -9.98
N CYS A 76 -17.17 8.50 -8.79
CA CYS A 76 -18.10 8.45 -7.68
C CYS A 76 -19.16 9.54 -7.89
N ALA A 77 -18.70 10.78 -7.75
CA ALA A 77 -19.59 11.92 -7.92
C ALA A 77 -20.26 11.85 -9.30
N GLN A 78 -19.65 11.08 -10.17
CA GLN A 78 -20.17 10.91 -11.52
C GLN A 78 -21.57 10.29 -11.47
N ASN A 79 -21.84 9.60 -10.37
CA ASN A 79 -23.13 8.95 -10.18
C ASN A 79 -23.97 9.79 -9.22
N GLY A 80 -23.32 10.74 -8.58
CA GLY A 80 -23.99 11.62 -7.64
C GLY A 80 -23.71 11.19 -6.20
N LEU A 81 -22.74 10.29 -6.07
CA LEU A 81 -22.36 9.80 -4.76
C LEU A 81 -21.47 10.84 -4.06
N GLU A 82 -21.05 10.50 -2.86
CA GLU A 82 -20.20 11.39 -2.08
C GLU A 82 -18.89 11.65 -2.83
N VAL A 83 -18.17 12.68 -2.37
CA VAL A 83 -16.91 13.04 -2.99
C VAL A 83 -15.77 12.63 -2.06
N SER A 84 -16.13 12.24 -0.85
CA SER A 84 -15.15 11.82 0.14
C SER A 84 -15.00 10.29 0.09
N LEU A 85 -13.80 9.84 0.44
CA LEU A 85 -13.51 8.42 0.44
C LEU A 85 -14.48 7.71 1.41
N SER A 86 -14.97 8.48 2.37
CA SER A 86 -15.90 7.95 3.34
C SER A 86 -17.06 7.25 2.64
N SER A 87 -17.25 7.62 1.38
CA SER A 87 -18.33 7.05 0.58
C SER A 87 -17.74 6.36 -0.66
N LEU A 88 -16.54 5.82 -0.48
CA LEU A 88 -15.87 5.14 -1.57
C LEU A 88 -15.84 3.64 -1.27
N SER A 89 -15.20 2.90 -2.18
CA SER A 89 -15.09 1.46 -2.02
C SER A 89 -16.43 0.80 -2.34
N LEU A 90 -17.15 1.41 -3.26
CA LEU A 90 -18.45 0.89 -3.67
C LEU A 90 -18.38 0.49 -5.14
N ALA A 91 -19.56 0.36 -5.74
CA ALA A 91 -19.66 -0.01 -7.15
C ALA A 91 -20.06 1.21 -7.97
N VAL A 92 -19.16 2.17 -8.04
CA VAL A 92 -19.40 3.38 -8.80
C VAL A 92 -19.24 3.10 -10.29
N PRO A 93 -19.89 3.97 -11.12
CA PRO A 93 -19.82 3.81 -12.56
C PRO A 93 -18.47 4.27 -13.09
N PRO A 94 -18.27 4.05 -14.43
CA PRO A 94 -17.03 4.44 -15.07
C PRO A 94 -16.96 5.96 -15.27
N PRO A 95 -15.71 6.49 -15.19
CA PRO A 95 -15.50 7.92 -15.37
C PRO A 95 -15.62 8.31 -16.84
N ARG A 96 -15.12 9.50 -17.14
CA ARG A 96 -15.16 10.01 -18.51
C ARG A 96 -13.81 9.80 -19.20
N PHE A 97 -12.77 9.83 -18.38
CA PHE A 97 -11.42 9.64 -18.90
C PHE A 97 -11.39 8.57 -19.99
N HIS A 98 -10.33 8.59 -20.78
CA HIS A 98 -10.17 7.63 -21.85
C HIS A 98 -10.01 6.23 -21.27
N ASP A 99 -10.03 5.24 -22.16
CA ASP A 99 -9.89 3.86 -21.74
C ASP A 99 -8.46 3.62 -21.27
N LEU A 1 -3.89 0.15 1.51
CA LEU A 1 -4.31 0.23 0.11
C LEU A 1 -3.79 1.54 -0.49
N SER A 2 -4.49 2.00 -1.52
CA SER A 2 -4.11 3.23 -2.19
C SER A 2 -3.78 4.31 -1.15
N LEU A 3 -3.26 5.42 -1.67
CA LEU A 3 -2.89 6.54 -0.81
C LEU A 3 -4.09 6.91 0.08
N THR A 4 -5.26 6.85 -0.53
CA THR A 4 -6.49 7.18 0.18
C THR A 4 -6.53 6.45 1.53
N GLN A 5 -6.37 5.14 1.46
CA GLN A 5 -6.40 4.32 2.66
C GLN A 5 -5.08 4.45 3.41
N LEU A 6 -4.01 4.63 2.66
CA LEU A 6 -2.69 4.78 3.24
C LEU A 6 -2.74 5.83 4.35
N SER A 7 -3.51 6.87 4.11
CA SER A 7 -3.66 7.94 5.08
C SER A 7 -4.79 8.88 4.65
N SER A 8 -5.98 8.32 4.56
CA SER A 8 -7.15 9.09 4.16
C SER A 8 -6.81 9.98 2.97
N GLY A 9 -5.83 9.53 2.20
CA GLY A 9 -5.39 10.27 1.03
C GLY A 9 -4.74 11.59 1.42
N ASN A 10 -3.94 11.52 2.48
CA ASN A 10 -3.25 12.71 2.97
C ASN A 10 -2.18 13.12 1.95
N PRO A 11 -2.32 14.39 1.47
CA PRO A 11 -1.38 14.92 0.50
C PRO A 11 -0.05 15.29 1.16
N VAL A 12 -0.06 15.25 2.49
CA VAL A 12 1.13 15.56 3.25
C VAL A 12 2.30 14.71 2.76
N TYR A 13 2.01 13.43 2.55
CA TYR A 13 3.01 12.50 2.08
C TYR A 13 3.46 12.84 0.66
N GLU A 14 2.51 13.31 -0.13
CA GLU A 14 2.78 13.68 -1.51
C GLU A 14 3.84 14.78 -1.55
N LYS A 15 3.75 15.69 -0.61
CA LYS A 15 4.68 16.81 -0.53
C LYS A 15 6.11 16.26 -0.55
N TYR A 16 6.32 15.21 0.24
CA TYR A 16 7.63 14.59 0.33
C TYR A 16 7.93 13.77 -0.93
N TYR A 17 6.98 12.92 -1.28
CA TYR A 17 7.13 12.07 -2.45
C TYR A 17 7.44 12.91 -3.70
N ARG A 18 7.12 14.19 -3.60
CA ARG A 18 7.37 15.10 -4.70
C ARG A 18 8.73 15.77 -4.55
N GLN A 19 9.20 15.83 -3.32
CA GLN A 19 10.49 16.43 -3.02
C GLN A 19 11.60 15.65 -3.73
N VAL A 20 11.45 14.34 -3.75
CA VAL A 20 12.44 13.49 -4.39
C VAL A 20 12.29 13.59 -5.90
N GLU A 21 11.04 13.61 -6.34
CA GLU A 21 10.74 13.70 -7.76
C GLU A 21 11.70 14.69 -8.45
N ALA A 22 12.06 14.35 -9.67
CA ALA A 22 12.97 15.18 -10.43
C ALA A 22 12.34 15.52 -11.78
N GLY A 23 12.52 16.77 -12.19
CA GLY A 23 11.97 17.22 -13.46
C GLY A 23 10.55 17.78 -13.27
N ASN A 24 9.95 18.14 -14.39
CA ASN A 24 8.60 18.69 -14.36
C ASN A 24 7.66 17.74 -15.11
N THR A 25 7.77 16.46 -14.79
CA THR A 25 6.94 15.45 -15.41
C THR A 25 5.92 14.90 -14.41
N GLY A 26 6.29 14.96 -13.14
CA GLY A 26 5.43 14.47 -12.08
C GLY A 26 5.68 12.99 -11.81
N ARG A 27 6.93 12.59 -11.99
CA ARG A 27 7.30 11.20 -11.77
C ARG A 27 8.61 11.12 -10.97
N VAL A 28 8.63 10.17 -10.04
CA VAL A 28 9.81 9.99 -9.20
C VAL A 28 10.80 9.08 -9.92
N LEU A 29 11.95 9.65 -10.25
CA LEU A 29 13.00 8.90 -10.93
C LEU A 29 13.44 7.73 -10.05
N ALA A 30 13.02 7.78 -8.80
CA ALA A 30 13.36 6.75 -7.84
C ALA A 30 14.73 7.06 -7.22
N LEU A 31 15.72 7.21 -8.10
CA LEU A 31 17.07 7.51 -7.65
C LEU A 31 17.00 8.58 -6.55
N ASP A 32 16.10 9.54 -6.75
CA ASP A 32 15.94 10.61 -5.79
C ASP A 32 15.27 10.07 -4.52
N ALA A 33 14.25 9.27 -4.73
CA ALA A 33 13.52 8.68 -3.63
C ALA A 33 14.52 8.08 -2.63
N ALA A 34 15.50 7.36 -3.17
CA ALA A 34 16.51 6.74 -2.34
C ALA A 34 17.30 7.83 -1.61
N ALA A 35 17.46 8.96 -2.28
CA ALA A 35 18.19 10.07 -1.70
C ALA A 35 17.47 10.56 -0.45
N PHE A 36 16.18 10.83 -0.63
CA PHE A 36 15.36 11.31 0.48
C PHE A 36 15.25 10.24 1.57
N LEU A 37 15.03 9.02 1.13
CA LEU A 37 14.90 7.90 2.06
C LEU A 37 16.14 7.83 2.94
N LYS A 38 17.30 7.88 2.28
CA LYS A 38 18.56 7.83 2.99
C LYS A 38 18.52 8.78 4.19
N LYS A 39 17.67 9.79 4.06
CA LYS A 39 17.53 10.78 5.11
C LYS A 39 16.59 10.23 6.19
N SER A 40 16.54 8.92 6.27
CA SER A 40 15.69 8.26 7.25
C SER A 40 16.50 7.96 8.52
N GLY A 41 17.35 6.94 8.40
CA GLY A 41 18.18 6.55 9.52
C GLY A 41 18.65 5.10 9.38
N LEU A 42 17.84 4.32 8.68
CA LEU A 42 18.17 2.92 8.45
C LEU A 42 19.38 2.82 7.52
N PRO A 43 20.03 1.63 7.55
CA PRO A 43 21.20 1.40 6.74
C PRO A 43 20.82 1.18 5.28
N ASP A 44 21.83 1.07 4.43
CA ASP A 44 21.62 0.86 3.01
C ASP A 44 21.23 -0.60 2.77
N LEU A 45 21.87 -1.48 3.52
CA LEU A 45 21.60 -2.91 3.41
C LEU A 45 20.13 -3.17 3.69
N ILE A 46 19.73 -2.88 4.92
CA ILE A 46 18.35 -3.08 5.34
C ILE A 46 17.42 -2.34 4.36
N LEU A 47 17.88 -1.18 3.92
CA LEU A 47 17.10 -0.37 2.99
C LEU A 47 16.89 -1.15 1.70
N GLY A 48 18.00 -1.65 1.16
CA GLY A 48 17.95 -2.40 -0.08
C GLY A 48 16.74 -3.33 -0.12
N LYS A 49 16.52 -4.00 1.01
CA LYS A 49 15.39 -4.91 1.13
C LYS A 49 14.09 -4.15 0.91
N ILE A 50 14.00 -3.00 1.56
CA ILE A 50 12.81 -2.16 1.45
C ILE A 50 12.55 -1.85 -0.03
N TRP A 51 13.58 -1.35 -0.69
CA TRP A 51 13.48 -1.01 -2.09
C TRP A 51 13.00 -2.25 -2.85
N ASP A 52 13.74 -3.34 -2.67
CA ASP A 52 13.41 -4.59 -3.32
C ASP A 52 11.91 -4.86 -3.17
N LEU A 53 11.41 -4.60 -1.97
CA LEU A 53 10.00 -4.81 -1.68
C LEU A 53 9.19 -3.66 -2.29
N ALA A 54 9.83 -2.50 -2.37
CA ALA A 54 9.18 -1.33 -2.93
C ALA A 54 9.04 -1.50 -4.44
N ASP A 55 10.18 -1.49 -5.12
CA ASP A 55 10.21 -1.64 -6.56
C ASP A 55 9.16 -2.68 -6.98
N THR A 56 8.31 -2.28 -7.91
CA THR A 56 7.26 -3.16 -8.40
C THR A 56 7.03 -2.92 -9.90
N ASP A 57 6.96 -1.65 -10.27
CA ASP A 57 6.74 -1.29 -11.64
C ASP A 57 7.70 -2.07 -12.54
N GLY A 58 8.99 -1.90 -12.26
CA GLY A 58 10.02 -2.57 -13.02
C GLY A 58 10.69 -1.62 -14.01
N LYS A 59 11.65 -0.88 -13.49
CA LYS A 59 12.38 0.08 -14.31
C LYS A 59 13.21 1.00 -13.40
N GLY A 60 12.59 1.42 -12.31
CA GLY A 60 13.25 2.29 -11.36
C GLY A 60 12.26 3.28 -10.74
N VAL A 61 11.66 4.09 -11.59
CA VAL A 61 10.70 5.08 -11.14
C VAL A 61 9.82 4.47 -10.05
N LEU A 62 9.38 5.32 -9.13
CA LEU A 62 8.53 4.87 -8.04
C LEU A 62 7.08 5.22 -8.36
N SER A 63 6.21 4.93 -7.41
CA SER A 63 4.79 5.20 -7.56
C SER A 63 4.19 5.65 -6.23
N LYS A 64 2.92 6.03 -6.29
CA LYS A 64 2.22 6.48 -5.10
C LYS A 64 2.44 5.47 -3.97
N GLN A 65 1.51 4.54 -3.89
CA GLN A 65 1.58 3.50 -2.86
C GLN A 65 3.03 3.06 -2.66
N GLU A 66 3.68 2.74 -3.77
CA GLU A 66 5.07 2.30 -3.74
C GLU A 66 5.86 3.13 -2.73
N PHE A 67 6.12 4.38 -3.11
CA PHE A 67 6.88 5.29 -2.25
C PHE A 67 6.18 5.46 -0.91
N PHE A 68 4.86 5.57 -0.97
CA PHE A 68 4.07 5.74 0.24
C PHE A 68 4.20 4.53 1.17
N VAL A 69 4.69 3.43 0.60
CA VAL A 69 4.87 2.21 1.35
C VAL A 69 6.27 2.21 1.97
N ALA A 70 7.27 2.19 1.11
CA ALA A 70 8.65 2.19 1.56
C ALA A 70 8.83 3.24 2.65
N LEU A 71 7.98 4.26 2.60
CA LEU A 71 8.03 5.33 3.57
C LEU A 71 7.78 4.76 4.97
N ARG A 72 6.51 4.47 5.25
CA ARG A 72 6.14 3.92 6.54
C ARG A 72 6.93 2.64 6.82
N LEU A 73 7.13 1.86 5.76
CA LEU A 73 7.86 0.61 5.88
C LEU A 73 9.13 0.84 6.71
N VAL A 74 9.78 1.96 6.42
CA VAL A 74 11.01 2.31 7.14
C VAL A 74 10.70 2.46 8.62
N ALA A 75 9.55 3.08 8.90
CA ALA A 75 9.14 3.29 10.27
C ALA A 75 9.01 1.94 10.99
N CYS A 76 8.93 0.89 10.17
CA CYS A 76 8.80 -0.45 10.71
C CYS A 76 10.17 -0.90 11.22
N ALA A 77 11.09 -1.08 10.28
CA ALA A 77 12.43 -1.50 10.61
C ALA A 77 12.96 -0.63 11.75
N GLN A 78 12.40 0.56 11.87
CA GLN A 78 12.81 1.48 12.92
C GLN A 78 12.52 0.89 14.29
N ASN A 79 11.75 -0.19 14.29
CA ASN A 79 11.39 -0.86 15.53
C ASN A 79 11.99 -2.27 15.53
N GLY A 80 12.72 -2.56 14.47
CA GLY A 80 13.36 -3.87 14.33
C GLY A 80 12.40 -4.88 13.70
N LEU A 81 11.28 -4.36 13.21
CA LEU A 81 10.28 -5.21 12.58
C LEU A 81 10.73 -5.56 11.17
N GLU A 82 10.08 -6.58 10.61
CA GLU A 82 10.41 -7.03 9.27
C GLU A 82 10.63 -5.83 8.34
N VAL A 83 11.24 -6.11 7.20
CA VAL A 83 11.52 -5.07 6.23
C VAL A 83 10.59 -5.24 5.02
N SER A 84 9.84 -6.34 5.04
CA SER A 84 8.92 -6.63 3.97
C SER A 84 7.52 -6.11 4.31
N LEU A 85 6.66 -6.12 3.32
CA LEU A 85 5.29 -5.65 3.52
C LEU A 85 4.65 -6.42 4.67
N SER A 86 5.24 -7.56 4.98
CA SER A 86 4.74 -8.39 6.06
C SER A 86 4.95 -7.69 7.41
N SER A 87 5.65 -6.57 7.35
CA SER A 87 5.92 -5.79 8.54
C SER A 87 4.87 -4.70 8.70
N LEU A 88 4.15 -4.44 7.63
CA LEU A 88 3.11 -3.43 7.64
C LEU A 88 1.80 -4.04 8.12
N SER A 89 0.77 -3.21 8.18
CA SER A 89 -0.54 -3.67 8.61
C SER A 89 -0.60 -3.69 10.15
N LEU A 90 0.49 -3.26 10.75
CA LEU A 90 0.57 -3.22 12.20
C LEU A 90 0.63 -1.76 12.67
N ALA A 91 0.98 -1.60 13.94
CA ALA A 91 1.09 -0.26 14.52
C ALA A 91 2.55 0.18 14.52
N VAL A 92 3.14 0.16 13.35
CA VAL A 92 4.53 0.56 13.20
C VAL A 92 4.73 1.93 13.85
N PRO A 93 5.96 2.11 14.44
CA PRO A 93 6.29 3.37 15.09
C PRO A 93 6.57 4.46 14.05
N PRO A 94 6.78 5.70 14.57
CA PRO A 94 7.06 6.84 13.71
C PRO A 94 8.50 6.79 13.20
N PRO A 95 8.67 7.22 11.92
CA PRO A 95 9.98 7.24 11.30
C PRO A 95 10.84 8.38 11.84
N ARG A 96 11.91 8.67 11.12
CA ARG A 96 12.81 9.74 11.50
C ARG A 96 12.51 11.01 10.71
N PHE A 97 12.04 10.80 9.49
CA PHE A 97 11.72 11.91 8.62
C PHE A 97 11.06 13.05 9.40
N HIS A 98 11.07 14.23 8.80
CA HIS A 98 10.49 15.40 9.43
C HIS A 98 8.97 15.21 9.53
N ASP A 99 8.35 16.07 10.33
CA ASP A 99 6.92 16.02 10.52
C ASP A 99 6.21 16.42 9.22
N LEU A 1 -3.89 0.15 1.51
CA LEU A 1 -4.31 0.23 0.11
C LEU A 1 -3.12 -0.12 -0.79
N SER A 2 -3.14 0.45 -1.98
CA SER A 2 -2.08 0.20 -2.94
C SER A 2 -0.72 0.15 -2.22
N LEU A 3 0.21 -0.57 -2.83
CA LEU A 3 1.53 -0.72 -2.26
C LEU A 3 1.98 0.63 -1.68
N THR A 4 1.59 1.69 -2.37
CA THR A 4 1.94 3.04 -1.92
C THR A 4 1.47 3.26 -0.49
N GLN A 5 0.20 2.99 -0.26
CA GLN A 5 -0.37 3.16 1.07
C GLN A 5 0.07 2.01 1.99
N LEU A 6 0.24 0.85 1.39
CA LEU A 6 0.65 -0.32 2.14
C LEU A 6 1.87 0.03 3.00
N SER A 7 2.75 0.84 2.41
CA SER A 7 3.97 1.25 3.11
C SER A 7 4.65 2.39 2.33
N SER A 8 3.90 3.48 2.18
CA SER A 8 4.43 4.64 1.47
C SER A 8 5.14 4.18 0.20
N GLY A 9 4.71 3.04 -0.31
CA GLY A 9 5.30 2.49 -1.53
C GLY A 9 6.71 1.97 -1.27
N ASN A 10 6.82 1.13 -0.24
CA ASN A 10 8.10 0.56 0.12
C ASN A 10 8.33 -0.72 -0.69
N PRO A 11 9.38 -0.69 -1.54
CA PRO A 11 9.71 -1.84 -2.37
C PRO A 11 10.38 -2.94 -1.54
N VAL A 12 10.80 -2.55 -0.34
CA VAL A 12 11.45 -3.48 0.56
C VAL A 12 10.66 -4.80 0.59
N TYR A 13 9.34 -4.66 0.58
CA TYR A 13 8.47 -5.82 0.60
C TYR A 13 8.62 -6.64 -0.68
N GLU A 14 8.72 -5.94 -1.79
CA GLU A 14 8.87 -6.60 -3.08
C GLU A 14 10.07 -7.55 -3.06
N LYS A 15 11.13 -7.09 -2.41
CA LYS A 15 12.34 -7.88 -2.31
C LYS A 15 11.97 -9.32 -1.95
N TYR A 16 11.16 -9.45 -0.91
CA TYR A 16 10.73 -10.76 -0.45
C TYR A 16 9.76 -11.40 -1.45
N TYR A 17 8.85 -10.58 -1.95
CA TYR A 17 7.87 -11.04 -2.91
C TYR A 17 8.54 -11.72 -4.10
N ARG A 18 9.75 -11.26 -4.39
CA ARG A 18 10.52 -11.82 -5.50
C ARG A 18 11.24 -13.10 -5.07
N GLN A 19 11.53 -13.16 -3.77
CA GLN A 19 12.22 -14.31 -3.21
C GLN A 19 11.38 -15.58 -3.41
N VAL A 20 10.07 -15.39 -3.33
CA VAL A 20 9.14 -16.51 -3.50
C VAL A 20 8.93 -16.77 -4.99
N GLU A 21 8.93 -15.69 -5.76
CA GLU A 21 8.74 -15.80 -7.19
C GLU A 21 9.66 -16.87 -7.78
N ALA A 22 9.14 -17.58 -8.77
CA ALA A 22 9.90 -18.63 -9.42
C ALA A 22 10.20 -18.22 -10.86
N GLY A 23 11.13 -18.94 -11.46
CA GLY A 23 11.53 -18.66 -12.84
C GLY A 23 11.94 -17.20 -13.01
N ASN A 24 12.08 -16.80 -14.26
CA ASN A 24 12.47 -15.44 -14.58
C ASN A 24 11.39 -14.78 -15.43
N THR A 25 10.15 -14.94 -14.97
CA THR A 25 9.02 -14.36 -15.69
C THR A 25 8.58 -13.07 -15.02
N GLY A 26 8.70 -13.04 -13.70
CA GLY A 26 8.31 -11.86 -12.93
C GLY A 26 6.92 -12.04 -12.33
N ARG A 27 6.58 -13.30 -12.05
CA ARG A 27 5.29 -13.61 -11.46
C ARG A 27 5.45 -14.59 -10.31
N VAL A 28 4.60 -14.42 -9.31
CA VAL A 28 4.64 -15.28 -8.14
C VAL A 28 3.66 -16.45 -8.34
N LEU A 29 4.22 -17.64 -8.45
CA LEU A 29 3.42 -18.83 -8.64
C LEU A 29 2.47 -19.00 -7.46
N ALA A 30 2.76 -18.24 -6.40
CA ALA A 30 1.95 -18.30 -5.20
C ALA A 30 2.43 -19.44 -4.32
N LEU A 31 2.49 -20.63 -4.91
CA LEU A 31 2.93 -21.81 -4.20
C LEU A 31 4.14 -21.45 -3.32
N ASP A 32 5.02 -20.64 -3.91
CA ASP A 32 6.22 -20.22 -3.19
C ASP A 32 5.84 -19.19 -2.14
N ALA A 33 4.95 -18.28 -2.52
CA ALA A 33 4.50 -17.25 -1.61
C ALA A 33 4.01 -17.88 -0.32
N ALA A 34 3.35 -19.01 -0.46
CA ALA A 34 2.83 -19.73 0.70
C ALA A 34 3.99 -20.32 1.49
N ALA A 35 5.05 -20.65 0.76
CA ALA A 35 6.24 -21.22 1.38
C ALA A 35 6.93 -20.16 2.23
N PHE A 36 7.15 -19.00 1.62
CA PHE A 36 7.80 -17.90 2.30
C PHE A 36 6.97 -17.43 3.51
N LEU A 37 5.66 -17.51 3.35
CA LEU A 37 4.76 -17.11 4.40
C LEU A 37 4.86 -18.10 5.57
N LYS A 38 4.83 -19.37 5.22
CA LYS A 38 4.91 -20.43 6.22
C LYS A 38 6.16 -20.20 7.07
N LYS A 39 7.10 -19.45 6.51
CA LYS A 39 8.34 -19.15 7.21
C LYS A 39 8.09 -18.06 8.25
N SER A 40 6.84 -17.63 8.32
CA SER A 40 6.45 -16.60 9.26
C SER A 40 6.50 -17.15 10.70
N GLY A 41 5.54 -18.00 11.01
CA GLY A 41 5.47 -18.59 12.33
C GLY A 41 4.06 -19.11 12.63
N LEU A 42 3.09 -18.48 11.98
CA LEU A 42 1.70 -18.86 12.17
C LEU A 42 1.47 -20.24 11.55
N PRO A 43 0.34 -20.88 11.97
CA PRO A 43 -0.01 -22.19 11.46
C PRO A 43 -0.55 -22.11 10.03
N ASP A 44 -0.67 -23.27 9.40
CA ASP A 44 -1.17 -23.33 8.05
C ASP A 44 -2.68 -23.14 8.05
N LEU A 45 -3.30 -23.63 9.12
CA LEU A 45 -4.75 -23.52 9.25
C LEU A 45 -5.14 -22.05 9.26
N ILE A 46 -4.73 -21.35 10.32
CA ILE A 46 -5.03 -19.94 10.45
C ILE A 46 -4.62 -19.21 9.16
N LEU A 47 -3.49 -19.64 8.61
CA LEU A 47 -2.99 -19.05 7.39
C LEU A 47 -4.00 -19.25 6.27
N GLY A 48 -4.44 -20.49 6.12
CA GLY A 48 -5.41 -20.83 5.09
C GLY A 48 -6.47 -19.74 4.95
N LYS A 49 -6.98 -19.31 6.09
CA LYS A 49 -8.00 -18.28 6.11
C LYS A 49 -7.45 -17.01 5.45
N ILE A 50 -6.23 -16.67 5.83
CA ILE A 50 -5.58 -15.49 5.29
C ILE A 50 -5.53 -15.60 3.76
N TRP A 51 -5.06 -16.74 3.29
CA TRP A 51 -4.95 -16.99 1.87
C TRP A 51 -6.34 -16.77 1.25
N ASP A 52 -7.29 -17.55 1.74
CA ASP A 52 -8.66 -17.47 1.25
C ASP A 52 -9.08 -16.00 1.20
N LEU A 53 -8.66 -15.26 2.21
CA LEU A 53 -8.99 -13.84 2.30
C LEU A 53 -8.13 -13.07 1.30
N ALA A 54 -6.93 -13.58 1.08
CA ALA A 54 -6.01 -12.95 0.15
C ALA A 54 -6.43 -13.26 -1.28
N ASP A 55 -6.28 -14.53 -1.65
CA ASP A 55 -6.64 -14.97 -2.99
C ASP A 55 -7.90 -14.24 -3.44
N THR A 56 -7.81 -13.66 -4.62
CA THR A 56 -8.93 -12.92 -5.18
C THR A 56 -8.80 -12.82 -6.71
N ASP A 57 -7.59 -12.52 -7.14
CA ASP A 57 -7.32 -12.39 -8.56
C ASP A 57 -8.00 -13.55 -9.30
N GLY A 58 -7.79 -14.75 -8.79
CA GLY A 58 -8.36 -15.94 -9.39
C GLY A 58 -7.32 -17.05 -9.52
N LYS A 59 -6.30 -16.77 -10.32
CA LYS A 59 -5.23 -17.72 -10.55
C LYS A 59 -4.35 -17.80 -9.29
N GLY A 60 -3.95 -19.02 -8.97
CA GLY A 60 -3.11 -19.24 -7.80
C GLY A 60 -2.09 -18.12 -7.63
N VAL A 61 -1.47 -17.76 -8.75
CA VAL A 61 -0.47 -16.70 -8.73
C VAL A 61 -0.94 -15.58 -7.79
N LEU A 62 0.04 -14.91 -7.19
CA LEU A 62 -0.25 -13.83 -6.27
C LEU A 62 -0.05 -12.50 -6.99
N SER A 63 -0.48 -11.43 -6.32
CA SER A 63 -0.34 -10.10 -6.89
C SER A 63 0.35 -9.17 -5.89
N LYS A 64 0.54 -7.93 -6.30
CA LYS A 64 1.19 -6.94 -5.45
C LYS A 64 0.47 -6.88 -4.11
N GLN A 65 -0.44 -5.91 -4.01
CA GLN A 65 -1.20 -5.73 -2.78
C GLN A 65 -1.56 -7.08 -2.18
N GLU A 66 -2.11 -7.95 -3.02
CA GLU A 66 -2.52 -9.27 -2.58
C GLU A 66 -1.45 -9.87 -1.66
N PHE A 67 -0.31 -10.18 -2.25
CA PHE A 67 0.79 -10.75 -1.50
C PHE A 67 1.24 -9.81 -0.38
N PHE A 68 1.20 -8.53 -0.69
CA PHE A 68 1.60 -7.52 0.28
C PHE A 68 0.63 -7.47 1.46
N VAL A 69 -0.54 -8.06 1.24
CA VAL A 69 -1.57 -8.09 2.28
C VAL A 69 -1.33 -9.31 3.18
N ALA A 70 -1.49 -10.48 2.60
CA ALA A 70 -1.30 -11.72 3.33
C ALA A 70 -0.03 -11.60 4.19
N LEU A 71 0.89 -10.78 3.71
CA LEU A 71 2.14 -10.58 4.42
C LEU A 71 1.86 -9.99 5.80
N ARG A 72 1.60 -8.69 5.81
CA ARG A 72 1.31 -7.99 7.05
C ARG A 72 0.18 -8.69 7.80
N LEU A 73 -0.79 -9.18 7.04
CA LEU A 73 -1.93 -9.88 7.61
C LEU A 73 -1.42 -10.93 8.59
N VAL A 74 -0.40 -11.65 8.17
CA VAL A 74 0.18 -12.70 9.00
C VAL A 74 0.59 -12.09 10.35
N ALA A 75 1.11 -10.88 10.28
CA ALA A 75 1.55 -10.19 11.49
C ALA A 75 0.34 -9.92 12.38
N CYS A 76 -0.83 -10.11 11.81
CA CYS A 76 -2.07 -9.89 12.55
C CYS A 76 -2.24 -11.05 13.53
N ALA A 77 -2.61 -12.20 12.99
CA ALA A 77 -2.82 -13.39 13.80
C ALA A 77 -1.59 -13.61 14.69
N GLN A 78 -0.46 -13.09 14.23
CA GLN A 78 0.78 -13.22 14.97
C GLN A 78 0.59 -12.72 16.40
N ASN A 79 -0.30 -11.75 16.54
CA ASN A 79 -0.57 -11.17 17.85
C ASN A 79 -1.96 -11.61 18.32
N GLY A 80 -2.43 -12.71 17.73
CA GLY A 80 -3.73 -13.24 18.08
C GLY A 80 -4.85 -12.34 17.54
N LEU A 81 -4.46 -11.44 16.66
CA LEU A 81 -5.42 -10.52 16.06
C LEU A 81 -6.22 -11.25 14.98
N GLU A 82 -7.35 -10.66 14.63
CA GLU A 82 -8.22 -11.24 13.62
C GLU A 82 -7.38 -11.74 12.43
N VAL A 83 -8.02 -12.53 11.58
CA VAL A 83 -7.36 -13.08 10.42
C VAL A 83 -7.99 -12.48 9.16
N SER A 84 -9.12 -11.85 9.34
CA SER A 84 -9.84 -11.24 8.23
C SER A 84 -9.45 -9.77 8.12
N LEU A 85 -9.49 -9.27 6.89
CA LEU A 85 -9.15 -7.88 6.63
C LEU A 85 -10.15 -6.97 7.35
N SER A 86 -11.31 -7.54 7.63
CA SER A 86 -12.36 -6.80 8.32
C SER A 86 -11.86 -6.31 9.67
N SER A 87 -10.75 -6.89 10.11
CA SER A 87 -10.16 -6.52 11.39
C SER A 87 -8.69 -6.13 11.18
N LEU A 88 -8.41 -5.55 10.03
CA LEU A 88 -7.06 -5.13 9.71
C LEU A 88 -7.01 -3.61 9.65
N SER A 89 -5.83 -3.10 9.34
CA SER A 89 -5.62 -1.66 9.25
C SER A 89 -5.45 -1.07 10.65
N LEU A 90 -4.97 -1.90 11.55
CA LEU A 90 -4.76 -1.48 12.93
C LEU A 90 -3.26 -1.40 13.21
N ALA A 91 -2.92 -1.42 14.49
CA ALA A 91 -1.53 -1.35 14.91
C ALA A 91 -1.02 -2.76 15.19
N VAL A 92 -0.86 -3.52 14.11
CA VAL A 92 -0.38 -4.89 14.23
C VAL A 92 1.14 -4.88 14.43
N PRO A 93 1.62 -5.89 15.20
CA PRO A 93 3.05 -6.00 15.47
C PRO A 93 3.81 -6.51 14.25
N PRO A 94 5.16 -6.52 14.36
CA PRO A 94 6.00 -6.98 13.28
C PRO A 94 5.97 -8.50 13.16
N PRO A 95 6.09 -8.99 11.89
CA PRO A 95 6.08 -10.42 11.64
C PRO A 95 7.39 -11.06 12.04
N ARG A 96 7.60 -12.27 11.54
CA ARG A 96 8.82 -13.01 11.85
C ARG A 96 9.81 -12.89 10.69
N PHE A 97 9.27 -12.76 9.49
CA PHE A 97 10.09 -12.64 8.30
C PHE A 97 11.32 -11.76 8.57
N HIS A 98 12.31 -11.90 7.70
CA HIS A 98 13.53 -11.14 7.83
C HIS A 98 13.24 -9.66 7.58
N ASP A 99 14.23 -8.83 7.89
CA ASP A 99 14.09 -7.39 7.70
C ASP A 99 15.45 -6.72 7.94
N LEU A 1 -3.89 0.15 1.51
CA LEU A 1 -4.31 0.23 0.11
C LEU A 1 -3.21 -0.34 -0.77
N SER A 2 -3.38 -0.16 -2.07
CA SER A 2 -2.41 -0.65 -3.03
C SER A 2 -2.82 -0.25 -4.45
N LEU A 3 -1.99 -0.65 -5.41
CA LEU A 3 -2.27 -0.34 -6.80
C LEU A 3 -3.34 -1.29 -7.33
N THR A 4 -3.24 -2.54 -6.92
CA THR A 4 -4.19 -3.55 -7.34
C THR A 4 -5.62 -3.06 -7.10
N GLN A 5 -5.95 -2.87 -5.83
CA GLN A 5 -7.27 -2.41 -5.46
C GLN A 5 -7.58 -1.09 -6.14
N LEU A 6 -6.54 -0.32 -6.40
CA LEU A 6 -6.69 0.97 -7.04
C LEU A 6 -7.36 0.78 -8.41
N SER A 7 -7.35 -0.47 -8.86
CA SER A 7 -7.95 -0.81 -10.14
C SER A 7 -8.48 -2.24 -10.12
N SER A 8 -8.70 -2.73 -8.90
CA SER A 8 -9.21 -4.08 -8.72
C SER A 8 -8.24 -5.09 -9.35
N GLY A 9 -7.03 -4.61 -9.62
CA GLY A 9 -6.02 -5.46 -10.23
C GLY A 9 -5.83 -5.13 -11.71
N ASN A 10 -5.62 -3.85 -11.97
CA ASN A 10 -5.43 -3.39 -13.34
C ASN A 10 -4.24 -2.42 -13.38
N PRO A 11 -3.13 -2.91 -14.01
CA PRO A 11 -1.92 -2.12 -14.12
C PRO A 11 -2.08 -1.03 -15.19
N VAL A 12 -3.28 -0.98 -15.77
CA VAL A 12 -3.58 -0.01 -16.79
C VAL A 12 -3.01 1.35 -16.38
N TYR A 13 -3.08 1.62 -15.09
CA TYR A 13 -2.57 2.87 -14.56
C TYR A 13 -1.05 2.96 -14.72
N GLU A 14 -0.40 1.85 -14.45
CA GLU A 14 1.05 1.79 -14.55
C GLU A 14 1.51 2.43 -15.86
N LYS A 15 0.75 2.18 -16.92
CA LYS A 15 1.06 2.74 -18.22
C LYS A 15 1.27 4.25 -18.10
N TYR A 16 0.20 4.93 -17.72
CA TYR A 16 0.26 6.38 -17.56
C TYR A 16 1.35 6.78 -16.56
N TYR A 17 1.39 6.04 -15.46
CA TYR A 17 2.37 6.31 -14.42
C TYR A 17 3.79 6.31 -14.99
N ARG A 18 3.98 5.48 -16.01
CA ARG A 18 5.28 5.37 -16.65
C ARG A 18 5.43 6.46 -17.72
N GLN A 19 4.30 6.90 -18.23
CA GLN A 19 4.30 7.94 -19.25
C GLN A 19 4.92 9.23 -18.70
N VAL A 20 4.64 9.49 -17.44
CA VAL A 20 5.16 10.68 -16.79
C VAL A 20 6.62 10.44 -16.38
N GLU A 21 6.89 9.22 -15.95
CA GLU A 21 8.23 8.85 -15.54
C GLU A 21 9.26 9.44 -16.51
N ALA A 22 10.35 9.94 -15.93
CA ALA A 22 11.41 10.54 -16.72
C ALA A 22 12.66 9.66 -16.62
N GLY A 23 13.24 9.39 -17.79
CA GLY A 23 14.43 8.56 -17.86
C GLY A 23 14.08 7.08 -17.93
N ASN A 24 15.11 6.25 -17.81
CA ASN A 24 14.91 4.81 -17.86
C ASN A 24 15.43 4.18 -16.57
N THR A 25 14.96 4.73 -15.46
CA THR A 25 15.37 4.23 -14.15
C THR A 25 14.18 3.59 -13.43
N GLY A 26 12.98 3.87 -13.95
CA GLY A 26 11.77 3.33 -13.37
C GLY A 26 11.28 4.22 -12.23
N ARG A 27 11.80 5.43 -12.19
CA ARG A 27 11.42 6.38 -11.16
C ARG A 27 10.68 7.57 -11.77
N VAL A 28 9.72 8.08 -11.02
CA VAL A 28 8.94 9.21 -11.48
C VAL A 28 9.47 10.49 -10.86
N LEU A 29 9.97 11.37 -11.72
CA LEU A 29 10.52 12.64 -11.27
C LEU A 29 9.43 13.45 -10.59
N ALA A 30 8.19 12.99 -10.76
CA ALA A 30 7.06 13.67 -10.18
C ALA A 30 6.67 14.87 -11.05
N LEU A 31 7.66 15.73 -11.28
CA LEU A 31 7.44 16.92 -12.09
C LEU A 31 6.57 16.56 -13.30
N ASP A 32 6.86 15.40 -13.88
CA ASP A 32 6.11 14.93 -15.04
C ASP A 32 4.70 14.52 -14.59
N ALA A 33 4.66 13.78 -13.49
CA ALA A 33 3.39 13.32 -12.96
C ALA A 33 2.42 14.50 -12.84
N ALA A 34 2.96 15.62 -12.38
CA ALA A 34 2.16 16.82 -12.22
C ALA A 34 1.70 17.31 -13.59
N ALA A 35 2.53 17.03 -14.59
CA ALA A 35 2.21 17.43 -15.95
C ALA A 35 1.06 16.57 -16.48
N PHE A 36 1.22 15.27 -16.30
CA PHE A 36 0.20 14.33 -16.75
C PHE A 36 -1.13 14.55 -16.01
N LEU A 37 -1.01 14.89 -14.74
CA LEU A 37 -2.19 15.15 -13.92
C LEU A 37 -2.94 16.35 -14.48
N LYS A 38 -2.18 17.38 -14.83
CA LYS A 38 -2.76 18.59 -15.37
C LYS A 38 -3.69 18.23 -16.53
N LYS A 39 -3.45 17.06 -17.10
CA LYS A 39 -4.25 16.59 -18.21
C LYS A 39 -5.63 16.18 -17.71
N SER A 40 -5.78 16.24 -16.39
CA SER A 40 -7.03 15.87 -15.77
C SER A 40 -8.13 16.87 -16.14
N GLY A 41 -8.03 18.05 -15.54
CA GLY A 41 -8.99 19.11 -15.80
C GLY A 41 -9.05 20.10 -14.65
N LEU A 42 -8.65 19.63 -13.48
CA LEU A 42 -8.65 20.46 -12.28
C LEU A 42 -7.54 21.50 -12.40
N PRO A 43 -7.67 22.57 -11.57
CA PRO A 43 -6.68 23.64 -11.57
C PRO A 43 -5.41 23.21 -10.86
N ASP A 44 -4.59 24.19 -10.52
CA ASP A 44 -3.33 23.93 -9.85
C ASP A 44 -3.51 24.16 -8.35
N LEU A 45 -4.40 25.09 -8.02
CA LEU A 45 -4.67 25.41 -6.63
C LEU A 45 -5.19 24.15 -5.92
N ILE A 46 -6.35 23.69 -6.37
CA ILE A 46 -6.96 22.51 -5.78
C ILE A 46 -5.98 21.34 -5.87
N LEU A 47 -5.22 21.32 -6.96
CA LEU A 47 -4.25 20.27 -7.19
C LEU A 47 -3.16 20.35 -6.11
N GLY A 48 -2.71 21.57 -5.86
CA GLY A 48 -1.68 21.79 -4.86
C GLY A 48 -1.98 21.01 -3.58
N LYS A 49 -3.22 21.10 -3.13
CA LYS A 49 -3.64 20.40 -1.93
C LYS A 49 -3.47 18.90 -2.13
N ILE A 50 -3.88 18.43 -3.30
CA ILE A 50 -3.78 17.02 -3.63
C ILE A 50 -2.32 16.58 -3.50
N TRP A 51 -1.45 17.27 -4.23
CA TRP A 51 -0.04 16.96 -4.20
C TRP A 51 0.43 17.01 -2.75
N ASP A 52 0.17 18.15 -2.12
CA ASP A 52 0.57 18.34 -0.73
C ASP A 52 0.18 17.10 0.08
N LEU A 53 -1.02 16.60 -0.20
CA LEU A 53 -1.52 15.42 0.49
C LEU A 53 -0.84 14.17 -0.09
N ALA A 54 -0.50 14.25 -1.36
CA ALA A 54 0.15 13.15 -2.04
C ALA A 54 1.54 12.93 -1.44
N ASP A 55 2.37 13.96 -1.55
CA ASP A 55 3.72 13.89 -1.02
C ASP A 55 3.70 13.16 0.32
N THR A 56 4.62 12.21 0.46
CA THR A 56 4.72 11.43 1.67
C THR A 56 6.05 10.68 1.71
N ASP A 57 6.41 10.11 0.57
CA ASP A 57 7.65 9.36 0.45
C ASP A 57 8.83 10.33 0.43
N GLY A 58 8.85 11.17 -0.60
CA GLY A 58 9.91 12.15 -0.75
C GLY A 58 9.67 13.01 -1.99
N LYS A 59 9.46 14.29 -1.75
CA LYS A 59 9.23 15.24 -2.84
C LYS A 59 10.29 15.04 -3.92
N GLY A 60 10.00 15.58 -5.08
CA GLY A 60 10.91 15.47 -6.21
C GLY A 60 10.69 14.15 -6.97
N VAL A 61 9.99 13.25 -6.32
CA VAL A 61 9.69 11.95 -6.92
C VAL A 61 8.39 11.41 -6.33
N LEU A 62 7.70 10.63 -7.15
CA LEU A 62 6.43 10.04 -6.73
C LEU A 62 6.64 8.54 -6.45
N SER A 63 5.67 7.96 -5.75
CA SER A 63 5.73 6.56 -5.41
C SER A 63 4.55 5.81 -6.04
N LYS A 64 4.44 4.54 -5.70
CA LYS A 64 3.37 3.71 -6.21
C LYS A 64 2.02 4.32 -5.79
N GLN A 65 1.48 3.76 -4.71
CA GLN A 65 0.21 4.24 -4.20
C GLN A 65 0.10 5.76 -4.34
N GLU A 66 1.23 6.42 -4.14
CA GLU A 66 1.28 7.87 -4.24
C GLU A 66 0.57 8.33 -5.52
N PHE A 67 1.28 8.24 -6.62
CA PHE A 67 0.73 8.64 -7.91
C PHE A 67 -0.57 7.90 -8.20
N PHE A 68 -0.70 6.73 -7.60
CA PHE A 68 -1.89 5.90 -7.79
C PHE A 68 -3.02 6.37 -6.88
N VAL A 69 -2.72 7.36 -6.06
CA VAL A 69 -3.69 7.91 -5.13
C VAL A 69 -4.20 9.24 -5.66
N ALA A 70 -3.26 10.12 -5.97
CA ALA A 70 -3.59 11.44 -6.48
C ALA A 70 -4.46 11.29 -7.74
N LEU A 71 -4.23 10.18 -8.44
CA LEU A 71 -4.97 9.92 -9.66
C LEU A 71 -6.47 10.04 -9.38
N ARG A 72 -6.98 9.06 -8.65
CA ARG A 72 -8.39 9.05 -8.30
C ARG A 72 -8.75 10.29 -7.49
N LEU A 73 -7.86 10.64 -6.57
CA LEU A 73 -8.07 11.80 -5.73
C LEU A 73 -8.53 12.98 -6.58
N VAL A 74 -7.91 13.09 -7.75
CA VAL A 74 -8.26 14.17 -8.68
C VAL A 74 -9.74 14.07 -9.04
N ALA A 75 -10.17 12.84 -9.31
CA ALA A 75 -11.56 12.61 -9.66
C ALA A 75 -12.47 13.11 -8.53
N CYS A 76 -11.86 13.28 -7.36
CA CYS A 76 -12.60 13.75 -6.20
C CYS A 76 -12.94 15.23 -6.42
N ALA A 77 -11.90 16.05 -6.42
CA ALA A 77 -12.09 17.48 -6.60
C ALA A 77 -12.89 17.71 -7.88
N GLN A 78 -12.88 16.73 -8.75
CA GLN A 78 -13.61 16.81 -10.00
C GLN A 78 -15.13 16.79 -9.74
N ASN A 79 -15.47 16.39 -8.53
CA ASN A 79 -16.87 16.32 -8.14
C ASN A 79 -17.18 17.43 -7.13
N GLY A 80 -16.13 18.14 -6.75
CA GLY A 80 -16.27 19.23 -5.80
C GLY A 80 -16.12 18.73 -4.36
N LEU A 81 -15.69 17.48 -4.25
CA LEU A 81 -15.51 16.86 -2.94
C LEU A 81 -14.21 17.37 -2.32
N GLU A 82 -13.91 16.87 -1.14
CA GLU A 82 -12.70 17.26 -0.44
C GLU A 82 -11.46 16.92 -1.28
N VAL A 83 -10.35 17.54 -0.91
CA VAL A 83 -9.10 17.31 -1.62
C VAL A 83 -8.19 16.43 -0.76
N SER A 84 -8.60 16.23 0.48
CA SER A 84 -7.83 15.41 1.41
C SER A 84 -8.36 13.98 1.40
N LEU A 85 -7.44 13.04 1.46
CA LEU A 85 -7.81 11.63 1.46
C LEU A 85 -8.81 11.36 2.58
N SER A 86 -8.77 12.22 3.60
CA SER A 86 -9.67 12.10 4.72
C SER A 86 -11.12 12.06 4.23
N SER A 87 -11.31 12.54 3.02
CA SER A 87 -12.64 12.57 2.43
C SER A 87 -12.65 11.75 1.14
N LEU A 88 -11.79 10.73 1.11
CA LEU A 88 -11.71 9.87 -0.06
C LEU A 88 -12.29 8.50 0.29
N SER A 89 -12.22 7.60 -0.68
CA SER A 89 -12.74 6.26 -0.50
C SER A 89 -14.27 6.28 -0.56
N LEU A 90 -14.78 7.19 -1.37
CA LEU A 90 -16.23 7.33 -1.53
C LEU A 90 -16.61 6.93 -2.96
N ALA A 91 -17.81 7.36 -3.34
CA ALA A 91 -18.31 7.07 -4.67
C ALA A 91 -18.01 8.25 -5.60
N VAL A 92 -16.72 8.52 -5.76
CA VAL A 92 -16.29 9.62 -6.60
C VAL A 92 -16.54 9.25 -8.07
N PRO A 93 -16.83 10.31 -8.89
CA PRO A 93 -17.09 10.11 -10.30
C PRO A 93 -15.81 9.83 -11.07
N PRO A 94 -15.97 9.52 -12.38
CA PRO A 94 -14.82 9.23 -13.23
C PRO A 94 -14.08 10.52 -13.60
N PRO A 95 -12.74 10.40 -13.66
CA PRO A 95 -11.89 11.54 -14.00
C PRO A 95 -11.98 11.84 -15.50
N ARG A 96 -11.01 12.62 -15.97
CA ARG A 96 -10.96 13.00 -17.37
C ARG A 96 -9.94 12.13 -18.11
N PHE A 97 -8.90 11.74 -17.38
CA PHE A 97 -7.85 10.91 -17.95
C PHE A 97 -8.43 9.87 -18.92
N HIS A 98 -7.56 9.34 -19.77
CA HIS A 98 -7.97 8.35 -20.74
C HIS A 98 -8.40 7.08 -20.02
N ASP A 99 -9.39 6.40 -20.59
CA ASP A 99 -9.90 5.17 -20.02
C ASP A 99 -10.85 4.50 -21.01
N LEU A 1 -3.89 0.15 1.51
CA LEU A 1 -4.31 0.23 0.11
C LEU A 1 -3.30 -0.52 -0.75
N SER A 2 -3.45 -0.35 -2.06
CA SER A 2 -2.55 -1.00 -3.00
C SER A 2 -1.11 -0.93 -2.50
N LEU A 3 -0.37 -1.97 -2.80
CA LEU A 3 1.02 -2.04 -2.39
C LEU A 3 1.69 -0.68 -2.60
N THR A 4 1.34 -0.07 -3.73
CA THR A 4 1.90 1.24 -4.07
C THR A 4 1.67 2.23 -2.91
N GLN A 5 0.40 2.43 -2.60
CA GLN A 5 0.04 3.34 -1.53
C GLN A 5 0.63 2.86 -0.19
N LEU A 6 0.76 1.54 -0.08
CA LEU A 6 1.31 0.94 1.13
C LEU A 6 2.55 1.72 1.55
N SER A 7 3.49 1.83 0.63
CA SER A 7 4.73 2.54 0.89
C SER A 7 5.26 3.17 -0.39
N SER A 8 4.37 3.87 -1.09
CA SER A 8 4.74 4.52 -2.33
C SER A 8 5.25 3.48 -3.34
N GLY A 9 5.03 2.22 -3.01
CA GLY A 9 5.46 1.14 -3.87
C GLY A 9 6.84 0.62 -3.44
N ASN A 10 6.94 0.25 -2.18
CA ASN A 10 8.20 -0.25 -1.64
C ASN A 10 8.08 -1.76 -1.43
N PRO A 11 8.95 -2.52 -2.16
CA PRO A 11 8.95 -3.97 -2.05
C PRO A 11 9.60 -4.43 -0.75
N VAL A 12 10.02 -3.44 0.04
CA VAL A 12 10.66 -3.72 1.31
C VAL A 12 9.73 -4.59 2.16
N TYR A 13 8.45 -4.25 2.12
CA TYR A 13 7.45 -4.99 2.87
C TYR A 13 7.28 -6.41 2.33
N GLU A 14 7.42 -6.53 1.03
CA GLU A 14 7.29 -7.81 0.37
C GLU A 14 8.36 -8.77 0.87
N LYS A 15 9.54 -8.22 1.14
CA LYS A 15 10.65 -9.01 1.63
C LYS A 15 10.16 -9.91 2.76
N TYR A 16 9.37 -9.32 3.65
CA TYR A 16 8.84 -10.05 4.79
C TYR A 16 7.78 -11.07 4.33
N TYR A 17 6.90 -10.61 3.46
CA TYR A 17 5.84 -11.47 2.95
C TYR A 17 6.41 -12.75 2.34
N ARG A 18 7.61 -12.61 1.78
CA ARG A 18 8.27 -13.75 1.17
C ARG A 18 8.89 -14.65 2.24
N GLN A 19 9.23 -14.03 3.36
CA GLN A 19 9.82 -14.76 4.47
C GLN A 19 8.82 -15.75 5.07
N VAL A 20 7.55 -15.33 5.05
CA VAL A 20 6.49 -16.16 5.58
C VAL A 20 6.11 -17.22 4.55
N GLU A 21 6.63 -17.04 3.34
CA GLU A 21 6.37 -17.96 2.25
C GLU A 21 6.93 -19.35 2.58
N ALA A 22 6.15 -20.36 2.22
CA ALA A 22 6.55 -21.73 2.48
C ALA A 22 6.43 -22.55 1.18
N GLY A 23 7.19 -23.63 1.13
CA GLY A 23 7.18 -24.49 -0.04
C GLY A 23 8.00 -23.88 -1.18
N ASN A 24 7.99 -24.58 -2.31
CA ASN A 24 8.72 -24.12 -3.47
C ASN A 24 7.73 -23.78 -4.59
N THR A 25 6.70 -23.04 -4.21
CA THR A 25 5.69 -22.63 -5.18
C THR A 25 5.76 -21.13 -5.43
N GLY A 26 6.18 -20.41 -4.40
CA GLY A 26 6.29 -18.96 -4.49
C GLY A 26 5.01 -18.28 -4.01
N ARG A 27 4.31 -18.97 -3.11
CA ARG A 27 3.07 -18.43 -2.58
C ARG A 27 3.10 -18.49 -1.04
N VAL A 28 2.30 -17.62 -0.44
CA VAL A 28 2.23 -17.56 1.01
C VAL A 28 1.19 -18.57 1.51
N LEU A 29 1.69 -19.59 2.18
CA LEU A 29 0.82 -20.63 2.71
C LEU A 29 -0.14 -20.02 3.73
N ALA A 30 0.17 -18.79 4.11
CA ALA A 30 -0.66 -18.07 5.07
C ALA A 30 -0.26 -18.51 6.49
N LEU A 31 -0.32 -19.82 6.70
CA LEU A 31 0.02 -20.38 8.00
C LEU A 31 1.24 -19.65 8.56
N ASP A 32 2.32 -19.70 7.79
CA ASP A 32 3.56 -19.04 8.20
C ASP A 32 3.29 -17.55 8.42
N ALA A 33 2.49 -16.99 7.52
CA ALA A 33 2.15 -15.58 7.61
C ALA A 33 1.76 -15.24 9.05
N ALA A 34 0.82 -16.03 9.57
CA ALA A 34 0.35 -15.82 10.93
C ALA A 34 1.52 -15.92 11.90
N ALA A 35 2.53 -16.69 11.49
CA ALA A 35 3.71 -16.88 12.31
C ALA A 35 4.48 -15.56 12.39
N PHE A 36 4.72 -14.97 11.22
CA PHE A 36 5.44 -13.71 11.15
C PHE A 36 4.64 -12.59 11.80
N LEU A 37 3.33 -12.71 11.73
CA LEU A 37 2.44 -11.72 12.30
C LEU A 37 2.62 -11.70 13.82
N LYS A 38 2.61 -12.88 14.40
CA LYS A 38 2.76 -13.02 15.83
C LYS A 38 4.03 -12.28 16.28
N LYS A 39 4.90 -12.04 15.31
CA LYS A 39 6.15 -11.36 15.59
C LYS A 39 5.88 -9.85 15.68
N SER A 40 4.60 -9.50 15.63
CA SER A 40 4.20 -8.11 15.70
C SER A 40 4.20 -7.64 17.16
N GLY A 41 3.15 -8.01 17.87
CA GLY A 41 3.02 -7.63 19.27
C GLY A 41 1.59 -7.83 19.76
N LEU A 42 0.65 -7.73 18.81
CA LEU A 42 -0.75 -7.90 19.14
C LEU A 42 -1.00 -9.35 19.55
N PRO A 43 -2.15 -9.55 20.26
CA PRO A 43 -2.53 -10.88 20.72
C PRO A 43 -3.03 -11.74 19.55
N ASP A 44 -3.68 -12.84 19.92
CA ASP A 44 -4.22 -13.75 18.92
C ASP A 44 -5.68 -13.42 18.68
N LEU A 45 -6.35 -13.02 19.75
CA LEU A 45 -7.76 -12.67 19.67
C LEU A 45 -7.94 -11.53 18.68
N ILE A 46 -7.20 -10.45 18.91
CA ILE A 46 -7.27 -9.29 18.06
C ILE A 46 -6.84 -9.68 16.64
N LEU A 47 -5.88 -10.58 16.57
CA LEU A 47 -5.37 -11.04 15.29
C LEU A 47 -6.49 -11.78 14.56
N GLY A 48 -7.11 -12.72 15.26
CA GLY A 48 -8.18 -13.50 14.68
C GLY A 48 -9.11 -12.63 13.83
N LYS A 49 -9.42 -11.45 14.37
CA LYS A 49 -10.29 -10.52 13.68
C LYS A 49 -9.61 -10.07 12.38
N ILE A 50 -8.32 -9.79 12.48
CA ILE A 50 -7.56 -9.35 11.34
C ILE A 50 -7.66 -10.40 10.23
N TRP A 51 -7.27 -11.62 10.58
CA TRP A 51 -7.32 -12.72 9.63
C TRP A 51 -8.74 -12.81 9.08
N ASP A 52 -9.69 -12.93 10.01
CA ASP A 52 -11.09 -13.03 9.63
C ASP A 52 -11.40 -12.00 8.54
N LEU A 53 -10.93 -10.79 8.77
CA LEU A 53 -11.15 -9.71 7.82
C LEU A 53 -10.22 -9.91 6.62
N ALA A 54 -9.08 -10.51 6.88
CA ALA A 54 -8.10 -10.76 5.84
C ALA A 54 -8.64 -11.82 4.88
N ASP A 55 -8.76 -13.04 5.40
CA ASP A 55 -9.27 -14.14 4.61
C ASP A 55 -10.39 -13.63 3.68
N THR A 56 -10.22 -13.92 2.40
CA THR A 56 -11.20 -13.50 1.41
C THR A 56 -11.06 -14.32 0.13
N ASP A 57 -9.82 -14.52 -0.27
CA ASP A 57 -9.53 -15.29 -1.47
C ASP A 57 -10.04 -16.72 -1.29
N GLY A 58 -9.86 -17.22 -0.08
CA GLY A 58 -10.29 -18.58 0.24
C GLY A 58 -9.09 -19.49 0.51
N LYS A 59 -9.40 -20.70 0.95
CA LYS A 59 -8.37 -21.67 1.25
C LYS A 59 -7.58 -21.23 2.48
N GLY A 60 -6.67 -20.29 2.25
CA GLY A 60 -5.85 -19.76 3.34
C GLY A 60 -4.70 -18.91 2.80
N VAL A 61 -4.07 -19.42 1.76
CA VAL A 61 -2.96 -18.72 1.13
C VAL A 61 -3.28 -17.22 1.07
N LEU A 62 -2.23 -16.42 1.20
CA LEU A 62 -2.39 -14.98 1.15
C LEU A 62 -1.99 -14.47 -0.24
N SER A 63 -2.19 -13.17 -0.43
CA SER A 63 -1.86 -12.55 -1.71
C SER A 63 -1.02 -11.30 -1.46
N LYS A 64 -1.13 -10.37 -2.41
CA LYS A 64 -0.39 -9.12 -2.31
C LYS A 64 -1.08 -8.21 -1.30
N GLN A 65 -2.02 -7.41 -1.79
CA GLN A 65 -2.75 -6.49 -0.94
C GLN A 65 -3.19 -7.19 0.33
N GLU A 66 -3.83 -8.33 0.16
CA GLU A 66 -4.31 -9.11 1.28
C GLU A 66 -3.30 -9.08 2.43
N PHE A 67 -2.15 -9.71 2.18
CA PHE A 67 -1.10 -9.75 3.18
C PHE A 67 -0.65 -8.33 3.57
N PHE A 68 -0.47 -7.51 2.55
CA PHE A 68 -0.05 -6.13 2.77
C PHE A 68 -1.10 -5.36 3.57
N VAL A 69 -2.26 -5.97 3.72
CA VAL A 69 -3.34 -5.35 4.45
C VAL A 69 -3.32 -5.84 5.90
N ALA A 70 -3.39 -7.15 6.06
CA ALA A 70 -3.37 -7.76 7.37
C ALA A 70 -2.16 -7.25 8.15
N LEU A 71 -1.11 -6.94 7.40
CA LEU A 71 0.12 -6.44 8.00
C LEU A 71 -0.14 -5.08 8.64
N ARG A 72 -0.35 -4.08 7.79
CA ARG A 72 -0.61 -2.73 8.26
C ARG A 72 -1.74 -2.74 9.29
N LEU A 73 -2.75 -3.54 9.01
CA LEU A 73 -3.89 -3.65 9.90
C LEU A 73 -3.40 -3.81 11.34
N VAL A 74 -2.41 -4.67 11.50
CA VAL A 74 -1.84 -4.92 12.81
C VAL A 74 -1.45 -3.58 13.45
N ALA A 75 -0.84 -2.73 12.64
CA ALA A 75 -0.41 -1.42 13.11
C ALA A 75 -1.63 -0.65 13.63
N CYS A 76 -2.80 -1.10 13.21
CA CYS A 76 -4.04 -0.46 13.62
C CYS A 76 -4.30 -0.80 15.09
N ALA A 77 -4.66 -2.07 15.31
CA ALA A 77 -4.94 -2.53 16.65
C ALA A 77 -3.77 -2.18 17.56
N GLN A 78 -2.62 -1.97 16.95
CA GLN A 78 -1.41 -1.62 17.69
C GLN A 78 -1.63 -0.32 18.46
N ASN A 79 -2.51 0.50 17.93
CA ASN A 79 -2.82 1.78 18.56
C ASN A 79 -4.12 1.65 19.37
N GLY A 80 -4.82 0.55 19.12
CA GLY A 80 -6.08 0.30 19.81
C GLY A 80 -7.27 0.60 18.91
N LEU A 81 -6.97 0.80 17.62
CA LEU A 81 -8.02 1.10 16.65
C LEU A 81 -8.75 -0.18 16.29
N GLU A 82 -9.77 -0.02 15.45
CA GLU A 82 -10.56 -1.16 15.02
C GLU A 82 -9.67 -2.22 14.39
N VAL A 83 -10.24 -3.40 14.22
CA VAL A 83 -9.51 -4.51 13.63
C VAL A 83 -10.02 -4.75 12.19
N SER A 84 -11.13 -4.11 11.89
CA SER A 84 -11.73 -4.24 10.57
C SER A 84 -11.25 -3.10 9.67
N LEU A 85 -11.19 -3.39 8.38
CA LEU A 85 -10.75 -2.40 7.41
C LEU A 85 -11.67 -1.18 7.49
N SER A 86 -12.86 -1.41 7.99
CA SER A 86 -13.84 -0.33 8.13
C SER A 86 -13.22 0.84 8.90
N SER A 87 -12.16 0.53 9.63
CA SER A 87 -11.47 1.54 10.42
C SER A 87 -10.00 1.61 9.99
N LEU A 88 -9.78 1.35 8.71
CA LEU A 88 -8.43 1.38 8.17
C LEU A 88 -8.29 2.59 7.25
N SER A 89 -7.11 2.71 6.65
CA SER A 89 -6.83 3.82 5.75
C SER A 89 -6.76 5.12 6.53
N LEU A 90 -6.19 5.03 7.73
CA LEU A 90 -6.05 6.20 8.58
C LEU A 90 -4.57 6.50 8.81
N ALA A 91 -4.30 7.25 9.87
CA ALA A 91 -2.94 7.61 10.20
C ALA A 91 -2.48 6.78 11.42
N VAL A 92 -2.54 5.47 11.25
CA VAL A 92 -2.14 4.56 12.32
C VAL A 92 -0.62 4.61 12.48
N PRO A 93 -0.15 4.24 13.70
CA PRO A 93 1.27 4.24 13.99
C PRO A 93 1.97 3.05 13.33
N PRO A 94 3.32 3.04 13.45
CA PRO A 94 4.11 1.97 12.87
C PRO A 94 4.00 0.70 13.70
N PRO A 95 4.06 -0.47 12.98
CA PRO A 95 3.97 -1.76 13.63
C PRO A 95 5.26 -2.09 14.37
N ARG A 96 5.41 -3.37 14.70
CA ARG A 96 6.60 -3.84 15.40
C ARG A 96 7.57 -4.48 14.42
N PHE A 97 7.01 -5.08 13.38
CA PHE A 97 7.82 -5.74 12.38
C PHE A 97 9.08 -4.93 12.07
N HIS A 98 10.05 -5.61 11.47
CA HIS A 98 11.31 -4.97 11.13
C HIS A 98 11.07 -3.90 10.06
N ASP A 99 12.13 -3.18 9.74
CA ASP A 99 12.04 -2.13 8.74
C ASP A 99 13.45 -1.61 8.43
N LEU A 1 -3.89 0.15 1.51
CA LEU A 1 -4.31 0.23 0.11
C LEU A 1 -3.09 0.04 -0.78
N SER A 2 -3.18 0.60 -1.98
CA SER A 2 -2.09 0.49 -2.94
C SER A 2 -0.75 0.61 -2.23
N LEU A 3 0.27 0.03 -2.84
CA LEU A 3 1.62 0.07 -2.28
C LEU A 3 1.88 1.46 -1.69
N THR A 4 1.36 2.46 -2.39
CA THR A 4 1.54 3.85 -1.95
C THR A 4 1.09 4.00 -0.49
N GLN A 5 -0.12 3.53 -0.23
CA GLN A 5 -0.67 3.62 1.11
C GLN A 5 -0.05 2.55 2.01
N LEU A 6 0.28 1.42 1.41
CA LEU A 6 0.89 0.32 2.13
C LEU A 6 2.04 0.85 2.98
N SER A 7 2.82 1.73 2.37
CA SER A 7 3.96 2.32 3.05
C SER A 7 4.53 3.47 2.22
N SER A 8 3.67 4.44 1.94
CA SER A 8 4.07 5.61 1.16
C SER A 8 4.66 5.14 -0.18
N GLY A 9 4.36 3.91 -0.53
CA GLY A 9 4.86 3.35 -1.77
C GLY A 9 6.34 2.98 -1.66
N ASN A 10 6.70 2.49 -0.48
CA ASN A 10 8.07 2.09 -0.23
C ASN A 10 8.46 0.95 -1.17
N PRO A 11 9.49 1.23 -2.03
CA PRO A 11 9.96 0.25 -2.98
C PRO A 11 10.79 -0.85 -2.28
N VAL A 12 11.29 -0.50 -1.11
CA VAL A 12 12.09 -1.43 -0.33
C VAL A 12 11.44 -2.82 -0.37
N TYR A 13 10.14 -2.83 -0.15
CA TYR A 13 9.39 -4.08 -0.16
C TYR A 13 9.38 -4.70 -1.56
N GLU A 14 9.30 -3.84 -2.56
CA GLU A 14 9.29 -4.28 -3.94
C GLU A 14 10.55 -5.11 -4.24
N LYS A 15 11.64 -4.71 -3.61
CA LYS A 15 12.90 -5.40 -3.80
C LYS A 15 12.73 -6.88 -3.43
N TYR A 16 12.18 -7.10 -2.25
CA TYR A 16 11.96 -8.45 -1.77
C TYR A 16 10.88 -9.16 -2.59
N TYR A 17 9.79 -8.43 -2.82
CA TYR A 17 8.68 -8.97 -3.59
C TYR A 17 9.15 -9.50 -4.94
N ARG A 18 10.25 -8.92 -5.42
CA ARG A 18 10.81 -9.31 -6.69
C ARG A 18 11.79 -10.48 -6.51
N GLN A 19 12.30 -10.60 -5.29
CA GLN A 19 13.23 -11.67 -4.97
C GLN A 19 12.53 -13.02 -5.09
N VAL A 20 11.29 -13.06 -4.63
CA VAL A 20 10.52 -14.29 -4.67
C VAL A 20 10.13 -14.59 -6.12
N GLU A 21 9.80 -13.54 -6.85
CA GLU A 21 9.42 -13.68 -8.24
C GLU A 21 10.32 -14.69 -8.94
N ALA A 22 9.69 -15.64 -9.62
CA ALA A 22 10.42 -16.67 -10.33
C ALA A 22 10.11 -16.57 -11.83
N GLY A 23 10.95 -17.22 -12.62
CA GLY A 23 10.78 -17.21 -14.06
C GLY A 23 10.86 -15.78 -14.60
N ASN A 24 10.66 -15.67 -15.91
CA ASN A 24 10.69 -14.38 -16.57
C ASN A 24 9.27 -13.95 -16.94
N THR A 25 8.35 -14.23 -16.02
CA THR A 25 6.96 -13.88 -16.23
C THR A 25 6.67 -12.48 -15.67
N GLY A 26 7.59 -12.01 -14.83
CA GLY A 26 7.44 -10.70 -14.23
C GLY A 26 6.44 -10.73 -13.07
N ARG A 27 5.94 -11.93 -12.81
CA ARG A 27 4.97 -12.11 -11.74
C ARG A 27 5.51 -13.10 -10.70
N VAL A 28 4.93 -13.04 -9.52
CA VAL A 28 5.34 -13.93 -8.44
C VAL A 28 4.66 -15.28 -8.60
N LEU A 29 5.48 -16.31 -8.76
CA LEU A 29 4.95 -17.66 -8.94
C LEU A 29 4.17 -18.06 -7.69
N ALA A 30 4.31 -17.25 -6.65
CA ALA A 30 3.61 -17.51 -5.40
C ALA A 30 4.42 -18.50 -4.56
N LEU A 31 4.69 -19.64 -5.17
CA LEU A 31 5.46 -20.67 -4.49
C LEU A 31 6.66 -20.04 -3.78
N ASP A 32 7.35 -19.18 -4.51
CA ASP A 32 8.52 -18.50 -3.97
C ASP A 32 8.07 -17.57 -2.85
N ALA A 33 6.90 -16.97 -3.04
CA ALA A 33 6.36 -16.06 -2.06
C ALA A 33 6.37 -16.72 -0.67
N ALA A 34 5.80 -17.92 -0.63
CA ALA A 34 5.73 -18.68 0.61
C ALA A 34 7.15 -18.97 1.09
N ALA A 35 8.08 -18.99 0.14
CA ALA A 35 9.47 -19.27 0.45
C ALA A 35 10.05 -18.09 1.24
N PHE A 36 9.96 -16.91 0.64
CA PHE A 36 10.48 -15.71 1.28
C PHE A 36 9.68 -15.38 2.54
N LEU A 37 8.41 -15.80 2.53
CA LEU A 37 7.54 -15.55 3.67
C LEU A 37 7.95 -16.45 4.83
N LYS A 38 8.11 -17.73 4.51
CA LYS A 38 8.49 -18.71 5.52
C LYS A 38 9.78 -18.24 6.21
N LYS A 39 10.52 -17.40 5.51
CA LYS A 39 11.77 -16.88 6.04
C LYS A 39 11.45 -15.81 7.09
N SER A 40 10.17 -15.54 7.25
CA SER A 40 9.72 -14.55 8.21
C SER A 40 10.04 -15.02 9.64
N GLY A 41 9.30 -16.01 10.08
CA GLY A 41 9.49 -16.57 11.41
C GLY A 41 8.26 -17.36 11.86
N LEU A 42 7.12 -16.97 11.31
CA LEU A 42 5.86 -17.62 11.66
C LEU A 42 5.88 -19.05 11.11
N PRO A 43 4.97 -19.89 11.67
CA PRO A 43 4.87 -21.28 11.24
C PRO A 43 4.18 -21.38 9.87
N ASP A 44 3.86 -22.62 9.51
CA ASP A 44 3.21 -22.87 8.23
C ASP A 44 1.69 -22.89 8.43
N LEU A 45 1.28 -23.42 9.59
CA LEU A 45 -0.13 -23.50 9.91
C LEU A 45 -0.72 -22.09 9.94
N ILE A 46 -0.09 -21.22 10.71
CA ILE A 46 -0.54 -19.85 10.83
C ILE A 46 -0.47 -19.17 9.45
N LEU A 47 0.56 -19.54 8.70
CA LEU A 47 0.75 -18.98 7.38
C LEU A 47 -0.41 -19.39 6.48
N GLY A 48 -0.66 -20.69 6.44
CA GLY A 48 -1.74 -21.22 5.64
C GLY A 48 -2.96 -20.30 5.65
N LYS A 49 -3.35 -19.92 6.86
CA LYS A 49 -4.49 -19.03 7.04
C LYS A 49 -4.23 -17.72 6.30
N ILE A 50 -3.03 -17.20 6.50
CA ILE A 50 -2.64 -15.95 5.86
C ILE A 50 -2.80 -16.09 4.34
N TRP A 51 -2.18 -17.13 3.81
CA TRP A 51 -2.25 -17.37 2.38
C TRP A 51 -3.72 -17.46 1.98
N ASP A 52 -4.43 -18.38 2.63
CA ASP A 52 -5.84 -18.56 2.35
C ASP A 52 -6.53 -17.20 2.29
N LEU A 53 -6.18 -16.35 3.24
CA LEU A 53 -6.75 -15.01 3.29
C LEU A 53 -6.14 -14.14 2.18
N ALA A 54 -4.89 -14.45 1.86
CA ALA A 54 -4.19 -13.71 0.82
C ALA A 54 -4.76 -14.10 -0.54
N ASP A 55 -4.50 -15.34 -0.94
CA ASP A 55 -4.99 -15.84 -2.21
C ASP A 55 -6.37 -15.28 -2.48
N THR A 56 -6.52 -14.67 -3.65
CA THR A 56 -7.80 -14.10 -4.04
C THR A 56 -7.92 -14.07 -5.56
N ASP A 57 -6.85 -13.64 -6.21
CA ASP A 57 -6.83 -13.55 -7.66
C ASP A 57 -7.15 -14.93 -8.25
N GLY A 58 -6.48 -15.94 -7.71
CA GLY A 58 -6.70 -17.30 -8.17
C GLY A 58 -5.41 -17.89 -8.75
N LYS A 59 -5.47 -19.16 -9.08
CA LYS A 59 -4.32 -19.86 -9.65
C LYS A 59 -3.28 -20.07 -8.55
N GLY A 60 -2.59 -19.00 -8.21
CA GLY A 60 -1.57 -19.04 -7.19
C GLY A 60 -0.69 -17.79 -7.22
N VAL A 61 -0.23 -17.46 -8.42
CA VAL A 61 0.60 -16.29 -8.60
C VAL A 61 0.09 -15.15 -7.71
N LEU A 62 1.03 -14.37 -7.20
CA LEU A 62 0.69 -13.25 -6.35
C LEU A 62 0.75 -11.95 -7.15
N SER A 63 0.67 -10.84 -6.43
CA SER A 63 0.72 -9.53 -7.06
C SER A 63 1.41 -8.53 -6.14
N LYS A 64 1.21 -7.25 -6.45
CA LYS A 64 1.79 -6.19 -5.65
C LYS A 64 1.18 -6.21 -4.24
N GLN A 65 0.11 -5.45 -4.09
CA GLN A 65 -0.55 -5.38 -2.80
C GLN A 65 -0.69 -6.77 -2.18
N GLU A 66 -1.19 -7.69 -2.99
CA GLU A 66 -1.37 -9.06 -2.54
C GLU A 66 -0.19 -9.50 -1.68
N PHE A 67 0.96 -9.62 -2.33
CA PHE A 67 2.17 -10.03 -1.64
C PHE A 67 2.55 -9.01 -0.56
N PHE A 68 2.30 -7.75 -0.85
CA PHE A 68 2.61 -6.68 0.08
C PHE A 68 1.66 -6.72 1.29
N VAL A 69 0.65 -7.56 1.18
CA VAL A 69 -0.33 -7.70 2.24
C VAL A 69 0.09 -8.85 3.16
N ALA A 70 0.24 -10.02 2.55
CA ALA A 70 0.62 -11.21 3.30
C ALA A 70 1.91 -10.92 4.07
N LEU A 71 2.69 -9.98 3.54
CA LEU A 71 3.93 -9.60 4.17
C LEU A 71 3.65 -9.02 5.56
N ARG A 72 3.14 -7.79 5.55
CA ARG A 72 2.82 -7.11 6.79
C ARG A 72 1.98 -8.02 7.69
N LEU A 73 1.03 -8.70 7.06
CA LEU A 73 0.15 -9.60 7.78
C LEU A 73 0.97 -10.43 8.77
N VAL A 74 2.13 -10.89 8.29
CA VAL A 74 3.02 -11.69 9.11
C VAL A 74 3.42 -10.90 10.35
N ALA A 75 3.70 -9.62 10.13
CA ALA A 75 4.10 -8.75 11.22
C ALA A 75 2.97 -8.66 12.24
N CYS A 76 1.77 -9.02 11.79
CA CYS A 76 0.60 -8.98 12.65
C CYS A 76 0.74 -10.09 13.69
N ALA A 77 0.57 -11.32 13.23
CA ALA A 77 0.68 -12.47 14.12
C ALA A 77 2.01 -12.42 14.85
N GLN A 78 2.96 -11.73 14.24
CA GLN A 78 4.28 -11.61 14.83
C GLN A 78 4.19 -11.02 16.24
N ASN A 79 3.05 -10.39 16.50
CA ASN A 79 2.82 -9.79 17.80
C ASN A 79 1.67 -10.51 18.50
N GLY A 80 1.40 -11.72 18.03
CA GLY A 80 0.33 -12.52 18.61
C GLY A 80 -1.04 -12.00 18.15
N LEU A 81 -1.00 -11.11 17.17
CA LEU A 81 -2.23 -10.54 16.64
C LEU A 81 -2.90 -11.55 15.72
N GLU A 82 -4.13 -11.21 15.33
CA GLU A 82 -4.89 -12.08 14.44
C GLU A 82 -4.08 -12.43 13.20
N VAL A 83 -4.59 -13.40 12.45
CA VAL A 83 -3.92 -13.84 11.24
C VAL A 83 -4.74 -13.41 10.02
N SER A 84 -5.98 -13.05 10.29
CA SER A 84 -6.88 -12.62 9.23
C SER A 84 -6.86 -11.10 9.11
N LEU A 85 -6.87 -10.63 7.86
CA LEU A 85 -6.85 -9.21 7.60
C LEU A 85 -7.96 -8.53 8.40
N SER A 86 -8.95 -9.32 8.77
CA SER A 86 -10.07 -8.81 9.54
C SER A 86 -9.56 -8.10 10.80
N SER A 87 -8.33 -8.43 11.17
CA SER A 87 -7.72 -7.83 12.34
C SER A 87 -6.45 -7.08 11.93
N LEU A 88 -6.45 -6.58 10.71
CA LEU A 88 -5.31 -5.84 10.20
C LEU A 88 -5.68 -4.36 10.09
N SER A 89 -4.71 -3.59 9.62
CA SER A 89 -4.91 -2.15 9.47
C SER A 89 -4.66 -1.44 10.81
N LEU A 90 -3.96 -2.14 11.69
CA LEU A 90 -3.64 -1.59 13.01
C LEU A 90 -2.17 -1.18 13.04
N ALA A 91 -1.66 -1.03 14.26
CA ALA A 91 -0.29 -0.64 14.45
C ALA A 91 0.58 -1.90 14.60
N VAL A 92 0.53 -2.73 13.56
CA VAL A 92 1.30 -3.97 13.57
C VAL A 92 2.80 -3.63 13.60
N PRO A 93 3.56 -4.47 14.36
CA PRO A 93 4.99 -4.27 14.48
C PRO A 93 5.72 -4.71 13.21
N PRO A 94 7.05 -4.46 13.19
CA PRO A 94 7.87 -4.82 12.05
C PRO A 94 8.12 -6.32 12.02
N PRO A 95 8.25 -6.86 10.77
CA PRO A 95 8.49 -8.28 10.58
C PRO A 95 9.94 -8.64 10.91
N ARG A 96 10.32 -9.83 10.49
CA ARG A 96 11.68 -10.31 10.74
C ARG A 96 12.55 -10.10 9.49
N PHE A 97 11.90 -10.17 8.34
CA PHE A 97 12.60 -9.99 7.07
C PHE A 97 13.66 -8.90 7.19
N HIS A 98 14.60 -8.93 6.25
CA HIS A 98 15.67 -7.95 6.23
C HIS A 98 15.09 -6.56 5.96
N ASP A 99 15.69 -5.57 6.62
CA ASP A 99 15.24 -4.20 6.47
C ASP A 99 15.65 -3.69 5.08
N LEU A 1 -3.89 0.15 1.51
CA LEU A 1 -4.31 0.23 0.11
C LEU A 1 -3.09 0.54 -0.76
N SER A 2 -3.35 1.25 -1.84
CA SER A 2 -2.28 1.61 -2.76
C SER A 2 -1.03 2.01 -1.99
N LEU A 3 0.11 1.90 -2.66
CA LEU A 3 1.38 2.24 -2.04
C LEU A 3 1.21 3.53 -1.23
N THR A 4 0.46 4.45 -1.80
CA THR A 4 0.22 5.73 -1.15
C THR A 4 -0.20 5.52 0.31
N GLN A 5 -1.22 4.68 0.48
CA GLN A 5 -1.71 4.38 1.81
C GLN A 5 -0.79 3.40 2.53
N LEU A 6 -0.17 2.54 1.72
CA LEU A 6 0.75 1.54 2.26
C LEU A 6 1.74 2.23 3.19
N SER A 7 2.23 3.38 2.74
CA SER A 7 3.19 4.15 3.52
C SER A 7 3.39 5.52 2.90
N SER A 8 2.29 6.24 2.76
CA SER A 8 2.32 7.58 2.18
C SER A 8 2.94 7.52 0.78
N GLY A 9 2.98 6.31 0.24
CA GLY A 9 3.54 6.11 -1.09
C GLY A 9 5.06 6.23 -1.07
N ASN A 10 5.66 5.63 -0.05
CA ASN A 10 7.11 5.66 0.09
C ASN A 10 7.75 4.89 -1.05
N PRO A 11 8.62 5.60 -1.82
CA PRO A 11 9.31 5.00 -2.94
C PRO A 11 10.43 4.07 -2.47
N VAL A 12 10.84 4.27 -1.22
CA VAL A 12 11.90 3.47 -0.64
C VAL A 12 11.66 2.00 -0.99
N TYR A 13 10.41 1.58 -0.84
CA TYR A 13 10.04 0.20 -1.13
C TYR A 13 10.20 -0.09 -2.63
N GLU A 14 9.91 0.91 -3.43
CA GLU A 14 10.01 0.77 -4.87
C GLU A 14 11.44 0.42 -5.27
N LYS A 15 12.39 0.97 -4.51
CA LYS A 15 13.79 0.72 -4.77
C LYS A 15 14.07 -0.78 -4.71
N TYR A 16 13.49 -1.41 -3.69
CA TYR A 16 13.66 -2.84 -3.51
C TYR A 16 12.83 -3.63 -4.51
N TYR A 17 11.58 -3.24 -4.64
CA TYR A 17 10.67 -3.90 -5.56
C TYR A 17 11.26 -3.94 -6.98
N ARG A 18 12.18 -3.02 -7.23
CA ARG A 18 12.82 -2.94 -8.53
C ARG A 18 14.14 -3.73 -8.51
N GLN A 19 14.66 -3.92 -7.31
CA GLN A 19 15.90 -4.66 -7.14
C GLN A 19 15.73 -6.11 -7.63
N VAL A 20 14.55 -6.65 -7.35
CA VAL A 20 14.24 -8.01 -7.75
C VAL A 20 13.89 -8.04 -9.23
N GLU A 21 13.43 -6.89 -9.73
CA GLU A 21 13.05 -6.78 -11.12
C GLU A 21 14.23 -7.10 -12.02
N ALA A 22 13.94 -7.83 -13.09
CA ALA A 22 14.97 -8.22 -14.04
C ALA A 22 14.72 -7.52 -15.37
N GLY A 23 15.73 -7.56 -16.23
CA GLY A 23 15.63 -6.93 -17.54
C GLY A 23 15.30 -5.44 -17.41
N ASN A 24 15.11 -4.82 -18.56
CA ASN A 24 14.79 -3.40 -18.60
C ASN A 24 13.38 -3.20 -19.16
N THR A 25 12.53 -4.16 -18.87
CA THR A 25 11.16 -4.11 -19.34
C THR A 25 10.30 -3.24 -18.40
N GLY A 26 10.61 -3.34 -17.12
CA GLY A 26 9.88 -2.58 -16.13
C GLY A 26 8.86 -3.45 -15.39
N ARG A 27 9.11 -4.75 -15.44
CA ARG A 27 8.23 -5.71 -14.79
C ARG A 27 9.04 -6.67 -13.92
N VAL A 28 8.41 -7.12 -12.84
CA VAL A 28 9.05 -8.04 -11.92
C VAL A 28 8.55 -9.47 -12.19
N LEU A 29 9.44 -10.28 -12.73
CA LEU A 29 9.10 -11.67 -13.04
C LEU A 29 8.60 -12.35 -11.76
N ALA A 30 8.89 -11.72 -10.64
CA ALA A 30 8.48 -12.26 -9.36
C ALA A 30 9.52 -13.27 -8.87
N LEU A 31 9.91 -14.15 -9.78
CA LEU A 31 10.90 -15.16 -9.45
C LEU A 31 11.98 -14.55 -8.55
N ASP A 32 12.50 -13.42 -9.00
CA ASP A 32 13.53 -12.73 -8.25
C ASP A 32 12.94 -12.23 -6.92
N ALA A 33 11.76 -11.65 -7.02
CA ALA A 33 11.09 -11.14 -5.84
C ALA A 33 11.14 -12.17 -4.72
N ALA A 34 10.76 -13.40 -5.07
CA ALA A 34 10.76 -14.49 -4.13
C ALA A 34 12.17 -14.68 -3.56
N ALA A 35 13.14 -14.37 -4.41
CA ALA A 35 14.54 -14.49 -4.02
C ALA A 35 14.88 -13.42 -2.98
N PHE A 36 14.56 -12.19 -3.34
CA PHE A 36 14.82 -11.07 -2.45
C PHE A 36 14.17 -11.28 -1.07
N LEU A 37 12.91 -11.70 -1.12
CA LEU A 37 12.16 -11.95 0.10
C LEU A 37 13.00 -12.83 1.03
N LYS A 38 13.53 -13.90 0.47
CA LYS A 38 14.34 -14.82 1.23
C LYS A 38 15.42 -14.04 1.99
N LYS A 39 15.70 -12.85 1.49
CA LYS A 39 16.70 -11.99 2.09
C LYS A 39 16.09 -11.27 3.30
N SER A 40 14.98 -11.82 3.78
CA SER A 40 14.28 -11.23 4.91
C SER A 40 14.76 -11.89 6.20
N GLY A 41 14.30 -13.11 6.42
CA GLY A 41 14.66 -13.85 7.61
C GLY A 41 13.79 -15.09 7.78
N LEU A 42 12.55 -14.97 7.31
CA LEU A 42 11.61 -16.07 7.39
C LEU A 42 12.07 -17.22 6.50
N PRO A 43 11.52 -18.43 6.78
CA PRO A 43 11.87 -19.62 6.01
C PRO A 43 11.21 -19.58 4.63
N ASP A 44 11.29 -20.72 3.96
CA ASP A 44 10.70 -20.85 2.63
C ASP A 44 9.27 -21.39 2.75
N LEU A 45 9.10 -22.31 3.69
CA LEU A 45 7.80 -22.90 3.92
C LEU A 45 6.79 -21.81 4.28
N ILE A 46 7.18 -21.00 5.26
CA ILE A 46 6.32 -19.92 5.71
C ILE A 46 6.14 -18.90 4.58
N LEU A 47 7.20 -18.74 3.80
CA LEU A 47 7.19 -17.82 2.68
C LEU A 47 6.13 -18.28 1.66
N GLY A 48 6.29 -19.52 1.23
CA GLY A 48 5.37 -20.10 0.26
C GLY A 48 3.93 -19.67 0.55
N LYS A 49 3.56 -19.78 1.82
CA LYS A 49 2.22 -19.40 2.24
C LYS A 49 1.97 -17.94 1.89
N ILE A 50 2.96 -17.10 2.19
CA ILE A 50 2.86 -15.69 1.92
C ILE A 50 2.59 -15.48 0.43
N TRP A 51 3.48 -16.02 -0.38
CA TRP A 51 3.36 -15.90 -1.83
C TRP A 51 1.97 -16.39 -2.22
N ASP A 52 1.66 -17.61 -1.79
CA ASP A 52 0.36 -18.19 -2.09
C ASP A 52 -0.74 -17.20 -1.74
N LEU A 53 -0.43 -16.30 -0.83
CA LEU A 53 -1.37 -15.28 -0.40
C LEU A 53 -1.15 -14.00 -1.21
N ALA A 54 0.09 -13.84 -1.65
CA ALA A 54 0.45 -12.66 -2.44
C ALA A 54 -0.03 -12.86 -3.87
N ASP A 55 0.49 -13.90 -4.51
CA ASP A 55 0.13 -14.20 -5.88
C ASP A 55 -1.36 -13.92 -6.08
N THR A 56 -1.65 -13.15 -7.12
CA THR A 56 -3.03 -12.80 -7.43
C THR A 56 -3.23 -12.74 -8.95
N ASP A 57 -2.29 -12.09 -9.61
CA ASP A 57 -2.35 -11.94 -11.06
C ASP A 57 -2.55 -13.33 -11.69
N GLY A 58 -1.80 -14.29 -11.17
CA GLY A 58 -1.88 -15.65 -11.67
C GLY A 58 -0.56 -16.08 -12.30
N LYS A 59 -0.21 -15.43 -13.40
CA LYS A 59 1.02 -15.74 -14.10
C LYS A 59 2.14 -15.95 -13.08
N GLY A 60 2.61 -14.84 -12.53
CA GLY A 60 3.68 -14.89 -11.54
C GLY A 60 4.18 -13.48 -11.22
N VAL A 61 4.41 -12.70 -12.26
CA VAL A 61 4.89 -11.34 -12.10
C VAL A 61 4.17 -10.69 -10.92
N LEU A 62 4.89 -9.83 -10.23
CA LEU A 62 4.33 -9.13 -9.08
C LEU A 62 3.94 -7.71 -9.49
N SER A 63 3.33 -7.00 -8.56
CA SER A 63 2.90 -5.63 -8.81
C SER A 63 3.32 -4.74 -7.64
N LYS A 64 2.74 -3.54 -7.62
CA LYS A 64 3.04 -2.58 -6.57
C LYS A 64 2.56 -3.14 -5.23
N GLN A 65 1.32 -2.79 -4.89
CA GLN A 65 0.73 -3.25 -3.65
C GLN A 65 1.12 -4.71 -3.38
N GLU A 66 0.89 -5.53 -4.38
CA GLU A 66 1.21 -6.95 -4.27
C GLU A 66 2.53 -7.14 -3.53
N PHE A 67 3.61 -6.77 -4.21
CA PHE A 67 4.94 -6.90 -3.62
C PHE A 67 5.06 -6.06 -2.35
N PHE A 68 4.35 -4.94 -2.35
CA PHE A 68 4.38 -4.04 -1.20
C PHE A 68 3.59 -4.63 -0.03
N VAL A 69 2.91 -5.73 -0.31
CA VAL A 69 2.12 -6.39 0.71
C VAL A 69 2.96 -7.51 1.34
N ALA A 70 3.31 -8.50 0.52
CA ALA A 70 4.10 -9.61 0.98
C ALA A 70 5.32 -9.09 1.75
N LEU A 71 5.73 -7.88 1.39
CA LEU A 71 6.88 -7.26 2.03
C LEU A 71 6.62 -7.16 3.54
N ARG A 72 5.78 -6.21 3.90
CA ARG A 72 5.44 -6.00 5.30
C ARG A 72 4.87 -7.29 5.91
N LEU A 73 4.10 -8.00 5.10
CA LEU A 73 3.49 -9.24 5.55
C LEU A 73 4.55 -10.09 6.26
N VAL A 74 5.74 -10.13 5.67
CA VAL A 74 6.83 -10.91 6.23
C VAL A 74 7.13 -10.39 7.64
N ALA A 75 7.17 -9.07 7.76
CA ALA A 75 7.43 -8.45 9.04
C ALA A 75 6.39 -8.91 10.07
N CYS A 76 5.25 -9.34 9.55
CA CYS A 76 4.17 -9.81 10.40
C CYS A 76 4.60 -11.15 11.01
N ALA A 77 4.79 -12.13 10.15
CA ALA A 77 5.19 -13.45 10.58
C ALA A 77 6.48 -13.35 11.39
N GLN A 78 7.17 -12.23 11.20
CA GLN A 78 8.42 -11.99 11.90
C GLN A 78 8.15 -11.72 13.39
N ASN A 79 6.87 -11.63 13.71
CA ASN A 79 6.47 -11.37 15.09
C ASN A 79 5.87 -12.65 15.68
N GLY A 80 5.55 -13.58 14.80
CA GLY A 80 4.97 -14.84 15.23
C GLY A 80 3.48 -14.90 14.90
N LEU A 81 3.00 -13.86 14.23
CA LEU A 81 1.60 -13.79 13.85
C LEU A 81 1.38 -14.64 12.61
N GLU A 82 0.11 -14.76 12.23
CA GLU A 82 -0.25 -15.55 11.07
C GLU A 82 0.61 -15.14 9.86
N VAL A 83 0.51 -15.95 8.81
CA VAL A 83 1.26 -15.68 7.59
C VAL A 83 0.31 -15.19 6.50
N SER A 84 -0.96 -15.11 6.87
CA SER A 84 -1.98 -14.65 5.94
C SER A 84 -2.23 -13.15 6.12
N LEU A 85 -2.90 -12.58 5.14
CA LEU A 85 -3.20 -11.15 5.18
C LEU A 85 -4.00 -10.84 6.46
N SER A 86 -4.56 -11.90 7.03
CA SER A 86 -5.34 -11.74 8.25
C SER A 86 -4.43 -11.35 9.41
N SER A 87 -3.14 -11.37 9.13
CA SER A 87 -2.15 -11.01 10.14
C SER A 87 -1.76 -9.55 10.00
N LEU A 88 -2.00 -9.00 8.82
CA LEU A 88 -1.69 -7.62 8.54
C LEU A 88 -2.75 -6.72 9.17
N SER A 89 -2.58 -5.42 8.98
CA SER A 89 -3.52 -4.46 9.51
C SER A 89 -3.37 -4.35 11.03
N LEU A 90 -2.28 -4.95 11.52
CA LEU A 90 -2.00 -4.94 12.94
C LEU A 90 -0.72 -4.12 13.20
N ALA A 91 -0.15 -4.33 14.37
CA ALA A 91 1.07 -3.62 14.75
C ALA A 91 2.28 -4.47 14.34
N VAL A 92 2.32 -4.81 13.06
CA VAL A 92 3.42 -5.61 12.53
C VAL A 92 4.74 -4.90 12.83
N PRO A 93 5.71 -5.70 13.36
CA PRO A 93 7.02 -5.17 13.69
C PRO A 93 7.85 -4.93 12.43
N PRO A 94 9.05 -4.34 12.64
CA PRO A 94 9.95 -4.06 11.52
C PRO A 94 10.64 -5.34 11.03
N PRO A 95 10.77 -5.43 9.68
CA PRO A 95 11.40 -6.59 9.08
C PRO A 95 12.91 -6.55 9.27
N ARG A 96 13.61 -7.38 8.48
CA ARG A 96 15.05 -7.45 8.56
C ARG A 96 15.68 -6.63 7.43
N PHE A 97 14.96 -6.56 6.32
CA PHE A 97 15.44 -5.82 5.17
C PHE A 97 16.15 -4.53 5.59
N HIS A 98 16.95 -4.00 4.68
CA HIS A 98 17.69 -2.78 4.96
C HIS A 98 16.71 -1.61 5.11
N ASP A 99 17.04 -0.72 6.03
CA ASP A 99 16.21 0.44 6.28
C ASP A 99 14.73 0.03 6.25
N LEU A 1 -3.89 0.15 1.51
CA LEU A 1 -4.31 0.23 0.11
C LEU A 1 -3.35 -0.58 -0.74
N SER A 2 -3.50 -0.44 -2.05
CA SER A 2 -2.65 -1.16 -2.99
C SER A 2 -1.21 -1.18 -2.48
N LEU A 3 -0.53 -2.28 -2.79
CA LEU A 3 0.86 -2.44 -2.38
C LEU A 3 1.64 -1.16 -2.69
N THR A 4 1.26 -0.54 -3.80
CA THR A 4 1.91 0.69 -4.23
C THR A 4 1.78 1.76 -3.14
N GLN A 5 0.56 1.91 -2.64
CA GLN A 5 0.29 2.89 -1.61
C GLN A 5 0.80 2.39 -0.25
N LEU A 6 0.72 1.08 -0.08
CA LEU A 6 1.17 0.46 1.16
C LEU A 6 2.55 1.00 1.53
N SER A 7 3.41 1.10 0.52
CA SER A 7 4.75 1.60 0.73
C SER A 7 5.43 1.85 -0.61
N SER A 8 4.78 2.66 -1.44
CA SER A 8 5.31 2.99 -2.75
C SER A 8 5.51 1.70 -3.56
N GLY A 9 4.88 0.64 -3.09
CA GLY A 9 4.99 -0.65 -3.76
C GLY A 9 6.32 -1.33 -3.43
N ASN A 10 6.61 -1.41 -2.15
CA ASN A 10 7.85 -2.03 -1.69
C ASN A 10 7.65 -3.55 -1.61
N PRO A 11 8.49 -4.28 -2.39
CA PRO A 11 8.42 -5.72 -2.42
C PRO A 11 9.02 -6.33 -1.15
N VAL A 12 9.76 -5.49 -0.43
CA VAL A 12 10.39 -5.92 0.80
C VAL A 12 9.40 -6.77 1.61
N TYR A 13 8.14 -6.37 1.55
CA TYR A 13 7.09 -7.08 2.27
C TYR A 13 6.88 -8.47 1.68
N GLU A 14 6.89 -8.54 0.36
CA GLU A 14 6.70 -9.80 -0.33
C GLU A 14 7.61 -10.87 0.27
N LYS A 15 8.81 -10.45 0.65
CA LYS A 15 9.77 -11.36 1.23
C LYS A 15 9.11 -12.13 2.38
N TYR A 16 8.75 -11.39 3.41
CA TYR A 16 8.10 -12.00 4.57
C TYR A 16 6.84 -12.75 4.17
N TYR A 17 6.04 -12.11 3.33
CA TYR A 17 4.80 -12.71 2.86
C TYR A 17 5.07 -14.08 2.24
N ARG A 18 6.26 -14.23 1.69
CA ARG A 18 6.65 -15.48 1.05
C ARG A 18 7.22 -16.45 2.09
N GLN A 19 7.69 -15.87 3.19
CA GLN A 19 8.26 -16.67 4.27
C GLN A 19 7.18 -17.54 4.92
N VAL A 20 5.96 -17.01 4.92
CA VAL A 20 4.85 -17.72 5.50
C VAL A 20 4.21 -18.63 4.45
N GLU A 21 4.29 -18.19 3.20
CA GLU A 21 3.74 -18.94 2.10
C GLU A 21 4.19 -20.40 2.17
N ALA A 22 3.28 -21.29 1.77
CA ALA A 22 3.58 -22.71 1.79
C ALA A 22 2.97 -23.37 0.56
N GLY A 23 3.37 -24.61 0.32
CA GLY A 23 2.86 -25.36 -0.82
C GLY A 23 3.26 -24.68 -2.14
N ASN A 24 2.99 -25.39 -3.23
CA ASN A 24 3.32 -24.87 -4.54
C ASN A 24 2.11 -24.11 -5.10
N THR A 25 1.25 -23.68 -4.19
CA THR A 25 0.05 -22.95 -4.59
C THR A 25 0.41 -21.53 -5.01
N GLY A 26 1.48 -21.02 -4.41
CA GLY A 26 1.93 -19.67 -4.72
C GLY A 26 1.19 -18.63 -3.88
N ARG A 27 0.39 -19.14 -2.95
CA ARG A 27 -0.38 -18.27 -2.08
C ARG A 27 -0.06 -18.56 -0.61
N VAL A 28 -0.57 -17.70 0.26
CA VAL A 28 -0.35 -17.87 1.69
C VAL A 28 -1.39 -18.83 2.26
N LEU A 29 -0.90 -19.93 2.80
CA LEU A 29 -1.77 -20.94 3.38
C LEU A 29 -2.52 -20.34 4.57
N ALA A 30 -2.08 -19.14 4.97
CA ALA A 30 -2.70 -18.45 6.08
C ALA A 30 -2.16 -19.03 7.39
N LEU A 31 -2.31 -20.33 7.53
CA LEU A 31 -1.84 -21.01 8.72
C LEU A 31 -0.45 -20.49 9.09
N ASP A 32 0.43 -20.48 8.10
CA ASP A 32 1.79 -20.01 8.32
C ASP A 32 1.76 -18.51 8.60
N ALA A 33 0.86 -17.82 7.92
CA ALA A 33 0.72 -16.38 8.09
C ALA A 33 0.61 -16.06 9.58
N ALA A 34 -0.25 -16.82 10.26
CA ALA A 34 -0.46 -16.63 11.69
C ALA A 34 0.84 -16.95 12.43
N ALA A 35 1.62 -17.85 11.85
CA ALA A 35 2.88 -18.24 12.45
C ALA A 35 3.82 -17.03 12.50
N PHE A 36 4.11 -16.51 11.32
CA PHE A 36 4.99 -15.36 11.22
C PHE A 36 4.35 -14.11 11.86
N LEU A 37 3.11 -13.86 11.45
CA LEU A 37 2.38 -12.72 11.98
C LEU A 37 2.47 -12.70 13.51
N LYS A 38 2.26 -13.87 14.08
CA LYS A 38 2.33 -14.00 15.53
C LYS A 38 3.67 -13.47 16.04
N LYS A 39 4.64 -13.46 15.13
CA LYS A 39 5.97 -12.96 15.47
C LYS A 39 5.95 -11.44 15.52
N SER A 40 4.78 -10.89 15.22
CA SER A 40 4.62 -9.44 15.23
C SER A 40 4.92 -8.88 16.61
N GLY A 41 4.03 -9.18 17.54
CA GLY A 41 4.20 -8.71 18.91
C GLY A 41 2.84 -8.64 19.63
N LEU A 42 1.79 -8.51 18.84
CA LEU A 42 0.45 -8.42 19.38
C LEU A 42 0.02 -9.81 19.89
N PRO A 43 -1.00 -9.79 20.79
CA PRO A 43 -1.51 -11.03 21.36
C PRO A 43 -2.37 -11.79 20.34
N ASP A 44 -3.07 -12.80 20.84
CA ASP A 44 -3.93 -13.61 20.00
C ASP A 44 -5.31 -12.95 19.89
N LEU A 45 -5.72 -12.35 21.00
CA LEU A 45 -7.01 -11.68 21.05
C LEU A 45 -7.05 -10.58 20.00
N ILE A 46 -6.23 -9.55 20.22
CA ILE A 46 -6.17 -8.43 19.31
C ILE A 46 -5.92 -8.94 17.89
N LEU A 47 -5.11 -9.99 17.81
CA LEU A 47 -4.79 -10.58 16.52
C LEU A 47 -6.07 -11.09 15.86
N GLY A 48 -6.82 -11.88 16.63
CA GLY A 48 -8.07 -12.43 16.14
C GLY A 48 -8.84 -11.40 15.31
N LYS A 49 -8.89 -10.18 15.84
CA LYS A 49 -9.58 -9.10 15.15
C LYS A 49 -8.91 -8.83 13.82
N ILE A 50 -7.58 -8.78 13.86
CA ILE A 50 -6.81 -8.54 12.65
C ILE A 50 -7.22 -9.53 11.57
N TRP A 51 -7.12 -10.80 11.91
CA TRP A 51 -7.48 -11.86 10.98
C TRP A 51 -8.92 -11.60 10.50
N ASP A 52 -9.82 -11.52 11.47
CA ASP A 52 -11.22 -11.28 11.15
C ASP A 52 -11.32 -10.14 10.13
N LEU A 53 -10.49 -9.13 10.35
CA LEU A 53 -10.48 -7.98 9.46
C LEU A 53 -9.77 -8.35 8.16
N ALA A 54 -8.80 -9.24 8.28
CA ALA A 54 -8.04 -9.68 7.13
C ALA A 54 -8.95 -10.49 6.20
N ASP A 55 -9.46 -11.59 6.74
CA ASP A 55 -10.35 -12.46 5.96
C ASP A 55 -11.27 -11.59 5.11
N THR A 56 -11.28 -11.89 3.82
CA THR A 56 -12.11 -11.15 2.89
C THR A 56 -12.04 -11.77 1.50
N ASP A 57 -10.81 -11.97 1.04
CA ASP A 57 -10.59 -12.55 -0.28
C ASP A 57 -10.96 -14.04 -0.24
N GLY A 58 -10.22 -14.78 0.58
CA GLY A 58 -10.46 -16.21 0.72
C GLY A 58 -11.02 -16.53 2.09
N LYS A 59 -10.41 -17.53 2.72
CA LYS A 59 -10.84 -17.95 4.05
C LYS A 59 -9.66 -18.63 4.77
N GLY A 60 -9.05 -19.56 4.07
CA GLY A 60 -7.92 -20.28 4.62
C GLY A 60 -6.61 -19.90 3.91
N VAL A 61 -6.70 -18.83 3.14
CA VAL A 61 -5.54 -18.34 2.41
C VAL A 61 -5.56 -16.81 2.40
N LEU A 62 -4.36 -16.24 2.45
CA LEU A 62 -4.21 -14.79 2.45
C LEU A 62 -3.83 -14.31 1.05
N SER A 63 -3.42 -13.06 0.98
CA SER A 63 -3.02 -12.47 -0.29
C SER A 63 -2.10 -11.29 -0.05
N LYS A 64 -1.59 -10.74 -1.15
CA LYS A 64 -0.68 -9.61 -1.07
C LYS A 64 -1.26 -8.56 -0.11
N GLN A 65 -2.04 -7.66 -0.69
CA GLN A 65 -2.67 -6.60 0.10
C GLN A 65 -3.12 -7.15 1.46
N GLU A 66 -3.89 -8.23 1.40
CA GLU A 66 -4.40 -8.85 2.61
C GLU A 66 -3.30 -8.90 3.68
N PHE A 67 -2.38 -9.84 3.49
CA PHE A 67 -1.28 -10.00 4.42
C PHE A 67 -0.54 -8.68 4.63
N PHE A 68 -0.49 -7.89 3.57
CA PHE A 68 0.18 -6.60 3.63
C PHE A 68 -0.56 -5.64 4.56
N VAL A 69 -1.83 -5.94 4.79
CA VAL A 69 -2.66 -5.12 5.65
C VAL A 69 -2.45 -5.54 7.11
N ALA A 70 -2.87 -6.76 7.40
CA ALA A 70 -2.73 -7.30 8.74
C ALA A 70 -1.35 -6.95 9.29
N LEU A 71 -0.40 -6.82 8.37
CA LEU A 71 0.96 -6.49 8.75
C LEU A 71 0.99 -5.11 9.42
N ARG A 72 0.98 -4.08 8.58
CA ARG A 72 1.00 -2.72 9.08
C ARG A 72 -0.13 -2.50 10.10
N LEU A 73 -1.13 -3.35 9.99
CA LEU A 73 -2.28 -3.27 10.89
C LEU A 73 -1.80 -3.47 12.33
N VAL A 74 -0.88 -4.40 12.49
CA VAL A 74 -0.33 -4.69 13.81
C VAL A 74 0.24 -3.41 14.42
N ALA A 75 0.95 -2.66 13.58
CA ALA A 75 1.54 -1.41 14.03
C ALA A 75 0.45 -0.50 14.59
N CYS A 76 -0.78 -0.82 14.25
CA CYS A 76 -1.91 -0.04 14.72
C CYS A 76 -2.13 -0.34 16.21
N ALA A 77 -2.54 -1.56 16.47
CA ALA A 77 -2.78 -1.98 17.85
C ALA A 77 -1.49 -1.83 18.65
N GLN A 78 -0.37 -1.84 17.94
CA GLN A 78 0.93 -1.69 18.57
C GLN A 78 0.96 -0.45 19.45
N ASN A 79 0.16 0.54 19.06
CA ASN A 79 0.07 1.78 19.80
C ASN A 79 -1.16 1.76 20.70
N GLY A 80 -2.08 0.86 20.37
CA GLY A 80 -3.31 0.73 21.13
C GLY A 80 -4.52 1.23 20.33
N LEU A 81 -4.27 1.45 19.04
CA LEU A 81 -5.32 1.92 18.16
C LEU A 81 -6.23 0.75 17.78
N GLU A 82 -7.24 1.05 16.98
CA GLU A 82 -8.18 0.03 16.54
C GLU A 82 -7.45 -1.10 15.82
N VAL A 83 -8.18 -2.16 15.54
CA VAL A 83 -7.62 -3.31 14.86
C VAL A 83 -8.31 -3.48 13.51
N SER A 84 -9.31 -2.64 13.28
CA SER A 84 -10.05 -2.68 12.03
C SER A 84 -9.47 -1.70 11.02
N LEU A 85 -9.63 -2.02 9.75
CA LEU A 85 -9.12 -1.17 8.69
C LEU A 85 -9.76 0.20 8.79
N SER A 86 -10.90 0.24 9.46
CA SER A 86 -11.62 1.49 9.64
C SER A 86 -10.75 2.49 10.42
N SER A 87 -9.70 1.96 11.02
CA SER A 87 -8.79 2.79 11.80
C SER A 87 -7.34 2.56 11.33
N LEU A 88 -7.22 2.29 10.04
CA LEU A 88 -5.90 2.05 9.46
C LEU A 88 -5.54 3.22 8.54
N SER A 89 -4.38 3.09 7.91
CA SER A 89 -3.90 4.12 7.00
C SER A 89 -3.61 5.41 7.78
N LEU A 90 -3.08 5.23 8.97
CA LEU A 90 -2.76 6.36 9.83
C LEU A 90 -1.24 6.55 9.87
N ALA A 91 -0.78 7.19 10.93
CA ALA A 91 0.65 7.43 11.10
C ALA A 91 1.18 6.54 12.22
N VAL A 92 1.01 5.23 12.03
CA VAL A 92 1.48 4.27 13.01
C VAL A 92 3.00 4.13 12.91
N PRO A 93 3.61 3.67 14.03
CA PRO A 93 5.05 3.48 14.07
C PRO A 93 5.48 2.24 13.29
N PRO A 94 6.82 2.06 13.18
CA PRO A 94 7.36 0.93 12.45
C PRO A 94 7.23 -0.36 13.28
N PRO A 95 6.38 -1.28 12.75
CA PRO A 95 6.15 -2.56 13.41
C PRO A 95 7.35 -3.49 13.23
N ARG A 96 7.54 -4.35 14.22
CA ARG A 96 8.64 -5.30 14.19
C ARG A 96 8.14 -6.67 13.71
N PHE A 97 9.09 -7.54 13.40
CA PHE A 97 8.78 -8.88 12.93
C PHE A 97 10.02 -9.77 12.90
N HIS A 98 9.81 -11.01 12.50
CA HIS A 98 10.90 -11.96 12.43
C HIS A 98 11.66 -11.77 11.11
N ASP A 99 12.81 -12.43 11.03
CA ASP A 99 13.64 -12.34 9.84
C ASP A 99 13.65 -10.89 9.34
N LEU A 1 -3.89 0.15 1.51
CA LEU A 1 -4.31 0.23 0.11
C LEU A 1 -3.08 0.13 -0.78
N SER A 2 -3.21 0.69 -1.98
CA SER A 2 -2.12 0.66 -2.93
C SER A 2 -0.81 1.06 -2.25
N LEU A 3 0.29 0.86 -2.98
CA LEU A 3 1.60 1.19 -2.44
C LEU A 3 1.55 2.57 -1.79
N THR A 4 0.74 3.44 -2.38
CA THR A 4 0.59 4.79 -1.86
C THR A 4 0.37 4.77 -0.35
N GLN A 5 -0.64 4.00 0.04
CA GLN A 5 -0.97 3.88 1.46
C GLN A 5 0.04 2.97 2.16
N LEU A 6 0.54 2.00 1.41
CA LEU A 6 1.51 1.06 1.95
C LEU A 6 2.61 1.83 2.66
N SER A 7 3.04 2.91 2.03
CA SER A 7 4.10 3.74 2.59
C SER A 7 4.24 5.04 1.77
N SER A 8 3.13 5.75 1.68
CA SER A 8 3.11 7.00 0.94
C SER A 8 3.54 6.76 -0.51
N GLY A 9 3.51 5.49 -0.90
CA GLY A 9 3.89 5.12 -2.25
C GLY A 9 5.40 5.21 -2.44
N ASN A 10 6.12 4.90 -1.36
CA ASN A 10 7.57 4.94 -1.40
C ASN A 10 8.08 4.11 -2.58
N PRO A 11 8.69 4.83 -3.57
CA PRO A 11 9.21 4.15 -4.75
C PRO A 11 10.51 3.42 -4.43
N VAL A 12 11.12 3.81 -3.31
CA VAL A 12 12.37 3.20 -2.89
C VAL A 12 12.23 1.67 -2.95
N TYR A 13 11.14 1.18 -2.39
CA TYR A 13 10.87 -0.25 -2.38
C TYR A 13 10.60 -0.76 -3.80
N GLU A 14 9.97 0.09 -4.60
CA GLU A 14 9.65 -0.28 -5.97
C GLU A 14 10.94 -0.65 -6.73
N LYS A 15 11.97 0.15 -6.51
CA LYS A 15 13.24 -0.10 -7.16
C LYS A 15 13.60 -1.57 -7.07
N TYR A 16 13.40 -2.12 -5.88
CA TYR A 16 13.69 -3.53 -5.63
C TYR A 16 12.70 -4.42 -6.37
N TYR A 17 11.42 -4.06 -6.27
CA TYR A 17 10.38 -4.82 -6.92
C TYR A 17 10.65 -4.97 -8.41
N ARG A 18 11.27 -3.94 -8.97
CA ARG A 18 11.60 -3.95 -10.38
C ARG A 18 12.73 -4.93 -10.67
N GLN A 19 13.62 -5.06 -9.70
CA GLN A 19 14.75 -5.96 -9.83
C GLN A 19 14.27 -7.40 -9.97
N VAL A 20 13.16 -7.69 -9.30
CA VAL A 20 12.58 -9.02 -9.34
C VAL A 20 11.63 -9.12 -10.54
N GLU A 21 10.89 -8.05 -10.74
CA GLU A 21 9.93 -8.00 -11.84
C GLU A 21 10.66 -8.16 -13.18
N ALA A 22 10.02 -8.90 -14.08
CA ALA A 22 10.59 -9.14 -15.39
C ALA A 22 9.83 -8.32 -16.43
N GLY A 23 10.48 -8.13 -17.57
CA GLY A 23 9.87 -7.36 -18.66
C GLY A 23 9.45 -5.97 -18.16
N ASN A 24 9.05 -5.14 -19.13
CA ASN A 24 8.62 -3.80 -18.81
C ASN A 24 7.08 -3.75 -18.77
N THR A 25 6.50 -4.87 -18.36
CA THR A 25 5.06 -4.97 -18.28
C THR A 25 4.57 -4.46 -16.92
N GLY A 26 5.39 -4.66 -15.91
CA GLY A 26 5.05 -4.22 -14.56
C GLY A 26 4.42 -5.36 -13.76
N ARG A 27 4.84 -6.57 -14.09
CA ARG A 27 4.33 -7.75 -13.41
C ARG A 27 5.48 -8.57 -12.84
N VAL A 28 5.35 -8.93 -11.57
CA VAL A 28 6.36 -9.71 -10.90
C VAL A 28 6.17 -11.19 -11.24
N LEU A 29 7.14 -11.73 -11.95
CA LEU A 29 7.10 -13.13 -12.36
C LEU A 29 7.05 -14.01 -11.10
N ALA A 30 7.31 -13.38 -9.97
CA ALA A 30 7.30 -14.10 -8.70
C ALA A 30 8.62 -14.86 -8.54
N LEU A 31 8.92 -15.69 -9.54
CA LEU A 31 10.13 -16.48 -9.52
C LEU A 31 11.29 -15.61 -9.01
N ASP A 32 11.42 -14.44 -9.61
CA ASP A 32 12.48 -13.51 -9.23
C ASP A 32 12.21 -13.01 -7.80
N ALA A 33 10.94 -12.80 -7.52
CA ALA A 33 10.54 -12.32 -6.20
C ALA A 33 11.17 -13.20 -5.12
N ALA A 34 11.04 -14.51 -5.32
CA ALA A 34 11.59 -15.45 -4.37
C ALA A 34 13.11 -15.34 -4.37
N ALA A 35 13.65 -14.89 -5.49
CA ALA A 35 15.09 -14.72 -5.62
C ALA A 35 15.54 -13.51 -4.80
N PHE A 36 14.81 -12.41 -4.97
CA PHE A 36 15.13 -11.20 -4.25
C PHE A 36 14.93 -11.38 -2.75
N LEU A 37 13.84 -12.06 -2.41
CA LEU A 37 13.52 -12.30 -1.01
C LEU A 37 14.75 -12.91 -0.32
N LYS A 38 15.33 -13.90 -0.97
CA LYS A 38 16.50 -14.56 -0.42
C LYS A 38 17.55 -13.52 -0.05
N LYS A 39 17.42 -12.35 -0.66
CA LYS A 39 18.35 -11.26 -0.39
C LYS A 39 17.95 -10.56 0.91
N SER A 40 17.07 -11.22 1.65
CA SER A 40 16.60 -10.68 2.91
C SER A 40 17.52 -11.14 4.05
N GLY A 41 17.40 -12.41 4.39
CA GLY A 41 18.21 -12.98 5.44
C GLY A 41 17.54 -14.22 6.04
N LEU A 42 16.22 -14.19 6.05
CA LEU A 42 15.45 -15.31 6.58
C LEU A 42 15.60 -16.52 5.66
N PRO A 43 15.28 -17.72 6.22
CA PRO A 43 15.38 -18.95 5.46
C PRO A 43 14.23 -19.07 4.46
N ASP A 44 14.14 -20.24 3.85
CA ASP A 44 13.10 -20.50 2.87
C ASP A 44 11.87 -21.07 3.59
N LEU A 45 12.12 -21.67 4.73
CA LEU A 45 11.05 -22.27 5.52
C LEU A 45 10.03 -21.19 5.86
N ILE A 46 10.36 -20.40 6.88
CA ILE A 46 9.47 -19.34 7.32
C ILE A 46 9.01 -18.53 6.11
N LEU A 47 9.92 -18.39 5.15
CA LEU A 47 9.61 -17.66 3.93
C LEU A 47 8.42 -18.31 3.22
N GLY A 48 8.53 -19.62 3.05
CA GLY A 48 7.48 -20.37 2.40
C GLY A 48 6.10 -19.96 2.92
N LYS A 49 6.04 -19.71 4.21
CA LYS A 49 4.80 -19.31 4.85
C LYS A 49 4.37 -17.94 4.31
N ILE A 50 5.36 -17.06 4.16
CA ILE A 50 5.10 -15.73 3.66
C ILE A 50 4.44 -15.82 2.28
N TRP A 51 5.12 -16.51 1.39
CA TRP A 51 4.62 -16.69 0.04
C TRP A 51 3.21 -17.28 0.14
N ASP A 52 3.11 -18.39 0.84
CA ASP A 52 1.84 -19.07 1.02
C ASP A 52 0.76 -18.03 1.35
N LEU A 53 1.12 -17.11 2.22
CA LEU A 53 0.21 -16.06 2.62
C LEU A 53 0.14 -14.98 1.54
N ALA A 54 1.25 -14.85 0.83
CA ALA A 54 1.34 -13.87 -0.24
C ALA A 54 0.45 -14.31 -1.40
N ASP A 55 0.84 -15.42 -2.02
CA ASP A 55 0.09 -15.96 -3.14
C ASP A 55 -1.40 -15.76 -2.89
N THR A 56 -2.06 -15.18 -3.87
CA THR A 56 -3.50 -14.93 -3.77
C THR A 56 -4.11 -14.81 -5.17
N ASP A 57 -3.43 -14.08 -6.03
CA ASP A 57 -3.90 -13.88 -7.38
C ASP A 57 -4.00 -15.23 -8.09
N GLY A 58 -2.97 -16.03 -7.92
CA GLY A 58 -2.92 -17.35 -8.52
C GLY A 58 -2.55 -17.26 -10.01
N LYS A 59 -1.30 -16.89 -10.25
CA LYS A 59 -0.80 -16.77 -11.60
C LYS A 59 0.73 -16.72 -11.59
N GLY A 60 1.30 -17.38 -10.60
CA GLY A 60 2.74 -17.41 -10.45
C GLY A 60 3.35 -16.03 -10.64
N VAL A 61 2.54 -15.02 -10.34
CA VAL A 61 2.99 -13.64 -10.47
C VAL A 61 2.53 -12.84 -9.24
N LEU A 62 3.39 -11.93 -8.82
CA LEU A 62 3.09 -11.10 -7.68
C LEU A 62 2.57 -9.74 -8.15
N SER A 63 2.15 -8.92 -7.19
CA SER A 63 1.63 -7.60 -7.50
C SER A 63 2.27 -6.56 -6.58
N LYS A 64 2.02 -5.30 -6.89
CA LYS A 64 2.56 -4.21 -6.11
C LYS A 64 2.34 -4.50 -4.63
N GLN A 65 1.17 -4.09 -4.14
CA GLN A 65 0.83 -4.30 -2.75
C GLN A 65 1.33 -5.66 -2.27
N GLU A 66 0.90 -6.69 -2.97
CA GLU A 66 1.30 -8.06 -2.63
C GLU A 66 2.79 -8.09 -2.30
N PHE A 67 3.60 -7.97 -3.35
CA PHE A 67 5.04 -7.99 -3.19
C PHE A 67 5.49 -7.03 -2.08
N PHE A 68 4.79 -5.90 -2.01
CA PHE A 68 5.10 -4.90 -1.00
C PHE A 68 4.69 -5.37 0.39
N VAL A 69 3.80 -6.36 0.42
CA VAL A 69 3.33 -6.91 1.67
C VAL A 69 4.34 -7.93 2.19
N ALA A 70 4.62 -8.92 1.35
CA ALA A 70 5.56 -9.97 1.72
C ALA A 70 6.86 -9.33 2.21
N LEU A 71 7.35 -8.37 1.44
CA LEU A 71 8.56 -7.67 1.79
C LEU A 71 8.52 -7.25 3.26
N ARG A 72 7.61 -6.33 3.54
CA ARG A 72 7.45 -5.84 4.90
C ARG A 72 7.18 -7.01 5.86
N LEU A 73 6.52 -8.02 5.33
CA LEU A 73 6.20 -9.19 6.12
C LEU A 73 7.48 -9.78 6.71
N VAL A 74 8.52 -9.81 5.88
CA VAL A 74 9.80 -10.34 6.32
C VAL A 74 10.27 -9.58 7.55
N ALA A 75 10.02 -8.28 7.54
CA ALA A 75 10.42 -7.43 8.65
C ALA A 75 9.66 -7.86 9.91
N CYS A 76 8.61 -8.65 9.69
CA CYS A 76 7.80 -9.13 10.79
C CYS A 76 8.57 -10.25 11.50
N ALA A 77 8.65 -11.39 10.83
CA ALA A 77 9.34 -12.54 11.37
C ALA A 77 10.70 -12.09 11.92
N GLN A 78 11.19 -10.99 11.36
CA GLN A 78 12.48 -10.46 11.79
C GLN A 78 12.46 -10.15 13.28
N ASN A 79 11.25 -9.98 13.80
CA ASN A 79 11.08 -9.68 15.22
C ASN A 79 10.67 -10.96 15.95
N GLY A 80 10.06 -11.87 15.20
CA GLY A 80 9.61 -13.12 15.77
C GLY A 80 8.08 -13.23 15.73
N LEU A 81 7.47 -12.27 15.06
CA LEU A 81 6.02 -12.24 14.94
C LEU A 81 5.58 -13.27 13.90
N GLU A 82 4.31 -13.64 13.98
CA GLU A 82 3.75 -14.60 13.05
C GLU A 82 4.18 -14.27 11.62
N VAL A 83 4.05 -15.27 10.75
CA VAL A 83 4.42 -15.10 9.36
C VAL A 83 3.16 -14.84 8.53
N SER A 84 2.03 -14.79 9.22
CA SER A 84 0.76 -14.54 8.57
C SER A 84 0.43 -13.05 8.61
N LEU A 85 -0.55 -12.68 7.78
CA LEU A 85 -0.97 -11.28 7.71
C LEU A 85 -1.40 -10.82 9.11
N SER A 86 -1.69 -11.80 9.96
CA SER A 86 -2.11 -11.49 11.32
C SER A 86 -0.96 -10.85 12.10
N SER A 87 0.20 -10.84 11.47
CA SER A 87 1.38 -10.25 12.09
C SER A 87 1.61 -8.85 11.55
N LEU A 88 0.93 -8.55 10.45
CA LEU A 88 1.05 -7.24 9.83
C LEU A 88 0.05 -6.29 10.47
N SER A 89 0.06 -5.04 9.99
CA SER A 89 -0.84 -4.03 10.50
C SER A 89 -0.35 -3.55 11.87
N LEU A 90 0.80 -4.07 12.28
CA LEU A 90 1.38 -3.70 13.55
C LEU A 90 2.63 -2.85 13.32
N ALA A 91 3.40 -2.67 14.38
CA ALA A 91 4.62 -1.89 14.30
C ALA A 91 5.83 -2.82 14.19
N VAL A 92 5.95 -3.44 13.03
CA VAL A 92 7.04 -4.37 12.78
C VAL A 92 8.34 -3.58 12.61
N PRO A 93 9.47 -4.25 12.97
CA PRO A 93 10.77 -3.62 12.86
C PRO A 93 11.24 -3.56 11.40
N PRO A 94 12.39 -2.88 11.20
CA PRO A 94 12.95 -2.74 9.86
C PRO A 94 13.59 -4.05 9.40
N PRO A 95 13.47 -4.32 8.07
CA PRO A 95 14.04 -5.53 7.50
C PRO A 95 15.55 -5.42 7.37
N ARG A 96 16.11 -6.30 6.56
CA ARG A 96 17.56 -6.31 6.34
C ARG A 96 17.89 -5.61 5.02
N PHE A 97 16.97 -5.71 4.08
CA PHE A 97 17.16 -5.10 2.78
C PHE A 97 17.83 -3.73 2.91
N HIS A 98 18.38 -3.27 1.79
CA HIS A 98 19.07 -1.98 1.77
C HIS A 98 18.03 -0.86 1.94
N ASP A 99 18.54 0.35 2.09
CA ASP A 99 17.69 1.51 2.27
C ASP A 99 16.85 1.70 1.01
N LEU A 1 -3.89 0.15 1.51
CA LEU A 1 -4.31 0.23 0.11
C LEU A 1 -3.07 0.30 -0.77
N SER A 2 -3.13 1.19 -1.75
CA SER A 2 -2.02 1.37 -2.68
C SER A 2 -0.97 2.30 -2.07
N LEU A 3 0.07 2.55 -2.85
CA LEU A 3 1.15 3.42 -2.39
C LEU A 3 0.56 4.77 -1.94
N THR A 4 -0.49 5.18 -2.64
CA THR A 4 -1.15 6.43 -2.33
C THR A 4 -1.42 6.53 -0.82
N GLN A 5 -1.99 5.45 -0.29
CA GLN A 5 -2.31 5.40 1.13
C GLN A 5 -1.04 5.17 1.95
N LEU A 6 -0.13 4.40 1.37
CA LEU A 6 1.13 4.09 2.03
C LEU A 6 1.73 5.37 2.61
N SER A 7 1.69 6.42 1.80
CA SER A 7 2.22 7.72 2.21
C SER A 7 1.83 8.78 1.20
N SER A 8 0.52 8.92 0.98
CA SER A 8 0.01 9.89 0.04
C SER A 8 0.60 9.64 -1.35
N GLY A 9 1.16 8.45 -1.52
CA GLY A 9 1.75 8.08 -2.79
C GLY A 9 3.10 8.77 -2.98
N ASN A 10 3.79 8.99 -1.87
CA ASN A 10 5.09 9.63 -1.91
C ASN A 10 5.96 8.93 -2.95
N PRO A 11 6.37 9.73 -3.98
CA PRO A 11 7.21 9.20 -5.05
C PRO A 11 8.66 9.03 -4.57
N VAL A 12 9.00 9.79 -3.54
CA VAL A 12 10.35 9.73 -2.99
C VAL A 12 10.79 8.26 -2.90
N TYR A 13 9.93 7.45 -2.31
CA TYR A 13 10.22 6.03 -2.16
C TYR A 13 10.29 5.34 -3.53
N GLU A 14 9.47 5.82 -4.44
CA GLU A 14 9.42 5.25 -5.78
C GLU A 14 10.82 5.30 -6.42
N LYS A 15 11.55 6.35 -6.08
CA LYS A 15 12.89 6.51 -6.61
C LYS A 15 13.74 5.30 -6.23
N TYR A 16 13.60 4.88 -4.98
CA TYR A 16 14.33 3.74 -4.47
C TYR A 16 13.76 2.43 -5.01
N TYR A 17 12.43 2.32 -4.94
CA TYR A 17 11.75 1.14 -5.41
C TYR A 17 12.11 0.84 -6.87
N ARG A 18 12.57 1.87 -7.56
CA ARG A 18 12.95 1.74 -8.95
C ARG A 18 14.45 1.44 -9.07
N GLN A 19 15.18 1.81 -8.02
CA GLN A 19 16.62 1.60 -7.99
C GLN A 19 16.92 0.09 -8.06
N VAL A 20 16.08 -0.68 -7.37
CA VAL A 20 16.25 -2.12 -7.34
C VAL A 20 15.76 -2.71 -8.67
N GLU A 21 14.64 -2.20 -9.13
CA GLU A 21 14.06 -2.66 -10.38
C GLU A 21 15.16 -2.90 -11.42
N ALA A 22 14.96 -3.94 -12.22
CA ALA A 22 15.92 -4.28 -13.25
C ALA A 22 15.30 -4.05 -14.63
N GLY A 23 16.05 -3.38 -15.48
CA GLY A 23 15.58 -3.08 -16.83
C GLY A 23 14.74 -1.80 -16.84
N ASN A 24 14.10 -1.56 -17.98
CA ASN A 24 13.26 -0.38 -18.14
C ASN A 24 11.82 -0.82 -18.38
N THR A 25 11.38 -1.76 -17.55
CA THR A 25 10.02 -2.27 -17.66
C THR A 25 9.15 -1.72 -16.53
N GLY A 26 9.82 -1.26 -15.48
CA GLY A 26 9.12 -0.70 -14.34
C GLY A 26 8.71 -1.80 -13.36
N ARG A 27 9.14 -3.02 -13.67
CA ARG A 27 8.82 -4.16 -12.83
C ARG A 27 10.03 -4.53 -11.96
N VAL A 28 9.77 -4.68 -10.67
CA VAL A 28 10.82 -5.04 -9.73
C VAL A 28 11.01 -6.55 -9.73
N LEU A 29 12.11 -6.98 -10.33
CA LEU A 29 12.42 -8.41 -10.40
C LEU A 29 12.43 -8.99 -8.99
N ALA A 30 12.53 -8.10 -8.01
CA ALA A 30 12.55 -8.51 -6.61
C ALA A 30 13.98 -8.87 -6.22
N LEU A 31 14.60 -9.72 -7.03
CA LEU A 31 15.96 -10.14 -6.77
C LEU A 31 16.78 -8.95 -6.29
N ASP A 32 16.68 -7.86 -7.05
CA ASP A 32 17.40 -6.64 -6.71
C ASP A 32 16.85 -6.07 -5.41
N ALA A 33 15.52 -6.09 -5.31
CA ALA A 33 14.86 -5.57 -4.13
C ALA A 33 15.55 -6.11 -2.88
N ALA A 34 15.72 -7.41 -2.84
CA ALA A 34 16.37 -8.05 -1.71
C ALA A 34 17.79 -7.51 -1.57
N ALA A 35 18.36 -7.13 -2.70
CA ALA A 35 19.71 -6.59 -2.72
C ALA A 35 19.73 -5.25 -1.98
N PHE A 36 18.83 -4.37 -2.40
CA PHE A 36 18.73 -3.05 -1.79
C PHE A 36 18.29 -3.16 -0.33
N LEU A 37 17.39 -4.10 -0.08
CA LEU A 37 16.88 -4.32 1.26
C LEU A 37 18.05 -4.56 2.22
N LYS A 38 18.91 -5.49 1.80
CA LYS A 38 20.08 -5.83 2.60
C LYS A 38 20.78 -4.55 3.05
N LYS A 39 20.56 -3.49 2.29
CA LYS A 39 21.17 -2.21 2.59
C LYS A 39 20.35 -1.50 3.67
N SER A 40 19.62 -2.31 4.44
CA SER A 40 18.79 -1.78 5.50
C SER A 40 19.57 -1.77 6.82
N GLY A 41 19.68 -2.95 7.41
CA GLY A 41 20.40 -3.09 8.67
C GLY A 41 20.01 -4.40 9.38
N LEU A 42 18.78 -4.82 9.11
CA LEU A 42 18.27 -6.04 9.72
C LEU A 42 19.05 -7.24 9.17
N PRO A 43 18.96 -8.37 9.91
CA PRO A 43 19.65 -9.59 9.50
C PRO A 43 18.93 -10.26 8.33
N ASP A 44 19.60 -11.26 7.76
CA ASP A 44 19.03 -11.98 6.63
C ASP A 44 17.93 -12.92 7.13
N LEU A 45 18.15 -13.46 8.32
CA LEU A 45 17.20 -14.37 8.92
C LEU A 45 15.86 -13.65 9.09
N ILE A 46 15.90 -12.61 9.91
CA ILE A 46 14.69 -11.82 10.18
C ILE A 46 14.14 -11.30 8.86
N LEU A 47 15.04 -10.96 7.96
CA LEU A 47 14.66 -10.45 6.66
C LEU A 47 13.84 -11.51 5.91
N GLY A 48 14.41 -12.71 5.85
CA GLY A 48 13.75 -13.82 5.17
C GLY A 48 12.27 -13.86 5.52
N LYS A 49 11.98 -13.57 6.78
CA LYS A 49 10.61 -13.57 7.26
C LYS A 49 9.82 -12.47 6.56
N ILE A 50 10.47 -11.32 6.42
CA ILE A 50 9.85 -10.18 5.77
C ILE A 50 9.40 -10.59 4.37
N TRP A 51 10.36 -11.06 3.59
CA TRP A 51 10.07 -11.47 2.22
C TRP A 51 8.95 -12.52 2.27
N ASP A 52 9.20 -13.57 3.04
CA ASP A 52 8.23 -14.64 3.18
C ASP A 52 6.86 -14.04 3.47
N LEU A 53 6.87 -12.90 4.15
CA LEU A 53 5.63 -12.22 4.49
C LEU A 53 5.23 -11.29 3.34
N ALA A 54 6.24 -10.83 2.62
CA ALA A 54 6.01 -9.93 1.50
C ALA A 54 5.48 -10.74 0.31
N ASP A 55 6.33 -11.65 -0.16
CA ASP A 55 5.97 -12.49 -1.28
C ASP A 55 4.49 -12.87 -1.18
N THR A 56 3.76 -12.58 -2.26
CA THR A 56 2.34 -12.88 -2.29
C THR A 56 1.88 -13.09 -3.74
N ASP A 57 2.34 -12.20 -4.60
CA ASP A 57 1.98 -12.27 -6.01
C ASP A 57 2.50 -13.58 -6.59
N GLY A 58 3.73 -13.90 -6.24
CA GLY A 58 4.35 -15.12 -6.72
C GLY A 58 5.44 -14.82 -7.76
N LYS A 59 6.09 -15.88 -8.21
CA LYS A 59 7.15 -15.74 -9.21
C LYS A 59 8.39 -15.17 -8.53
N GLY A 60 8.25 -13.96 -8.02
CA GLY A 60 9.36 -13.28 -7.35
C GLY A 60 9.21 -11.76 -7.44
N VAL A 61 8.98 -11.29 -8.66
CA VAL A 61 8.82 -9.87 -8.90
C VAL A 61 8.02 -9.26 -7.75
N LEU A 62 8.29 -7.98 -7.49
CA LEU A 62 7.59 -7.27 -6.43
C LEU A 62 6.51 -6.38 -7.04
N SER A 63 5.59 -5.96 -6.19
CA SER A 63 4.50 -5.10 -6.63
C SER A 63 4.69 -3.69 -6.08
N LYS A 64 3.61 -2.92 -6.09
CA LYS A 64 3.64 -1.56 -5.60
C LYS A 64 3.86 -1.57 -4.09
N GLN A 65 2.76 -1.42 -3.36
CA GLN A 65 2.81 -1.41 -1.91
C GLN A 65 3.70 -2.54 -1.41
N GLU A 66 3.67 -3.65 -2.13
CA GLU A 66 4.47 -4.81 -1.77
C GLU A 66 5.85 -4.37 -1.29
N PHE A 67 6.65 -3.90 -2.22
CA PHE A 67 8.00 -3.45 -1.90
C PHE A 67 7.97 -2.35 -0.85
N PHE A 68 7.11 -1.36 -1.10
CA PHE A 68 6.97 -0.25 -0.18
C PHE A 68 6.68 -0.74 1.25
N VAL A 69 6.08 -1.91 1.31
CA VAL A 69 5.75 -2.50 2.60
C VAL A 69 7.01 -3.04 3.26
N ALA A 70 7.67 -3.96 2.55
CA ALA A 70 8.89 -4.57 3.06
C ALA A 70 9.80 -3.46 3.61
N LEU A 71 9.64 -2.27 3.05
CA LEU A 71 10.44 -1.14 3.47
C LEU A 71 10.14 -0.82 4.94
N ARG A 72 9.00 -0.17 5.15
CA ARG A 72 8.59 0.20 6.49
C ARG A 72 8.68 -1.02 7.42
N LEU A 73 8.32 -2.17 6.89
CA LEU A 73 8.36 -3.40 7.65
C LEU A 73 9.69 -3.50 8.40
N VAL A 74 10.76 -3.30 7.65
CA VAL A 74 12.10 -3.35 8.23
C VAL A 74 12.24 -2.25 9.29
N ALA A 75 11.78 -1.07 8.92
CA ALA A 75 11.85 0.06 9.83
C ALA A 75 11.14 -0.28 11.14
N CYS A 76 10.17 -1.20 11.02
CA CYS A 76 9.41 -1.62 12.18
C CYS A 76 10.30 -2.55 13.02
N ALA A 77 10.67 -3.67 12.43
CA ALA A 77 11.51 -4.64 13.11
C ALA A 77 12.84 -3.98 13.50
N GLN A 78 13.12 -2.86 12.83
CA GLN A 78 14.35 -2.13 13.08
C GLN A 78 14.40 -1.66 14.54
N ASN A 79 13.24 -1.75 15.19
CA ASN A 79 13.15 -1.35 16.59
C ASN A 79 13.20 -2.59 17.48
N GLY A 80 13.11 -3.74 16.84
CA GLY A 80 13.13 -5.01 17.56
C GLY A 80 11.74 -5.59 17.70
N LEU A 81 10.78 -4.92 17.08
CA LEU A 81 9.40 -5.37 17.12
C LEU A 81 9.21 -6.52 16.15
N GLU A 82 8.02 -7.10 16.18
CA GLU A 82 7.69 -8.22 15.31
C GLU A 82 8.20 -7.95 13.89
N VAL A 83 8.20 -9.00 13.10
CA VAL A 83 8.66 -8.89 11.72
C VAL A 83 7.49 -9.16 10.77
N SER A 84 6.39 -9.63 11.36
CA SER A 84 5.20 -9.94 10.58
C SER A 84 4.25 -8.75 10.60
N LEU A 85 3.42 -8.67 9.56
CA LEU A 85 2.46 -7.58 9.46
C LEU A 85 1.43 -7.71 10.58
N SER A 86 1.27 -8.93 11.07
CA SER A 86 0.33 -9.19 12.14
C SER A 86 0.65 -8.31 13.35
N SER A 87 1.87 -7.78 13.35
CA SER A 87 2.30 -6.91 14.44
C SER A 87 2.77 -5.57 13.87
N LEU A 88 2.15 -5.18 12.77
CA LEU A 88 2.49 -3.93 12.12
C LEU A 88 1.42 -2.88 12.46
N SER A 89 1.58 -1.71 11.86
CA SER A 89 0.64 -0.63 12.08
C SER A 89 0.85 -0.03 13.48
N LEU A 90 2.11 -0.02 13.91
CA LEU A 90 2.45 0.50 15.22
C LEU A 90 3.36 1.72 15.04
N ALA A 91 4.07 2.05 16.12
CA ALA A 91 4.98 3.17 16.09
C ALA A 91 6.27 2.78 15.38
N VAL A 92 6.11 2.30 14.16
CA VAL A 92 7.25 1.88 13.36
C VAL A 92 8.23 3.06 13.21
N PRO A 93 9.46 2.85 13.73
CA PRO A 93 10.48 3.88 13.65
C PRO A 93 11.06 3.98 12.24
N PRO A 94 11.96 4.98 12.06
CA PRO A 94 12.59 5.21 10.76
C PRO A 94 13.65 4.15 10.48
N PRO A 95 13.69 3.68 9.21
CA PRO A 95 14.65 2.67 8.81
C PRO A 95 16.04 3.29 8.65
N ARG A 96 16.91 2.54 7.98
CA ARG A 96 18.27 2.99 7.76
C ARG A 96 18.41 3.57 6.34
N PHE A 97 17.61 3.02 5.43
CA PHE A 97 17.63 3.46 4.05
C PHE A 97 17.82 4.98 3.96
N HIS A 98 18.24 5.42 2.78
CA HIS A 98 18.46 6.84 2.56
C HIS A 98 17.12 7.57 2.53
N ASP A 99 17.20 8.88 2.45
CA ASP A 99 16.00 9.71 2.41
C ASP A 99 16.39 11.16 2.12
N LEU A 1 -3.89 0.15 1.51
CA LEU A 1 -4.31 0.23 0.11
C LEU A 1 -3.94 1.61 -0.44
N SER A 2 -4.43 1.87 -1.65
CA SER A 2 -4.17 3.14 -2.30
C SER A 2 -4.33 4.29 -1.30
N LEU A 3 -3.59 5.36 -1.55
CA LEU A 3 -3.64 6.52 -0.68
C LEU A 3 -5.09 6.78 -0.27
N THR A 4 -5.99 6.54 -1.21
CA THR A 4 -7.41 6.74 -0.96
C THR A 4 -7.84 5.95 0.28
N GLN A 5 -7.84 4.64 0.13
CA GLN A 5 -8.23 3.76 1.22
C GLN A 5 -7.33 3.99 2.44
N LEU A 6 -6.07 4.28 2.16
CA LEU A 6 -5.10 4.52 3.20
C LEU A 6 -5.72 5.42 4.27
N SER A 7 -6.43 6.44 3.80
CA SER A 7 -7.08 7.38 4.69
C SER A 7 -8.11 8.21 3.93
N SER A 8 -9.10 7.51 3.39
CA SER A 8 -10.16 8.16 2.63
C SER A 8 -9.55 9.24 1.73
N GLY A 9 -8.30 9.02 1.34
CA GLY A 9 -7.60 9.95 0.47
C GLY A 9 -7.29 11.25 1.21
N ASN A 10 -6.73 11.09 2.40
CA ASN A 10 -6.37 12.25 3.22
C ASN A 10 -4.99 12.75 2.80
N PRO A 11 -4.97 14.00 2.27
CA PRO A 11 -3.72 14.61 1.83
C PRO A 11 -2.89 15.07 3.03
N VAL A 12 -3.43 14.84 4.22
CA VAL A 12 -2.75 15.22 5.44
C VAL A 12 -1.39 14.52 5.50
N TYR A 13 -1.39 13.26 5.08
CA TYR A 13 -0.16 12.48 5.08
C TYR A 13 0.85 13.05 4.09
N GLU A 14 0.33 13.59 3.00
CA GLU A 14 1.17 14.16 1.96
C GLU A 14 2.12 15.20 2.57
N LYS A 15 1.62 15.89 3.58
CA LYS A 15 2.39 16.91 4.25
C LYS A 15 3.63 16.26 4.89
N TYR A 16 3.43 15.07 5.41
CA TYR A 16 4.52 14.34 6.05
C TYR A 16 5.42 13.69 5.01
N TYR A 17 4.79 13.02 4.05
CA TYR A 17 5.52 12.35 2.99
C TYR A 17 6.47 13.32 2.29
N ARG A 18 6.14 14.59 2.36
CA ARG A 18 6.95 15.63 1.74
C ARG A 18 7.95 16.19 2.75
N GLN A 19 7.62 16.03 4.02
CA GLN A 19 8.48 16.51 5.09
C GLN A 19 9.84 15.82 5.03
N VAL A 20 9.81 14.54 4.68
CA VAL A 20 11.03 13.76 4.58
C VAL A 20 11.70 14.02 3.24
N GLU A 21 10.87 14.41 2.27
CA GLU A 21 11.37 14.69 0.93
C GLU A 21 12.56 15.65 1.01
N ALA A 22 13.52 15.42 0.11
CA ALA A 22 14.71 16.26 0.06
C ALA A 22 14.81 16.91 -1.31
N GLY A 23 15.32 18.14 -1.32
CA GLY A 23 15.49 18.87 -2.55
C GLY A 23 14.15 19.49 -3.00
N ASN A 24 14.18 20.09 -4.18
CA ASN A 24 12.99 20.72 -4.73
C ASN A 24 12.55 19.95 -5.98
N THR A 25 12.61 18.63 -5.88
CA THR A 25 12.22 17.78 -6.99
C THR A 25 10.86 17.15 -6.72
N GLY A 26 10.54 17.01 -5.44
CA GLY A 26 9.28 16.42 -5.04
C GLY A 26 9.38 14.90 -4.97
N ARG A 27 10.57 14.43 -4.62
CA ARG A 27 10.81 13.00 -4.52
C ARG A 27 11.38 12.65 -3.14
N VAL A 28 10.87 11.57 -2.59
CA VAL A 28 11.31 11.12 -1.28
C VAL A 28 12.61 10.33 -1.44
N LEU A 29 13.72 10.99 -1.09
CA LEU A 29 15.02 10.36 -1.17
C LEU A 29 15.00 9.03 -0.43
N ALA A 30 14.00 8.89 0.43
CA ALA A 30 13.85 7.68 1.22
C ALA A 30 14.69 7.80 2.50
N LEU A 31 15.97 8.08 2.31
CA LEU A 31 16.88 8.23 3.43
C LEU A 31 16.19 9.04 4.54
N ASP A 32 15.71 10.21 4.15
CA ASP A 32 15.04 11.07 5.10
C ASP A 32 13.84 10.34 5.70
N ALA A 33 13.11 9.65 4.83
CA ALA A 33 11.94 8.90 5.26
C ALA A 33 12.30 8.08 6.50
N ALA A 34 13.38 7.31 6.39
CA ALA A 34 13.83 6.48 7.48
C ALA A 34 14.01 7.35 8.73
N ALA A 35 14.34 8.60 8.49
CA ALA A 35 14.55 9.55 9.59
C ALA A 35 13.20 9.86 10.24
N PHE A 36 12.27 10.32 9.42
CA PHE A 36 10.94 10.66 9.91
C PHE A 36 10.28 9.45 10.57
N LEU A 37 10.57 8.28 10.02
CA LEU A 37 10.00 7.05 10.55
C LEU A 37 10.60 6.77 11.92
N LYS A 38 11.92 6.92 12.01
CA LYS A 38 12.63 6.69 13.26
C LYS A 38 11.98 7.51 14.37
N LYS A 39 11.23 8.53 13.95
CA LYS A 39 10.55 9.39 14.89
C LYS A 39 9.32 8.68 15.46
N SER A 40 9.12 7.45 14.98
CA SER A 40 8.00 6.65 15.43
C SER A 40 8.19 6.25 16.89
N GLY A 41 9.32 5.60 17.15
CA GLY A 41 9.63 5.15 18.50
C GLY A 41 10.29 3.78 18.48
N LEU A 42 9.86 2.96 17.52
CA LEU A 42 10.41 1.62 17.38
C LEU A 42 11.90 1.71 17.05
N PRO A 43 12.58 0.53 17.20
CA PRO A 43 14.01 0.47 16.93
C PRO A 43 14.27 0.47 15.42
N ASP A 44 15.49 0.08 15.07
CA ASP A 44 15.87 0.03 13.67
C ASP A 44 15.74 -1.41 13.16
N LEU A 45 15.84 -2.34 14.10
CA LEU A 45 15.73 -3.76 13.75
C LEU A 45 14.35 -4.02 13.13
N ILE A 46 13.33 -3.84 13.95
CA ILE A 46 11.96 -4.05 13.49
C ILE A 46 11.70 -3.19 12.25
N LEU A 47 12.30 -2.01 12.25
CA LEU A 47 12.14 -1.09 11.14
C LEU A 47 12.75 -1.71 9.88
N GLY A 48 13.96 -2.22 10.04
CA GLY A 48 14.66 -2.84 8.93
C GLY A 48 13.71 -3.72 8.10
N LYS A 49 12.89 -4.47 8.81
CA LYS A 49 11.92 -5.35 8.16
C LYS A 49 10.94 -4.52 7.36
N ILE A 50 10.50 -3.41 7.95
CA ILE A 50 9.57 -2.52 7.31
C ILE A 50 10.16 -2.05 5.98
N TRP A 51 11.32 -1.43 6.06
CA TRP A 51 12.00 -0.92 4.89
C TRP A 51 12.19 -2.09 3.92
N ASP A 52 12.79 -3.15 4.43
CA ASP A 52 13.05 -4.33 3.63
C ASP A 52 11.80 -4.66 2.80
N LEU A 53 10.66 -4.69 3.48
CA LEU A 53 9.40 -4.98 2.82
C LEU A 53 8.96 -3.75 2.02
N ALA A 54 9.39 -2.59 2.49
CA ALA A 54 9.04 -1.34 1.83
C ALA A 54 9.63 -1.34 0.42
N ASP A 55 10.95 -1.47 0.36
CA ASP A 55 11.64 -1.48 -0.92
C ASP A 55 10.80 -2.25 -1.94
N THR A 56 10.55 -1.59 -3.06
CA THR A 56 9.77 -2.21 -4.12
C THR A 56 10.17 -1.63 -5.48
N ASP A 57 10.30 -0.31 -5.52
CA ASP A 57 10.67 0.38 -6.74
C ASP A 57 11.97 -0.22 -7.28
N GLY A 58 12.97 -0.28 -6.40
CA GLY A 58 14.26 -0.82 -6.77
C GLY A 58 15.26 0.30 -7.07
N LYS A 59 15.60 1.04 -6.02
CA LYS A 59 16.53 2.14 -6.17
C LYS A 59 16.80 2.75 -4.80
N GLY A 60 15.73 3.25 -4.19
CA GLY A 60 15.83 3.87 -2.87
C GLY A 60 14.66 4.82 -2.62
N VAL A 61 14.59 5.86 -3.43
CA VAL A 61 13.53 6.85 -3.30
C VAL A 61 12.21 6.13 -3.02
N LEU A 62 11.37 6.79 -2.24
CA LEU A 62 10.08 6.23 -1.88
C LEU A 62 9.00 6.86 -2.77
N SER A 63 7.81 6.28 -2.70
CA SER A 63 6.69 6.77 -3.47
C SER A 63 5.49 7.06 -2.56
N LYS A 64 4.38 7.40 -3.18
CA LYS A 64 3.17 7.70 -2.44
C LYS A 64 2.83 6.51 -1.54
N GLN A 65 2.06 5.58 -2.11
CA GLN A 65 1.65 4.40 -1.37
C GLN A 65 2.83 3.84 -0.57
N GLU A 66 3.95 3.66 -1.26
CA GLU A 66 5.15 3.14 -0.64
C GLU A 66 5.31 3.73 0.76
N PHE A 67 5.67 5.00 0.80
CA PHE A 67 5.87 5.69 2.06
C PHE A 67 4.60 5.63 2.92
N PHE A 68 3.48 5.86 2.27
CA PHE A 68 2.19 5.83 2.96
C PHE A 68 1.95 4.46 3.60
N VAL A 69 2.71 3.49 3.14
CA VAL A 69 2.58 2.13 3.66
C VAL A 69 3.51 1.97 4.87
N ALA A 70 4.79 2.27 4.65
CA ALA A 70 5.77 2.16 5.70
C ALA A 70 5.23 2.81 6.97
N LEU A 71 4.36 3.79 6.77
CA LEU A 71 3.76 4.49 7.90
C LEU A 71 2.97 3.50 8.76
N ARG A 72 1.78 3.17 8.27
CA ARG A 72 0.93 2.24 8.97
C ARG A 72 1.70 0.98 9.36
N LEU A 73 2.57 0.56 8.46
CA LEU A 73 3.39 -0.62 8.69
C LEU A 73 3.98 -0.56 10.10
N VAL A 74 4.56 0.60 10.41
CA VAL A 74 5.15 0.79 11.72
C VAL A 74 4.08 0.65 12.80
N ALA A 75 2.91 1.20 12.51
CA ALA A 75 1.80 1.15 13.44
C ALA A 75 1.39 -0.31 13.65
N CYS A 76 1.78 -1.14 12.70
CA CYS A 76 1.46 -2.55 12.76
C CYS A 76 2.29 -3.19 13.88
N ALA A 77 3.59 -3.27 13.65
CA ALA A 77 4.49 -3.85 14.63
C ALA A 77 4.36 -3.09 15.94
N GLN A 78 3.88 -1.86 15.84
CA GLN A 78 3.70 -1.03 17.02
C GLN A 78 2.84 -1.74 18.05
N ASN A 79 1.96 -2.61 17.55
CA ASN A 79 1.07 -3.35 18.41
C ASN A 79 1.61 -4.78 18.59
N GLY A 80 2.50 -5.15 17.68
CA GLY A 80 3.11 -6.47 17.71
C GLY A 80 2.74 -7.27 16.47
N LEU A 81 2.15 -6.58 15.51
CA LEU A 81 1.74 -7.21 14.27
C LEU A 81 2.97 -7.41 13.38
N GLU A 82 2.87 -8.40 12.50
CA GLU A 82 3.97 -8.71 11.60
C GLU A 82 4.52 -7.42 10.99
N VAL A 83 5.68 -7.56 10.35
CA VAL A 83 6.32 -6.41 9.72
C VAL A 83 6.25 -6.57 8.20
N SER A 84 5.75 -7.72 7.77
CA SER A 84 5.63 -8.00 6.35
C SER A 84 4.22 -7.65 5.87
N LEU A 85 4.12 -7.37 4.58
CA LEU A 85 2.84 -7.02 3.98
C LEU A 85 1.87 -8.20 4.13
N SER A 86 2.45 -9.37 4.32
CA SER A 86 1.65 -10.57 4.47
C SER A 86 0.69 -10.42 5.66
N SER A 87 0.99 -9.43 6.49
CA SER A 87 0.16 -9.17 7.66
C SER A 87 -0.35 -7.73 7.62
N LEU A 88 -0.49 -7.22 6.40
CA LEU A 88 -0.98 -5.86 6.21
C LEU A 88 -2.38 -5.91 5.61
N SER A 89 -2.90 -4.72 5.30
CA SER A 89 -4.23 -4.61 4.73
C SER A 89 -5.28 -4.77 5.81
N LEU A 90 -4.86 -4.52 7.05
CA LEU A 90 -5.76 -4.63 8.18
C LEU A 90 -6.03 -3.23 8.75
N ALA A 91 -6.56 -3.22 9.96
CA ALA A 91 -6.88 -1.96 10.62
C ALA A 91 -5.78 -1.64 11.65
N VAL A 92 -4.58 -1.45 11.13
CA VAL A 92 -3.44 -1.13 12.00
C VAL A 92 -3.84 -0.02 12.97
N PRO A 93 -3.24 -0.10 14.18
CA PRO A 93 -3.52 0.90 15.22
C PRO A 93 -2.82 2.21 14.91
N PRO A 94 -3.09 3.23 15.78
CA PRO A 94 -2.49 4.54 15.60
C PRO A 94 -1.02 4.53 16.02
N PRO A 95 -0.16 5.04 15.09
CA PRO A 95 1.28 5.10 15.36
C PRO A 95 1.61 6.22 16.34
N ARG A 96 2.88 6.60 16.34
CA ARG A 96 3.34 7.65 17.23
C ARG A 96 3.44 8.98 16.46
N PHE A 97 3.72 8.86 15.18
CA PHE A 97 3.84 10.04 14.33
C PHE A 97 2.75 11.05 14.64
N HIS A 98 2.94 12.26 14.12
CA HIS A 98 1.98 13.32 14.33
C HIS A 98 0.65 12.96 13.66
N ASP A 99 -0.35 13.80 13.91
CA ASP A 99 -1.66 13.58 13.34
C ASP A 99 -2.16 12.19 13.73
N LEU A 1 -3.89 0.15 1.51
CA LEU A 1 -4.31 0.23 0.11
C LEU A 1 -3.23 -0.40 -0.77
N SER A 2 -2.99 0.25 -1.90
CA SER A 2 -1.99 -0.24 -2.83
C SER A 2 -0.77 -0.77 -2.08
N LEU A 3 -0.04 -1.65 -2.74
CA LEU A 3 1.15 -2.24 -2.14
C LEU A 3 1.96 -1.14 -1.43
N THR A 4 2.04 0.00 -2.10
CA THR A 4 2.77 1.13 -1.55
C THR A 4 2.23 1.50 -0.16
N GLN A 5 0.91 1.45 -0.06
CA GLN A 5 0.25 1.78 1.20
C GLN A 5 0.37 0.62 2.18
N LEU A 6 0.28 -0.59 1.64
CA LEU A 6 0.38 -1.79 2.45
C LEU A 6 1.52 -1.63 3.45
N SER A 7 2.65 -1.13 2.95
CA SER A 7 3.81 -0.92 3.78
C SER A 7 4.87 -0.13 3.01
N SER A 8 4.48 1.06 2.58
CA SER A 8 5.39 1.92 1.83
C SER A 8 5.92 1.17 0.61
N GLY A 9 5.19 0.15 0.21
CA GLY A 9 5.58 -0.66 -0.93
C GLY A 9 6.83 -1.49 -0.62
N ASN A 10 6.75 -2.21 0.49
CA ASN A 10 7.86 -3.05 0.90
C ASN A 10 7.90 -4.30 0.03
N PRO A 11 9.10 -4.56 -0.56
CA PRO A 11 9.28 -5.73 -1.42
C PRO A 11 9.38 -7.00 -0.58
N VAL A 12 9.29 -6.83 0.73
CA VAL A 12 9.38 -7.96 1.64
C VAL A 12 8.25 -8.94 1.33
N TYR A 13 7.06 -8.40 1.16
CA TYR A 13 5.90 -9.21 0.86
C TYR A 13 6.03 -9.86 -0.53
N GLU A 14 6.65 -9.13 -1.42
CA GLU A 14 6.85 -9.62 -2.78
C GLU A 14 7.58 -10.96 -2.76
N LYS A 15 8.50 -11.09 -1.81
CA LYS A 15 9.28 -12.31 -1.67
C LYS A 15 8.32 -13.50 -1.46
N TYR A 16 7.33 -13.26 -0.61
CA TYR A 16 6.36 -14.30 -0.30
C TYR A 16 5.37 -14.46 -1.46
N TYR A 17 4.82 -13.34 -1.89
CA TYR A 17 3.86 -13.35 -2.98
C TYR A 17 4.40 -14.13 -4.18
N ARG A 18 5.72 -14.22 -4.24
CA ARG A 18 6.37 -14.93 -5.33
C ARG A 18 6.58 -16.40 -4.94
N GLN A 19 6.67 -16.63 -3.64
CA GLN A 19 6.87 -17.98 -3.14
C GLN A 19 5.71 -18.88 -3.55
N VAL A 20 4.51 -18.32 -3.48
CA VAL A 20 3.32 -19.06 -3.85
C VAL A 20 3.22 -19.16 -5.37
N GLU A 21 3.54 -18.05 -6.03
CA GLU A 21 3.50 -18.00 -7.47
C GLU A 21 4.17 -19.24 -8.07
N ALA A 22 3.57 -19.74 -9.13
CA ALA A 22 4.09 -20.92 -9.80
C ALA A 22 4.38 -20.58 -11.27
N GLY A 23 5.44 -21.17 -11.79
CA GLY A 23 5.83 -20.94 -13.17
C GLY A 23 6.66 -19.68 -13.31
N ASN A 24 6.90 -19.29 -14.54
CA ASN A 24 7.69 -18.10 -14.83
C ASN A 24 6.85 -17.13 -15.67
N THR A 25 5.63 -16.90 -15.21
CA THR A 25 4.73 -16.00 -15.90
C THR A 25 4.57 -14.69 -15.13
N GLY A 26 4.71 -14.80 -13.82
CA GLY A 26 4.59 -13.65 -12.95
C GLY A 26 3.15 -13.48 -12.46
N ARG A 27 2.45 -14.60 -12.39
CA ARG A 27 1.06 -14.59 -11.95
C ARG A 27 0.85 -15.63 -10.84
N VAL A 28 0.00 -15.26 -9.89
CA VAL A 28 -0.29 -16.15 -8.78
C VAL A 28 -1.43 -17.09 -9.18
N LEU A 29 -1.10 -18.38 -9.22
CA LEU A 29 -2.08 -19.39 -9.58
C LEU A 29 -3.17 -19.43 -8.51
N ALA A 30 -2.91 -18.75 -7.42
CA ALA A 30 -3.86 -18.70 -6.32
C ALA A 30 -3.78 -20.01 -5.52
N LEU A 31 -3.95 -21.11 -6.23
CA LEU A 31 -3.89 -22.42 -5.61
C LEU A 31 -2.74 -22.45 -4.60
N ASP A 32 -1.61 -21.88 -5.01
CA ASP A 32 -0.44 -21.83 -4.15
C ASP A 32 -0.66 -20.78 -3.06
N ALA A 33 -1.24 -19.67 -3.46
CA ALA A 33 -1.50 -18.58 -2.53
C ALA A 33 -2.24 -19.14 -1.31
N ALA A 34 -3.21 -19.98 -1.58
CA ALA A 34 -4.00 -20.59 -0.51
C ALA A 34 -3.12 -21.56 0.27
N ALA A 35 -2.14 -22.13 -0.43
CA ALA A 35 -1.22 -23.08 0.17
C ALA A 35 -0.35 -22.35 1.20
N PHE A 36 0.17 -21.21 0.77
CA PHE A 36 1.03 -20.42 1.64
C PHE A 36 0.26 -19.89 2.85
N LEU A 37 -1.01 -19.58 2.61
CA LEU A 37 -1.87 -19.07 3.66
C LEU A 37 -1.95 -20.09 4.79
N LYS A 38 -2.19 -21.33 4.41
CA LYS A 38 -2.30 -22.41 5.38
C LYS A 38 -1.07 -22.39 6.28
N LYS A 39 -0.02 -21.76 5.80
CA LYS A 39 1.23 -21.66 6.54
C LYS A 39 1.10 -20.53 7.57
N SER A 40 -0.14 -20.11 7.79
CA SER A 40 -0.40 -19.03 8.73
C SER A 40 -0.74 -19.62 10.10
N GLY A 41 -1.87 -20.29 10.17
CA GLY A 41 -2.31 -20.90 11.41
C GLY A 41 -3.84 -20.95 11.48
N LEU A 42 -4.46 -19.92 10.92
CA LEU A 42 -5.92 -19.83 10.93
C LEU A 42 -6.49 -21.06 10.22
N PRO A 43 -7.81 -21.30 10.45
CA PRO A 43 -8.49 -22.43 9.85
C PRO A 43 -8.77 -22.17 8.37
N ASP A 44 -9.44 -23.13 7.75
CA ASP A 44 -9.78 -23.01 6.34
C ASP A 44 -11.10 -22.24 6.20
N LEU A 45 -11.99 -22.48 7.15
CA LEU A 45 -13.28 -21.82 7.14
C LEU A 45 -13.08 -20.31 7.20
N ILE A 46 -12.28 -19.89 8.17
CA ILE A 46 -11.99 -18.48 8.35
C ILE A 46 -11.27 -17.95 7.11
N LEU A 47 -10.42 -18.80 6.54
CA LEU A 47 -9.67 -18.44 5.36
C LEU A 47 -10.63 -18.21 4.20
N GLY A 48 -11.47 -19.21 3.97
CA GLY A 48 -12.44 -19.13 2.89
C GLY A 48 -13.00 -17.71 2.76
N LYS A 49 -13.41 -17.16 3.89
CA LYS A 49 -13.96 -15.82 3.91
C LYS A 49 -12.93 -14.84 3.35
N ILE A 50 -11.70 -14.97 3.83
CA ILE A 50 -10.63 -14.10 3.38
C ILE A 50 -10.55 -14.15 1.86
N TRP A 51 -10.41 -15.36 1.34
CA TRP A 51 -10.32 -15.56 -0.10
C TRP A 51 -11.55 -14.91 -0.74
N ASP A 52 -12.71 -15.37 -0.32
CA ASP A 52 -13.96 -14.84 -0.85
C ASP A 52 -13.90 -13.31 -0.87
N LEU A 53 -13.29 -12.77 0.19
CA LEU A 53 -13.15 -11.32 0.30
C LEU A 53 -12.03 -10.84 -0.63
N ALA A 54 -11.04 -11.70 -0.81
CA ALA A 54 -9.91 -11.38 -1.66
C ALA A 54 -10.39 -11.30 -3.11
N ASP A 55 -11.00 -12.39 -3.56
CA ASP A 55 -11.50 -12.46 -4.93
C ASP A 55 -12.08 -11.09 -5.32
N THR A 56 -11.65 -10.62 -6.48
CA THR A 56 -12.10 -9.33 -6.99
C THR A 56 -11.59 -9.12 -8.41
N ASP A 57 -10.35 -9.50 -8.63
CA ASP A 57 -9.75 -9.35 -9.95
C ASP A 57 -10.20 -10.50 -10.86
N GLY A 58 -9.77 -11.70 -10.50
CA GLY A 58 -10.12 -12.88 -11.26
C GLY A 58 -9.87 -14.16 -10.46
N LYS A 59 -10.89 -14.99 -10.40
CA LYS A 59 -10.79 -16.25 -9.66
C LYS A 59 -9.78 -17.15 -10.36
N GLY A 60 -9.16 -18.02 -9.57
CA GLY A 60 -8.18 -18.95 -10.09
C GLY A 60 -6.77 -18.32 -10.09
N VAL A 61 -6.74 -17.04 -9.78
CA VAL A 61 -5.47 -16.31 -9.75
C VAL A 61 -5.62 -15.10 -8.83
N LEU A 62 -4.54 -14.80 -8.13
CA LEU A 62 -4.53 -13.67 -7.21
C LEU A 62 -3.82 -12.48 -7.89
N SER A 63 -3.80 -11.37 -7.17
CA SER A 63 -3.18 -10.16 -7.68
C SER A 63 -2.29 -9.54 -6.61
N LYS A 64 -1.87 -8.31 -6.88
CA LYS A 64 -1.01 -7.59 -5.95
C LYS A 64 -1.76 -7.38 -4.63
N GLN A 65 -2.37 -6.21 -4.53
CA GLN A 65 -3.13 -5.86 -3.33
C GLN A 65 -3.88 -7.09 -2.81
N GLU A 66 -4.56 -7.76 -3.73
CA GLU A 66 -5.32 -8.95 -3.38
C GLU A 66 -4.54 -9.80 -2.37
N PHE A 67 -3.49 -10.44 -2.87
CA PHE A 67 -2.67 -11.29 -2.02
C PHE A 67 -2.09 -10.48 -0.85
N PHE A 68 -1.63 -9.27 -1.17
CA PHE A 68 -1.04 -8.41 -0.16
C PHE A 68 -2.08 -8.02 0.90
N VAL A 69 -3.33 -8.33 0.59
CA VAL A 69 -4.43 -8.02 1.49
C VAL A 69 -4.73 -9.24 2.36
N ALA A 70 -5.06 -10.34 1.69
CA ALA A 70 -5.38 -11.57 2.38
C ALA A 70 -4.27 -11.88 3.40
N LEU A 71 -3.09 -11.33 3.13
CA LEU A 71 -1.96 -11.54 4.01
C LEU A 71 -2.27 -10.95 5.38
N ARG A 72 -2.29 -9.62 5.44
CA ARG A 72 -2.58 -8.93 6.68
C ARG A 72 -3.96 -9.32 7.20
N LEU A 73 -4.87 -9.54 6.27
CA LEU A 73 -6.22 -9.92 6.62
C LEU A 73 -6.19 -11.13 7.55
N VAL A 74 -5.26 -12.03 7.27
CA VAL A 74 -5.11 -13.22 8.08
C VAL A 74 -4.76 -12.83 9.52
N ALA A 75 -3.94 -11.79 9.63
CA ALA A 75 -3.53 -11.31 10.93
C ALA A 75 -4.73 -10.72 11.66
N CYS A 76 -5.81 -10.57 10.92
CA CYS A 76 -7.04 -10.01 11.47
C CYS A 76 -7.69 -11.10 12.34
N ALA A 77 -8.14 -12.15 11.67
CA ALA A 77 -8.79 -13.25 12.37
C ALA A 77 -7.82 -13.84 13.40
N GLN A 78 -6.55 -13.55 13.19
CA GLN A 78 -5.51 -14.04 14.09
C GLN A 78 -5.72 -13.49 15.50
N ASN A 79 -6.33 -12.32 15.55
CA ASN A 79 -6.61 -11.66 16.82
C ASN A 79 -8.06 -11.91 17.23
N GLY A 80 -8.82 -12.41 16.26
CA GLY A 80 -10.23 -12.69 16.49
C GLY A 80 -11.12 -11.61 15.89
N LEU A 81 -10.49 -10.74 15.12
CA LEU A 81 -11.20 -9.66 14.46
C LEU A 81 -11.94 -10.20 13.24
N GLU A 82 -12.75 -9.34 12.64
CA GLU A 82 -13.51 -9.72 11.47
C GLU A 82 -12.60 -10.37 10.43
N VAL A 83 -13.22 -10.93 9.41
CA VAL A 83 -12.48 -11.59 8.35
C VAL A 83 -12.61 -10.79 7.06
N SER A 84 -13.59 -9.89 7.05
CA SER A 84 -13.84 -9.05 5.90
C SER A 84 -13.11 -7.72 6.05
N LEU A 85 -12.74 -7.14 4.91
CA LEU A 85 -12.05 -5.87 4.91
C LEU A 85 -12.90 -4.82 5.63
N SER A 86 -14.20 -5.08 5.67
CA SER A 86 -15.12 -4.18 6.33
C SER A 86 -14.63 -3.87 7.75
N SER A 87 -13.79 -4.75 8.25
CA SER A 87 -13.25 -4.59 9.60
C SER A 87 -11.72 -4.60 9.54
N LEU A 88 -11.19 -4.03 8.47
CA LEU A 88 -9.76 -3.96 8.30
C LEU A 88 -9.29 -2.51 8.42
N SER A 89 -7.99 -2.31 8.25
CA SER A 89 -7.41 -0.98 8.35
C SER A 89 -7.35 -0.55 9.82
N LEU A 90 -7.12 -1.51 10.69
CA LEU A 90 -7.03 -1.24 12.10
C LEU A 90 -5.64 -1.60 12.61
N ALA A 91 -5.53 -1.75 13.93
CA ALA A 91 -4.26 -2.10 14.54
C ALA A 91 -4.29 -3.57 14.93
N VAL A 92 -4.17 -4.43 13.94
CA VAL A 92 -4.17 -5.86 14.17
C VAL A 92 -2.76 -6.32 14.53
N PRO A 93 -2.69 -7.47 15.23
CA PRO A 93 -1.41 -8.03 15.65
C PRO A 93 -0.68 -8.67 14.47
N PRO A 94 0.58 -9.10 14.74
CA PRO A 94 1.40 -9.72 13.71
C PRO A 94 0.92 -11.15 13.43
N PRO A 95 1.02 -11.55 12.13
CA PRO A 95 0.62 -12.88 11.72
C PRO A 95 1.65 -13.93 12.16
N ARG A 96 1.55 -15.10 11.54
CA ARG A 96 2.46 -16.19 11.85
C ARG A 96 3.56 -16.27 10.80
N PHE A 97 3.21 -15.89 9.59
CA PHE A 97 4.16 -15.91 8.48
C PHE A 97 5.55 -15.46 8.94
N HIS A 98 6.54 -15.81 8.15
CA HIS A 98 7.91 -15.45 8.46
C HIS A 98 8.12 -13.95 8.18
N ASP A 99 9.29 -13.47 8.59
CA ASP A 99 9.63 -12.07 8.39
C ASP A 99 11.10 -11.85 8.77
N LEU A 1 -3.89 0.15 1.51
CA LEU A 1 -4.31 0.23 0.11
C LEU A 1 -3.21 -0.36 -0.77
N SER A 2 -3.40 -0.20 -2.08
CA SER A 2 -2.44 -0.72 -3.03
C SER A 2 -1.02 -0.37 -2.59
N LEU A 3 -0.05 -1.02 -3.22
CA LEU A 3 1.34 -0.79 -2.90
C LEU A 3 1.60 0.71 -2.83
N THR A 4 0.98 1.44 -3.75
CA THR A 4 1.14 2.89 -3.80
C THR A 4 0.95 3.49 -2.40
N GLN A 5 -0.19 3.18 -1.81
CA GLN A 5 -0.50 3.69 -0.48
C GLN A 5 0.28 2.91 0.58
N LEU A 6 0.51 1.64 0.28
CA LEU A 6 1.25 0.78 1.19
C LEU A 6 2.53 1.49 1.63
N SER A 7 3.19 2.11 0.66
CA SER A 7 4.42 2.83 0.93
C SER A 7 4.84 3.64 -0.29
N SER A 8 3.94 4.51 -0.72
CA SER A 8 4.19 5.35 -1.88
C SER A 8 4.50 4.48 -3.10
N GLY A 9 4.15 3.21 -2.98
CA GLY A 9 4.38 2.27 -4.07
C GLY A 9 5.86 1.90 -4.17
N ASN A 10 6.50 1.82 -3.01
CA ASN A 10 7.91 1.49 -2.96
C ASN A 10 8.13 0.13 -3.64
N PRO A 11 8.81 0.18 -4.82
CA PRO A 11 9.09 -1.03 -5.56
C PRO A 11 10.22 -1.82 -4.92
N VAL A 12 10.98 -1.13 -4.08
CA VAL A 12 12.10 -1.76 -3.40
C VAL A 12 11.66 -3.13 -2.86
N TYR A 13 10.45 -3.16 -2.33
CA TYR A 13 9.90 -4.38 -1.78
C TYR A 13 9.65 -5.41 -2.89
N GLU A 14 9.17 -4.91 -4.02
CA GLU A 14 8.89 -5.77 -5.16
C GLU A 14 10.09 -6.66 -5.47
N LYS A 15 11.28 -6.08 -5.31
CA LYS A 15 12.50 -6.81 -5.56
C LYS A 15 12.47 -8.13 -4.80
N TYR A 16 11.98 -8.06 -3.57
CA TYR A 16 11.88 -9.24 -2.73
C TYR A 16 10.75 -10.16 -3.19
N TYR A 17 9.62 -9.54 -3.49
CA TYR A 17 8.46 -10.30 -3.95
C TYR A 17 8.82 -11.19 -5.15
N ARG A 18 9.71 -10.67 -5.98
CA ARG A 18 10.14 -11.40 -7.16
C ARG A 18 11.17 -12.47 -6.77
N GLN A 19 11.87 -12.21 -5.68
CA GLN A 19 12.89 -13.13 -5.20
C GLN A 19 12.25 -14.47 -4.81
N VAL A 20 11.06 -14.37 -4.23
CA VAL A 20 10.33 -15.56 -3.82
C VAL A 20 9.68 -16.20 -5.03
N GLU A 21 9.33 -15.37 -5.99
CA GLU A 21 8.69 -15.84 -7.21
C GLU A 21 9.45 -17.05 -7.77
N ALA A 22 8.70 -18.09 -8.06
CA ALA A 22 9.28 -19.32 -8.59
C ALA A 22 8.49 -19.75 -9.82
N GLY A 23 9.07 -20.69 -10.56
CA GLY A 23 8.44 -21.21 -11.76
C GLY A 23 8.49 -20.18 -12.89
N ASN A 24 8.04 -20.61 -14.06
CA ASN A 24 8.03 -19.73 -15.23
C ASN A 24 6.65 -19.11 -15.37
N THR A 25 6.02 -18.87 -14.23
CA THR A 25 4.70 -18.27 -14.22
C THR A 25 4.80 -16.76 -14.03
N GLY A 26 5.81 -16.35 -13.27
CA GLY A 26 6.03 -14.94 -13.00
C GLY A 26 5.21 -14.47 -11.80
N ARG A 27 4.59 -15.44 -11.14
CA ARG A 27 3.77 -15.15 -9.97
C ARG A 27 4.41 -15.76 -8.72
N VAL A 28 3.83 -15.41 -7.58
CA VAL A 28 4.34 -15.90 -6.31
C VAL A 28 3.63 -17.22 -5.97
N LEU A 29 4.39 -18.29 -6.03
CA LEU A 29 3.85 -19.61 -5.74
C LEU A 29 3.37 -19.64 -4.28
N ALA A 30 3.75 -18.62 -3.55
CA ALA A 30 3.37 -18.52 -2.15
C ALA A 30 4.35 -19.32 -1.30
N LEU A 31 4.48 -20.60 -1.64
CA LEU A 31 5.38 -21.48 -0.93
C LEU A 31 6.71 -20.77 -0.69
N ASP A 32 7.16 -20.08 -1.73
CA ASP A 32 8.42 -19.35 -1.65
C ASP A 32 8.24 -18.12 -0.76
N ALA A 33 7.06 -17.53 -0.85
CA ALA A 33 6.74 -16.35 -0.06
C ALA A 33 7.03 -16.63 1.41
N ALA A 34 6.44 -17.72 1.90
CA ALA A 34 6.63 -18.11 3.29
C ALA A 34 8.11 -18.42 3.52
N ALA A 35 8.79 -18.79 2.45
CA ALA A 35 10.20 -19.12 2.54
C ALA A 35 11.00 -17.84 2.76
N PHE A 36 10.66 -16.82 1.98
CA PHE A 36 11.33 -15.54 2.09
C PHE A 36 10.96 -14.82 3.39
N LEU A 37 9.76 -15.13 3.86
CA LEU A 37 9.26 -14.52 5.08
C LEU A 37 10.04 -15.08 6.28
N LYS A 38 10.19 -16.39 6.28
CA LYS A 38 10.92 -17.06 7.34
C LYS A 38 12.29 -16.41 7.52
N LYS A 39 12.72 -15.73 6.47
CA LYS A 39 14.01 -15.05 6.50
C LYS A 39 13.90 -13.80 7.36
N SER A 40 12.70 -13.56 7.86
CA SER A 40 12.45 -12.40 8.71
C SER A 40 13.16 -12.57 10.05
N GLY A 41 12.58 -13.43 10.87
CA GLY A 41 13.15 -13.69 12.20
C GLY A 41 12.08 -14.22 13.15
N LEU A 42 10.83 -13.90 12.84
CA LEU A 42 9.71 -14.34 13.65
C LEU A 42 9.64 -15.86 13.64
N PRO A 43 8.85 -16.41 14.61
CA PRO A 43 8.70 -17.85 14.71
C PRO A 43 7.76 -18.38 13.62
N ASP A 44 7.34 -19.62 13.80
CA ASP A 44 6.45 -20.25 12.84
C ASP A 44 5.00 -20.12 13.33
N LEU A 45 4.85 -20.20 14.64
CA LEU A 45 3.53 -20.10 15.25
C LEU A 45 2.92 -18.74 14.90
N ILE A 46 3.68 -17.69 15.19
CA ILE A 46 3.24 -16.34 14.92
C ILE A 46 3.12 -16.15 13.40
N LEU A 47 4.00 -16.82 12.67
CA LEU A 47 4.01 -16.72 11.23
C LEU A 47 2.72 -17.33 10.67
N GLY A 48 2.37 -18.49 11.20
CA GLY A 48 1.17 -19.19 10.77
C GLY A 48 -0.04 -18.24 10.79
N LYS A 49 -0.10 -17.44 11.83
CA LYS A 49 -1.19 -16.49 11.98
C LYS A 49 -1.16 -15.51 10.80
N ILE A 50 0.03 -15.07 10.47
CA ILE A 50 0.21 -14.13 9.37
C ILE A 50 -0.38 -14.73 8.09
N TRP A 51 0.14 -15.89 7.73
CA TRP A 51 -0.33 -16.57 6.53
C TRP A 51 -1.84 -16.76 6.66
N ASP A 52 -2.24 -17.30 7.79
CA ASP A 52 -3.66 -17.54 8.05
C ASP A 52 -4.47 -16.33 7.56
N LEU A 53 -4.02 -15.16 7.98
CA LEU A 53 -4.69 -13.92 7.61
C LEU A 53 -4.29 -13.55 6.18
N ALA A 54 -3.10 -13.98 5.80
CA ALA A 54 -2.59 -13.70 4.47
C ALA A 54 -3.53 -14.33 3.43
N ASP A 55 -3.70 -15.63 3.53
CA ASP A 55 -4.56 -16.36 2.61
C ASP A 55 -5.79 -15.51 2.29
N THR A 56 -6.03 -15.32 1.01
CA THR A 56 -7.17 -14.54 0.57
C THR A 56 -7.49 -14.85 -0.90
N ASP A 57 -6.43 -14.93 -1.70
CA ASP A 57 -6.60 -15.22 -3.11
C ASP A 57 -7.52 -16.42 -3.28
N GLY A 58 -7.15 -17.51 -2.61
CA GLY A 58 -7.93 -18.73 -2.69
C GLY A 58 -7.29 -19.74 -3.62
N LYS A 59 -6.10 -20.20 -3.24
CA LYS A 59 -5.37 -21.16 -4.04
C LYS A 59 -3.97 -21.37 -3.43
N GLY A 60 -3.38 -20.25 -3.01
CA GLY A 60 -2.05 -20.29 -2.42
C GLY A 60 -1.20 -19.12 -2.91
N VAL A 61 -1.10 -19.01 -4.23
CA VAL A 61 -0.33 -17.94 -4.83
C VAL A 61 -0.62 -16.63 -4.10
N LEU A 62 0.41 -15.79 -4.02
CA LEU A 62 0.28 -14.50 -3.37
C LEU A 62 0.07 -13.41 -4.41
N SER A 63 -0.30 -12.23 -3.94
CA SER A 63 -0.53 -11.10 -4.82
C SER A 63 0.39 -9.95 -4.44
N LYS A 64 0.02 -8.75 -4.88
CA LYS A 64 0.80 -7.57 -4.60
C LYS A 64 0.61 -7.18 -3.13
N GLN A 65 -0.49 -6.50 -2.87
CA GLN A 65 -0.80 -6.07 -1.51
C GLN A 65 -0.61 -7.22 -0.53
N GLU A 66 -1.27 -8.33 -0.84
CA GLU A 66 -1.18 -9.51 0.01
C GLU A 66 0.25 -9.70 0.52
N PHE A 67 1.13 -10.07 -0.40
CA PHE A 67 2.52 -10.28 -0.06
C PHE A 67 3.11 -9.05 0.63
N PHE A 68 2.66 -7.89 0.19
CA PHE A 68 3.14 -6.64 0.76
C PHE A 68 2.53 -6.41 2.15
N VAL A 69 1.55 -7.22 2.48
CA VAL A 69 0.89 -7.12 3.77
C VAL A 69 1.60 -8.03 4.77
N ALA A 70 1.64 -9.31 4.44
CA ALA A 70 2.28 -10.29 5.30
C ALA A 70 3.69 -9.81 5.65
N LEU A 71 4.35 -9.27 4.64
CA LEU A 71 5.71 -8.76 4.83
C LEU A 71 5.74 -7.79 6.01
N ARG A 72 5.13 -6.63 5.78
CA ARG A 72 5.08 -5.61 6.81
C ARG A 72 4.54 -6.20 8.12
N LEU A 73 3.60 -7.13 7.97
CA LEU A 73 3.00 -7.77 9.12
C LEU A 73 4.11 -8.30 10.04
N VAL A 74 5.10 -8.92 9.42
CA VAL A 74 6.22 -9.47 10.17
C VAL A 74 6.77 -8.41 11.12
N ALA A 75 7.01 -7.24 10.55
CA ALA A 75 7.55 -6.13 11.33
C ALA A 75 6.63 -5.87 12.52
N CYS A 76 5.40 -6.34 12.41
CA CYS A 76 4.42 -6.17 13.47
C CYS A 76 4.80 -7.09 14.62
N ALA A 77 4.58 -8.38 14.42
CA ALA A 77 4.89 -9.37 15.43
C ALA A 77 6.35 -9.19 15.87
N GLN A 78 7.12 -8.56 15.00
CA GLN A 78 8.53 -8.32 15.29
C GLN A 78 8.67 -7.45 16.54
N ASN A 79 7.62 -6.69 16.82
CA ASN A 79 7.61 -5.81 17.97
C ASN A 79 6.59 -6.31 18.99
N GLY A 80 6.23 -7.58 18.84
CA GLY A 80 5.26 -8.19 19.73
C GLY A 80 3.85 -7.67 19.45
N LEU A 81 3.71 -7.03 18.30
CA LEU A 81 2.42 -6.49 17.90
C LEU A 81 1.53 -7.61 17.39
N GLU A 82 0.25 -7.28 17.22
CA GLU A 82 -0.71 -8.25 16.73
C GLU A 82 -0.18 -8.94 15.47
N VAL A 83 -0.87 -10.01 15.09
CA VAL A 83 -0.48 -10.76 13.90
C VAL A 83 -1.57 -10.60 12.83
N SER A 84 -2.71 -10.08 13.25
CA SER A 84 -3.82 -9.87 12.34
C SER A 84 -3.79 -8.43 11.81
N LEU A 85 -4.29 -8.27 10.60
CA LEU A 85 -4.33 -6.96 9.96
C LEU A 85 -5.16 -6.01 10.83
N SER A 86 -6.05 -6.60 11.61
CA SER A 86 -6.92 -5.82 12.48
C SER A 86 -6.08 -4.88 13.34
N SER A 87 -4.82 -5.24 13.50
CA SER A 87 -3.89 -4.42 14.28
C SER A 87 -2.74 -3.94 13.41
N LEU A 88 -3.06 -3.72 12.14
CA LEU A 88 -2.06 -3.26 11.19
C LEU A 88 -2.36 -1.80 10.81
N SER A 89 -1.53 -1.27 9.93
CA SER A 89 -1.70 0.11 9.49
C SER A 89 -1.28 1.07 10.60
N LEU A 90 -0.31 0.63 11.40
CA LEU A 90 0.19 1.44 12.49
C LEU A 90 1.63 1.86 12.19
N ALA A 91 2.30 2.32 13.23
CA ALA A 91 3.68 2.76 13.10
C ALA A 91 4.61 1.67 13.65
N VAL A 92 4.48 0.48 13.06
CA VAL A 92 5.30 -0.64 13.47
C VAL A 92 6.75 -0.38 13.07
N PRO A 93 7.67 -1.09 13.78
CA PRO A 93 9.09 -0.94 13.51
C PRO A 93 9.48 -1.66 12.23
N PRO A 94 10.78 -1.47 11.83
CA PRO A 94 11.28 -2.10 10.62
C PRO A 94 11.54 -3.59 10.84
N PRO A 95 11.30 -4.38 9.76
CA PRO A 95 11.50 -5.82 9.82
C PRO A 95 12.99 -6.16 9.80
N ARG A 96 13.26 -7.43 9.50
CA ARG A 96 14.63 -7.90 9.44
C ARG A 96 15.10 -7.96 7.98
N PHE A 97 14.16 -8.22 7.09
CA PHE A 97 14.47 -8.31 5.67
C PHE A 97 15.48 -7.25 5.27
N HIS A 98 16.11 -7.46 4.12
CA HIS A 98 17.10 -6.54 3.61
C HIS A 98 16.43 -5.21 3.26
N ASP A 99 17.13 -4.13 3.57
CA ASP A 99 16.61 -2.80 3.30
C ASP A 99 16.63 -2.55 1.79
N LEU A 1 -3.89 0.15 1.51
CA LEU A 1 -4.31 0.23 0.11
C LEU A 1 -3.30 1.09 -0.66
N SER A 2 -3.57 1.22 -1.95
CA SER A 2 -2.70 2.01 -2.81
C SER A 2 -2.59 3.44 -2.28
N LEU A 3 -1.54 4.11 -2.72
CA LEU A 3 -1.30 5.49 -2.30
C LEU A 3 -2.63 6.25 -2.28
N THR A 4 -3.46 5.94 -3.27
CA THR A 4 -4.76 6.59 -3.39
C THR A 4 -5.48 6.57 -2.04
N GLN A 5 -6.03 5.41 -1.71
CA GLN A 5 -6.75 5.24 -0.47
C GLN A 5 -5.84 5.57 0.72
N LEU A 6 -4.56 5.30 0.53
CA LEU A 6 -3.58 5.57 1.57
C LEU A 6 -3.58 7.06 1.91
N SER A 7 -4.20 7.83 1.02
CA SER A 7 -4.29 9.26 1.21
C SER A 7 -5.59 9.80 0.60
N SER A 8 -6.57 8.91 0.50
CA SER A 8 -7.85 9.27 -0.07
C SER A 8 -7.66 9.95 -1.42
N GLY A 9 -6.50 9.70 -2.02
CA GLY A 9 -6.18 10.27 -3.31
C GLY A 9 -5.36 11.56 -3.15
N ASN A 10 -4.28 11.44 -2.39
CA ASN A 10 -3.41 12.58 -2.15
C ASN A 10 -1.95 12.17 -2.44
N PRO A 11 -1.47 12.60 -3.64
CA PRO A 11 -0.10 12.29 -4.03
C PRO A 11 0.90 13.14 -3.27
N VAL A 12 0.39 14.17 -2.61
CA VAL A 12 1.23 15.06 -1.83
C VAL A 12 2.26 14.24 -1.06
N TYR A 13 1.87 13.02 -0.73
CA TYR A 13 2.75 12.13 0.01
C TYR A 13 3.96 11.73 -0.83
N GLU A 14 3.69 11.37 -2.07
CA GLU A 14 4.75 10.97 -2.98
C GLU A 14 5.87 12.00 -2.98
N LYS A 15 5.48 13.25 -2.78
CA LYS A 15 6.44 14.34 -2.75
C LYS A 15 7.47 14.08 -1.65
N TYR A 16 6.95 13.70 -0.49
CA TYR A 16 7.81 13.41 0.65
C TYR A 16 8.55 12.09 0.46
N TYR A 17 7.80 11.08 0.06
CA TYR A 17 8.37 9.76 -0.16
C TYR A 17 9.56 9.82 -1.13
N ARG A 18 9.56 10.87 -1.94
CA ARG A 18 10.63 11.07 -2.90
C ARG A 18 11.72 11.96 -2.32
N GLN A 19 11.34 12.74 -1.31
CA GLN A 19 12.28 13.63 -0.65
C GLN A 19 13.40 12.83 0.01
N VAL A 20 13.04 11.67 0.54
CA VAL A 20 14.01 10.81 1.19
C VAL A 20 14.85 10.11 0.14
N GLU A 21 14.21 9.82 -0.99
CA GLU A 21 14.90 9.15 -2.08
C GLU A 21 16.33 9.66 -2.22
N ALA A 22 17.21 8.78 -2.65
CA ALA A 22 18.61 9.14 -2.82
C ALA A 22 19.03 8.85 -4.27
N GLY A 23 19.63 9.85 -4.89
CA GLY A 23 20.08 9.71 -6.26
C GLY A 23 18.92 9.90 -7.25
N ASN A 24 19.21 9.62 -8.51
CA ASN A 24 18.20 9.75 -9.55
C ASN A 24 17.72 8.37 -9.97
N THR A 25 17.60 7.49 -8.98
CA THR A 25 17.14 6.13 -9.23
C THR A 25 15.62 6.04 -9.10
N GLY A 26 15.06 7.00 -8.38
CA GLY A 26 13.63 7.04 -8.17
C GLY A 26 13.20 6.06 -7.08
N ARG A 27 14.19 5.37 -6.54
CA ARG A 27 13.93 4.39 -5.48
C ARG A 27 14.45 4.91 -4.14
N VAL A 28 13.70 4.62 -3.10
CA VAL A 28 14.08 5.06 -1.76
C VAL A 28 15.10 4.07 -1.18
N LEU A 29 16.30 4.57 -0.95
CA LEU A 29 17.37 3.76 -0.40
C LEU A 29 16.96 3.25 0.98
N ALA A 30 15.89 3.83 1.50
CA ALA A 30 15.38 3.45 2.80
C ALA A 30 16.13 4.21 3.88
N LEU A 31 17.45 4.07 3.86
CA LEU A 31 18.29 4.75 4.83
C LEU A 31 17.79 6.18 5.04
N ASP A 32 17.47 6.82 3.92
CA ASP A 32 16.98 8.19 3.97
C ASP A 32 15.58 8.20 4.59
N ALA A 33 14.77 7.23 4.17
CA ALA A 33 13.41 7.13 4.68
C ALA A 33 13.44 7.19 6.21
N ALA A 34 14.39 6.47 6.78
CA ALA A 34 14.53 6.44 8.23
C ALA A 34 14.95 7.81 8.74
N ALA A 35 15.62 8.55 7.86
CA ALA A 35 16.08 9.89 8.19
C ALA A 35 14.88 10.83 8.27
N PHE A 36 14.05 10.77 7.24
CA PHE A 36 12.87 11.61 7.19
C PHE A 36 11.89 11.25 8.31
N LEU A 37 11.78 9.97 8.57
CA LEU A 37 10.89 9.49 9.62
C LEU A 37 11.24 10.16 10.93
N LYS A 38 12.54 10.16 11.23
CA LYS A 38 13.03 10.76 12.46
C LYS A 38 12.40 12.14 12.62
N LYS A 39 11.99 12.71 11.51
CA LYS A 39 11.37 14.02 11.51
C LYS A 39 9.89 13.89 11.89
N SER A 40 9.60 12.82 12.61
CA SER A 40 8.25 12.56 13.04
C SER A 40 8.04 13.09 14.47
N GLY A 41 8.65 12.39 15.42
CA GLY A 41 8.54 12.78 16.81
C GLY A 41 8.62 11.54 17.72
N LEU A 42 8.28 10.40 17.15
CA LEU A 42 8.31 9.15 17.89
C LEU A 42 9.77 8.73 18.13
N PRO A 43 9.95 7.84 19.13
CA PRO A 43 11.28 7.35 19.46
C PRO A 43 11.77 6.34 18.41
N ASP A 44 13.01 5.92 18.58
CA ASP A 44 13.61 4.96 17.67
C ASP A 44 13.05 3.56 17.97
N LEU A 45 12.77 3.33 19.25
CA LEU A 45 12.24 2.05 19.68
C LEU A 45 10.91 1.79 18.97
N ILE A 46 9.95 2.67 19.24
CA ILE A 46 8.63 2.55 18.64
C ILE A 46 8.78 2.52 17.11
N LEU A 47 9.72 3.30 16.63
CA LEU A 47 9.98 3.38 15.19
C LEU A 47 10.39 2.00 14.68
N GLY A 48 11.39 1.44 15.34
CA GLY A 48 11.89 0.13 14.96
C GLY A 48 10.75 -0.80 14.57
N LYS A 49 9.70 -0.77 15.39
CA LYS A 49 8.54 -1.60 15.14
C LYS A 49 7.93 -1.25 13.78
N ILE A 50 7.77 0.05 13.57
CA ILE A 50 7.21 0.55 12.32
C ILE A 50 7.98 -0.06 11.15
N TRP A 51 9.29 0.17 11.16
CA TRP A 51 10.14 -0.34 10.11
C TRP A 51 9.93 -1.86 10.02
N ASP A 52 10.15 -2.52 11.15
CA ASP A 52 9.99 -3.96 11.20
C ASP A 52 8.70 -4.35 10.49
N LEU A 53 7.64 -3.61 10.79
CA LEU A 53 6.34 -3.88 10.18
C LEU A 53 6.37 -3.43 8.73
N ALA A 54 7.15 -2.39 8.47
CA ALA A 54 7.28 -1.85 7.13
C ALA A 54 8.02 -2.86 6.24
N ASP A 55 9.29 -3.04 6.55
CA ASP A 55 10.12 -3.97 5.80
C ASP A 55 9.29 -5.20 5.44
N THR A 56 9.28 -5.51 4.15
CA THR A 56 8.52 -6.66 3.66
C THR A 56 9.05 -7.09 2.29
N ASP A 57 9.27 -6.09 1.43
CA ASP A 57 9.76 -6.36 0.09
C ASP A 57 10.97 -7.29 0.17
N GLY A 58 11.90 -6.93 1.04
CA GLY A 58 13.10 -7.73 1.23
C GLY A 58 14.34 -6.84 1.30
N LYS A 59 14.52 -6.04 0.25
CA LYS A 59 15.66 -5.13 0.19
C LYS A 59 15.36 -3.88 1.01
N GLY A 60 16.39 -3.39 1.68
CA GLY A 60 16.25 -2.21 2.51
C GLY A 60 15.37 -1.16 1.83
N VAL A 61 15.64 -0.94 0.55
CA VAL A 61 14.87 0.02 -0.21
C VAL A 61 13.40 -0.09 0.16
N LEU A 62 12.72 1.05 0.13
CA LEU A 62 11.31 1.10 0.46
C LEU A 62 10.49 1.14 -0.82
N SER A 63 9.18 1.19 -0.65
CA SER A 63 8.27 1.24 -1.78
C SER A 63 7.15 2.26 -1.53
N LYS A 64 6.50 2.65 -2.61
CA LYS A 64 5.42 3.62 -2.52
C LYS A 64 4.55 3.29 -1.30
N GLN A 65 3.60 2.40 -1.51
CA GLN A 65 2.70 2.00 -0.44
C GLN A 65 3.49 1.79 0.86
N GLU A 66 4.52 0.97 0.76
CA GLU A 66 5.36 0.68 1.91
C GLU A 66 5.59 1.95 2.74
N PHE A 67 6.41 2.82 2.19
CA PHE A 67 6.72 4.08 2.86
C PHE A 67 5.45 4.81 3.27
N PHE A 68 4.48 4.82 2.36
CA PHE A 68 3.22 5.48 2.61
C PHE A 68 2.54 4.91 3.86
N VAL A 69 2.75 3.62 4.06
CA VAL A 69 2.17 2.94 5.21
C VAL A 69 2.88 3.39 6.48
N ALA A 70 4.20 3.27 6.45
CA ALA A 70 5.02 3.66 7.60
C ALA A 70 4.61 5.07 8.04
N LEU A 71 4.24 5.89 7.06
CA LEU A 71 3.83 7.25 7.35
C LEU A 71 2.71 7.25 8.38
N ARG A 72 1.53 6.82 7.94
CA ARG A 72 0.38 6.76 8.82
C ARG A 72 0.71 5.94 10.07
N LEU A 73 1.41 4.84 9.85
CA LEU A 73 1.79 3.96 10.95
C LEU A 73 2.27 4.81 12.13
N VAL A 74 3.06 5.82 11.81
CA VAL A 74 3.58 6.72 12.83
C VAL A 74 2.42 7.38 13.57
N ALA A 75 1.52 7.95 12.78
CA ALA A 75 0.36 8.62 13.33
C ALA A 75 -0.45 7.63 14.17
N CYS A 76 -0.25 6.36 13.88
CA CYS A 76 -0.96 5.31 14.59
C CYS A 76 -0.46 5.30 16.03
N ALA A 77 0.82 5.00 16.19
CA ALA A 77 1.42 4.96 17.51
C ALA A 77 1.24 6.31 18.19
N GLN A 78 1.04 7.33 17.37
CA GLN A 78 0.86 8.67 17.88
C GLN A 78 -0.47 8.80 18.62
N ASN A 79 -1.25 7.73 18.52
CA ASN A 79 -2.56 7.70 19.18
C ASN A 79 -2.53 6.66 20.30
N GLY A 80 -1.74 5.63 20.09
CA GLY A 80 -1.62 4.56 21.07
C GLY A 80 -1.90 3.19 20.44
N LEU A 81 -2.16 3.22 19.14
CA LEU A 81 -2.45 2.00 18.40
C LEU A 81 -1.15 1.24 18.15
N GLU A 82 -1.25 -0.08 18.17
CA GLU A 82 -0.10 -0.93 17.95
C GLU A 82 0.75 -0.36 16.82
N VAL A 83 2.00 -0.81 16.77
CA VAL A 83 2.93 -0.36 15.74
C VAL A 83 2.91 -1.35 14.58
N SER A 84 2.14 -2.41 14.76
CA SER A 84 2.04 -3.43 13.72
C SER A 84 0.82 -3.14 12.83
N LEU A 85 0.86 -3.74 11.64
CA LEU A 85 -0.23 -3.55 10.69
C LEU A 85 -1.56 -3.94 11.35
N SER A 86 -1.45 -4.75 12.40
CA SER A 86 -2.63 -5.19 13.11
C SER A 86 -3.46 -3.99 13.54
N SER A 87 -2.79 -2.84 13.62
CA SER A 87 -3.47 -1.62 14.03
C SER A 87 -3.45 -0.61 12.86
N LEU A 88 -3.45 -1.15 11.65
CA LEU A 88 -3.43 -0.33 10.46
C LEU A 88 -4.72 -0.56 9.67
N SER A 89 -4.85 0.18 8.58
CA SER A 89 -6.02 0.06 7.72
C SER A 89 -7.19 0.81 8.34
N LEU A 90 -6.89 1.58 9.37
CA LEU A 90 -7.92 2.35 10.05
C LEU A 90 -7.79 3.83 9.67
N ALA A 91 -8.47 4.67 10.44
CA ALA A 91 -8.43 6.09 10.20
C ALA A 91 -7.44 6.75 11.17
N VAL A 92 -6.20 6.28 11.11
CA VAL A 92 -5.16 6.81 11.97
C VAL A 92 -5.31 8.33 12.07
N PRO A 93 -4.86 8.87 13.23
CA PRO A 93 -4.94 10.30 13.46
C PRO A 93 -3.86 11.05 12.66
N PRO A 94 -3.90 12.40 12.75
CA PRO A 94 -2.94 13.23 12.05
C PRO A 94 -1.58 13.19 12.73
N PRO A 95 -0.53 12.92 11.91
CA PRO A 95 0.82 12.85 12.42
C PRO A 95 1.37 14.24 12.70
N ARG A 96 2.69 14.31 12.86
CA ARG A 96 3.36 15.57 13.13
C ARG A 96 3.94 16.15 11.85
N PHE A 97 4.33 15.25 10.94
CA PHE A 97 4.91 15.66 9.68
C PHE A 97 4.21 16.91 9.13
N HIS A 98 4.88 17.57 8.21
CA HIS A 98 4.35 18.78 7.60
C HIS A 98 3.16 18.42 6.70
N ASP A 99 2.47 19.45 6.24
CA ASP A 99 1.32 19.25 5.38
C ASP A 99 0.88 20.60 4.81
N LEU A 1 -3.89 0.15 1.51
CA LEU A 1 -4.31 0.23 0.11
C LEU A 1 -4.10 1.66 -0.39
N SER A 2 -5.06 2.12 -1.18
CA SER A 2 -5.00 3.47 -1.74
C SER A 2 -6.04 4.36 -1.06
N LEU A 3 -6.24 5.52 -1.65
CA LEU A 3 -7.21 6.49 -1.12
C LEU A 3 -8.42 5.72 -0.57
N THR A 4 -8.72 4.60 -1.23
CA THR A 4 -9.85 3.78 -0.81
C THR A 4 -9.83 3.58 0.71
N GLN A 5 -8.93 2.71 1.14
CA GLN A 5 -8.81 2.42 2.55
C GLN A 5 -8.53 3.70 3.35
N LEU A 6 -7.87 4.64 2.68
CA LEU A 6 -7.55 5.91 3.31
C LEU A 6 -8.84 6.59 3.76
N SER A 7 -9.95 6.11 3.23
CA SER A 7 -11.26 6.65 3.57
C SER A 7 -12.32 5.56 3.53
N SER A 8 -11.86 4.33 3.73
CA SER A 8 -12.76 3.19 3.71
C SER A 8 -13.55 3.15 2.41
N GLY A 9 -13.04 3.89 1.43
CA GLY A 9 -13.69 3.95 0.13
C GLY A 9 -14.65 5.14 0.06
N ASN A 10 -14.13 6.31 0.45
CA ASN A 10 -14.92 7.52 0.43
C ASN A 10 -14.40 8.45 -0.65
N PRO A 11 -15.11 8.46 -1.80
CA PRO A 11 -14.72 9.30 -2.93
C PRO A 11 -15.08 10.76 -2.66
N VAL A 12 -15.96 10.95 -1.69
CA VAL A 12 -16.39 12.30 -1.33
C VAL A 12 -15.17 13.23 -1.31
N TYR A 13 -14.06 12.69 -0.83
CA TYR A 13 -12.83 13.46 -0.75
C TYR A 13 -12.33 13.83 -2.15
N GLU A 14 -12.37 12.85 -3.04
CA GLU A 14 -11.91 13.05 -4.40
C GLU A 14 -12.47 14.36 -4.95
N LYS A 15 -13.68 14.68 -4.53
CA LYS A 15 -14.34 15.90 -4.97
C LYS A 15 -13.51 17.11 -4.55
N TYR A 16 -13.04 17.06 -3.31
CA TYR A 16 -12.23 18.13 -2.77
C TYR A 16 -10.81 18.09 -3.33
N TYR A 17 -10.29 16.87 -3.41
CA TYR A 17 -8.94 16.67 -3.92
C TYR A 17 -8.79 17.31 -5.30
N ARG A 18 -9.87 17.27 -6.07
CA ARG A 18 -9.86 17.84 -7.41
C ARG A 18 -10.05 19.36 -7.34
N GLN A 19 -10.71 19.80 -6.28
CA GLN A 19 -10.97 21.21 -6.08
C GLN A 19 -9.64 21.97 -5.94
N VAL A 20 -8.69 21.31 -5.31
CA VAL A 20 -7.37 21.89 -5.10
C VAL A 20 -6.51 21.68 -6.34
N GLU A 21 -6.62 20.48 -6.90
CA GLU A 21 -5.87 20.14 -8.09
C GLU A 21 -5.80 21.33 -9.05
N ALA A 22 -4.59 21.83 -9.25
CA ALA A 22 -4.39 22.96 -10.13
C ALA A 22 -4.93 22.63 -11.52
N GLY A 23 -5.98 23.34 -11.89
CA GLY A 23 -6.60 23.13 -13.19
C GLY A 23 -6.95 21.65 -13.40
N ASN A 24 -7.24 21.32 -14.65
CA ASN A 24 -7.59 19.96 -14.99
C ASN A 24 -6.33 19.21 -15.44
N THR A 25 -5.22 19.57 -14.80
CA THR A 25 -3.95 18.94 -15.12
C THR A 25 -4.00 17.44 -14.83
N GLY A 26 -4.59 17.11 -13.69
CA GLY A 26 -4.70 15.72 -13.28
C GLY A 26 -3.79 15.41 -12.10
N ARG A 27 -3.09 16.44 -11.65
CA ARG A 27 -2.17 16.30 -10.53
C ARG A 27 -2.35 17.46 -9.55
N VAL A 28 -2.26 17.13 -8.27
CA VAL A 28 -2.41 18.15 -7.24
C VAL A 28 -1.06 18.85 -7.01
N LEU A 29 -0.98 20.07 -7.51
CA LEU A 29 0.23 20.86 -7.38
C LEU A 29 0.58 21.00 -5.90
N ALA A 30 -0.40 20.70 -5.05
CA ALA A 30 -0.20 20.79 -3.62
C ALA A 30 -0.49 22.22 -3.16
N LEU A 31 0.17 23.16 -3.83
CA LEU A 31 -0.01 24.56 -3.50
C LEU A 31 -1.47 24.83 -3.15
N ASP A 32 -2.35 24.31 -3.99
CA ASP A 32 -3.78 24.48 -3.77
C ASP A 32 -4.22 23.62 -2.58
N ALA A 33 -3.73 22.39 -2.57
CA ALA A 33 -4.07 21.46 -1.50
C ALA A 33 -3.92 22.17 -0.16
N ALA A 34 -2.78 22.84 0.00
CA ALA A 34 -2.50 23.56 1.23
C ALA A 34 -3.56 24.66 1.42
N ALA A 35 -4.02 25.19 0.30
CA ALA A 35 -5.01 26.24 0.32
C ALA A 35 -6.33 25.68 0.87
N PHE A 36 -6.78 24.62 0.26
CA PHE A 36 -8.02 23.97 0.68
C PHE A 36 -7.94 23.52 2.13
N LEU A 37 -6.81 22.88 2.46
CA LEU A 37 -6.60 22.40 3.82
C LEU A 37 -6.93 23.51 4.81
N LYS A 38 -6.38 24.69 4.53
CA LYS A 38 -6.60 25.84 5.40
C LYS A 38 -8.10 25.97 5.69
N LYS A 39 -8.89 25.39 4.79
CA LYS A 39 -10.34 25.44 4.94
C LYS A 39 -10.79 24.36 5.92
N SER A 40 -9.87 24.00 6.81
CA SER A 40 -10.15 22.99 7.81
C SER A 40 -10.57 23.64 9.13
N GLY A 41 -9.58 24.22 9.79
CA GLY A 41 -9.83 24.89 11.06
C GLY A 41 -8.55 25.02 11.88
N LEU A 42 -7.70 24.01 11.75
CA LEU A 42 -6.44 23.99 12.47
C LEU A 42 -5.62 25.24 12.08
N PRO A 43 -4.60 25.53 12.92
CA PRO A 43 -3.74 26.67 12.69
C PRO A 43 -2.77 26.41 11.54
N ASP A 44 -1.80 27.30 11.40
CA ASP A 44 -0.80 27.18 10.36
C ASP A 44 0.41 26.44 10.90
N LEU A 45 0.73 26.73 12.15
CA LEU A 45 1.87 26.11 12.80
C LEU A 45 1.67 24.59 12.82
N ILE A 46 0.51 24.19 13.35
CA ILE A 46 0.18 22.78 13.44
C ILE A 46 0.09 22.20 12.03
N LEU A 47 -0.40 23.01 11.12
CA LEU A 47 -0.56 22.60 9.74
C LEU A 47 0.82 22.31 9.13
N GLY A 48 1.71 23.28 9.31
CA GLY A 48 3.06 23.15 8.79
C GLY A 48 3.62 21.74 9.04
N LYS A 49 3.36 21.24 10.24
CA LYS A 49 3.82 19.91 10.61
C LYS A 49 3.11 18.87 9.76
N ILE A 50 1.82 19.10 9.55
CA ILE A 50 1.01 18.20 8.75
C ILE A 50 1.63 18.07 7.35
N TRP A 51 1.78 19.21 6.71
CA TRP A 51 2.35 19.24 5.37
C TRP A 51 3.71 18.55 5.43
N ASP A 52 4.55 19.05 6.32
CA ASP A 52 5.89 18.49 6.48
C ASP A 52 5.81 16.97 6.47
N LEU A 53 4.86 16.45 7.24
CA LEU A 53 4.68 15.01 7.32
C LEU A 53 4.22 14.48 5.96
N ALA A 54 3.41 15.30 5.29
CA ALA A 54 2.90 14.92 3.97
C ALA A 54 4.05 14.87 2.98
N ASP A 55 4.70 16.01 2.80
CA ASP A 55 5.82 16.11 1.88
C ASP A 55 6.64 14.82 1.94
N THR A 56 6.83 14.22 0.76
CA THR A 56 7.58 12.99 0.67
C THR A 56 8.06 12.77 -0.77
N ASP A 57 7.15 13.02 -1.70
CA ASP A 57 7.47 12.85 -3.12
C ASP A 57 8.80 13.54 -3.42
N GLY A 58 8.84 14.83 -3.11
CA GLY A 58 10.04 15.61 -3.36
C GLY A 58 9.87 16.52 -4.58
N LYS A 59 8.95 17.47 -4.45
CA LYS A 59 8.69 18.40 -5.53
C LYS A 59 7.58 19.37 -5.11
N GLY A 60 6.61 18.82 -4.39
CA GLY A 60 5.50 19.63 -3.91
C GLY A 60 4.17 18.93 -4.19
N VAL A 61 3.94 18.64 -5.46
CA VAL A 61 2.72 17.98 -5.87
C VAL A 61 2.34 16.92 -4.83
N LEU A 62 1.05 16.65 -4.76
CA LEU A 62 0.54 15.66 -3.82
C LEU A 62 0.29 14.34 -4.56
N SER A 63 0.14 13.29 -3.77
CA SER A 63 -0.10 11.97 -4.33
C SER A 63 -1.55 11.55 -4.07
N LYS A 64 -1.74 10.25 -3.92
CA LYS A 64 -3.07 9.71 -3.68
C LYS A 64 -3.34 9.71 -2.17
N GLN A 65 -3.14 8.55 -1.57
CA GLN A 65 -3.36 8.41 -0.13
C GLN A 65 -2.76 9.60 0.61
N GLU A 66 -1.71 10.16 0.04
CA GLU A 66 -1.04 11.29 0.64
C GLU A 66 -2.06 12.37 1.02
N PHE A 67 -2.59 13.02 0.00
CA PHE A 67 -3.58 14.07 0.21
C PHE A 67 -4.67 13.61 1.17
N PHE A 68 -5.16 12.40 0.93
CA PHE A 68 -6.20 11.83 1.76
C PHE A 68 -5.72 11.64 3.20
N VAL A 69 -4.40 11.52 3.34
CA VAL A 69 -3.81 11.34 4.64
C VAL A 69 -3.83 12.66 5.40
N ALA A 70 -3.22 13.67 4.79
CA ALA A 70 -3.16 14.99 5.40
C ALA A 70 -4.56 15.40 5.86
N LEU A 71 -5.52 15.19 4.96
CA LEU A 71 -6.90 15.54 5.25
C LEU A 71 -7.29 14.95 6.61
N ARG A 72 -7.40 13.63 6.64
CA ARG A 72 -7.77 12.93 7.85
C ARG A 72 -6.85 13.36 9.01
N LEU A 73 -5.60 13.62 8.66
CA LEU A 73 -4.62 14.03 9.64
C LEU A 73 -5.16 15.23 10.42
N VAL A 74 -5.79 16.14 9.69
CA VAL A 74 -6.35 17.33 10.29
C VAL A 74 -7.28 16.92 11.44
N ALA A 75 -8.15 15.98 11.15
CA ALA A 75 -9.09 15.49 12.15
C ALA A 75 -8.32 15.03 13.39
N CYS A 76 -7.03 14.76 13.18
CA CYS A 76 -6.19 14.32 14.27
C CYS A 76 -5.90 15.51 15.18
N ALA A 77 -5.03 16.39 14.69
CA ALA A 77 -4.67 17.58 15.44
C ALA A 77 -5.93 18.32 15.86
N GLN A 78 -7.01 18.05 15.13
CA GLN A 78 -8.28 18.69 15.42
C GLN A 78 -8.73 18.35 16.85
N ASN A 79 -8.28 17.21 17.32
CA ASN A 79 -8.62 16.77 18.66
C ASN A 79 -7.39 16.88 19.57
N GLY A 80 -6.42 17.64 19.10
CA GLY A 80 -5.19 17.84 19.85
C GLY A 80 -4.27 16.62 19.72
N LEU A 81 -4.56 15.79 18.72
CA LEU A 81 -3.77 14.59 18.49
C LEU A 81 -2.47 14.99 17.79
N GLU A 82 -1.61 13.99 17.63
CA GLU A 82 -0.33 14.21 16.97
C GLU A 82 -0.54 14.77 15.56
N VAL A 83 0.55 15.27 14.99
CA VAL A 83 0.49 15.83 13.65
C VAL A 83 1.19 14.88 12.67
N SER A 84 1.95 13.95 13.24
CA SER A 84 2.68 12.99 12.43
C SER A 84 1.87 11.70 12.29
N LEU A 85 2.05 11.03 11.17
CA LEU A 85 1.35 9.79 10.90
C LEU A 85 1.68 8.77 11.99
N SER A 86 2.85 8.97 12.59
CA SER A 86 3.30 8.07 13.65
C SER A 86 2.21 7.91 14.71
N SER A 87 1.32 8.90 14.74
CA SER A 87 0.22 8.89 15.69
C SER A 87 -1.12 8.88 14.95
N LEU A 88 -1.12 8.23 13.81
CA LEU A 88 -2.33 8.15 12.99
C LEU A 88 -2.81 6.70 12.94
N SER A 89 -3.90 6.50 12.23
CA SER A 89 -4.48 5.17 12.10
C SER A 89 -5.25 4.80 13.37
N LEU A 90 -5.70 5.83 14.06
CA LEU A 90 -6.47 5.63 15.28
C LEU A 90 -7.93 6.00 15.04
N ALA A 91 -8.65 6.21 16.13
CA ALA A 91 -10.06 6.57 16.05
C ALA A 91 -10.21 8.06 16.31
N VAL A 92 -9.67 8.84 15.39
CA VAL A 92 -9.74 10.29 15.50
C VAL A 92 -11.16 10.75 15.16
N PRO A 93 -11.51 11.96 15.67
CA PRO A 93 -12.83 12.53 15.42
C PRO A 93 -12.94 13.07 14.00
N PRO A 94 -14.18 13.50 13.65
CA PRO A 94 -14.43 14.04 12.31
C PRO A 94 -13.86 15.46 12.19
N PRO A 95 -13.37 15.76 10.95
CA PRO A 95 -12.80 17.07 10.69
C PRO A 95 -13.89 18.14 10.56
N ARG A 96 -13.51 19.26 9.97
CA ARG A 96 -14.45 20.36 9.78
C ARG A 96 -14.97 20.38 8.34
N PHE A 97 -14.10 19.95 7.43
CA PHE A 97 -14.45 19.90 6.02
C PHE A 97 -15.91 19.48 5.83
N HIS A 98 -16.44 19.78 4.65
CA HIS A 98 -17.81 19.44 4.33
C HIS A 98 -17.95 17.92 4.27
N ASP A 99 -19.21 17.48 4.24
CA ASP A 99 -19.49 16.06 4.19
C ASP A 99 -18.55 15.39 3.18
N LEU A 1 -3.89 0.15 1.51
CA LEU A 1 -4.31 0.23 0.11
C LEU A 1 -3.39 -0.64 -0.73
N SER A 2 -3.58 -0.56 -2.04
CA SER A 2 -2.78 -1.33 -2.97
C SER A 2 -1.32 -0.91 -2.87
N LEU A 3 -0.48 -1.62 -3.63
CA LEU A 3 0.95 -1.33 -3.63
C LEU A 3 1.16 0.15 -3.97
N THR A 4 0.30 0.65 -4.84
CA THR A 4 0.38 2.05 -5.25
C THR A 4 0.54 2.96 -4.03
N GLN A 5 -0.56 3.13 -3.33
CA GLN A 5 -0.56 3.97 -2.14
C GLN A 5 0.47 3.47 -1.13
N LEU A 6 0.66 2.16 -1.13
CA LEU A 6 1.62 1.55 -0.23
C LEU A 6 3.02 2.11 -0.51
N SER A 7 3.14 2.77 -1.65
CA SER A 7 4.41 3.36 -2.04
C SER A 7 4.16 4.62 -2.87
N SER A 8 3.05 5.29 -2.57
CA SER A 8 2.69 6.50 -3.27
C SER A 8 2.88 6.29 -4.78
N GLY A 9 2.79 5.04 -5.20
CA GLY A 9 2.94 4.70 -6.60
C GLY A 9 4.40 4.39 -6.94
N ASN A 10 4.94 3.41 -6.22
CA ASN A 10 6.32 3.00 -6.43
C ASN A 10 6.37 1.48 -6.57
N PRO A 11 6.36 1.02 -7.86
CA PRO A 11 6.41 -0.40 -8.14
C PRO A 11 7.82 -0.96 -7.92
N VAL A 12 8.75 -0.04 -7.70
CA VAL A 12 10.13 -0.43 -7.48
C VAL A 12 10.18 -1.66 -6.58
N TYR A 13 9.25 -1.71 -5.64
CA TYR A 13 9.18 -2.82 -4.72
C TYR A 13 8.81 -4.12 -5.45
N GLU A 14 7.81 -4.01 -6.30
CA GLU A 14 7.34 -5.15 -7.07
C GLU A 14 8.54 -5.95 -7.61
N LYS A 15 9.56 -5.20 -8.03
CA LYS A 15 10.76 -5.82 -8.56
C LYS A 15 11.29 -6.85 -7.56
N TYR A 16 11.27 -6.46 -6.29
CA TYR A 16 11.75 -7.34 -5.23
C TYR A 16 10.75 -8.47 -4.97
N TYR A 17 9.48 -8.10 -4.97
CA TYR A 17 8.42 -9.07 -4.73
C TYR A 17 8.54 -10.25 -5.70
N ARG A 18 8.90 -9.94 -6.93
CA ARG A 18 9.05 -10.96 -7.95
C ARG A 18 10.28 -11.82 -7.66
N GLN A 19 11.29 -11.18 -7.09
CA GLN A 19 12.53 -11.87 -6.76
C GLN A 19 12.26 -12.99 -5.76
N VAL A 20 11.40 -12.67 -4.80
CA VAL A 20 11.05 -13.64 -3.76
C VAL A 20 9.94 -14.56 -4.29
N GLU A 21 9.27 -14.09 -5.32
CA GLU A 21 8.18 -14.86 -5.92
C GLU A 21 8.73 -16.16 -6.49
N ALA A 22 7.93 -17.22 -6.33
CA ALA A 22 8.32 -18.52 -6.82
C ALA A 22 7.27 -19.01 -7.83
N GLY A 23 7.66 -20.04 -8.57
CA GLY A 23 6.76 -20.61 -9.57
C GLY A 23 6.56 -19.64 -10.75
N ASN A 24 5.60 -19.97 -11.59
CA ASN A 24 5.30 -19.15 -12.75
C ASN A 24 3.83 -18.74 -12.72
N THR A 25 3.30 -18.68 -11.50
CA THR A 25 1.91 -18.30 -11.31
C THR A 25 1.80 -16.82 -10.92
N GLY A 26 2.87 -16.33 -10.33
CA GLY A 26 2.91 -14.94 -9.90
C GLY A 26 2.61 -14.81 -8.40
N ARG A 27 2.63 -15.96 -7.73
CA ARG A 27 2.38 -15.99 -6.30
C ARG A 27 3.70 -16.06 -5.52
N VAL A 28 3.68 -15.44 -4.35
CA VAL A 28 4.87 -15.44 -3.51
C VAL A 28 4.86 -16.68 -2.60
N LEU A 29 5.87 -17.52 -2.81
CA LEU A 29 5.98 -18.74 -2.03
C LEU A 29 6.14 -18.39 -0.55
N ALA A 30 6.37 -17.10 -0.30
CA ALA A 30 6.54 -16.62 1.05
C ALA A 30 7.92 -17.01 1.57
N LEU A 31 8.19 -18.32 1.53
CA LEU A 31 9.46 -18.84 1.98
C LEU A 31 10.59 -17.96 1.44
N ASP A 32 10.55 -17.75 0.14
CA ASP A 32 11.55 -16.92 -0.52
C ASP A 32 11.52 -15.51 0.06
N ALA A 33 10.32 -15.07 0.40
CA ALA A 33 10.14 -13.75 0.97
C ALA A 33 10.98 -13.62 2.24
N ALA A 34 10.84 -14.61 3.10
CA ALA A 34 11.58 -14.62 4.36
C ALA A 34 13.07 -14.58 4.05
N ALA A 35 13.42 -15.03 2.86
CA ALA A 35 14.81 -15.05 2.43
C ALA A 35 15.25 -13.62 2.07
N PHE A 36 14.49 -13.01 1.18
CA PHE A 36 14.78 -11.66 0.74
C PHE A 36 14.76 -10.68 1.92
N LEU A 37 13.85 -10.94 2.84
CA LEU A 37 13.72 -10.09 4.01
C LEU A 37 15.06 -10.03 4.74
N LYS A 38 15.65 -11.20 4.92
CA LYS A 38 16.94 -11.29 5.60
C LYS A 38 17.92 -10.30 4.96
N LYS A 39 17.61 -9.92 3.73
CA LYS A 39 18.45 -8.98 3.00
C LYS A 39 18.14 -7.56 3.46
N SER A 40 17.43 -7.48 4.58
CA SER A 40 17.08 -6.18 5.15
C SER A 40 18.18 -5.70 6.10
N GLY A 41 18.26 -6.37 7.24
CA GLY A 41 19.26 -6.03 8.24
C GLY A 41 18.77 -6.40 9.65
N LEU A 42 17.45 -6.43 9.80
CA LEU A 42 16.86 -6.76 11.08
C LEU A 42 17.13 -8.24 11.39
N PRO A 43 16.96 -8.59 12.70
CA PRO A 43 17.18 -9.95 13.13
C PRO A 43 16.03 -10.86 12.71
N ASP A 44 16.06 -12.09 13.21
CA ASP A 44 15.03 -13.07 12.89
C ASP A 44 13.89 -12.95 13.90
N LEU A 45 14.27 -12.70 15.15
CA LEU A 45 13.29 -12.57 16.21
C LEU A 45 12.33 -11.42 15.88
N ILE A 46 12.92 -10.28 15.57
CA ILE A 46 12.13 -9.10 15.22
C ILE A 46 11.34 -9.38 13.94
N LEU A 47 11.97 -10.14 13.05
CA LEU A 47 11.34 -10.48 11.78
C LEU A 47 10.08 -11.31 12.06
N GLY A 48 10.28 -12.38 12.81
CA GLY A 48 9.17 -13.27 13.15
C GLY A 48 7.91 -12.48 13.47
N LYS A 49 8.10 -11.41 14.22
CA LYS A 49 6.98 -10.55 14.60
C LYS A 49 6.31 -9.99 13.34
N ILE A 50 7.15 -9.52 12.42
CA ILE A 50 6.65 -8.97 11.18
C ILE A 50 5.74 -9.98 10.50
N TRP A 51 6.29 -11.16 10.25
CA TRP A 51 5.54 -12.22 9.60
C TRP A 51 4.27 -12.47 10.43
N ASP A 52 4.48 -12.75 11.71
CA ASP A 52 3.37 -13.00 12.61
C ASP A 52 2.31 -11.91 12.42
N LEU A 53 2.78 -10.73 12.06
CA LEU A 53 1.89 -9.60 11.85
C LEU A 53 1.40 -9.61 10.40
N ALA A 54 2.24 -10.15 9.53
CA ALA A 54 1.91 -10.22 8.12
C ALA A 54 0.90 -11.34 7.89
N ASP A 55 1.34 -12.56 8.20
CA ASP A 55 0.49 -13.73 8.03
C ASP A 55 -0.94 -13.36 8.43
N THR A 56 -1.86 -13.63 7.52
CA THR A 56 -3.27 -13.34 7.76
C THR A 56 -4.15 -14.10 6.77
N ASP A 57 -3.71 -14.09 5.52
CA ASP A 57 -4.45 -14.76 4.46
C ASP A 57 -4.79 -16.18 4.92
N GLY A 58 -3.75 -16.90 5.33
CA GLY A 58 -3.92 -18.27 5.79
C GLY A 58 -3.33 -19.26 4.79
N LYS A 59 -2.00 -19.19 4.63
CA LYS A 59 -1.30 -20.07 3.71
C LYS A 59 0.18 -19.72 3.73
N GLY A 60 0.95 -20.54 3.02
CA GLY A 60 2.39 -20.34 2.94
C GLY A 60 2.75 -19.46 1.74
N VAL A 61 1.82 -18.60 1.37
CA VAL A 61 2.03 -17.70 0.24
C VAL A 61 1.63 -16.28 0.64
N LEU A 62 2.38 -15.33 0.12
CA LEU A 62 2.11 -13.92 0.41
C LEU A 62 1.33 -13.31 -0.75
N SER A 63 0.87 -12.08 -0.53
CA SER A 63 0.11 -11.37 -1.55
C SER A 63 0.88 -10.13 -2.01
N LYS A 64 0.13 -9.14 -2.45
CA LYS A 64 0.73 -7.90 -2.91
C LYS A 64 0.92 -6.95 -1.72
N GLN A 65 -0.15 -6.30 -1.34
CA GLN A 65 -0.11 -5.36 -0.23
C GLN A 65 0.52 -6.03 0.99
N GLU A 66 0.38 -7.35 1.06
CA GLU A 66 0.93 -8.11 2.15
C GLU A 66 2.45 -7.94 2.22
N PHE A 67 3.12 -8.62 1.29
CA PHE A 67 4.57 -8.55 1.23
C PHE A 67 5.06 -7.10 1.24
N PHE A 68 4.19 -6.22 0.77
CA PHE A 68 4.51 -4.80 0.71
C PHE A 68 4.42 -4.16 2.09
N VAL A 69 3.54 -4.74 2.92
CA VAL A 69 3.35 -4.24 4.26
C VAL A 69 4.55 -4.64 5.13
N ALA A 70 4.81 -5.94 5.15
CA ALA A 70 5.91 -6.47 5.94
C ALA A 70 7.19 -5.70 5.61
N LEU A 71 7.47 -5.62 4.31
CA LEU A 71 8.66 -4.91 3.85
C LEU A 71 8.73 -3.56 4.55
N ARG A 72 7.78 -2.70 4.22
CA ARG A 72 7.74 -1.36 4.80
C ARG A 72 7.79 -1.46 6.33
N LEU A 73 7.27 -2.56 6.84
CA LEU A 73 7.25 -2.78 8.28
C LEU A 73 8.68 -2.73 8.81
N VAL A 74 9.58 -3.37 8.07
CA VAL A 74 10.98 -3.41 8.46
C VAL A 74 11.47 -1.98 8.70
N ALA A 75 11.05 -1.09 7.82
CA ALA A 75 11.45 0.31 7.92
C ALA A 75 11.01 0.87 9.27
N CYS A 76 10.01 0.21 9.85
CA CYS A 76 9.49 0.63 11.14
C CYS A 76 10.51 0.23 12.22
N ALA A 77 10.71 -1.08 12.33
CA ALA A 77 11.64 -1.61 13.31
C ALA A 77 12.99 -0.91 13.15
N GLN A 78 13.20 -0.36 11.96
CA GLN A 78 14.44 0.35 11.67
C GLN A 78 14.52 1.65 12.47
N ASN A 79 13.37 2.06 12.98
CA ASN A 79 13.29 3.28 13.76
C ASN A 79 13.24 2.92 15.24
N GLY A 80 12.96 1.65 15.50
CA GLY A 80 12.87 1.17 16.87
C GLY A 80 11.42 1.05 17.33
N LEU A 81 10.52 1.28 16.39
CA LEU A 81 9.10 1.21 16.67
C LEU A 81 8.67 -0.26 16.73
N GLU A 82 7.46 -0.47 17.25
CA GLU A 82 6.92 -1.81 17.37
C GLU A 82 7.02 -2.54 16.03
N VAL A 83 6.83 -3.85 16.08
CA VAL A 83 6.89 -4.67 14.89
C VAL A 83 5.47 -4.98 14.41
N SER A 84 4.51 -4.55 15.22
CA SER A 84 3.11 -4.77 14.90
C SER A 84 2.54 -3.54 14.19
N LEU A 85 1.53 -3.79 13.36
CA LEU A 85 0.90 -2.72 12.62
C LEU A 85 0.31 -1.69 13.59
N SER A 86 0.08 -2.16 14.81
CA SER A 86 -0.47 -1.29 15.84
C SER A 86 0.43 -0.06 16.03
N SER A 87 1.65 -0.19 15.54
CA SER A 87 2.61 0.89 15.65
C SER A 87 2.81 1.56 14.28
N LEU A 88 2.35 0.88 13.26
CA LEU A 88 2.46 1.39 11.89
C LEU A 88 1.45 2.52 11.70
N SER A 89 1.46 3.07 10.49
CA SER A 89 0.55 4.16 10.16
C SER A 89 1.18 5.49 10.55
N LEU A 90 2.50 5.47 10.67
CA LEU A 90 3.24 6.67 11.04
C LEU A 90 4.21 7.03 9.91
N ALA A 91 5.15 7.90 10.23
CA ALA A 91 6.14 8.33 9.26
C ALA A 91 7.40 7.46 9.40
N VAL A 92 7.20 6.16 9.24
CA VAL A 92 8.30 5.22 9.34
C VAL A 92 9.42 5.65 8.38
N PRO A 93 10.68 5.45 8.86
CA PRO A 93 11.84 5.80 8.07
C PRO A 93 12.06 4.80 6.93
N PRO A 94 13.05 5.12 6.07
CA PRO A 94 13.38 4.25 4.95
C PRO A 94 14.14 3.01 5.41
N PRO A 95 13.86 1.87 4.71
CA PRO A 95 14.52 0.61 5.05
C PRO A 95 15.97 0.59 4.56
N ARG A 96 16.54 -0.60 4.53
CA ARG A 96 17.91 -0.76 4.09
C ARG A 96 17.95 -1.24 2.65
N PHE A 97 16.91 -1.98 2.27
CA PHE A 97 16.83 -2.51 0.92
C PHE A 97 17.32 -1.48 -0.10
N HIS A 98 17.64 -1.97 -1.29
CA HIS A 98 18.12 -1.12 -2.35
C HIS A 98 17.02 -0.16 -2.79
N ASP A 99 17.38 0.76 -3.67
CA ASP A 99 16.42 1.73 -4.18
C ASP A 99 15.08 1.03 -4.43
N LEU A 1 -3.89 0.15 1.51
CA LEU A 1 -4.31 0.23 0.11
C LEU A 1 -3.15 0.78 -0.72
N SER A 2 -3.49 1.73 -1.58
CA SER A 2 -2.49 2.33 -2.45
C SER A 2 -1.14 2.38 -1.74
N LEU A 3 -0.08 2.24 -2.53
CA LEU A 3 1.27 2.25 -1.99
C LEU A 3 1.33 3.25 -0.83
N THR A 4 0.67 4.38 -1.02
CA THR A 4 0.65 5.41 0.00
C THR A 4 0.32 4.79 1.37
N GLN A 5 -0.86 4.21 1.46
CA GLN A 5 -1.29 3.58 2.70
C GLN A 5 -0.54 2.27 2.93
N LEU A 6 -0.19 1.63 1.82
CA LEU A 6 0.54 0.36 1.89
C LEU A 6 1.74 0.52 2.83
N SER A 7 2.44 1.64 2.66
CA SER A 7 3.60 1.93 3.49
C SER A 7 4.06 3.37 3.27
N SER A 8 3.13 4.30 3.54
CA SER A 8 3.42 5.71 3.38
C SER A 8 3.84 5.99 1.94
N GLY A 9 3.55 5.04 1.06
CA GLY A 9 3.89 5.19 -0.33
C GLY A 9 5.40 5.06 -0.55
N ASN A 10 5.99 4.12 0.16
CA ASN A 10 7.42 3.89 0.07
C ASN A 10 7.77 3.44 -1.36
N PRO A 11 8.71 4.20 -1.98
CA PRO A 11 9.14 3.90 -3.33
C PRO A 11 10.05 2.68 -3.36
N VAL A 12 10.67 2.41 -2.22
CA VAL A 12 11.56 1.28 -2.10
C VAL A 12 10.98 0.09 -2.85
N TYR A 13 9.71 -0.19 -2.57
CA TYR A 13 9.03 -1.30 -3.21
C TYR A 13 8.85 -1.05 -4.70
N GLU A 14 8.60 0.22 -5.03
CA GLU A 14 8.40 0.61 -6.41
C GLU A 14 9.58 0.12 -7.28
N LYS A 15 10.77 0.22 -6.70
CA LYS A 15 11.97 -0.20 -7.40
C LYS A 15 11.75 -1.59 -8.00
N TYR A 16 11.50 -2.55 -7.12
CA TYR A 16 11.27 -3.92 -7.57
C TYR A 16 10.07 -3.99 -8.52
N TYR A 17 8.99 -3.34 -8.11
CA TYR A 17 7.78 -3.32 -8.91
C TYR A 17 8.07 -2.83 -10.33
N ARG A 18 9.11 -2.03 -10.44
CA ARG A 18 9.51 -1.48 -11.73
C ARG A 18 10.21 -2.56 -12.57
N GLN A 19 10.90 -3.45 -11.88
CA GLN A 19 11.61 -4.52 -12.54
C GLN A 19 10.63 -5.44 -13.29
N VAL A 20 9.45 -5.57 -12.71
CA VAL A 20 8.42 -6.39 -13.31
C VAL A 20 7.59 -5.56 -14.29
N GLU A 21 7.78 -4.25 -14.20
CA GLU A 21 7.07 -3.33 -15.07
C GLU A 21 7.71 -3.31 -16.46
N ALA A 22 6.90 -3.64 -17.46
CA ALA A 22 7.38 -3.67 -18.83
C ALA A 22 7.91 -2.29 -19.20
N GLY A 23 9.23 -2.16 -19.14
CA GLY A 23 9.88 -0.91 -19.47
C GLY A 23 9.49 0.19 -18.48
N ASN A 24 9.78 1.42 -18.87
CA ASN A 24 9.46 2.56 -18.03
C ASN A 24 8.09 3.11 -18.41
N THR A 25 7.21 2.20 -18.81
CA THR A 25 5.86 2.57 -19.20
C THR A 25 5.10 3.16 -18.02
N GLY A 26 5.16 2.44 -16.91
CA GLY A 26 4.48 2.87 -15.70
C GLY A 26 3.41 1.87 -15.28
N ARG A 27 3.15 0.92 -16.16
CA ARG A 27 2.16 -0.10 -15.90
C ARG A 27 2.81 -1.49 -15.91
N VAL A 28 2.49 -2.28 -14.90
CA VAL A 28 3.03 -3.61 -14.79
C VAL A 28 2.20 -4.57 -15.67
N LEU A 29 2.86 -5.09 -16.69
CA LEU A 29 2.21 -6.01 -17.60
C LEU A 29 1.65 -7.20 -16.81
N ALA A 30 2.15 -7.34 -15.59
CA ALA A 30 1.71 -8.43 -14.72
C ALA A 30 2.52 -9.67 -15.04
N LEU A 31 2.55 -10.03 -16.31
CA LEU A 31 3.29 -11.19 -16.75
C LEU A 31 4.64 -11.23 -16.06
N ASP A 32 5.37 -10.12 -16.20
CA ASP A 32 6.69 -10.02 -15.59
C ASP A 32 6.56 -10.19 -14.08
N ALA A 33 5.45 -9.70 -13.54
CA ALA A 33 5.20 -9.80 -12.11
C ALA A 33 5.43 -11.24 -11.66
N ALA A 34 4.71 -12.15 -12.28
CA ALA A 34 4.83 -13.55 -11.95
C ALA A 34 6.28 -14.00 -12.12
N ALA A 35 6.99 -13.28 -12.98
CA ALA A 35 8.39 -13.59 -13.24
C ALA A 35 9.22 -13.26 -12.00
N PHE A 36 9.10 -12.00 -11.56
CA PHE A 36 9.83 -11.56 -10.39
C PHE A 36 9.39 -12.32 -9.14
N LEU A 37 8.08 -12.53 -9.06
CA LEU A 37 7.52 -13.25 -7.92
C LEU A 37 8.32 -14.52 -7.67
N LYS A 38 8.58 -15.24 -8.76
CA LYS A 38 9.33 -16.48 -8.68
C LYS A 38 10.61 -16.24 -7.86
N LYS A 39 11.04 -14.99 -7.85
CA LYS A 39 12.25 -14.62 -7.13
C LYS A 39 12.03 -14.88 -5.64
N SER A 40 10.77 -15.10 -5.28
CA SER A 40 10.42 -15.36 -3.90
C SER A 40 10.93 -16.74 -3.48
N GLY A 41 10.22 -17.76 -3.93
CA GLY A 41 10.59 -19.13 -3.61
C GLY A 41 9.34 -20.02 -3.51
N LEU A 42 8.20 -19.37 -3.35
CA LEU A 42 6.95 -20.10 -3.24
C LEU A 42 6.61 -20.74 -4.58
N PRO A 43 5.68 -21.73 -4.53
CA PRO A 43 5.25 -22.43 -5.73
C PRO A 43 4.33 -21.55 -6.58
N ASP A 44 4.09 -22.01 -7.80
CA ASP A 44 3.23 -21.29 -8.71
C ASP A 44 1.77 -21.54 -8.35
N LEU A 45 1.51 -22.74 -7.86
CA LEU A 45 0.16 -23.12 -7.47
C LEU A 45 -0.33 -22.17 -6.38
N ILE A 46 0.33 -22.25 -5.23
CA ILE A 46 -0.02 -21.39 -4.10
C ILE A 46 -0.05 -19.94 -4.56
N LEU A 47 0.88 -19.60 -5.44
CA LEU A 47 0.97 -18.25 -5.95
C LEU A 47 -0.31 -17.91 -6.72
N GLY A 48 -0.67 -18.80 -7.63
CA GLY A 48 -1.87 -18.61 -8.43
C GLY A 48 -3.00 -18.03 -7.59
N LYS A 49 -3.17 -18.59 -6.39
CA LYS A 49 -4.20 -18.13 -5.49
C LYS A 49 -3.96 -16.66 -5.14
N ILE A 50 -2.71 -16.36 -4.79
CA ILE A 50 -2.34 -15.01 -4.44
C ILE A 50 -2.71 -14.06 -5.59
N TRP A 51 -2.21 -14.40 -6.77
CA TRP A 51 -2.47 -13.60 -7.95
C TRP A 51 -3.99 -13.46 -8.10
N ASP A 52 -4.66 -14.61 -8.15
CA ASP A 52 -6.10 -14.63 -8.29
C ASP A 52 -6.73 -13.68 -7.27
N LEU A 53 -6.15 -13.68 -6.08
CA LEU A 53 -6.64 -12.83 -5.00
C LEU A 53 -6.17 -11.40 -5.25
N ALA A 54 -5.04 -11.28 -5.95
CA ALA A 54 -4.48 -9.97 -6.26
C ALA A 54 -5.25 -9.37 -7.43
N ASP A 55 -5.04 -9.96 -8.60
CA ASP A 55 -5.70 -9.49 -9.81
C ASP A 55 -7.14 -9.09 -9.48
N THR A 56 -7.61 -8.08 -10.19
CA THR A 56 -8.96 -7.59 -9.98
C THR A 56 -9.39 -6.69 -11.14
N ASP A 57 -8.46 -5.84 -11.56
CA ASP A 57 -8.73 -4.92 -12.66
C ASP A 57 -9.14 -5.72 -13.90
N GLY A 58 -8.32 -6.72 -14.22
CA GLY A 58 -8.58 -7.56 -15.37
C GLY A 58 -7.52 -7.36 -16.46
N LYS A 59 -7.73 -8.01 -17.59
CA LYS A 59 -6.81 -7.90 -18.70
C LYS A 59 -5.52 -8.66 -18.35
N GLY A 60 -4.87 -8.21 -17.30
CA GLY A 60 -3.63 -8.84 -16.86
C GLY A 60 -2.79 -7.86 -16.03
N VAL A 61 -2.53 -6.71 -16.62
CA VAL A 61 -1.74 -5.69 -15.94
C VAL A 61 -2.13 -5.65 -14.46
N LEU A 62 -1.15 -5.29 -13.64
CA LEU A 62 -1.38 -5.21 -12.20
C LEU A 62 -1.60 -3.75 -11.81
N SER A 63 -1.93 -3.55 -10.54
CA SER A 63 -2.18 -2.22 -10.02
C SER A 63 -1.08 -1.84 -9.02
N LYS A 64 -1.33 -0.74 -8.32
CA LYS A 64 -0.38 -0.26 -7.33
C LYS A 64 -0.40 -1.21 -6.11
N GLN A 65 -1.37 -0.98 -5.24
CA GLN A 65 -1.51 -1.79 -4.05
C GLN A 65 -1.57 -3.27 -4.42
N GLU A 66 -2.18 -3.53 -5.56
CA GLU A 66 -2.32 -4.90 -6.04
C GLU A 66 -0.98 -5.64 -5.93
N PHE A 67 -0.08 -5.31 -6.83
CA PHE A 67 1.23 -5.93 -6.85
C PHE A 67 1.90 -5.82 -5.48
N PHE A 68 1.83 -4.63 -4.92
CA PHE A 68 2.43 -4.38 -3.61
C PHE A 68 1.84 -5.31 -2.56
N VAL A 69 0.61 -5.72 -2.79
CA VAL A 69 -0.08 -6.62 -1.88
C VAL A 69 0.43 -8.04 -2.08
N ALA A 70 0.26 -8.53 -3.30
CA ALA A 70 0.71 -9.88 -3.63
C ALA A 70 2.11 -10.10 -3.07
N LEU A 71 2.85 -9.00 -2.93
CA LEU A 71 4.20 -9.07 -2.41
C LEU A 71 4.16 -9.51 -0.95
N ARG A 72 3.77 -8.58 -0.09
CA ARG A 72 3.68 -8.86 1.33
C ARG A 72 2.87 -10.13 1.57
N LEU A 73 1.95 -10.39 0.65
CA LEU A 73 1.10 -11.56 0.75
C LEU A 73 1.97 -12.81 0.87
N VAL A 74 2.96 -12.88 -0.01
CA VAL A 74 3.88 -14.01 -0.02
C VAL A 74 4.43 -14.22 1.39
N ALA A 75 4.75 -13.11 2.04
CA ALA A 75 5.30 -13.16 3.38
C ALA A 75 4.29 -13.87 4.31
N CYS A 76 3.06 -13.97 3.83
CA CYS A 76 2.01 -14.61 4.60
C CYS A 76 2.16 -16.12 4.42
N ALA A 77 1.94 -16.57 3.20
CA ALA A 77 2.05 -17.98 2.90
C ALA A 77 3.36 -18.54 3.47
N GLN A 78 4.31 -17.64 3.64
CA GLN A 78 5.61 -18.01 4.17
C GLN A 78 5.46 -18.56 5.59
N ASN A 79 4.40 -18.12 6.26
CA ASN A 79 4.13 -18.55 7.62
C ASN A 79 3.05 -19.63 7.60
N GLY A 80 2.75 -20.10 6.40
CA GLY A 80 1.73 -21.12 6.22
C GLY A 80 0.33 -20.54 6.42
N LEU A 81 0.26 -19.22 6.40
CA LEU A 81 -1.01 -18.53 6.57
C LEU A 81 -1.79 -18.59 5.26
N GLU A 82 -3.10 -18.40 5.37
CA GLU A 82 -3.96 -18.42 4.21
C GLU A 82 -3.31 -17.69 3.03
N VAL A 83 -3.85 -17.93 1.85
CA VAL A 83 -3.32 -17.30 0.65
C VAL A 83 -4.28 -16.21 0.20
N SER A 84 -5.33 -16.01 0.98
CA SER A 84 -6.32 -15.01 0.68
C SER A 84 -5.99 -13.70 1.42
N LEU A 85 -6.62 -12.63 0.97
CA LEU A 85 -6.41 -11.33 1.58
C LEU A 85 -6.78 -11.38 3.06
N SER A 86 -7.63 -12.35 3.38
CA SER A 86 -8.08 -12.53 4.75
C SER A 86 -6.91 -12.99 5.62
N SER A 87 -5.79 -13.26 4.98
CA SER A 87 -4.61 -13.72 5.67
C SER A 87 -3.67 -12.53 5.93
N LEU A 88 -3.98 -11.42 5.28
CA LEU A 88 -3.18 -10.22 5.43
C LEU A 88 -3.76 -9.35 6.55
N SER A 89 -3.09 -8.24 6.81
CA SER A 89 -3.53 -7.33 7.84
C SER A 89 -3.09 -7.85 9.21
N LEU A 90 -2.25 -8.87 9.19
CA LEU A 90 -1.76 -9.46 10.41
C LEU A 90 -0.26 -9.19 10.54
N ALA A 91 0.36 -9.89 11.49
CA ALA A 91 1.79 -9.72 11.72
C ALA A 91 2.54 -10.87 11.04
N VAL A 92 2.41 -10.92 9.72
CA VAL A 92 3.06 -11.96 8.94
C VAL A 92 4.58 -11.74 8.99
N PRO A 93 5.33 -12.86 8.80
CA PRO A 93 6.78 -12.81 8.83
C PRO A 93 7.33 -12.17 7.54
N PRO A 94 8.68 -11.98 7.53
CA PRO A 94 9.33 -11.39 6.38
C PRO A 94 9.44 -12.39 5.23
N PRO A 95 9.37 -11.85 3.99
CA PRO A 95 9.45 -12.68 2.80
C PRO A 95 10.89 -13.15 2.56
N ARG A 96 11.13 -13.61 1.35
CA ARG A 96 12.45 -14.09 0.97
C ARG A 96 13.21 -13.01 0.19
N PHE A 97 12.44 -12.20 -0.53
CA PHE A 97 13.02 -11.13 -1.32
C PHE A 97 14.18 -10.46 -0.58
N HIS A 98 15.00 -9.76 -1.33
CA HIS A 98 16.15 -9.07 -0.76
C HIS A 98 15.66 -7.96 0.16
N ASP A 99 16.59 -7.44 0.96
CA ASP A 99 16.26 -6.37 1.89
C ASP A 99 15.13 -6.83 2.81
N LEU A 1 -3.89 0.15 1.51
CA LEU A 1 -4.31 0.23 0.11
C LEU A 1 -3.27 1.04 -0.68
N SER A 2 -3.53 1.17 -1.97
CA SER A 2 -2.63 1.90 -2.84
C SER A 2 -3.38 2.35 -4.10
N LEU A 3 -2.66 3.06 -4.95
CA LEU A 3 -3.23 3.56 -6.19
C LEU A 3 -3.36 2.40 -7.19
N THR A 4 -2.40 1.50 -7.12
CA THR A 4 -2.40 0.34 -8.01
C THR A 4 -3.71 -0.44 -7.86
N GLN A 5 -3.93 -0.98 -6.68
CA GLN A 5 -5.12 -1.74 -6.41
C GLN A 5 -6.37 -0.90 -6.66
N LEU A 6 -6.21 0.40 -6.45
CA LEU A 6 -7.31 1.33 -6.66
C LEU A 6 -7.90 1.11 -8.05
N SER A 7 -7.10 0.52 -8.92
CA SER A 7 -7.53 0.24 -10.28
C SER A 7 -6.85 -1.03 -10.80
N SER A 8 -6.82 -2.04 -9.94
CA SER A 8 -6.20 -3.30 -10.30
C SER A 8 -4.92 -3.05 -11.11
N GLY A 9 -4.30 -1.92 -10.82
CA GLY A 9 -3.08 -1.54 -11.51
C GLY A 9 -3.37 -0.78 -12.80
N ASN A 10 -4.08 0.34 -12.63
CA ASN A 10 -4.44 1.17 -13.77
C ASN A 10 -4.16 2.64 -13.42
N PRO A 11 -3.06 3.16 -14.01
CA PRO A 11 -2.67 4.54 -13.77
C PRO A 11 -3.57 5.50 -14.55
N VAL A 12 -4.51 4.92 -15.29
CA VAL A 12 -5.44 5.71 -16.08
C VAL A 12 -6.04 6.81 -15.20
N TYR A 13 -6.09 6.53 -13.91
CA TYR A 13 -6.65 7.48 -12.96
C TYR A 13 -5.75 8.72 -12.84
N GLU A 14 -4.45 8.47 -12.88
CA GLU A 14 -3.49 9.55 -12.78
C GLU A 14 -3.76 10.61 -13.86
N LYS A 15 -4.10 10.13 -15.04
CA LYS A 15 -4.39 11.01 -16.15
C LYS A 15 -5.46 12.03 -15.72
N TYR A 16 -6.49 11.52 -15.06
CA TYR A 16 -7.56 12.37 -14.59
C TYR A 16 -7.14 13.19 -13.38
N TYR A 17 -6.44 12.53 -12.46
CA TYR A 17 -5.97 13.18 -11.26
C TYR A 17 -5.14 14.42 -11.60
N ARG A 18 -4.55 14.39 -12.79
CA ARG A 18 -3.74 15.51 -13.24
C ARG A 18 -4.60 16.52 -14.01
N GLN A 19 -5.72 16.02 -14.52
CA GLN A 19 -6.63 16.87 -15.28
C GLN A 19 -7.19 17.98 -14.38
N VAL A 20 -7.51 17.61 -13.15
CA VAL A 20 -8.04 18.57 -12.21
C VAL A 20 -6.91 19.45 -11.68
N GLU A 21 -5.80 18.80 -11.34
CA GLU A 21 -4.64 19.50 -10.84
C GLU A 21 -4.39 20.78 -11.65
N ALA A 22 -4.56 21.92 -10.99
CA ALA A 22 -4.36 23.20 -11.63
C ALA A 22 -2.97 23.23 -12.26
N GLY A 23 -2.84 24.06 -13.30
CA GLY A 23 -1.56 24.19 -14.00
C GLY A 23 -0.55 24.95 -13.14
N ASN A 24 0.71 24.52 -13.25
CA ASN A 24 1.77 25.14 -12.50
C ASN A 24 1.41 25.17 -11.01
N THR A 25 1.45 23.98 -10.41
CA THR A 25 1.13 23.85 -9.00
C THR A 25 1.83 22.63 -8.41
N GLY A 26 1.85 21.55 -9.18
CA GLY A 26 2.48 20.33 -8.74
C GLY A 26 1.58 19.55 -7.77
N ARG A 27 0.51 20.22 -7.36
CA ARG A 27 -0.44 19.61 -6.44
C ARG A 27 -1.87 19.91 -6.88
N VAL A 28 -2.79 19.07 -6.42
CA VAL A 28 -4.20 19.23 -6.77
C VAL A 28 -4.83 20.26 -5.82
N LEU A 29 -5.08 21.43 -6.36
CA LEU A 29 -5.69 22.50 -5.57
C LEU A 29 -6.98 21.99 -4.93
N ALA A 30 -7.48 20.89 -5.48
CA ALA A 30 -8.70 20.30 -4.97
C ALA A 30 -9.90 20.96 -5.65
N LEU A 31 -9.88 22.29 -5.65
CA LEU A 31 -10.95 23.06 -6.24
C LEU A 31 -11.35 22.42 -7.59
N ASP A 32 -10.33 22.05 -8.35
CA ASP A 32 -10.56 21.42 -9.64
C ASP A 32 -11.06 20.00 -9.43
N ALA A 33 -10.50 19.35 -8.42
CA ALA A 33 -10.87 17.98 -8.11
C ALA A 33 -12.39 17.91 -7.90
N ALA A 34 -12.89 18.86 -7.13
CA ALA A 34 -14.32 18.91 -6.85
C ALA A 34 -15.08 19.16 -8.15
N ALA A 35 -14.43 19.85 -9.07
CA ALA A 35 -15.03 20.17 -10.36
C ALA A 35 -15.14 18.89 -11.19
N PHE A 36 -14.00 18.22 -11.35
CA PHE A 36 -13.95 16.99 -12.12
C PHE A 36 -14.93 15.95 -11.55
N LEU A 37 -15.07 15.99 -10.23
CA LEU A 37 -15.97 15.06 -9.56
C LEU A 37 -17.41 15.40 -9.92
N LYS A 38 -17.73 16.69 -9.83
CA LYS A 38 -19.07 17.15 -10.15
C LYS A 38 -19.47 16.62 -11.53
N LYS A 39 -18.47 16.28 -12.31
CA LYS A 39 -18.70 15.76 -13.65
C LYS A 39 -19.34 14.38 -13.55
N SER A 40 -19.39 13.87 -12.33
CA SER A 40 -19.97 12.55 -12.08
C SER A 40 -21.47 12.58 -12.40
N GLY A 41 -22.19 13.35 -11.59
CA GLY A 41 -23.63 13.47 -11.76
C GLY A 41 -24.33 13.55 -10.40
N LEU A 42 -23.67 13.00 -9.40
CA LEU A 42 -24.22 13.00 -8.05
C LEU A 42 -24.31 14.44 -7.54
N PRO A 43 -25.16 14.63 -6.50
CA PRO A 43 -25.35 15.94 -5.91
C PRO A 43 -24.14 16.32 -5.03
N ASP A 44 -24.12 17.59 -4.64
CA ASP A 44 -23.03 18.09 -3.80
C ASP A 44 -23.21 17.55 -2.38
N LEU A 45 -24.45 17.20 -2.06
CA LEU A 45 -24.76 16.68 -0.74
C LEU A 45 -23.96 15.41 -0.50
N ILE A 46 -24.28 14.38 -1.29
CA ILE A 46 -23.60 13.11 -1.16
C ILE A 46 -22.09 13.32 -1.32
N LEU A 47 -21.75 14.26 -2.20
CA LEU A 47 -20.35 14.57 -2.44
C LEU A 47 -19.72 15.14 -1.17
N GLY A 48 -20.46 16.03 -0.53
CA GLY A 48 -19.99 16.66 0.69
C GLY A 48 -19.38 15.62 1.64
N LYS A 49 -20.09 14.51 1.77
CA LYS A 49 -19.64 13.43 2.64
C LYS A 49 -18.32 12.88 2.11
N ILE A 50 -18.26 12.71 0.79
CA ILE A 50 -17.07 12.20 0.16
C ILE A 50 -15.87 13.08 0.52
N TRP A 51 -16.02 14.36 0.23
CA TRP A 51 -14.96 15.32 0.53
C TRP A 51 -14.64 15.23 2.02
N ASP A 52 -15.66 15.40 2.83
CA ASP A 52 -15.50 15.34 4.27
C ASP A 52 -14.65 14.12 4.63
N LEU A 53 -14.96 13.01 3.99
CA LEU A 53 -14.24 11.77 4.22
C LEU A 53 -12.86 11.85 3.56
N ALA A 54 -12.82 12.59 2.46
CA ALA A 54 -11.58 12.77 1.72
C ALA A 54 -10.62 13.63 2.52
N ASP A 55 -11.00 14.90 2.66
CA ASP A 55 -10.18 15.85 3.40
C ASP A 55 -9.59 15.15 4.63
N THR A 56 -8.27 15.29 4.76
CA THR A 56 -7.56 14.66 5.87
C THR A 56 -6.16 15.28 6.01
N ASP A 57 -5.52 15.47 4.87
CA ASP A 57 -4.18 16.03 4.85
C ASP A 57 -4.17 17.31 5.68
N GLY A 58 -5.18 18.14 5.46
CA GLY A 58 -5.29 19.40 6.17
C GLY A 58 -5.70 20.53 5.23
N LYS A 59 -4.87 20.77 4.24
CA LYS A 59 -5.13 21.82 3.26
C LYS A 59 -6.14 21.30 2.23
N GLY A 60 -6.87 22.24 1.65
CA GLY A 60 -7.86 21.90 0.65
C GLY A 60 -7.27 21.00 -0.43
N VAL A 61 -6.05 21.33 -0.82
CA VAL A 61 -5.36 20.56 -1.85
C VAL A 61 -5.55 19.07 -1.58
N LEU A 62 -5.66 18.31 -2.67
CA LEU A 62 -5.84 16.88 -2.56
C LEU A 62 -4.50 16.18 -2.77
N SER A 63 -4.50 14.88 -2.51
CA SER A 63 -3.29 14.08 -2.67
C SER A 63 -3.53 12.96 -3.68
N LYS A 64 -2.84 11.86 -3.46
CA LYS A 64 -2.96 10.70 -4.35
C LYS A 64 -4.19 9.88 -3.93
N GLN A 65 -3.92 8.89 -3.08
CA GLN A 65 -4.98 8.02 -2.60
C GLN A 65 -6.26 8.83 -2.35
N GLU A 66 -6.10 9.92 -1.62
CA GLU A 66 -7.23 10.78 -1.30
C GLU A 66 -8.15 10.91 -2.52
N PHE A 67 -7.65 11.62 -3.53
CA PHE A 67 -8.42 11.82 -4.74
C PHE A 67 -8.83 10.49 -5.37
N PHE A 68 -7.86 9.60 -5.47
CA PHE A 68 -8.10 8.28 -6.04
C PHE A 68 -9.22 7.56 -5.28
N VAL A 69 -9.46 8.02 -4.07
CA VAL A 69 -10.49 7.43 -3.24
C VAL A 69 -11.85 8.07 -3.58
N ALA A 70 -11.94 9.36 -3.30
CA ALA A 70 -13.16 10.09 -3.58
C ALA A 70 -13.70 9.70 -4.95
N LEU A 71 -12.77 9.36 -5.83
CA LEU A 71 -13.12 8.96 -7.19
C LEU A 71 -14.04 7.73 -7.12
N ARG A 72 -13.42 6.58 -6.92
CA ARG A 72 -14.16 5.33 -6.84
C ARG A 72 -15.30 5.46 -5.83
N LEU A 73 -15.07 6.31 -4.84
CA LEU A 73 -16.07 6.53 -3.80
C LEU A 73 -17.39 6.97 -4.45
N VAL A 74 -17.26 7.84 -5.43
CA VAL A 74 -18.43 8.36 -6.14
C VAL A 74 -19.22 7.18 -6.72
N ALA A 75 -18.48 6.19 -7.20
CA ALA A 75 -19.10 5.01 -7.79
C ALA A 75 -19.86 4.25 -6.69
N CYS A 76 -19.61 4.65 -5.46
CA CYS A 76 -20.26 4.01 -4.32
C CYS A 76 -21.69 4.53 -4.24
N ALA A 77 -21.81 5.81 -3.87
CA ALA A 77 -23.12 6.43 -3.76
C ALA A 77 -23.90 6.22 -5.05
N GLN A 78 -23.16 5.97 -6.11
CA GLN A 78 -23.77 5.75 -7.42
C GLN A 78 -24.75 4.57 -7.35
N ASN A 79 -24.45 3.65 -6.44
CA ASN A 79 -25.29 2.47 -6.26
C ASN A 79 -26.20 2.68 -5.05
N GLY A 80 -25.87 3.69 -4.27
CA GLY A 80 -26.65 4.00 -3.09
C GLY A 80 -25.96 3.50 -1.83
N LEU A 81 -24.68 3.15 -1.98
CA LEU A 81 -23.90 2.66 -0.86
C LEU A 81 -23.46 3.82 0.01
N GLU A 82 -22.73 3.50 1.06
CA GLU A 82 -22.25 4.51 1.99
C GLU A 82 -21.36 5.51 1.25
N VAL A 83 -21.04 6.60 1.95
CA VAL A 83 -20.19 7.63 1.37
C VAL A 83 -18.84 7.64 2.10
N SER A 84 -18.80 6.91 3.20
CA SER A 84 -17.58 6.83 4.00
C SER A 84 -16.76 5.61 3.57
N LEU A 85 -15.45 5.72 3.74
CA LEU A 85 -14.55 4.64 3.39
C LEU A 85 -14.90 3.40 4.23
N SER A 86 -15.48 3.66 5.40
CA SER A 86 -15.86 2.58 6.29
C SER A 86 -16.74 1.57 5.54
N SER A 87 -17.32 2.03 4.45
CA SER A 87 -18.18 1.18 3.64
C SER A 87 -17.63 1.08 2.21
N LEU A 88 -16.30 1.13 2.12
CA LEU A 88 -15.64 1.05 0.84
C LEU A 88 -14.89 -0.29 0.74
N SER A 89 -14.17 -0.45 -0.36
CA SER A 89 -13.42 -1.68 -0.58
C SER A 89 -14.37 -2.83 -0.89
N LEU A 90 -15.43 -2.52 -1.62
CA LEU A 90 -16.42 -3.51 -1.97
C LEU A 90 -16.47 -3.65 -3.51
N ALA A 91 -17.56 -4.24 -3.98
CA ALA A 91 -17.74 -4.43 -5.40
C ALA A 91 -18.74 -3.40 -5.93
N VAL A 92 -18.34 -2.14 -5.82
CA VAL A 92 -19.18 -1.05 -6.29
C VAL A 92 -19.18 -1.02 -7.81
N PRO A 93 -20.29 -0.47 -8.38
CA PRO A 93 -20.42 -0.37 -9.83
C PRO A 93 -19.52 0.74 -10.39
N PRO A 94 -19.49 0.82 -11.74
CA PRO A 94 -18.68 1.82 -12.42
C PRO A 94 -19.33 3.21 -12.32
N PRO A 95 -18.46 4.24 -12.20
CA PRO A 95 -18.94 5.61 -12.10
C PRO A 95 -19.43 6.13 -13.46
N ARG A 96 -19.58 7.44 -13.52
CA ARG A 96 -20.04 8.07 -14.75
C ARG A 96 -18.85 8.65 -15.53
N PHE A 97 -17.83 9.05 -14.79
CA PHE A 97 -16.64 9.62 -15.38
C PHE A 97 -16.26 8.88 -16.68
N HIS A 98 -15.45 9.54 -17.48
CA HIS A 98 -15.02 8.94 -18.74
C HIS A 98 -14.14 7.73 -18.47
N ASP A 99 -14.34 6.70 -19.27
CA ASP A 99 -13.57 5.48 -19.13
C ASP A 99 -13.87 4.55 -20.30
N LEU A 1 -3.89 0.15 1.51
CA LEU A 1 -4.31 0.23 0.11
C LEU A 1 -3.30 -0.52 -0.75
N SER A 2 -3.47 -0.39 -2.06
CA SER A 2 -2.60 -1.05 -3.01
C SER A 2 -3.21 -1.01 -4.41
N LEU A 3 -2.49 -1.63 -5.34
CA LEU A 3 -2.96 -1.67 -6.71
C LEU A 3 -4.42 -2.15 -6.75
N THR A 4 -4.72 -3.09 -5.87
CA THR A 4 -6.07 -3.63 -5.79
C THR A 4 -7.10 -2.49 -5.78
N GLN A 5 -7.20 -1.85 -4.63
CA GLN A 5 -8.15 -0.75 -4.47
C GLN A 5 -7.86 0.34 -5.51
N LEU A 6 -6.58 0.50 -5.82
CA LEU A 6 -6.17 1.49 -6.79
C LEU A 6 -6.83 1.18 -8.15
N SER A 7 -7.36 -0.03 -8.25
CA SER A 7 -8.01 -0.46 -9.48
C SER A 7 -9.15 -1.41 -9.14
N SER A 8 -9.84 -1.12 -8.06
CA SER A 8 -10.95 -1.95 -7.62
C SER A 8 -10.63 -3.43 -7.86
N GLY A 9 -9.34 -3.73 -7.79
CA GLY A 9 -8.89 -5.10 -7.98
C GLY A 9 -8.67 -5.39 -9.47
N ASN A 10 -7.77 -4.61 -10.07
CA ASN A 10 -7.47 -4.78 -11.48
C ASN A 10 -5.95 -4.83 -11.66
N PRO A 11 -5.45 -6.07 -11.90
CA PRO A 11 -4.02 -6.27 -12.09
C PRO A 11 -3.58 -5.79 -13.47
N VAL A 12 -4.56 -5.44 -14.28
CA VAL A 12 -4.30 -4.96 -15.63
C VAL A 12 -3.08 -4.04 -15.60
N TYR A 13 -3.14 -3.07 -14.71
CA TYR A 13 -2.05 -2.11 -14.57
C TYR A 13 -0.75 -2.81 -14.16
N GLU A 14 -0.90 -3.81 -13.30
CA GLU A 14 0.25 -4.55 -12.82
C GLU A 14 1.10 -5.03 -14.00
N LYS A 15 0.41 -5.47 -15.05
CA LYS A 15 1.09 -5.95 -16.24
C LYS A 15 2.17 -4.97 -16.64
N TYR A 16 1.74 -3.76 -16.97
CA TYR A 16 2.68 -2.71 -17.37
C TYR A 16 3.71 -2.45 -16.27
N TYR A 17 3.21 -2.30 -15.06
CA TYR A 17 4.07 -2.04 -13.91
C TYR A 17 5.16 -3.10 -13.81
N ARG A 18 4.86 -4.27 -14.33
CA ARG A 18 5.81 -5.38 -14.30
C ARG A 18 6.88 -5.18 -15.36
N GLN A 19 6.49 -4.54 -16.46
CA GLN A 19 7.41 -4.28 -17.55
C GLN A 19 8.55 -3.38 -17.08
N VAL A 20 8.23 -2.49 -16.14
CA VAL A 20 9.20 -1.57 -15.60
C VAL A 20 9.99 -2.26 -14.48
N GLU A 21 9.44 -3.38 -14.03
CA GLU A 21 10.08 -4.15 -12.96
C GLU A 21 11.35 -4.81 -13.48
N ALA A 22 12.34 -4.88 -12.60
CA ALA A 22 13.61 -5.48 -12.95
C ALA A 22 13.82 -6.75 -12.11
N GLY A 23 14.51 -7.71 -12.71
CA GLY A 23 14.78 -8.97 -12.04
C GLY A 23 13.48 -9.72 -11.73
N ASN A 24 13.62 -10.79 -10.96
CA ASN A 24 12.46 -11.59 -10.59
C ASN A 24 12.27 -11.52 -9.07
N THR A 25 12.33 -10.29 -8.55
CA THR A 25 12.16 -10.08 -7.13
C THR A 25 10.77 -9.52 -6.84
N GLY A 26 10.17 -8.93 -7.87
CA GLY A 26 8.84 -8.35 -7.75
C GLY A 26 8.92 -6.90 -7.30
N ARG A 27 10.12 -6.34 -7.40
CA ARG A 27 10.34 -4.95 -7.01
C ARG A 27 10.65 -4.10 -8.25
N VAL A 28 10.16 -2.87 -8.21
CA VAL A 28 10.37 -1.95 -9.31
C VAL A 28 11.65 -1.13 -9.05
N LEU A 29 12.60 -1.29 -9.96
CA LEU A 29 13.86 -0.58 -9.84
C LEU A 29 13.59 0.93 -9.89
N ALA A 30 12.38 1.28 -10.27
CA ALA A 30 11.99 2.67 -10.37
C ALA A 30 12.55 3.27 -11.66
N LEU A 31 13.86 3.15 -11.81
CA LEU A 31 14.52 3.67 -13.00
C LEU A 31 13.71 3.31 -14.24
N ASP A 32 13.41 2.02 -14.35
CA ASP A 32 12.63 1.53 -15.49
C ASP A 32 11.28 2.23 -15.52
N ALA A 33 10.68 2.36 -14.34
CA ALA A 33 9.39 3.00 -14.22
C ALA A 33 9.43 4.37 -14.92
N ALA A 34 10.44 5.14 -14.56
CA ALA A 34 10.60 6.47 -15.15
C ALA A 34 10.69 6.33 -16.67
N ALA A 35 11.10 5.16 -17.11
CA ALA A 35 11.23 4.89 -18.53
C ALA A 35 9.83 4.63 -19.12
N PHE A 36 9.12 3.71 -18.49
CA PHE A 36 7.78 3.37 -18.94
C PHE A 36 6.87 4.59 -18.95
N LEU A 37 7.00 5.40 -17.91
CA LEU A 37 6.20 6.61 -17.79
C LEU A 37 6.42 7.49 -19.03
N LYS A 38 7.68 7.68 -19.36
CA LYS A 38 8.04 8.49 -20.52
C LYS A 38 7.23 8.02 -21.73
N LYS A 39 6.77 6.78 -21.65
CA LYS A 39 6.00 6.20 -22.73
C LYS A 39 4.54 6.67 -22.61
N SER A 40 4.36 7.75 -21.87
CA SER A 40 3.04 8.31 -21.66
C SER A 40 2.76 9.40 -22.72
N GLY A 41 3.48 10.50 -22.59
CA GLY A 41 3.33 11.61 -23.51
C GLY A 41 3.80 12.91 -22.88
N LEU A 42 3.53 13.04 -21.58
CA LEU A 42 3.91 14.24 -20.85
C LEU A 42 5.43 14.41 -20.94
N PRO A 43 5.89 15.65 -20.63
CA PRO A 43 7.31 15.97 -20.67
C PRO A 43 8.03 15.36 -19.46
N ASP A 44 9.25 15.84 -19.24
CA ASP A 44 10.05 15.35 -18.13
C ASP A 44 9.90 16.30 -16.94
N LEU A 45 9.75 17.58 -17.26
CA LEU A 45 9.59 18.60 -16.23
C LEU A 45 8.35 18.28 -15.39
N ILE A 46 7.23 18.12 -16.09
CA ILE A 46 5.98 17.81 -15.43
C ILE A 46 6.09 16.46 -14.73
N LEU A 47 6.84 15.56 -15.37
CA LEU A 47 7.03 14.23 -14.83
C LEU A 47 7.75 14.34 -13.48
N GLY A 48 8.88 15.02 -13.50
CA GLY A 48 9.67 15.20 -12.30
C GLY A 48 8.78 15.49 -11.10
N LYS A 49 7.80 16.34 -11.32
CA LYS A 49 6.87 16.71 -10.27
C LYS A 49 6.08 15.47 -9.83
N ILE A 50 5.65 14.69 -10.82
CA ILE A 50 4.89 13.50 -10.55
C ILE A 50 5.71 12.57 -9.63
N TRP A 51 6.91 12.27 -10.08
CA TRP A 51 7.80 11.41 -9.31
C TRP A 51 7.95 12.01 -7.91
N ASP A 52 8.37 13.27 -7.89
CA ASP A 52 8.55 13.97 -6.63
C ASP A 52 7.35 13.72 -5.72
N LEU A 53 6.17 13.74 -6.34
CA LEU A 53 4.94 13.52 -5.60
C LEU A 53 4.77 12.02 -5.34
N ALA A 54 5.30 11.24 -6.26
CA ALA A 54 5.22 9.79 -6.14
C ALA A 54 6.15 9.31 -5.03
N ASP A 55 7.44 9.47 -5.28
CA ASP A 55 8.44 9.06 -4.31
C ASP A 55 7.94 9.39 -2.90
N THR A 56 8.00 8.38 -2.03
CA THR A 56 7.55 8.55 -0.66
C THR A 56 8.20 7.49 0.23
N ASP A 57 8.20 6.27 -0.27
CA ASP A 57 8.78 5.15 0.48
C ASP A 57 10.27 5.42 0.71
N GLY A 58 10.97 5.66 -0.39
CA GLY A 58 12.40 5.93 -0.33
C GLY A 58 12.93 6.42 -1.68
N LYS A 59 13.65 5.54 -2.35
CA LYS A 59 14.23 5.87 -3.64
C LYS A 59 14.93 4.63 -4.21
N GLY A 60 15.23 4.72 -5.51
CA GLY A 60 15.91 3.62 -6.19
C GLY A 60 14.93 2.49 -6.49
N VAL A 61 13.78 2.55 -5.84
CA VAL A 61 12.75 1.54 -6.03
C VAL A 61 11.37 2.15 -5.76
N LEU A 62 10.37 1.61 -6.44
CA LEU A 62 9.02 2.10 -6.30
C LEU A 62 8.21 1.11 -5.45
N SER A 63 7.12 1.60 -4.90
CA SER A 63 6.25 0.77 -4.07
C SER A 63 5.12 0.18 -4.91
N LYS A 64 3.99 -0.02 -4.26
CA LYS A 64 2.83 -0.57 -4.93
C LYS A 64 1.94 0.57 -5.44
N GLN A 65 0.92 0.88 -4.65
CA GLN A 65 0.00 1.95 -5.01
C GLN A 65 0.77 3.19 -5.47
N GLU A 66 1.98 3.31 -4.95
CA GLU A 66 2.83 4.44 -5.30
C GLU A 66 2.92 4.59 -6.82
N PHE A 67 3.65 3.67 -7.44
CA PHE A 67 3.83 3.69 -8.88
C PHE A 67 2.47 3.80 -9.59
N PHE A 68 1.52 3.03 -9.09
CA PHE A 68 0.18 3.03 -9.66
C PHE A 68 -0.46 4.41 -9.55
N VAL A 69 -0.13 5.11 -8.48
CA VAL A 69 -0.66 6.43 -8.25
C VAL A 69 -0.08 7.40 -9.28
N ALA A 70 1.24 7.36 -9.41
CA ALA A 70 1.92 8.21 -10.37
C ALA A 70 1.37 7.97 -11.76
N LEU A 71 1.08 6.70 -12.04
CA LEU A 71 0.55 6.32 -13.33
C LEU A 71 -0.66 7.21 -13.67
N ARG A 72 -1.74 6.97 -12.94
CA ARG A 72 -2.96 7.73 -13.14
C ARG A 72 -2.67 9.23 -13.06
N LEU A 73 -1.75 9.58 -12.18
CA LEU A 73 -1.37 10.96 -11.99
C LEU A 73 -1.01 11.57 -13.35
N VAL A 74 -0.33 10.78 -14.16
CA VAL A 74 0.08 11.23 -15.48
C VAL A 74 -1.16 11.65 -16.28
N ALA A 75 -2.21 10.85 -16.14
CA ALA A 75 -3.45 11.14 -16.84
C ALA A 75 -4.01 12.48 -16.36
N CYS A 76 -3.50 12.92 -15.22
CA CYS A 76 -3.93 14.18 -14.65
C CYS A 76 -3.33 15.32 -15.47
N ALA A 77 -2.02 15.50 -15.32
CA ALA A 77 -1.31 16.54 -16.05
C ALA A 77 -1.65 16.44 -17.53
N GLN A 78 -2.07 15.25 -17.93
CA GLN A 78 -2.42 15.00 -19.32
C GLN A 78 -3.53 15.96 -19.76
N ASN A 79 -4.27 16.45 -18.77
CA ASN A 79 -5.36 17.37 -19.04
C ASN A 79 -4.90 18.81 -18.76
N GLY A 80 -3.82 18.90 -18.00
CA GLY A 80 -3.26 20.20 -17.65
C GLY A 80 -3.50 20.50 -16.16
N LEU A 81 -3.95 19.49 -15.44
CA LEU A 81 -4.20 19.63 -14.02
C LEU A 81 -2.88 19.60 -13.26
N GLU A 82 -2.96 19.94 -11.98
CA GLU A 82 -1.78 19.96 -11.13
C GLU A 82 -1.05 18.61 -11.22
N VAL A 83 0.20 18.62 -10.79
CA VAL A 83 1.01 17.42 -10.83
C VAL A 83 1.11 16.84 -9.41
N SER A 84 0.45 17.51 -8.48
CA SER A 84 0.45 17.08 -7.10
C SER A 84 -0.78 16.21 -6.83
N LEU A 85 -0.73 15.51 -5.70
CA LEU A 85 -1.84 14.64 -5.31
C LEU A 85 -3.14 15.45 -5.26
N SER A 86 -2.96 16.76 -5.15
CA SER A 86 -4.11 17.66 -5.10
C SER A 86 -4.84 17.65 -6.43
N SER A 87 -4.24 16.99 -7.41
CA SER A 87 -4.82 16.91 -8.73
C SER A 87 -5.59 15.59 -8.88
N LEU A 88 -5.29 14.66 -7.98
CA LEU A 88 -5.94 13.36 -8.01
C LEU A 88 -7.28 13.45 -7.26
N SER A 89 -7.96 12.32 -7.21
CA SER A 89 -9.24 12.26 -6.52
C SER A 89 -10.31 12.95 -7.37
N LEU A 90 -9.92 13.31 -8.58
CA LEU A 90 -10.85 13.98 -9.49
C LEU A 90 -11.19 13.03 -10.63
N ALA A 91 -11.76 13.61 -11.68
CA ALA A 91 -12.15 12.83 -12.85
C ALA A 91 -11.16 13.09 -13.98
N VAL A 92 -9.90 12.77 -13.71
CA VAL A 92 -8.85 12.96 -14.70
C VAL A 92 -9.15 12.10 -15.92
N PRO A 93 -8.67 12.59 -17.10
CA PRO A 93 -8.88 11.87 -18.35
C PRO A 93 -7.97 10.66 -18.45
N PRO A 94 -8.19 9.87 -19.53
CA PRO A 94 -7.39 8.67 -19.75
C PRO A 94 -5.99 9.03 -20.25
N PRO A 95 -4.98 8.24 -19.78
CA PRO A 95 -3.60 8.47 -20.17
C PRO A 95 -3.36 7.99 -21.61
N ARG A 96 -2.08 7.85 -21.94
CA ARG A 96 -1.70 7.41 -23.27
C ARG A 96 -1.35 5.91 -23.25
N PHE A 97 -0.84 5.47 -22.11
CA PHE A 97 -0.48 4.08 -21.95
C PHE A 97 -1.48 3.16 -22.62
N HIS A 98 -1.05 1.92 -22.86
CA HIS A 98 -1.92 0.94 -23.50
C HIS A 98 -3.07 0.60 -22.56
N ASP A 99 -4.06 -0.10 -23.12
CA ASP A 99 -5.22 -0.51 -22.35
C ASP A 99 -6.05 -1.49 -23.18
N LEU A 1 -3.89 0.15 1.51
CA LEU A 1 -4.31 0.23 0.11
C LEU A 1 -3.44 -0.71 -0.72
N SER A 2 -3.60 -0.60 -2.03
CA SER A 2 -2.84 -1.43 -2.95
C SER A 2 -1.37 -1.46 -2.55
N LEU A 3 -0.74 -2.59 -2.78
CA LEU A 3 0.67 -2.75 -2.45
C LEU A 3 1.44 -1.51 -2.90
N THR A 4 1.02 -0.98 -4.05
CA THR A 4 1.66 0.21 -4.60
C THR A 4 1.57 1.37 -3.60
N GLN A 5 0.37 1.59 -3.09
CA GLN A 5 0.15 2.66 -2.14
C GLN A 5 0.74 2.29 -0.78
N LEU A 6 0.69 1.00 -0.48
CA LEU A 6 1.22 0.51 0.79
C LEU A 6 2.60 1.13 1.02
N SER A 7 3.42 1.09 -0.01
CA SER A 7 4.77 1.64 0.08
C SER A 7 5.35 1.80 -1.33
N SER A 8 4.64 2.55 -2.15
CA SER A 8 5.08 2.80 -3.51
C SER A 8 5.31 1.47 -4.23
N GLY A 9 4.74 0.42 -3.67
CA GLY A 9 4.87 -0.92 -4.25
C GLY A 9 6.23 -1.53 -3.91
N ASN A 10 6.53 -1.52 -2.61
CA ASN A 10 7.79 -2.06 -2.15
C ASN A 10 7.65 -3.57 -1.93
N PRO A 11 8.50 -4.34 -2.66
CA PRO A 11 8.48 -5.79 -2.56
C PRO A 11 9.10 -6.26 -1.24
N VAL A 12 9.74 -5.32 -0.55
CA VAL A 12 10.38 -5.62 0.71
C VAL A 12 9.43 -6.47 1.58
N TYR A 13 8.16 -6.10 1.53
CA TYR A 13 7.15 -6.80 2.30
C TYR A 13 6.97 -8.23 1.78
N GLU A 14 7.04 -8.35 0.46
CA GLU A 14 6.88 -9.66 -0.17
C GLU A 14 7.83 -10.67 0.47
N LYS A 15 8.98 -10.17 0.91
CA LYS A 15 9.97 -11.02 1.55
C LYS A 15 9.37 -11.65 2.80
N TYR A 16 8.70 -10.83 3.59
CA TYR A 16 8.08 -11.30 4.82
C TYR A 16 6.83 -12.15 4.50
N TYR A 17 6.02 -11.64 3.59
CA TYR A 17 4.81 -12.35 3.20
C TYR A 17 5.12 -13.77 2.76
N ARG A 18 6.34 -13.96 2.29
CA ARG A 18 6.78 -15.27 1.82
C ARG A 18 7.32 -16.09 3.01
N GLN A 19 7.80 -15.38 4.01
CA GLN A 19 8.34 -16.02 5.20
C GLN A 19 7.27 -16.85 5.89
N VAL A 20 6.06 -16.29 5.91
CA VAL A 20 4.93 -16.97 6.54
C VAL A 20 4.50 -18.15 5.66
N GLU A 21 4.53 -17.92 4.36
CA GLU A 21 4.13 -18.95 3.41
C GLU A 21 4.65 -20.31 3.86
N ALA A 22 3.81 -21.32 3.67
CA ALA A 22 4.17 -22.68 4.05
C ALA A 22 3.84 -23.63 2.89
N GLY A 23 4.34 -24.85 3.03
CA GLY A 23 4.10 -25.86 2.01
C GLY A 23 4.92 -25.57 0.74
N ASN A 24 4.57 -26.27 -0.32
CA ASN A 24 5.26 -26.10 -1.59
C ASN A 24 4.24 -25.71 -2.67
N THR A 25 3.25 -24.95 -2.25
CA THR A 25 2.22 -24.50 -3.17
C THR A 25 2.52 -23.09 -3.67
N GLY A 26 3.21 -22.33 -2.84
CA GLY A 26 3.58 -20.96 -3.18
C GLY A 26 2.50 -19.98 -2.73
N ARG A 27 1.76 -20.39 -1.72
CA ARG A 27 0.70 -19.55 -1.18
C ARG A 27 0.83 -19.45 0.35
N VAL A 28 0.07 -18.52 0.91
CA VAL A 28 0.10 -18.31 2.36
C VAL A 28 -1.07 -19.07 3.00
N LEU A 29 -0.72 -20.08 3.77
CA LEU A 29 -1.73 -20.88 4.45
C LEU A 29 -2.54 -20.00 5.39
N ALA A 30 -2.02 -18.79 5.61
CA ALA A 30 -2.68 -17.85 6.49
C ALA A 30 -2.26 -18.11 7.93
N LEU A 31 -2.47 -19.36 8.35
CA LEU A 31 -2.11 -19.76 9.70
C LEU A 31 -0.73 -19.20 10.06
N ASP A 32 0.15 -19.22 9.06
CA ASP A 32 1.50 -18.72 9.26
C ASP A 32 1.47 -17.19 9.30
N ALA A 33 0.64 -16.62 8.43
CA ALA A 33 0.50 -15.18 8.35
C ALA A 33 0.13 -14.63 9.74
N ALA A 34 -0.80 -15.33 10.38
CA ALA A 34 -1.25 -14.94 11.70
C ALA A 34 -0.12 -15.16 12.72
N ALA A 35 0.76 -16.08 12.37
CA ALA A 35 1.89 -16.39 13.24
C ALA A 35 2.94 -15.28 13.12
N PHE A 36 3.26 -14.94 11.88
CA PHE A 36 4.24 -13.91 11.62
C PHE A 36 3.79 -12.56 12.18
N LEU A 37 2.47 -12.39 12.27
CA LEU A 37 1.90 -11.18 12.79
C LEU A 37 2.08 -11.12 14.31
N LYS A 38 1.76 -12.24 14.94
CA LYS A 38 1.88 -12.34 16.38
C LYS A 38 3.27 -11.86 16.80
N LYS A 39 4.20 -11.93 15.86
CA LYS A 39 5.56 -11.51 16.12
C LYS A 39 5.57 -10.02 16.48
N SER A 40 4.55 -9.32 16.01
CA SER A 40 4.42 -7.90 16.27
C SER A 40 4.58 -7.62 17.77
N GLY A 41 3.63 -8.13 18.54
CA GLY A 41 3.66 -7.95 19.98
C GLY A 41 2.24 -7.90 20.55
N LEU A 42 1.30 -7.63 19.68
CA LEU A 42 -0.10 -7.55 20.08
C LEU A 42 -0.57 -8.93 20.55
N PRO A 43 -1.69 -8.93 21.31
CA PRO A 43 -2.25 -10.17 21.83
C PRO A 43 -2.97 -10.95 20.71
N ASP A 44 -3.67 -11.99 21.14
CA ASP A 44 -4.40 -12.82 20.19
C ASP A 44 -5.81 -12.27 20.02
N LEU A 45 -6.36 -11.76 21.11
CA LEU A 45 -7.70 -11.21 21.10
C LEU A 45 -7.75 -10.05 20.09
N ILE A 46 -6.82 -9.12 20.26
CA ILE A 46 -6.75 -7.98 19.37
C ILE A 46 -6.45 -8.45 17.95
N LEU A 47 -5.66 -9.51 17.86
CA LEU A 47 -5.30 -10.07 16.57
C LEU A 47 -6.56 -10.59 15.87
N GLY A 48 -7.25 -11.49 16.56
CA GLY A 48 -8.46 -12.07 16.03
C GLY A 48 -9.29 -11.02 15.27
N LYS A 49 -9.38 -9.84 15.88
CA LYS A 49 -10.13 -8.75 15.28
C LYS A 49 -9.52 -8.41 13.90
N ILE A 50 -8.21 -8.26 13.90
CA ILE A 50 -7.50 -7.93 12.67
C ILE A 50 -7.85 -8.96 11.60
N TRP A 51 -7.65 -10.23 11.94
CA TRP A 51 -7.94 -11.31 11.02
C TRP A 51 -9.40 -11.18 10.57
N ASP A 52 -10.28 -11.10 11.56
CA ASP A 52 -11.70 -10.97 11.29
C ASP A 52 -11.91 -9.93 10.18
N LEU A 53 -11.22 -8.81 10.33
CA LEU A 53 -11.31 -7.74 9.36
C LEU A 53 -10.50 -8.10 8.12
N ALA A 54 -9.47 -8.90 8.34
CA ALA A 54 -8.60 -9.33 7.25
C ALA A 54 -9.38 -10.26 6.33
N ASP A 55 -9.74 -11.42 6.87
CA ASP A 55 -10.49 -12.41 6.12
C ASP A 55 -11.49 -11.69 5.22
N THR A 56 -11.43 -12.03 3.93
CA THR A 56 -12.34 -11.42 2.97
C THR A 56 -12.42 -12.29 1.71
N ASP A 57 -11.26 -12.75 1.27
CA ASP A 57 -11.18 -13.58 0.08
C ASP A 57 -12.18 -14.73 0.21
N GLY A 58 -12.10 -15.44 1.33
CA GLY A 58 -12.98 -16.55 1.58
C GLY A 58 -12.26 -17.67 2.34
N LYS A 59 -11.27 -18.24 1.68
CA LYS A 59 -10.48 -19.32 2.28
C LYS A 59 -9.49 -18.73 3.28
N GLY A 60 -9.04 -19.58 4.19
CA GLY A 60 -8.09 -19.14 5.20
C GLY A 60 -6.87 -18.47 4.56
N VAL A 61 -6.37 -19.10 3.50
CA VAL A 61 -5.22 -18.59 2.79
C VAL A 61 -5.33 -17.06 2.70
N LEU A 62 -4.17 -16.42 2.70
CA LEU A 62 -4.12 -14.97 2.62
C LEU A 62 -3.79 -14.56 1.19
N SER A 63 -3.59 -13.25 1.00
CA SER A 63 -3.27 -12.72 -0.30
C SER A 63 -2.36 -11.50 -0.15
N LYS A 64 -1.87 -11.02 -1.30
CA LYS A 64 -0.99 -9.87 -1.30
C LYS A 64 -1.56 -8.80 -0.37
N GLN A 65 -2.40 -7.95 -0.94
CA GLN A 65 -3.01 -6.87 -0.17
C GLN A 65 -3.42 -7.38 1.21
N GLU A 66 -4.16 -8.48 1.22
CA GLU A 66 -4.62 -9.08 2.46
C GLU A 66 -3.52 -9.00 3.52
N PHE A 67 -2.51 -9.83 3.34
CA PHE A 67 -1.40 -9.88 4.27
C PHE A 67 -0.73 -8.50 4.39
N PHE A 68 -0.71 -7.79 3.27
CA PHE A 68 -0.11 -6.47 3.24
C PHE A 68 -0.99 -5.45 3.97
N VAL A 69 -2.15 -5.91 4.38
CA VAL A 69 -3.09 -5.06 5.09
C VAL A 69 -3.01 -5.36 6.60
N ALA A 70 -3.08 -6.64 6.91
CA ALA A 70 -3.02 -7.07 8.30
C ALA A 70 -1.73 -6.57 8.94
N LEU A 71 -0.76 -6.31 8.07
CA LEU A 71 0.54 -5.82 8.54
C LEU A 71 0.34 -4.49 9.28
N ARG A 72 0.15 -3.45 8.50
CA ARG A 72 -0.06 -2.12 9.07
C ARG A 72 -1.15 -2.16 10.14
N LEU A 73 -2.25 -2.83 9.79
CA LEU A 73 -3.37 -2.94 10.71
C LEU A 73 -2.85 -3.22 12.11
N VAL A 74 -1.88 -4.14 12.19
CA VAL A 74 -1.29 -4.49 13.46
C VAL A 74 -0.64 -3.26 14.09
N ALA A 75 0.13 -2.56 13.28
CA ALA A 75 0.81 -1.36 13.73
C ALA A 75 -0.23 -0.31 14.12
N CYS A 76 -1.45 -0.53 13.67
CA CYS A 76 -2.54 0.38 13.95
C CYS A 76 -2.90 0.25 15.44
N ALA A 77 -3.37 -0.93 15.79
CA ALA A 77 -3.75 -1.22 17.16
C ALA A 77 -2.54 -1.04 18.07
N GLN A 78 -1.36 -1.04 17.45
CA GLN A 78 -0.12 -0.88 18.19
C GLN A 78 0.01 0.56 18.70
N ASN A 79 -0.91 1.40 18.26
CA ASN A 79 -0.91 2.79 18.66
C ASN A 79 -2.20 3.10 19.42
N GLY A 80 -3.09 2.11 19.45
CA GLY A 80 -4.36 2.26 20.13
C GLY A 80 -5.49 2.51 19.15
N LEU A 81 -5.15 2.43 17.86
CA LEU A 81 -6.13 2.65 16.81
C LEU A 81 -7.00 1.40 16.67
N GLU A 82 -8.23 1.62 16.27
CA GLU A 82 -9.18 0.52 16.10
C GLU A 82 -8.49 -0.65 15.40
N VAL A 83 -9.12 -1.81 15.48
CA VAL A 83 -8.58 -3.01 14.85
C VAL A 83 -9.32 -3.28 13.54
N SER A 84 -10.35 -2.48 13.31
CA SER A 84 -11.14 -2.61 12.09
C SER A 84 -10.62 -1.66 11.03
N LEU A 85 -11.13 -1.85 9.81
CA LEU A 85 -10.73 -1.01 8.69
C LEU A 85 -10.95 0.45 9.05
N SER A 86 -11.83 0.66 10.04
CA SER A 86 -12.14 2.01 10.48
C SER A 86 -10.87 2.71 10.97
N SER A 87 -9.85 1.90 11.21
CA SER A 87 -8.58 2.43 11.69
C SER A 87 -7.55 2.43 10.54
N LEU A 88 -7.88 1.68 9.51
CA LEU A 88 -7.00 1.58 8.36
C LEU A 88 -7.29 2.74 7.40
N SER A 89 -6.50 2.79 6.34
CA SER A 89 -6.65 3.84 5.34
C SER A 89 -5.95 5.11 5.81
N LEU A 90 -5.31 5.00 6.97
CA LEU A 90 -4.60 6.13 7.54
C LEU A 90 -3.09 5.87 7.45
N ALA A 91 -2.34 6.70 8.15
CA ALA A 91 -0.89 6.57 8.17
C ALA A 91 -0.45 5.81 9.43
N VAL A 92 -0.97 4.59 9.54
CA VAL A 92 -0.65 3.75 10.68
C VAL A 92 0.83 3.91 11.03
N PRO A 93 1.13 3.79 12.35
CA PRO A 93 2.50 3.91 12.82
C PRO A 93 3.32 2.67 12.49
N PRO A 94 4.63 2.74 12.80
CA PRO A 94 5.53 1.62 12.54
C PRO A 94 5.32 0.50 13.56
N PRO A 95 5.14 -0.73 13.03
CA PRO A 95 4.93 -1.90 13.88
C PRO A 95 6.24 -2.34 14.54
N ARG A 96 6.24 -3.58 15.00
CA ARG A 96 7.42 -4.13 15.65
C ARG A 96 8.23 -4.96 14.66
N PHE A 97 7.53 -5.54 13.69
CA PHE A 97 8.18 -6.36 12.68
C PHE A 97 9.52 -5.74 12.26
N HIS A 98 10.34 -6.59 11.64
CA HIS A 98 11.65 -6.15 11.18
C HIS A 98 11.48 -5.10 10.08
N ASP A 99 12.61 -4.61 9.59
CA ASP A 99 12.61 -3.61 8.54
C ASP A 99 11.52 -3.96 7.52
N LEU A 1 -3.89 0.15 1.51
CA LEU A 1 -4.31 0.23 0.11
C LEU A 1 -3.26 1.00 -0.68
N SER A 2 -3.59 1.28 -1.93
CA SER A 2 -2.69 2.00 -2.81
C SER A 2 -3.47 2.70 -3.91
N LEU A 3 -2.75 3.44 -4.75
CA LEU A 3 -3.36 4.16 -5.84
C LEU A 3 -3.84 3.15 -6.90
N THR A 4 -3.10 2.06 -7.01
CA THR A 4 -3.44 1.03 -7.97
C THR A 4 -4.91 0.63 -7.83
N GLN A 5 -5.21 -0.03 -6.73
CA GLN A 5 -6.57 -0.47 -6.46
C GLN A 5 -7.53 0.74 -6.44
N LEU A 6 -6.97 1.87 -6.03
CA LEU A 6 -7.76 3.09 -5.96
C LEU A 6 -8.58 3.25 -7.24
N SER A 7 -7.90 3.08 -8.36
CA SER A 7 -8.54 3.20 -9.66
C SER A 7 -7.85 2.28 -10.67
N SER A 8 -7.61 1.06 -10.24
CA SER A 8 -6.96 0.08 -11.09
C SER A 8 -5.64 0.64 -11.63
N GLY A 9 -5.19 1.71 -11.00
CA GLY A 9 -3.95 2.35 -11.41
C GLY A 9 -4.20 3.37 -12.52
N ASN A 10 -5.04 4.35 -12.21
CA ASN A 10 -5.37 5.39 -13.16
C ASN A 10 -4.72 6.70 -12.74
N PRO A 11 -3.79 7.18 -13.59
CA PRO A 11 -3.09 8.42 -13.30
C PRO A 11 -3.99 9.63 -13.56
N VAL A 12 -5.21 9.35 -13.97
CA VAL A 12 -6.18 10.39 -14.24
C VAL A 12 -6.26 11.33 -13.05
N TYR A 13 -6.43 10.74 -11.87
CA TYR A 13 -6.53 11.52 -10.65
C TYR A 13 -5.25 12.30 -10.40
N GLU A 14 -4.13 11.71 -10.78
CA GLU A 14 -2.84 12.34 -10.61
C GLU A 14 -2.85 13.74 -11.23
N LYS A 15 -3.54 13.85 -12.34
CA LYS A 15 -3.65 15.12 -13.05
C LYS A 15 -4.29 16.16 -12.13
N TYR A 16 -5.31 15.70 -11.41
CA TYR A 16 -6.03 16.58 -10.50
C TYR A 16 -5.21 16.83 -9.23
N TYR A 17 -4.65 15.76 -8.69
CA TYR A 17 -3.84 15.84 -7.50
C TYR A 17 -2.72 16.87 -7.66
N ARG A 18 -2.29 17.04 -8.90
CA ARG A 18 -1.22 17.98 -9.21
C ARG A 18 -1.82 19.35 -9.53
N GLN A 19 -3.09 19.34 -9.91
CA GLN A 19 -3.78 20.58 -10.25
C GLN A 19 -3.85 21.50 -9.03
N VAL A 20 -4.02 20.87 -7.86
CA VAL A 20 -4.11 21.61 -6.62
C VAL A 20 -2.71 22.05 -6.19
N GLU A 21 -1.74 21.19 -6.49
CA GLU A 21 -0.35 21.46 -6.14
C GLU A 21 0.00 22.91 -6.51
N ALA A 22 0.82 23.52 -5.65
CA ALA A 22 1.24 24.89 -5.88
C ALA A 22 2.78 24.93 -6.01
N GLY A 23 3.24 25.90 -6.78
CA GLY A 23 4.67 26.06 -6.99
C GLY A 23 5.20 25.01 -7.97
N ASN A 24 6.52 24.97 -8.09
CA ASN A 24 7.17 24.02 -8.98
C ASN A 24 8.06 23.09 -8.16
N THR A 25 7.49 22.56 -7.09
CA THR A 25 8.23 21.66 -6.22
C THR A 25 7.73 20.22 -6.41
N GLY A 26 6.47 20.12 -6.77
CA GLY A 26 5.86 18.81 -6.99
C GLY A 26 5.21 18.29 -5.70
N ARG A 27 4.79 19.23 -4.87
CA ARG A 27 4.16 18.88 -3.60
C ARG A 27 2.86 19.68 -3.43
N VAL A 28 1.85 18.99 -2.90
CA VAL A 28 0.56 19.62 -2.68
C VAL A 28 0.59 20.39 -1.35
N LEU A 29 0.44 21.70 -1.46
CA LEU A 29 0.46 22.56 -0.28
C LEU A 29 -0.69 22.15 0.65
N ALA A 30 -1.58 21.34 0.11
CA ALA A 30 -2.73 20.87 0.88
C ALA A 30 -3.84 21.91 0.80
N LEU A 31 -3.51 23.13 1.21
CA LEU A 31 -4.47 24.22 1.20
C LEU A 31 -5.23 24.20 -0.12
N ASP A 32 -4.48 24.01 -1.20
CA ASP A 32 -5.07 23.97 -2.53
C ASP A 32 -5.98 22.76 -2.64
N ALA A 33 -5.52 21.64 -2.07
CA ALA A 33 -6.29 20.42 -2.10
C ALA A 33 -7.66 20.67 -1.47
N ALA A 34 -7.64 21.38 -0.35
CA ALA A 34 -8.88 21.70 0.36
C ALA A 34 -9.76 22.57 -0.53
N ALA A 35 -9.12 23.24 -1.48
CA ALA A 35 -9.84 24.10 -2.39
C ALA A 35 -10.43 23.27 -3.53
N PHE A 36 -9.59 22.44 -4.11
CA PHE A 36 -10.02 21.58 -5.21
C PHE A 36 -11.11 20.60 -4.74
N LEU A 37 -10.97 20.17 -3.50
CA LEU A 37 -11.94 19.23 -2.93
C LEU A 37 -13.28 19.95 -2.74
N LYS A 38 -13.20 21.14 -2.15
CA LYS A 38 -14.41 21.92 -1.92
C LYS A 38 -15.22 22.01 -3.20
N LYS A 39 -14.53 21.83 -4.32
CA LYS A 39 -15.17 21.88 -5.62
C LYS A 39 -16.21 20.77 -5.71
N SER A 40 -16.11 19.82 -4.79
CA SER A 40 -17.04 18.70 -4.75
C SER A 40 -18.47 19.21 -4.65
N GLY A 41 -18.78 19.81 -3.51
CA GLY A 41 -20.11 20.34 -3.27
C GLY A 41 -20.47 20.27 -1.79
N LEU A 42 -19.75 19.42 -1.07
CA LEU A 42 -19.98 19.25 0.35
C LEU A 42 -19.55 20.52 1.09
N PRO A 43 -20.08 20.67 2.33
CA PRO A 43 -19.76 21.84 3.15
C PRO A 43 -18.33 21.72 3.72
N ASP A 44 -17.90 22.82 4.33
CA ASP A 44 -16.57 22.86 4.92
C ASP A 44 -16.58 22.08 6.23
N LEU A 45 -17.73 22.06 6.87
CA LEU A 45 -17.89 21.36 8.13
C LEU A 45 -17.58 19.87 7.92
N ILE A 46 -18.40 19.25 7.09
CA ILE A 46 -18.21 17.83 6.79
C ILE A 46 -16.80 17.60 6.28
N LEU A 47 -16.31 18.57 5.51
CA LEU A 47 -14.97 18.48 4.95
C LEU A 47 -13.95 18.46 6.08
N GLY A 48 -14.12 19.40 7.01
CA GLY A 48 -13.22 19.50 8.14
C GLY A 48 -12.88 18.12 8.71
N LYS A 49 -13.91 17.30 8.81
CA LYS A 49 -13.74 15.96 9.33
C LYS A 49 -12.86 15.15 8.38
N ILE A 50 -13.11 15.33 7.09
CA ILE A 50 -12.34 14.64 6.06
C ILE A 50 -10.85 14.95 6.25
N TRP A 51 -10.56 16.24 6.28
CA TRP A 51 -9.19 16.68 6.45
C TRP A 51 -8.63 16.04 7.73
N ASP A 52 -9.32 16.28 8.83
CA ASP A 52 -8.91 15.75 10.11
C ASP A 52 -8.52 14.27 9.93
N LEU A 53 -9.44 13.52 9.32
CA LEU A 53 -9.20 12.11 9.08
C LEU A 53 -8.09 11.95 8.05
N ALA A 54 -7.98 12.94 7.18
CA ALA A 54 -6.98 12.92 6.13
C ALA A 54 -5.59 12.98 6.77
N ASP A 55 -5.35 14.09 7.47
CA ASP A 55 -4.07 14.29 8.13
C ASP A 55 -3.61 12.97 8.75
N THR A 56 -2.38 12.59 8.39
CA THR A 56 -1.81 11.36 8.90
C THR A 56 -0.32 11.26 8.53
N ASP A 57 -0.06 11.43 7.23
CA ASP A 57 1.30 11.37 6.74
C ASP A 57 2.19 12.30 7.57
N GLY A 58 1.70 13.52 7.75
CA GLY A 58 2.43 14.50 8.53
C GLY A 58 2.51 15.84 7.78
N LYS A 59 2.39 16.91 8.55
CA LYS A 59 2.44 18.25 7.98
C LYS A 59 1.15 18.51 7.20
N GLY A 60 1.02 19.75 6.74
CA GLY A 60 -0.15 20.15 5.98
C GLY A 60 -0.14 19.53 4.59
N VAL A 61 0.99 19.67 3.92
CA VAL A 61 1.15 19.12 2.58
C VAL A 61 0.47 17.75 2.51
N LEU A 62 -0.09 17.45 1.35
CA LEU A 62 -0.76 16.18 1.14
C LEU A 62 0.15 15.25 0.34
N SER A 63 -0.30 14.02 0.19
CA SER A 63 0.46 13.02 -0.55
C SER A 63 -0.41 12.38 -1.61
N LYS A 64 0.06 11.24 -2.11
CA LYS A 64 -0.68 10.51 -3.13
C LYS A 64 -1.98 9.98 -2.54
N GLN A 65 -1.91 8.76 -2.01
CA GLN A 65 -3.07 8.13 -1.41
C GLN A 65 -3.88 9.17 -0.62
N GLU A 66 -3.18 9.91 0.22
CA GLU A 66 -3.81 10.92 1.04
C GLU A 66 -4.90 11.66 0.23
N PHE A 67 -4.44 12.52 -0.66
CA PHE A 67 -5.36 13.28 -1.49
C PHE A 67 -6.26 12.36 -2.31
N PHE A 68 -5.72 11.19 -2.63
CA PHE A 68 -6.46 10.21 -3.40
C PHE A 68 -7.51 9.52 -2.53
N VAL A 69 -7.48 9.83 -1.25
CA VAL A 69 -8.41 9.24 -0.30
C VAL A 69 -9.57 10.22 -0.06
N ALA A 70 -9.18 11.45 0.29
CA ALA A 70 -10.17 12.49 0.56
C ALA A 70 -11.09 12.64 -0.66
N LEU A 71 -10.56 12.24 -1.81
CA LEU A 71 -11.31 12.32 -3.05
C LEU A 71 -12.57 11.46 -2.94
N ARG A 72 -12.36 10.16 -2.99
CA ARG A 72 -13.46 9.22 -2.90
C ARG A 72 -14.29 9.50 -1.64
N LEU A 73 -13.59 9.77 -0.56
CA LEU A 73 -14.25 10.06 0.71
C LEU A 73 -15.38 11.06 0.47
N VAL A 74 -15.03 12.14 -0.21
CA VAL A 74 -16.00 13.18 -0.51
C VAL A 74 -17.17 12.58 -1.29
N ALA A 75 -16.82 11.69 -2.22
CA ALA A 75 -17.83 11.04 -3.04
C ALA A 75 -18.66 10.08 -2.17
N CYS A 76 -18.15 9.84 -0.97
CA CYS A 76 -18.82 8.95 -0.03
C CYS A 76 -19.96 9.73 0.63
N ALA A 77 -19.58 10.79 1.33
CA ALA A 77 -20.57 11.62 2.00
C ALA A 77 -21.50 12.25 0.96
N GLN A 78 -21.07 12.20 -0.28
CA GLN A 78 -21.85 12.77 -1.37
C GLN A 78 -23.13 11.97 -1.56
N ASN A 79 -23.13 10.76 -1.02
CA ASN A 79 -24.30 9.89 -1.12
C ASN A 79 -24.92 9.71 0.26
N GLY A 80 -24.15 10.06 1.27
CA GLY A 80 -24.62 9.94 2.64
C GLY A 80 -23.75 8.97 3.45
N LEU A 81 -22.63 8.58 2.83
CA LEU A 81 -21.71 7.66 3.47
C LEU A 81 -20.87 8.41 4.50
N GLU A 82 -20.47 7.68 5.53
CA GLU A 82 -19.67 8.28 6.59
C GLU A 82 -18.56 9.14 6.00
N VAL A 83 -17.99 9.98 6.86
CA VAL A 83 -16.92 10.86 6.43
C VAL A 83 -15.58 10.32 6.93
N SER A 84 -15.67 9.30 7.78
CA SER A 84 -14.48 8.69 8.34
C SER A 84 -14.08 7.48 7.50
N LEU A 85 -12.78 7.20 7.50
CA LEU A 85 -12.25 6.07 6.76
C LEU A 85 -12.82 4.77 7.32
N SER A 86 -13.22 4.84 8.58
CA SER A 86 -13.78 3.68 9.26
C SER A 86 -14.93 3.10 8.43
N SER A 87 -15.46 3.93 7.55
CA SER A 87 -16.56 3.51 6.69
C SER A 87 -16.18 3.69 5.22
N LEU A 88 -14.91 3.42 4.94
CA LEU A 88 -14.41 3.54 3.58
C LEU A 88 -13.95 2.17 3.10
N SER A 89 -13.29 2.17 1.95
CA SER A 89 -12.80 0.94 1.36
C SER A 89 -13.91 0.25 0.56
N LEU A 90 -15.07 0.89 0.57
CA LEU A 90 -16.22 0.36 -0.14
C LEU A 90 -16.22 0.88 -1.58
N ALA A 91 -17.38 0.78 -2.21
CA ALA A 91 -17.52 1.24 -3.58
C ALA A 91 -18.18 2.62 -3.58
N VAL A 92 -17.51 3.56 -2.94
CA VAL A 92 -18.02 4.92 -2.86
C VAL A 92 -18.62 5.32 -4.21
N PRO A 93 -19.68 6.16 -4.14
CA PRO A 93 -20.36 6.62 -5.35
C PRO A 93 -19.52 7.67 -6.08
N PRO A 94 -20.03 8.08 -7.27
CA PRO A 94 -19.34 9.07 -8.07
C PRO A 94 -19.51 10.47 -7.49
N PRO A 95 -18.35 11.15 -7.25
CA PRO A 95 -18.36 12.49 -6.70
C PRO A 95 -18.79 13.52 -7.74
N ARG A 96 -18.48 14.78 -7.47
CA ARG A 96 -18.82 15.85 -8.37
C ARG A 96 -17.62 16.23 -9.23
N PHE A 97 -16.43 16.04 -8.66
CA PHE A 97 -15.21 16.36 -9.36
C PHE A 97 -15.30 15.99 -10.83
N HIS A 98 -14.40 16.57 -11.62
CA HIS A 98 -14.37 16.29 -13.05
C HIS A 98 -13.92 14.86 -13.30
N ASP A 99 -14.00 14.45 -14.55
CA ASP A 99 -13.61 13.11 -14.93
C ASP A 99 -12.33 12.73 -14.20
N LEU A 1 -3.89 0.15 1.51
CA LEU A 1 -4.31 0.23 0.11
C LEU A 1 -3.19 0.88 -0.70
N SER A 2 -2.93 2.14 -0.41
CA SER A 2 -1.90 2.89 -1.11
C SER A 2 -0.73 1.96 -1.44
N LEU A 3 -0.04 2.29 -2.53
CA LEU A 3 1.09 1.50 -2.96
C LEU A 3 1.90 1.04 -1.74
N THR A 4 2.07 1.97 -0.80
CA THR A 4 2.81 1.68 0.41
C THR A 4 2.26 0.41 1.08
N GLN A 5 0.95 0.40 1.28
CA GLN A 5 0.29 -0.74 1.89
C GLN A 5 0.22 -1.91 0.91
N LEU A 6 0.06 -1.56 -0.36
CA LEU A 6 -0.02 -2.57 -1.40
C LEU A 6 1.13 -3.56 -1.26
N SER A 7 2.31 -3.00 -0.99
CA SER A 7 3.50 -3.82 -0.82
C SER A 7 4.56 -3.04 -0.02
N SER A 8 4.18 -2.67 1.19
CA SER A 8 5.09 -1.93 2.06
C SER A 8 5.88 -0.91 1.24
N GLY A 9 5.24 -0.44 0.16
CA GLY A 9 5.87 0.54 -0.71
C GLY A 9 6.91 -0.13 -1.62
N ASN A 10 6.42 -1.09 -2.40
CA ASN A 10 7.29 -1.81 -3.32
C ASN A 10 6.98 -1.36 -4.75
N PRO A 11 8.07 -0.95 -5.47
CA PRO A 11 7.93 -0.48 -6.84
C PRO A 11 7.72 -1.67 -7.78
N VAL A 12 7.67 -2.85 -7.21
CA VAL A 12 7.47 -4.06 -7.99
C VAL A 12 6.31 -3.84 -8.97
N TYR A 13 5.21 -3.33 -8.44
CA TYR A 13 4.04 -3.07 -9.25
C TYR A 13 4.31 -1.95 -10.27
N GLU A 14 5.17 -1.02 -9.87
CA GLU A 14 5.52 0.09 -10.72
C GLU A 14 6.10 -0.42 -12.04
N LYS A 15 6.76 -1.57 -11.95
CA LYS A 15 7.37 -2.17 -13.13
C LYS A 15 6.28 -2.49 -14.16
N TYR A 16 5.16 -3.01 -13.65
CA TYR A 16 4.06 -3.36 -14.51
C TYR A 16 3.25 -2.11 -14.90
N TYR A 17 3.00 -1.27 -13.92
CA TYR A 17 2.25 -0.05 -14.14
C TYR A 17 2.87 0.77 -15.28
N ARG A 18 4.17 0.55 -15.49
CA ARG A 18 4.88 1.26 -16.54
C ARG A 18 4.97 0.39 -17.79
N GLN A 19 4.77 -0.90 -17.59
CA GLN A 19 4.83 -1.84 -18.70
C GLN A 19 3.73 -1.55 -19.71
N VAL A 20 2.62 -1.01 -19.19
CA VAL A 20 1.49 -0.68 -20.04
C VAL A 20 1.69 0.71 -20.63
N GLU A 21 2.07 1.64 -19.77
CA GLU A 21 2.30 3.01 -20.20
C GLU A 21 2.97 3.03 -21.58
N ALA A 22 2.62 4.03 -22.36
CA ALA A 22 3.17 4.18 -23.69
C ALA A 22 4.09 5.42 -23.72
N GLY A 23 5.34 5.18 -24.08
CA GLY A 23 6.32 6.25 -24.15
C GLY A 23 7.09 6.37 -22.84
N ASN A 24 7.85 7.46 -22.73
CA ASN A 24 8.65 7.71 -21.55
C ASN A 24 8.19 9.02 -20.90
N THR A 25 6.89 9.14 -20.73
CA THR A 25 6.33 10.33 -20.12
C THR A 25 6.06 10.10 -18.64
N GLY A 26 5.53 8.92 -18.33
CA GLY A 26 5.22 8.57 -16.96
C GLY A 26 3.71 8.66 -16.70
N ARG A 27 2.95 8.46 -17.76
CA ARG A 27 1.50 8.51 -17.66
C ARG A 27 0.87 7.31 -18.38
N VAL A 28 0.00 6.63 -17.66
CA VAL A 28 -0.68 5.46 -18.20
C VAL A 28 -1.96 5.91 -18.92
N LEU A 29 -1.96 5.75 -20.22
CA LEU A 29 -3.11 6.12 -21.03
C LEU A 29 -4.33 5.31 -20.60
N ALA A 30 -4.05 4.29 -19.80
CA ALA A 30 -5.11 3.42 -19.30
C ALA A 30 -5.40 2.33 -20.34
N LEU A 31 -5.65 2.77 -21.56
CA LEU A 31 -5.94 1.85 -22.64
C LEU A 31 -4.92 0.70 -22.61
N ASP A 32 -3.66 1.06 -22.40
CA ASP A 32 -2.61 0.07 -22.34
C ASP A 32 -2.74 -0.75 -21.06
N ALA A 33 -3.23 -0.09 -20.02
CA ALA A 33 -3.41 -0.75 -18.74
C ALA A 33 -4.28 -1.99 -18.93
N ALA A 34 -5.44 -1.78 -19.54
CA ALA A 34 -6.36 -2.87 -19.80
C ALA A 34 -5.71 -3.90 -20.72
N ALA A 35 -4.74 -3.41 -21.48
CA ALA A 35 -4.02 -4.27 -22.41
C ALA A 35 -3.34 -5.40 -21.63
N PHE A 36 -2.46 -4.99 -20.72
CA PHE A 36 -1.74 -5.95 -19.90
C PHE A 36 -2.69 -6.74 -19.00
N LEU A 37 -3.67 -6.03 -18.46
CA LEU A 37 -4.65 -6.65 -17.59
C LEU A 37 -5.20 -7.90 -18.25
N LYS A 38 -5.57 -7.76 -19.51
CA LYS A 38 -6.12 -8.87 -20.27
C LYS A 38 -5.23 -10.10 -20.05
N LYS A 39 -3.98 -9.84 -19.73
CA LYS A 39 -3.03 -10.92 -19.49
C LYS A 39 -3.22 -11.45 -18.07
N SER A 40 -4.43 -11.30 -17.56
CA SER A 40 -4.76 -11.76 -16.23
C SER A 40 -5.32 -13.19 -16.29
N GLY A 41 -6.60 -13.27 -16.60
CA GLY A 41 -7.27 -14.55 -16.69
C GLY A 41 -8.79 -14.38 -16.74
N LEU A 42 -9.25 -13.31 -16.11
CA LEU A 42 -10.68 -13.01 -16.08
C LEU A 42 -11.13 -12.55 -17.47
N PRO A 43 -12.46 -12.64 -17.69
CA PRO A 43 -13.04 -12.24 -18.97
C PRO A 43 -13.08 -10.71 -19.09
N ASP A 44 -13.67 -10.26 -20.18
CA ASP A 44 -13.79 -8.83 -20.43
C ASP A 44 -15.00 -8.29 -19.67
N LEU A 45 -16.02 -9.12 -19.58
CA LEU A 45 -17.23 -8.73 -18.88
C LEU A 45 -16.90 -8.37 -17.44
N ILE A 46 -16.49 -9.39 -16.68
CA ILE A 46 -16.14 -9.21 -15.29
C ILE A 46 -15.13 -8.06 -15.17
N LEU A 47 -14.23 -8.00 -16.15
CA LEU A 47 -13.22 -6.97 -16.16
C LEU A 47 -13.89 -5.60 -16.24
N GLY A 48 -14.77 -5.46 -17.22
CA GLY A 48 -15.48 -4.22 -17.42
C GLY A 48 -15.90 -3.60 -16.08
N LYS A 49 -16.40 -4.46 -15.20
CA LYS A 49 -16.84 -4.03 -13.89
C LYS A 49 -15.64 -3.43 -13.13
N ILE A 50 -14.53 -4.14 -13.20
CA ILE A 50 -13.32 -3.70 -12.52
C ILE A 50 -12.97 -2.28 -12.98
N TRP A 51 -12.81 -2.14 -14.29
CA TRP A 51 -12.48 -0.84 -14.87
C TRP A 51 -13.54 0.15 -14.42
N ASP A 52 -14.80 -0.21 -14.67
CA ASP A 52 -15.91 0.65 -14.29
C ASP A 52 -15.70 1.17 -12.88
N LEU A 53 -15.22 0.27 -12.02
CA LEU A 53 -14.97 0.62 -10.63
C LEU A 53 -13.63 1.35 -10.53
N ALA A 54 -12.73 1.00 -11.44
CA ALA A 54 -11.41 1.61 -11.46
C ALA A 54 -11.54 3.09 -11.82
N ASP A 55 -12.05 3.33 -13.03
CA ASP A 55 -12.23 4.69 -13.50
C ASP A 55 -12.69 5.57 -12.34
N THR A 56 -11.98 6.68 -12.16
CA THR A 56 -12.30 7.61 -11.09
C THR A 56 -11.77 9.00 -11.43
N ASP A 57 -10.52 9.03 -11.90
CA ASP A 57 -9.88 10.27 -12.25
C ASP A 57 -10.85 11.12 -13.08
N GLY A 58 -11.48 10.47 -14.04
CA GLY A 58 -12.43 11.16 -14.91
C GLY A 58 -11.77 11.58 -16.22
N LYS A 59 -11.30 10.59 -16.96
CA LYS A 59 -10.65 10.84 -18.24
C LYS A 59 -10.26 9.51 -18.88
N GLY A 60 -9.59 8.68 -18.10
CA GLY A 60 -9.15 7.38 -18.58
C GLY A 60 -7.82 6.98 -17.95
N VAL A 61 -6.85 7.86 -18.10
CA VAL A 61 -5.52 7.61 -17.56
C VAL A 61 -5.65 6.95 -16.19
N LEU A 62 -4.68 6.11 -15.87
CA LEU A 62 -4.67 5.41 -14.59
C LEU A 62 -3.74 6.14 -13.62
N SER A 63 -3.77 5.70 -12.37
CA SER A 63 -2.94 6.29 -11.34
C SER A 63 -2.36 5.20 -10.45
N LYS A 64 -1.64 5.63 -9.42
CA LYS A 64 -1.03 4.71 -8.49
C LYS A 64 -2.09 3.76 -7.94
N GLN A 65 -2.65 4.13 -6.80
CA GLN A 65 -3.68 3.34 -6.17
C GLN A 65 -4.61 2.72 -7.22
N GLU A 66 -5.07 3.58 -8.12
CA GLU A 66 -5.96 3.15 -9.19
C GLU A 66 -5.46 1.82 -9.78
N PHE A 67 -4.43 1.93 -10.60
CA PHE A 67 -3.85 0.76 -11.24
C PHE A 67 -3.47 -0.29 -10.20
N PHE A 68 -3.02 0.18 -9.05
CA PHE A 68 -2.62 -0.71 -7.97
C PHE A 68 -3.85 -1.33 -7.29
N VAL A 69 -5.02 -0.90 -7.74
CA VAL A 69 -6.26 -1.40 -7.19
C VAL A 69 -6.87 -2.42 -8.16
N ALA A 70 -7.08 -1.96 -9.39
CA ALA A 70 -7.65 -2.83 -10.41
C ALA A 70 -6.80 -4.09 -10.55
N LEU A 71 -5.53 -3.95 -10.18
CA LEU A 71 -4.61 -5.06 -10.26
C LEU A 71 -5.09 -6.19 -9.35
N ARG A 72 -4.98 -5.95 -8.05
CA ARG A 72 -5.40 -6.93 -7.07
C ARG A 72 -6.88 -7.28 -7.26
N LEU A 73 -7.67 -6.24 -7.52
CA LEU A 73 -9.09 -6.42 -7.73
C LEU A 73 -9.32 -7.61 -8.66
N VAL A 74 -8.51 -7.69 -9.70
CA VAL A 74 -8.62 -8.77 -10.67
C VAL A 74 -8.53 -10.10 -9.94
N ALA A 75 -7.53 -10.21 -9.08
CA ALA A 75 -7.32 -11.43 -8.31
C ALA A 75 -8.59 -11.72 -7.49
N CYS A 76 -9.41 -10.69 -7.34
CA CYS A 76 -10.65 -10.83 -6.58
C CYS A 76 -11.60 -11.72 -7.38
N ALA A 77 -12.01 -11.21 -8.53
CA ALA A 77 -12.92 -11.94 -9.40
C ALA A 77 -12.30 -13.28 -9.77
N GLN A 78 -10.98 -13.36 -9.61
CA GLN A 78 -10.25 -14.58 -9.91
C GLN A 78 -10.56 -15.66 -8.88
N ASN A 79 -11.28 -15.26 -7.84
CA ASN A 79 -11.65 -16.18 -6.78
C ASN A 79 -13.17 -16.35 -6.77
N GLY A 80 -13.84 -15.54 -7.59
CA GLY A 80 -15.28 -15.60 -7.69
C GLY A 80 -15.94 -14.56 -6.77
N LEU A 81 -15.10 -13.72 -6.19
CA LEU A 81 -15.58 -12.68 -5.30
C LEU A 81 -16.16 -11.53 -6.13
N GLU A 82 -16.68 -10.54 -5.42
CA GLU A 82 -17.26 -9.38 -6.08
C GLU A 82 -16.23 -8.72 -7.01
N VAL A 83 -16.71 -7.73 -7.75
CA VAL A 83 -15.85 -7.01 -8.68
C VAL A 83 -15.70 -5.56 -8.22
N SER A 84 -16.53 -5.21 -7.24
CA SER A 84 -16.50 -3.86 -6.69
C SER A 84 -15.60 -3.80 -5.46
N LEU A 85 -15.00 -2.64 -5.25
CA LEU A 85 -14.11 -2.44 -4.12
C LEU A 85 -14.89 -2.68 -2.83
N SER A 86 -16.20 -2.50 -2.91
CA SER A 86 -17.06 -2.69 -1.75
C SER A 86 -16.87 -4.10 -1.19
N SER A 87 -16.30 -4.97 -2.02
CA SER A 87 -16.05 -6.34 -1.61
C SER A 87 -14.55 -6.64 -1.68
N LEU A 88 -13.76 -5.60 -1.49
CA LEU A 88 -12.31 -5.74 -1.54
C LEU A 88 -11.75 -5.58 -0.13
N SER A 89 -10.43 -5.66 -0.04
CA SER A 89 -9.75 -5.52 1.24
C SER A 89 -9.91 -6.82 2.05
N LEU A 90 -9.95 -7.92 1.33
CA LEU A 90 -10.09 -9.23 1.97
C LEU A 90 -8.85 -10.07 1.67
N ALA A 91 -9.00 -11.37 1.87
CA ALA A 91 -7.90 -12.29 1.63
C ALA A 91 -8.11 -12.98 0.28
N VAL A 92 -7.90 -12.20 -0.78
CA VAL A 92 -8.05 -12.72 -2.12
C VAL A 92 -6.80 -13.51 -2.50
N PRO A 93 -7.00 -14.48 -3.44
CA PRO A 93 -5.90 -15.31 -3.90
C PRO A 93 -4.98 -14.53 -4.85
N PRO A 94 -3.86 -15.18 -5.24
CA PRO A 94 -2.90 -14.56 -6.14
C PRO A 94 -3.43 -14.57 -7.57
N PRO A 95 -3.13 -13.46 -8.30
CA PRO A 95 -3.58 -13.32 -9.68
C PRO A 95 -2.73 -14.19 -10.61
N ARG A 96 -2.83 -13.89 -11.90
CA ARG A 96 -2.08 -14.64 -12.89
C ARG A 96 -0.85 -13.86 -13.32
N PHE A 97 -0.96 -12.54 -13.27
CA PHE A 97 0.14 -11.67 -13.65
C PHE A 97 1.47 -12.25 -13.16
N HIS A 98 2.55 -11.75 -13.78
CA HIS A 98 3.88 -12.21 -13.42
C HIS A 98 4.23 -11.73 -12.02
N ASP A 99 5.40 -12.15 -11.56
CA ASP A 99 5.86 -11.78 -10.23
C ASP A 99 7.31 -12.23 -10.06
N LEU A 1 -3.89 0.15 1.51
CA LEU A 1 -4.31 0.23 0.11
C LEU A 1 -3.68 1.47 -0.52
N SER A 2 -4.02 1.67 -1.79
CA SER A 2 -3.50 2.81 -2.53
C SER A 2 -4.46 3.20 -3.65
N LEU A 3 -4.18 4.33 -4.28
CA LEU A 3 -5.01 4.82 -5.36
C LEU A 3 -4.69 4.04 -6.64
N THR A 4 -3.41 3.67 -6.76
CA THR A 4 -2.95 2.93 -7.92
C THR A 4 -3.79 1.65 -8.09
N GLN A 5 -3.67 0.77 -7.11
CA GLN A 5 -4.40 -0.48 -7.15
C GLN A 5 -5.91 -0.22 -7.22
N LEU A 6 -6.32 0.86 -6.58
CA LEU A 6 -7.73 1.23 -6.56
C LEU A 6 -8.32 1.02 -7.96
N SER A 7 -7.57 1.48 -8.96
CA SER A 7 -8.01 1.36 -10.33
C SER A 7 -6.87 1.75 -11.28
N SER A 8 -5.77 1.02 -11.16
CA SER A 8 -4.61 1.26 -11.99
C SER A 8 -4.17 2.72 -11.84
N GLY A 9 -4.63 3.34 -10.77
CA GLY A 9 -4.29 4.73 -10.51
C GLY A 9 -5.05 5.67 -11.46
N ASN A 10 -6.34 5.38 -11.62
CA ASN A 10 -7.17 6.19 -12.48
C ASN A 10 -7.40 7.56 -11.85
N PRO A 11 -6.92 8.61 -12.57
CA PRO A 11 -7.06 9.97 -12.08
C PRO A 11 -8.49 10.47 -12.24
N VAL A 12 -9.31 9.63 -12.87
CA VAL A 12 -10.71 9.98 -13.10
C VAL A 12 -11.37 10.32 -11.76
N TYR A 13 -11.18 9.42 -10.80
CA TYR A 13 -11.75 9.63 -9.48
C TYR A 13 -11.13 10.85 -8.80
N GLU A 14 -9.85 11.06 -9.07
CA GLU A 14 -9.15 12.19 -8.49
C GLU A 14 -9.89 13.49 -8.77
N LYS A 15 -10.37 13.60 -10.01
CA LYS A 15 -11.10 14.78 -10.42
C LYS A 15 -12.19 15.10 -9.39
N TYR A 16 -12.95 14.06 -9.05
CA TYR A 16 -14.02 14.20 -8.08
C TYR A 16 -13.47 14.46 -6.69
N TYR A 17 -12.52 13.62 -6.29
CA TYR A 17 -11.90 13.74 -4.98
C TYR A 17 -11.36 15.15 -4.76
N ARG A 18 -11.10 15.84 -5.87
CA ARG A 18 -10.59 17.20 -5.82
C ARG A 18 -11.74 18.19 -5.72
N GLN A 19 -12.89 17.77 -6.21
CA GLN A 19 -14.08 18.62 -6.19
C GLN A 19 -14.46 18.96 -4.74
N VAL A 20 -14.32 17.96 -3.88
CA VAL A 20 -14.65 18.14 -2.48
C VAL A 20 -13.57 18.99 -1.81
N GLU A 21 -12.32 18.70 -2.14
CA GLU A 21 -11.20 19.44 -1.59
C GLU A 21 -11.53 20.91 -1.49
N ALA A 22 -11.06 21.53 -0.42
CA ALA A 22 -11.30 22.95 -0.20
C ALA A 22 -10.00 23.73 -0.42
N GLY A 23 -10.14 24.87 -1.07
CA GLY A 23 -8.99 25.72 -1.36
C GLY A 23 -8.13 25.11 -2.46
N ASN A 24 -6.94 25.68 -2.63
CA ASN A 24 -6.02 25.21 -3.64
C ASN A 24 -4.78 24.62 -2.96
N THR A 25 -5.02 23.84 -1.92
CA THR A 25 -3.95 23.21 -1.18
C THR A 25 -3.75 21.77 -1.65
N GLY A 26 -4.86 21.10 -1.89
CA GLY A 26 -4.82 19.72 -2.35
C GLY A 26 -5.38 18.77 -1.29
N ARG A 27 -5.44 19.28 -0.06
CA ARG A 27 -5.95 18.50 1.05
C ARG A 27 -7.48 18.60 1.12
N VAL A 28 -8.09 17.46 1.41
CA VAL A 28 -9.54 17.40 1.50
C VAL A 28 -9.97 17.71 2.94
N LEU A 29 -10.60 18.86 3.11
CA LEU A 29 -11.05 19.28 4.42
C LEU A 29 -11.96 18.20 5.02
N ALA A 30 -12.31 17.25 4.16
CA ALA A 30 -13.17 16.15 4.59
C ALA A 30 -14.62 16.61 4.60
N LEU A 31 -14.86 17.70 5.32
CA LEU A 31 -16.20 18.26 5.41
C LEU A 31 -16.87 18.20 4.03
N ASP A 32 -16.19 18.74 3.05
CA ASP A 32 -16.71 18.75 1.69
C ASP A 32 -16.94 17.32 1.23
N ALA A 33 -16.00 16.45 1.58
CA ALA A 33 -16.09 15.04 1.20
C ALA A 33 -17.51 14.54 1.49
N ALA A 34 -17.92 14.71 2.75
CA ALA A 34 -19.24 14.28 3.16
C ALA A 34 -20.30 14.91 2.25
N ALA A 35 -19.96 16.09 1.75
CA ALA A 35 -20.86 16.81 0.85
C ALA A 35 -20.99 16.05 -0.46
N PHE A 36 -19.84 15.75 -1.04
CA PHE A 36 -19.82 15.02 -2.30
C PHE A 36 -20.43 13.63 -2.15
N LEU A 37 -20.26 13.07 -0.97
CA LEU A 37 -20.79 11.75 -0.67
C LEU A 37 -22.31 11.83 -0.57
N LYS A 38 -22.77 12.82 0.17
CA LYS A 38 -24.20 13.02 0.35
C LYS A 38 -24.89 13.04 -1.01
N LYS A 39 -24.09 13.34 -2.03
CA LYS A 39 -24.62 13.40 -3.38
C LYS A 39 -24.75 11.98 -3.94
N SER A 40 -24.61 11.01 -3.05
CA SER A 40 -24.71 9.62 -3.43
C SER A 40 -26.17 9.17 -3.41
N GLY A 41 -26.77 9.26 -2.24
CA GLY A 41 -28.15 8.87 -2.06
C GLY A 41 -28.41 8.31 -0.66
N LEU A 42 -27.42 7.56 -0.17
CA LEU A 42 -27.52 6.96 1.15
C LEU A 42 -27.60 8.08 2.19
N PRO A 43 -28.03 7.68 3.42
CA PRO A 43 -28.17 8.63 4.51
C PRO A 43 -26.80 9.01 5.08
N ASP A 44 -26.82 9.66 6.23
CA ASP A 44 -25.60 10.08 6.89
C ASP A 44 -25.24 9.07 7.98
N LEU A 45 -26.27 8.42 8.51
CA LEU A 45 -26.07 7.43 9.55
C LEU A 45 -25.17 6.31 9.03
N ILE A 46 -25.69 5.59 8.04
CA ILE A 46 -24.95 4.50 7.44
C ILE A 46 -23.59 5.00 6.96
N LEU A 47 -23.60 6.24 6.47
CA LEU A 47 -22.38 6.86 5.98
C LEU A 47 -21.38 7.00 7.13
N GLY A 48 -21.87 7.53 8.24
CA GLY A 48 -21.04 7.73 9.41
C GLY A 48 -20.14 6.52 9.64
N LYS A 49 -20.73 5.34 9.53
CA LYS A 49 -19.99 4.10 9.73
C LYS A 49 -18.86 4.02 8.70
N ILE A 50 -19.20 4.35 7.47
CA ILE A 50 -18.22 4.31 6.39
C ILE A 50 -17.05 5.22 6.75
N TRP A 51 -17.37 6.45 7.08
CA TRP A 51 -16.35 7.43 7.45
C TRP A 51 -15.52 6.83 8.59
N ASP A 52 -16.21 6.49 9.67
CA ASP A 52 -15.56 5.92 10.84
C ASP A 52 -14.64 4.78 10.39
N LEU A 53 -15.04 4.13 9.30
CA LEU A 53 -14.26 3.03 8.77
C LEU A 53 -13.15 3.58 7.88
N ALA A 54 -13.44 4.71 7.25
CA ALA A 54 -12.47 5.35 6.37
C ALA A 54 -11.45 6.10 7.21
N ASP A 55 -11.93 7.12 7.90
CA ASP A 55 -11.06 7.93 8.75
C ASP A 55 -10.06 7.02 9.46
N THR A 56 -8.79 7.41 9.38
CA THR A 56 -7.73 6.63 10.01
C THR A 56 -6.47 7.48 10.15
N ASP A 57 -6.16 8.22 9.09
CA ASP A 57 -4.99 9.08 9.08
C ASP A 57 -4.87 9.77 10.45
N GLY A 58 -6.00 10.32 10.88
CA GLY A 58 -6.03 11.02 12.16
C GLY A 58 -6.65 12.41 12.00
N LYS A 59 -5.99 13.24 11.20
CA LYS A 59 -6.47 14.59 10.96
C LYS A 59 -7.86 14.53 10.35
N GLY A 60 -8.61 15.61 10.55
CA GLY A 60 -9.96 15.69 10.02
C GLY A 60 -9.98 15.48 8.51
N VAL A 61 -9.01 16.10 7.84
CA VAL A 61 -8.91 15.98 6.40
C VAL A 61 -8.91 14.50 6.01
N LEU A 62 -9.13 14.26 4.73
CA LEU A 62 -9.16 12.90 4.21
C LEU A 62 -7.81 12.57 3.56
N SER A 63 -7.59 11.28 3.38
CA SER A 63 -6.35 10.81 2.77
C SER A 63 -6.56 10.57 1.27
N LYS A 64 -5.87 9.55 0.77
CA LYS A 64 -5.97 9.20 -0.64
C LYS A 64 -6.96 8.05 -0.79
N GLN A 65 -6.39 6.85 -0.89
CA GLN A 65 -7.21 5.65 -1.05
C GLN A 65 -8.43 5.71 -0.13
N GLU A 66 -8.24 6.36 1.01
CA GLU A 66 -9.31 6.50 1.99
C GLU A 66 -10.60 6.92 1.29
N PHE A 67 -10.67 8.19 0.94
CA PHE A 67 -11.84 8.73 0.29
C PHE A 67 -12.24 7.86 -0.91
N PHE A 68 -11.24 7.46 -1.67
CA PHE A 68 -11.47 6.62 -2.83
C PHE A 68 -12.19 5.32 -2.46
N VAL A 69 -11.99 4.92 -1.21
CA VAL A 69 -12.61 3.71 -0.72
C VAL A 69 -14.07 4.00 -0.36
N ALA A 70 -14.25 4.92 0.58
CA ALA A 70 -15.59 5.29 1.01
C ALA A 70 -16.50 5.44 -0.21
N LEU A 71 -15.88 5.84 -1.32
CA LEU A 71 -16.61 6.02 -2.55
C LEU A 71 -17.27 4.69 -2.96
N ARG A 72 -16.44 3.77 -3.41
CA ARG A 72 -16.91 2.46 -3.84
C ARG A 72 -17.60 1.76 -2.66
N LEU A 73 -17.27 2.20 -1.46
CA LEU A 73 -17.85 1.62 -0.27
C LEU A 73 -19.36 1.84 -0.28
N VAL A 74 -19.75 3.04 -0.66
CA VAL A 74 -21.17 3.39 -0.72
C VAL A 74 -21.87 2.47 -1.71
N ALA A 75 -21.16 2.16 -2.79
CA ALA A 75 -21.70 1.30 -3.82
C ALA A 75 -22.05 -0.07 -3.21
N CYS A 76 -21.44 -0.33 -2.06
CA CYS A 76 -21.68 -1.59 -1.37
C CYS A 76 -23.03 -1.51 -0.66
N ALA A 77 -23.05 -0.73 0.41
CA ALA A 77 -24.27 -0.55 1.18
C ALA A 77 -25.43 -0.28 0.23
N GLN A 78 -25.10 0.26 -0.93
CA GLN A 78 -26.10 0.58 -1.93
C GLN A 78 -26.98 -0.65 -2.21
N ASN A 79 -26.35 -1.81 -2.13
CA ASN A 79 -27.05 -3.07 -2.36
C ASN A 79 -27.37 -3.74 -1.02
N GLY A 80 -27.43 -2.91 0.01
CA GLY A 80 -27.72 -3.40 1.35
C GLY A 80 -26.56 -4.24 1.89
N LEU A 81 -25.41 -4.08 1.23
CA LEU A 81 -24.22 -4.81 1.64
C LEU A 81 -23.61 -4.15 2.88
N GLU A 82 -22.71 -4.89 3.52
CA GLU A 82 -22.05 -4.39 4.72
C GLU A 82 -21.51 -2.99 4.48
N VAL A 83 -21.22 -2.30 5.56
CA VAL A 83 -20.69 -0.95 5.49
C VAL A 83 -19.21 -0.97 5.89
N SER A 84 -18.79 -2.10 6.44
CA SER A 84 -17.41 -2.25 6.87
C SER A 84 -16.60 -2.92 5.76
N LEU A 85 -15.35 -2.48 5.64
CA LEU A 85 -14.46 -3.01 4.63
C LEU A 85 -14.34 -4.53 4.82
N SER A 86 -14.56 -4.96 6.05
CA SER A 86 -14.48 -6.37 6.38
C SER A 86 -15.39 -7.17 5.45
N SER A 87 -16.34 -6.47 4.85
CA SER A 87 -17.28 -7.11 3.95
C SER A 87 -17.21 -6.44 2.57
N LEU A 88 -16.00 -6.01 2.22
CA LEU A 88 -15.78 -5.37 0.94
C LEU A 88 -14.90 -6.26 0.07
N SER A 89 -14.59 -5.76 -1.11
CA SER A 89 -13.76 -6.50 -2.05
C SER A 89 -14.59 -7.57 -2.75
N LEU A 90 -15.88 -7.31 -2.85
CA LEU A 90 -16.79 -8.25 -3.49
C LEU A 90 -17.30 -7.65 -4.80
N ALA A 91 -18.38 -8.22 -5.30
CA ALA A 91 -18.98 -7.75 -6.53
C ALA A 91 -20.00 -6.64 -6.23
N VAL A 92 -19.50 -5.58 -5.61
CA VAL A 92 -20.35 -4.45 -5.25
C VAL A 92 -20.90 -3.82 -6.52
N PRO A 93 -22.19 -3.41 -6.45
CA PRO A 93 -22.85 -2.78 -7.60
C PRO A 93 -22.37 -1.34 -7.77
N PRO A 94 -22.84 -0.72 -8.89
CA PRO A 94 -22.47 0.65 -9.18
C PRO A 94 -23.23 1.64 -8.27
N PRO A 95 -22.51 2.73 -7.90
CA PRO A 95 -23.11 3.75 -7.04
C PRO A 95 -24.10 4.60 -7.81
N ARG A 96 -24.42 5.76 -7.22
CA ARG A 96 -25.35 6.68 -7.85
C ARG A 96 -24.60 7.81 -8.56
N PHE A 97 -23.45 8.14 -8.01
CA PHE A 97 -22.63 9.20 -8.58
C PHE A 97 -22.62 9.12 -10.11
N HIS A 98 -22.20 10.22 -10.72
CA HIS A 98 -22.15 10.30 -12.17
C HIS A 98 -21.05 9.36 -12.69
N ASP A 99 -20.30 8.80 -11.76
CA ASP A 99 -19.22 7.90 -12.11
C ASP A 99 -18.73 7.18 -10.85
N LEU A 1 -3.89 0.15 1.51
CA LEU A 1 -4.31 0.23 0.11
C LEU A 1 -3.28 1.04 -0.67
N SER A 2 -3.64 1.36 -1.91
CA SER A 2 -2.76 2.13 -2.77
C SER A 2 -3.60 2.98 -3.74
N LEU A 3 -2.89 3.74 -4.57
CA LEU A 3 -3.54 4.59 -5.54
C LEU A 3 -4.02 3.75 -6.72
N THR A 4 -3.22 2.74 -7.03
CA THR A 4 -3.56 1.84 -8.14
C THR A 4 -4.98 1.33 -7.99
N GLN A 5 -5.26 0.78 -6.82
CA GLN A 5 -6.59 0.25 -6.53
C GLN A 5 -7.61 1.38 -6.39
N LEU A 6 -7.13 2.50 -5.87
CA LEU A 6 -7.98 3.66 -5.67
C LEU A 6 -8.77 3.92 -6.95
N SER A 7 -8.10 3.76 -8.07
CA SER A 7 -8.72 3.98 -9.37
C SER A 7 -7.86 3.36 -10.47
N SER A 8 -7.68 2.05 -10.39
CA SER A 8 -6.88 1.35 -11.37
C SER A 8 -5.65 2.17 -11.74
N GLY A 9 -5.20 2.97 -10.78
CA GLY A 9 -4.03 3.81 -10.99
C GLY A 9 -4.36 4.97 -11.93
N ASN A 10 -5.36 5.73 -11.55
CA ASN A 10 -5.79 6.88 -12.35
C ASN A 10 -5.17 8.15 -11.77
N PRO A 11 -4.31 8.80 -12.59
CA PRO A 11 -3.65 10.03 -12.17
C PRO A 11 -4.62 11.21 -12.20
N VAL A 12 -5.80 10.95 -12.75
CA VAL A 12 -6.82 11.99 -12.84
C VAL A 12 -6.94 12.70 -11.50
N TYR A 13 -6.79 11.92 -10.43
CA TYR A 13 -6.88 12.46 -9.09
C TYR A 13 -5.73 13.43 -8.81
N GLU A 14 -4.55 13.06 -9.29
CA GLU A 14 -3.37 13.88 -9.11
C GLU A 14 -3.66 15.32 -9.50
N LYS A 15 -4.40 15.48 -10.58
CA LYS A 15 -4.75 16.80 -11.07
C LYS A 15 -5.28 17.64 -9.91
N TYR A 16 -6.41 17.20 -9.37
CA TYR A 16 -7.03 17.90 -8.26
C TYR A 16 -6.08 18.01 -7.08
N TYR A 17 -5.40 16.91 -6.80
CA TYR A 17 -4.45 16.86 -5.70
C TYR A 17 -3.41 17.98 -5.83
N ARG A 18 -3.13 18.34 -7.07
CA ARG A 18 -2.16 19.38 -7.35
C ARG A 18 -2.82 20.76 -7.28
N GLN A 19 -4.14 20.76 -7.50
CA GLN A 19 -4.89 22.00 -7.46
C GLN A 19 -4.84 22.62 -6.06
N VAL A 20 -4.93 21.74 -5.07
CA VAL A 20 -4.89 22.19 -3.68
C VAL A 20 -3.46 22.56 -3.31
N GLU A 21 -2.53 21.73 -3.75
CA GLU A 21 -1.12 21.95 -3.47
C GLU A 21 -0.79 23.44 -3.55
N ALA A 22 -0.09 23.92 -2.55
CA ALA A 22 0.30 25.33 -2.49
C ALA A 22 1.76 25.47 -2.91
N GLY A 23 2.06 26.61 -3.52
CA GLY A 23 3.41 26.88 -3.97
C GLY A 23 3.84 25.88 -5.04
N ASN A 24 5.08 26.04 -5.50
CA ASN A 24 5.62 25.16 -6.51
C ASN A 24 6.69 24.26 -5.89
N THR A 25 6.37 23.76 -4.70
CA THR A 25 7.29 22.89 -3.98
C THR A 25 6.99 21.42 -4.29
N GLY A 26 5.71 21.14 -4.52
CA GLY A 26 5.28 19.79 -4.83
C GLY A 26 4.69 19.11 -3.59
N ARG A 27 4.22 19.94 -2.67
CA ARG A 27 3.64 19.44 -1.44
C ARG A 27 2.34 20.18 -1.12
N VAL A 28 1.38 19.44 -0.59
CA VAL A 28 0.09 20.01 -0.24
C VAL A 28 0.09 20.40 1.24
N LEU A 29 -0.01 21.69 1.49
CA LEU A 29 -0.03 22.20 2.85
C LEU A 29 -1.21 21.58 3.61
N ALA A 30 -2.10 20.97 2.85
CA ALA A 30 -3.27 20.35 3.43
C ALA A 30 -4.40 21.37 3.51
N LEU A 31 -4.12 22.48 4.18
CA LEU A 31 -5.10 23.54 4.33
C LEU A 31 -5.86 23.71 3.02
N ASP A 32 -5.14 23.58 1.92
CA ASP A 32 -5.73 23.72 0.60
C ASP A 32 -6.58 22.49 0.30
N ALA A 33 -5.98 21.33 0.54
CA ALA A 33 -6.67 20.08 0.28
C ALA A 33 -8.06 20.12 0.92
N ALA A 34 -8.10 20.68 2.12
CA ALA A 34 -9.36 20.79 2.85
C ALA A 34 -10.27 21.77 2.12
N ALA A 35 -9.65 22.74 1.46
CA ALA A 35 -10.40 23.74 0.72
C ALA A 35 -11.12 23.07 -0.45
N PHE A 36 -10.33 22.41 -1.28
CA PHE A 36 -10.87 21.72 -2.44
C PHE A 36 -11.94 20.71 -2.03
N LEU A 37 -11.74 20.12 -0.86
CA LEU A 37 -12.68 19.13 -0.34
C LEU A 37 -14.02 19.81 -0.08
N LYS A 38 -13.96 20.96 0.59
CA LYS A 38 -15.16 21.70 0.91
C LYS A 38 -15.95 21.98 -0.37
N LYS A 39 -15.25 21.87 -1.49
CA LYS A 39 -15.87 22.10 -2.79
C LYS A 39 -16.71 20.88 -3.16
N SER A 40 -16.67 19.88 -2.29
CA SER A 40 -17.42 18.66 -2.52
C SER A 40 -18.91 18.93 -2.39
N GLY A 41 -19.32 19.17 -1.15
CA GLY A 41 -20.73 19.45 -0.87
C GLY A 41 -21.07 19.13 0.59
N LEU A 42 -20.29 18.23 1.17
CA LEU A 42 -20.49 17.83 2.55
C LEU A 42 -20.17 19.01 3.46
N PRO A 43 -20.67 18.91 4.73
CA PRO A 43 -20.43 19.96 5.71
C PRO A 43 -19.00 19.92 6.23
N ASP A 44 -18.76 20.69 7.29
CA ASP A 44 -17.44 20.75 7.88
C ASP A 44 -17.36 19.77 9.04
N LEU A 45 -18.50 19.57 9.69
CA LEU A 45 -18.58 18.66 10.82
C LEU A 45 -18.20 17.25 10.35
N ILE A 46 -18.97 16.74 9.41
CA ILE A 46 -18.72 15.42 8.87
C ILE A 46 -17.30 15.35 8.29
N LEU A 47 -16.89 16.48 7.71
CA LEU A 47 -15.57 16.57 7.12
C LEU A 47 -14.51 16.37 8.22
N GLY A 48 -14.66 17.15 9.29
CA GLY A 48 -13.74 17.08 10.39
C GLY A 48 -13.36 15.63 10.70
N LYS A 49 -14.38 14.78 10.75
CA LYS A 49 -14.16 13.37 11.04
C LYS A 49 -13.26 12.77 9.96
N ILE A 50 -13.55 13.13 8.72
CA ILE A 50 -12.79 12.65 7.59
C ILE A 50 -11.32 13.01 7.78
N TRP A 51 -11.08 14.29 8.01
CA TRP A 51 -9.72 14.78 8.21
C TRP A 51 -9.11 13.99 9.36
N ASP A 52 -9.78 14.03 10.49
CA ASP A 52 -9.31 13.32 11.68
C ASP A 52 -8.89 11.91 11.27
N LEU A 53 -9.72 11.28 10.47
CA LEU A 53 -9.44 9.92 10.00
C LEU A 53 -8.32 9.97 8.96
N ALA A 54 -8.26 11.08 8.25
CA ALA A 54 -7.25 11.26 7.23
C ALA A 54 -5.87 11.37 7.88
N ASP A 55 -5.72 12.41 8.69
CA ASP A 55 -4.46 12.62 9.38
C ASP A 55 -3.89 11.28 9.85
N THR A 56 -2.67 11.01 9.43
CA THR A 56 -2.00 9.77 9.79
C THR A 56 -0.49 9.92 9.68
N ASP A 57 -0.06 10.53 8.58
CA ASP A 57 1.35 10.74 8.35
C ASP A 57 2.00 11.29 9.62
N GLY A 58 1.34 12.28 10.20
CA GLY A 58 1.84 12.91 11.41
C GLY A 58 2.24 14.36 11.17
N LYS A 59 1.38 15.05 10.42
CA LYS A 59 1.63 16.45 10.10
C LYS A 59 0.44 17.00 9.31
N GLY A 60 0.45 18.32 9.14
CA GLY A 60 -0.62 18.98 8.40
C GLY A 60 -0.61 18.55 6.94
N VAL A 61 0.51 18.84 6.28
CA VAL A 61 0.66 18.49 4.87
C VAL A 61 0.03 17.12 4.62
N LEU A 62 -0.53 16.97 3.43
CA LEU A 62 -1.17 15.72 3.05
C LEU A 62 -0.23 14.93 2.12
N SER A 63 -0.60 13.68 1.89
CA SER A 63 0.20 12.82 1.04
C SER A 63 -0.66 12.28 -0.11
N LYS A 64 -0.19 11.19 -0.70
CA LYS A 64 -0.90 10.57 -1.80
C LYS A 64 -2.18 9.91 -1.27
N GLN A 65 -2.05 8.63 -0.95
CA GLN A 65 -3.18 7.88 -0.42
C GLN A 65 -4.00 8.75 0.52
N GLU A 66 -3.31 9.42 1.42
CA GLU A 66 -3.96 10.28 2.39
C GLU A 66 -5.05 11.11 1.70
N PHE A 67 -4.59 12.07 0.90
CA PHE A 67 -5.51 12.94 0.17
C PHE A 67 -6.42 12.13 -0.74
N PHE A 68 -5.84 11.13 -1.38
CA PHE A 68 -6.59 10.27 -2.29
C PHE A 68 -7.67 9.49 -1.53
N VAL A 69 -7.53 9.48 -0.22
CA VAL A 69 -8.48 8.77 0.62
C VAL A 69 -9.62 9.72 1.01
N ALA A 70 -9.25 10.77 1.75
CA ALA A 70 -10.21 11.76 2.19
C ALA A 70 -11.07 12.19 1.00
N LEU A 71 -10.50 12.06 -0.18
CA LEU A 71 -11.19 12.44 -1.40
C LEU A 71 -12.42 11.55 -1.57
N ARG A 72 -12.18 10.31 -1.98
CA ARG A 72 -13.25 9.36 -2.17
C ARG A 72 -14.10 9.24 -0.90
N LEU A 73 -13.41 9.21 0.22
CA LEU A 73 -14.07 9.09 1.51
C LEU A 73 -15.29 10.04 1.53
N VAL A 74 -15.08 11.21 0.98
CA VAL A 74 -16.14 12.21 0.93
C VAL A 74 -17.33 11.65 0.13
N ALA A 75 -17.00 11.03 -0.99
CA ALA A 75 -18.02 10.45 -1.84
C ALA A 75 -18.74 9.34 -1.09
N CYS A 76 -18.13 8.91 0.01
CA CYS A 76 -18.70 7.86 0.83
C CYS A 76 -19.85 8.46 1.65
N ALA A 77 -19.47 9.31 2.58
CA ALA A 77 -20.45 9.96 3.45
C ALA A 77 -21.48 10.70 2.57
N GLN A 78 -21.08 10.97 1.34
CA GLN A 78 -21.93 11.66 0.40
C GLN A 78 -23.23 10.87 0.19
N ASN A 79 -23.20 9.61 0.61
CA ASN A 79 -24.36 8.75 0.48
C ASN A 79 -24.98 8.52 1.85
N GLY A 80 -24.55 9.34 2.80
CA GLY A 80 -25.06 9.24 4.16
C GLY A 80 -24.43 8.06 4.90
N LEU A 81 -23.45 7.46 4.24
CA LEU A 81 -22.75 6.31 4.82
C LEU A 81 -21.74 6.81 5.86
N GLU A 82 -21.08 5.86 6.49
CA GLU A 82 -20.09 6.19 7.51
C GLU A 82 -19.07 7.18 6.95
N VAL A 83 -18.37 7.84 7.87
CA VAL A 83 -17.37 8.81 7.49
C VAL A 83 -15.97 8.23 7.70
N SER A 84 -15.96 6.97 8.13
CA SER A 84 -14.70 6.28 8.37
C SER A 84 -14.30 5.48 7.13
N LEU A 85 -13.02 5.14 7.08
CA LEU A 85 -12.49 4.38 5.95
C LEU A 85 -13.21 3.02 5.89
N SER A 86 -13.78 2.63 7.02
CA SER A 86 -14.48 1.37 7.11
C SER A 86 -15.57 1.30 6.03
N SER A 87 -16.32 2.38 5.92
CA SER A 87 -17.39 2.46 4.94
C SER A 87 -16.81 2.67 3.55
N LEU A 88 -15.58 3.18 3.53
CA LEU A 88 -14.90 3.44 2.27
C LEU A 88 -14.67 2.11 1.54
N SER A 89 -14.37 1.08 2.33
CA SER A 89 -14.13 -0.23 1.78
C SER A 89 -15.34 -0.70 0.98
N LEU A 90 -16.47 -0.07 1.26
CA LEU A 90 -17.71 -0.41 0.58
C LEU A 90 -17.67 0.14 -0.85
N ALA A 91 -18.82 0.13 -1.50
CA ALA A 91 -18.93 0.63 -2.86
C ALA A 91 -19.26 2.12 -2.82
N VAL A 92 -18.40 2.87 -2.15
CA VAL A 92 -18.58 4.30 -2.04
C VAL A 92 -19.02 4.87 -3.39
N PRO A 93 -20.08 5.71 -3.35
CA PRO A 93 -20.60 6.33 -4.57
C PRO A 93 -19.68 7.45 -5.05
N PRO A 94 -20.02 8.01 -6.24
CA PRO A 94 -19.24 9.08 -6.82
C PRO A 94 -19.49 10.40 -6.09
N PRO A 95 -18.39 11.18 -5.94
CA PRO A 95 -18.48 12.47 -5.27
C PRO A 95 -19.14 13.52 -6.16
N ARG A 96 -18.97 14.77 -5.77
CA ARG A 96 -19.54 15.87 -6.54
C ARG A 96 -18.47 16.52 -7.41
N PHE A 97 -17.24 16.46 -6.93
CA PHE A 97 -16.12 17.04 -7.65
C PHE A 97 -16.27 16.81 -9.16
N HIS A 98 -15.53 17.61 -9.92
CA HIS A 98 -15.57 17.49 -11.37
C HIS A 98 -14.92 16.17 -11.79
N ASP A 99 -15.00 15.91 -13.09
CA ASP A 99 -14.44 14.69 -13.65
C ASP A 99 -14.52 14.73 -15.17
N LEU A 1 -3.89 0.15 1.51
CA LEU A 1 -4.31 0.23 0.11
C LEU A 1 -3.12 0.67 -0.74
N SER A 2 -3.44 1.34 -1.84
CA SER A 2 -2.41 1.81 -2.75
C SER A 2 -1.22 2.36 -1.95
N LEU A 3 -0.08 2.43 -2.62
CA LEU A 3 1.14 2.93 -1.99
C LEU A 3 0.79 4.12 -1.10
N THR A 4 -0.19 4.88 -1.55
CA THR A 4 -0.62 6.05 -0.80
C THR A 4 -0.84 5.70 0.67
N GLN A 5 -1.91 4.95 0.91
CA GLN A 5 -2.24 4.53 2.26
C GLN A 5 -1.08 3.72 2.86
N LEU A 6 -0.41 2.98 2.00
CA LEU A 6 0.71 2.16 2.42
C LEU A 6 1.60 2.98 3.37
N SER A 7 1.82 4.22 2.99
CA SER A 7 2.65 5.11 3.78
C SER A 7 2.49 6.56 3.30
N SER A 8 1.26 7.04 3.38
CA SER A 8 0.97 8.40 2.96
C SER A 8 1.59 8.67 1.59
N GLY A 9 1.80 7.59 0.85
CA GLY A 9 2.39 7.70 -0.48
C GLY A 9 3.86 8.12 -0.39
N ASN A 10 4.60 7.37 0.42
CA ASN A 10 6.01 7.65 0.60
C ASN A 10 6.81 6.98 -0.53
N PRO A 11 7.43 7.85 -1.38
CA PRO A 11 8.22 7.35 -2.49
C PRO A 11 9.57 6.81 -2.01
N VAL A 12 9.77 6.88 -0.70
CA VAL A 12 11.00 6.39 -0.10
C VAL A 12 11.18 4.91 -0.45
N TYR A 13 10.08 4.18 -0.43
CA TYR A 13 10.11 2.77 -0.74
C TYR A 13 10.47 2.53 -2.21
N GLU A 14 10.05 3.48 -3.04
CA GLU A 14 10.33 3.39 -4.47
C GLU A 14 11.83 3.22 -4.71
N LYS A 15 12.62 3.83 -3.82
CA LYS A 15 14.06 3.74 -3.93
C LYS A 15 14.50 2.29 -3.80
N TYR A 16 13.81 1.57 -2.91
CA TYR A 16 14.12 0.17 -2.68
C TYR A 16 13.62 -0.69 -3.83
N TYR A 17 12.32 -0.56 -4.11
CA TYR A 17 11.71 -1.33 -5.17
C TYR A 17 12.47 -1.15 -6.49
N ARG A 18 13.23 -0.07 -6.55
CA ARG A 18 14.01 0.23 -7.75
C ARG A 18 15.39 -0.41 -7.65
N GLN A 19 15.83 -0.61 -6.42
CA GLN A 19 17.13 -1.22 -6.18
C GLN A 19 17.16 -2.64 -6.75
N VAL A 20 16.02 -3.31 -6.66
CA VAL A 20 15.92 -4.67 -7.17
C VAL A 20 15.54 -4.63 -8.65
N GLU A 21 14.83 -3.58 -9.03
CA GLU A 21 14.41 -3.41 -10.41
C GLU A 21 15.62 -3.47 -11.34
N ALA A 22 15.40 -4.04 -12.51
CA ALA A 22 16.45 -4.15 -13.50
C ALA A 22 16.10 -3.31 -14.71
N GLY A 23 17.13 -3.00 -15.51
CA GLY A 23 16.94 -2.20 -16.70
C GLY A 23 16.31 -0.85 -16.36
N ASN A 24 16.01 -0.09 -17.40
CA ASN A 24 15.41 1.23 -17.23
C ASN A 24 14.04 1.25 -17.91
N THR A 25 13.26 0.22 -17.62
CA THR A 25 11.93 0.10 -18.19
C THR A 25 10.87 0.53 -17.16
N GLY A 26 11.12 0.18 -15.91
CA GLY A 26 10.22 0.52 -14.84
C GLY A 26 9.49 -0.72 -14.32
N ARG A 27 10.00 -1.89 -14.74
CA ARG A 27 9.40 -3.15 -14.33
C ARG A 27 10.42 -3.98 -13.54
N VAL A 28 9.92 -4.60 -12.48
CA VAL A 28 10.76 -5.42 -11.63
C VAL A 28 10.54 -6.90 -11.97
N LEU A 29 11.62 -7.54 -12.38
CA LEU A 29 11.56 -8.96 -12.73
C LEU A 29 11.17 -9.77 -11.50
N ALA A 30 11.23 -9.11 -10.35
CA ALA A 30 10.89 -9.77 -9.09
C ALA A 30 12.08 -10.58 -8.60
N LEU A 31 12.58 -11.42 -9.49
CA LEU A 31 13.72 -12.26 -9.17
C LEU A 31 14.71 -11.47 -8.31
N ASP A 32 14.88 -10.20 -8.67
CA ASP A 32 15.78 -9.33 -7.94
C ASP A 32 15.17 -9.01 -6.57
N ALA A 33 13.91 -8.60 -6.60
CA ALA A 33 13.21 -8.26 -5.37
C ALA A 33 13.47 -9.34 -4.32
N ALA A 34 13.41 -10.58 -4.76
CA ALA A 34 13.64 -11.72 -3.88
C ALA A 34 15.06 -11.64 -3.33
N ALA A 35 15.97 -11.21 -4.18
CA ALA A 35 17.37 -11.09 -3.79
C ALA A 35 17.51 -10.01 -2.71
N PHE A 36 16.84 -8.89 -2.96
CA PHE A 36 16.87 -7.79 -2.02
C PHE A 36 16.26 -8.17 -0.68
N LEU A 37 15.19 -8.96 -0.76
CA LEU A 37 14.51 -9.42 0.44
C LEU A 37 15.48 -10.22 1.31
N LYS A 38 16.20 -11.12 0.66
CA LYS A 38 17.16 -11.95 1.36
C LYS A 38 18.13 -11.05 2.15
N LYS A 39 18.20 -9.81 1.71
CA LYS A 39 19.08 -8.85 2.36
C LYS A 39 18.44 -8.39 3.68
N SER A 40 17.25 -8.91 3.93
CA SER A 40 16.53 -8.58 5.15
C SER A 40 17.18 -9.24 6.35
N GLY A 41 16.96 -10.54 6.47
CA GLY A 41 17.53 -11.30 7.57
C GLY A 41 16.86 -12.67 7.70
N LEU A 42 15.59 -12.70 7.30
CA LEU A 42 14.82 -13.93 7.37
C LEU A 42 15.29 -14.89 6.27
N PRO A 43 14.94 -16.19 6.46
CA PRO A 43 15.33 -17.21 5.49
C PRO A 43 14.47 -17.12 4.23
N ASP A 44 14.49 -18.20 3.46
CA ASP A 44 13.72 -18.25 2.22
C ASP A 44 12.42 -19.00 2.48
N LEU A 45 12.45 -19.85 3.49
CA LEU A 45 11.27 -20.63 3.85
C LEU A 45 10.11 -19.68 4.17
N ILE A 46 10.15 -19.16 5.38
CA ILE A 46 9.11 -18.24 5.83
C ILE A 46 8.87 -17.18 4.74
N LEU A 47 9.96 -16.81 4.08
CA LEU A 47 9.88 -15.81 3.02
C LEU A 47 8.98 -16.32 1.90
N GLY A 48 9.21 -17.58 1.52
CA GLY A 48 8.41 -18.19 0.47
C GLY A 48 6.92 -17.94 0.68
N LYS A 49 6.51 -18.00 1.94
CA LYS A 49 5.12 -17.78 2.30
C LYS A 49 4.73 -16.35 1.95
N ILE A 50 5.64 -15.43 2.25
CA ILE A 50 5.42 -14.02 1.99
C ILE A 50 5.14 -13.83 0.49
N TRP A 51 6.08 -14.28 -0.32
CA TRP A 51 5.95 -14.17 -1.76
C TRP A 51 4.62 -14.82 -2.17
N ASP A 52 4.46 -16.06 -1.75
CA ASP A 52 3.25 -16.81 -2.07
C ASP A 52 2.03 -15.94 -1.74
N LEU A 53 2.21 -15.08 -0.75
CA LEU A 53 1.14 -14.19 -0.33
C LEU A 53 1.20 -12.90 -1.15
N ALA A 54 2.39 -12.55 -1.57
CA ALA A 54 2.59 -11.36 -2.36
C ALA A 54 2.10 -11.61 -3.79
N ASP A 55 2.75 -12.56 -4.44
CA ASP A 55 2.39 -12.91 -5.81
C ASP A 55 0.86 -12.86 -5.96
N THR A 56 0.43 -12.14 -6.99
CA THR A 56 -0.98 -12.00 -7.26
C THR A 56 -1.22 -11.59 -8.72
N ASP A 57 -0.42 -10.64 -9.16
CA ASP A 57 -0.52 -10.15 -10.52
C ASP A 57 -0.57 -11.35 -11.48
N GLY A 58 0.36 -12.27 -11.28
CA GLY A 58 0.44 -13.45 -12.11
C GLY A 58 1.88 -13.72 -12.55
N LYS A 59 2.45 -12.72 -13.18
CA LYS A 59 3.83 -12.83 -13.67
C LYS A 59 4.79 -12.56 -12.50
N GLY A 60 5.88 -13.33 -12.49
CA GLY A 60 6.87 -13.18 -11.45
C GLY A 60 7.06 -11.71 -11.06
N VAL A 61 7.10 -10.87 -12.08
CA VAL A 61 7.27 -9.44 -11.87
C VAL A 61 6.44 -9.01 -10.65
N LEU A 62 6.98 -8.04 -9.93
CA LEU A 62 6.30 -7.53 -8.75
C LEU A 62 5.59 -6.22 -9.10
N SER A 63 4.75 -5.78 -8.18
CA SER A 63 4.01 -4.55 -8.38
C SER A 63 4.23 -3.59 -7.20
N LYS A 64 3.61 -2.43 -7.28
CA LYS A 64 3.74 -1.43 -6.24
C LYS A 64 3.36 -2.05 -4.89
N GLN A 65 2.10 -1.88 -4.52
CA GLN A 65 1.62 -2.42 -3.26
C GLN A 65 2.22 -3.79 -3.00
N GLU A 66 2.10 -4.66 -3.99
CA GLU A 66 2.63 -6.01 -3.88
C GLU A 66 3.99 -5.99 -3.18
N PHE A 67 4.98 -5.49 -3.89
CA PHE A 67 6.33 -5.40 -3.34
C PHE A 67 6.34 -4.59 -2.05
N PHE A 68 5.59 -3.50 -2.06
CA PHE A 68 5.50 -2.64 -0.89
C PHE A 68 4.93 -3.40 0.31
N VAL A 69 4.25 -4.49 0.02
CA VAL A 69 3.66 -5.31 1.06
C VAL A 69 4.70 -6.31 1.58
N ALA A 70 5.11 -7.20 0.69
CA ALA A 70 6.10 -8.21 1.05
C ALA A 70 7.23 -7.54 1.84
N LEU A 71 7.44 -6.27 1.55
CA LEU A 71 8.49 -5.51 2.22
C LEU A 71 8.20 -5.48 3.72
N ARG A 72 7.26 -4.63 4.10
CA ARG A 72 6.88 -4.50 5.50
C ARG A 72 6.52 -5.87 6.09
N LEU A 73 5.99 -6.72 5.22
CA LEU A 73 5.60 -8.06 5.64
C LEU A 73 6.80 -8.77 6.25
N VAL A 74 7.96 -8.56 5.63
CA VAL A 74 9.18 -9.17 6.11
C VAL A 74 9.41 -8.77 7.56
N ALA A 75 9.17 -7.50 7.85
CA ALA A 75 9.35 -6.98 9.18
C ALA A 75 8.44 -7.74 10.15
N CYS A 76 7.40 -8.35 9.59
CA CYS A 76 6.46 -9.10 10.38
C CYS A 76 7.16 -10.35 10.91
N ALA A 77 7.51 -11.24 9.98
CA ALA A 77 8.18 -12.47 10.34
C ALA A 77 9.41 -12.15 11.18
N GLN A 78 9.88 -10.91 11.04
CA GLN A 78 11.04 -10.46 11.79
C GLN A 78 10.70 -10.33 13.28
N ASN A 79 9.41 -10.34 13.56
CA ASN A 79 8.94 -10.23 14.93
C ASN A 79 8.40 -11.59 15.40
N GLY A 80 8.18 -12.46 14.44
CA GLY A 80 7.68 -13.79 14.73
C GLY A 80 6.16 -13.86 14.50
N LEU A 81 5.62 -12.77 13.98
CA LEU A 81 4.20 -12.70 13.71
C LEU A 81 3.88 -13.47 12.43
N GLU A 82 2.60 -13.76 12.25
CA GLU A 82 2.16 -14.49 11.08
C GLU A 82 2.89 -13.99 9.83
N VAL A 83 2.84 -14.80 8.78
CA VAL A 83 3.48 -14.45 7.52
C VAL A 83 2.43 -13.97 6.53
N SER A 84 1.19 -13.95 6.99
CA SER A 84 0.09 -13.52 6.15
C SER A 84 -0.19 -12.03 6.37
N LEU A 85 -0.93 -11.45 5.44
CA LEU A 85 -1.27 -10.04 5.53
C LEU A 85 -2.10 -9.80 6.78
N SER A 86 -2.70 -10.87 7.27
CA SER A 86 -3.53 -10.79 8.46
C SER A 86 -2.76 -10.09 9.58
N SER A 87 -1.53 -10.54 9.78
CA SER A 87 -0.68 -9.97 10.81
C SER A 87 -0.20 -8.59 10.39
N LEU A 88 -0.19 -8.37 9.08
CA LEU A 88 0.25 -7.10 8.53
C LEU A 88 -0.69 -5.99 8.99
N SER A 89 -1.97 -6.34 9.07
CA SER A 89 -2.97 -5.39 9.50
C SER A 89 -2.56 -4.75 10.82
N LEU A 90 -1.71 -5.46 11.55
CA LEU A 90 -1.23 -4.97 12.84
C LEU A 90 -0.12 -3.94 12.60
N ALA A 91 0.59 -3.64 13.67
CA ALA A 91 1.67 -2.66 13.59
C ALA A 91 3.01 -3.41 13.56
N VAL A 92 3.29 -4.02 12.42
CA VAL A 92 4.52 -4.76 12.25
C VAL A 92 5.71 -3.85 12.57
N PRO A 93 6.77 -4.48 13.14
CA PRO A 93 7.97 -3.74 13.51
C PRO A 93 8.79 -3.39 12.27
N PRO A 94 9.88 -2.60 12.51
CA PRO A 94 10.75 -2.18 11.43
C PRO A 94 11.64 -3.33 10.97
N PRO A 95 11.87 -3.38 9.62
CA PRO A 95 12.70 -4.43 9.05
C PRO A 95 14.18 -4.16 9.31
N ARG A 96 15.03 -4.87 8.58
CA ARG A 96 16.46 -4.73 8.73
C ARG A 96 17.02 -3.82 7.63
N PHE A 97 16.36 -3.85 6.49
CA PHE A 97 16.78 -3.04 5.36
C PHE A 97 17.27 -1.67 5.82
N HIS A 98 18.02 -1.02 4.95
CA HIS A 98 18.56 0.29 5.24
C HIS A 98 17.48 1.35 5.04
N ASP A 99 17.80 2.57 5.46
CA ASP A 99 16.86 3.67 5.32
C ASP A 99 16.75 4.06 3.85
N LEU A 1 -3.89 0.15 1.51
CA LEU A 1 -4.31 0.23 0.11
C LEU A 1 -3.27 -0.47 -0.76
N SER A 2 -3.42 -0.29 -2.07
CA SER A 2 -2.51 -0.90 -3.01
C SER A 2 -2.95 -0.58 -4.45
N LEU A 3 -2.13 -1.01 -5.40
CA LEU A 3 -2.43 -0.78 -6.79
C LEU A 3 -3.85 -1.26 -7.09
N THR A 4 -4.20 -2.38 -6.50
CA THR A 4 -5.51 -2.97 -6.69
C THR A 4 -6.60 -1.89 -6.54
N GLN A 5 -6.83 -1.50 -5.29
CA GLN A 5 -7.83 -0.48 -5.01
C GLN A 5 -7.50 0.81 -5.76
N LEU A 6 -6.21 1.05 -5.95
CA LEU A 6 -5.77 2.23 -6.65
C LEU A 6 -6.35 2.24 -8.07
N SER A 7 -6.82 1.07 -8.48
CA SER A 7 -7.41 0.92 -9.80
C SER A 7 -8.49 -0.16 -9.78
N SER A 8 -9.21 -0.20 -8.67
CA SER A 8 -10.28 -1.17 -8.50
C SER A 8 -9.85 -2.53 -9.09
N GLY A 9 -8.55 -2.76 -9.06
CA GLY A 9 -8.01 -4.00 -9.59
C GLY A 9 -7.67 -3.86 -11.07
N ASN A 10 -6.81 -2.90 -11.38
CA ASN A 10 -6.41 -2.67 -12.75
C ASN A 10 -4.90 -2.45 -12.80
N PRO A 11 -4.19 -3.47 -13.37
CA PRO A 11 -2.75 -3.40 -13.49
C PRO A 11 -2.33 -2.44 -14.61
N VAL A 12 -3.33 -1.84 -15.23
CA VAL A 12 -3.08 -0.91 -16.32
C VAL A 12 -1.95 0.04 -15.91
N TYR A 13 -1.98 0.44 -14.65
CA TYR A 13 -0.98 1.34 -14.12
C TYR A 13 0.40 0.68 -14.10
N GLU A 14 0.40 -0.61 -13.79
CA GLU A 14 1.64 -1.37 -13.74
C GLU A 14 2.35 -1.32 -15.08
N LYS A 15 1.55 -1.30 -16.14
CA LYS A 15 2.11 -1.26 -17.49
C LYS A 15 3.11 -0.12 -17.59
N TYR A 16 2.65 1.08 -17.20
CA TYR A 16 3.49 2.25 -17.25
C TYR A 16 4.61 2.16 -16.21
N TYR A 17 4.24 1.74 -15.02
CA TYR A 17 5.20 1.61 -13.93
C TYR A 17 6.40 0.77 -14.37
N ARG A 18 6.15 -0.12 -15.32
CA ARG A 18 7.20 -0.98 -15.83
C ARG A 18 8.00 -0.26 -16.92
N GLN A 19 7.33 0.66 -17.58
CA GLN A 19 7.97 1.42 -18.64
C GLN A 19 9.13 2.24 -18.08
N VAL A 20 8.93 2.75 -16.87
CA VAL A 20 9.95 3.55 -16.22
C VAL A 20 11.04 2.64 -15.67
N GLU A 21 10.60 1.51 -15.13
CA GLU A 21 11.53 0.53 -14.58
C GLU A 21 12.76 0.40 -15.48
N ALA A 22 13.90 0.21 -14.85
CA ALA A 22 15.15 0.06 -15.57
C ALA A 22 15.81 -1.26 -15.19
N GLY A 23 16.45 -1.88 -16.17
CA GLY A 23 17.13 -3.14 -15.94
C GLY A 23 16.12 -4.30 -15.90
N ASN A 24 16.63 -5.46 -15.50
CA ASN A 24 15.79 -6.64 -15.41
C ASN A 24 15.75 -7.13 -13.96
N THR A 25 15.46 -6.20 -13.07
CA THR A 25 15.39 -6.52 -11.65
C THR A 25 13.95 -6.49 -11.16
N GLY A 26 13.15 -5.66 -11.83
CA GLY A 26 11.74 -5.52 -11.47
C GLY A 26 11.54 -4.39 -10.47
N ARG A 27 12.46 -3.44 -10.49
CA ARG A 27 12.39 -2.30 -9.59
C ARG A 27 12.57 -1.00 -10.37
N VAL A 28 11.87 0.03 -9.91
CA VAL A 28 11.94 1.33 -10.54
C VAL A 28 13.04 2.16 -9.87
N LEU A 29 14.05 2.50 -10.67
CA LEU A 29 15.16 3.29 -10.16
C LEU A 29 14.63 4.61 -9.60
N ALA A 30 13.38 4.89 -9.94
CA ALA A 30 12.75 6.12 -9.48
C ALA A 30 13.02 7.24 -10.48
N LEU A 31 14.31 7.45 -10.74
CA LEU A 31 14.71 8.49 -11.68
C LEU A 31 13.89 8.37 -12.95
N ASP A 32 13.63 7.13 -13.35
CA ASP A 32 12.86 6.87 -14.54
C ASP A 32 11.38 7.20 -14.28
N ALA A 33 10.99 6.98 -13.03
CA ALA A 33 9.61 7.25 -12.63
C ALA A 33 9.28 8.72 -12.89
N ALA A 34 10.26 9.57 -12.58
CA ALA A 34 10.09 11.01 -12.77
C ALA A 34 10.07 11.31 -14.27
N ALA A 35 10.78 10.49 -15.02
CA ALA A 35 10.84 10.66 -16.46
C ALA A 35 9.44 10.50 -17.06
N PHE A 36 8.84 9.36 -16.76
CA PHE A 36 7.51 9.06 -17.27
C PHE A 36 6.50 10.10 -16.78
N LEU A 37 6.65 10.49 -15.52
CA LEU A 37 5.76 11.47 -14.93
C LEU A 37 5.83 12.77 -15.73
N LYS A 38 7.06 13.17 -16.04
CA LYS A 38 7.28 14.38 -16.81
C LYS A 38 6.47 14.32 -18.11
N LYS A 39 6.10 13.11 -18.47
CA LYS A 39 5.32 12.89 -19.68
C LYS A 39 3.86 13.24 -19.41
N SER A 40 3.61 13.69 -18.19
CA SER A 40 2.26 14.06 -17.81
C SER A 40 1.87 15.38 -18.46
N GLY A 41 2.50 16.45 -18.01
CA GLY A 41 2.22 17.78 -18.55
C GLY A 41 2.59 18.85 -17.54
N LEU A 42 2.54 18.48 -16.26
CA LEU A 42 2.86 19.41 -15.20
C LEU A 42 4.34 19.82 -15.31
N PRO A 43 4.67 20.94 -14.61
CA PRO A 43 6.03 21.45 -14.62
C PRO A 43 6.95 20.58 -13.75
N ASP A 44 8.12 21.13 -13.46
CA ASP A 44 9.09 20.43 -12.64
C ASP A 44 8.98 20.92 -11.20
N LEU A 45 8.72 22.21 -11.07
CA LEU A 45 8.60 22.81 -9.75
C LEU A 45 7.44 22.13 -8.99
N ILE A 46 6.28 22.13 -9.63
CA ILE A 46 5.11 21.53 -9.04
C ILE A 46 5.36 20.03 -8.81
N LEU A 47 6.11 19.45 -9.74
CA LEU A 47 6.43 18.03 -9.67
C LEU A 47 7.28 17.78 -8.42
N GLY A 48 8.34 18.55 -8.31
CA GLY A 48 9.25 18.42 -7.17
C GLY A 48 8.47 18.22 -5.87
N LYS A 49 7.39 18.97 -5.75
CA LYS A 49 6.55 18.89 -4.56
C LYS A 49 5.97 17.48 -4.46
N ILE A 50 5.51 16.97 -5.59
CA ILE A 50 4.93 15.64 -5.64
C ILE A 50 5.95 14.62 -5.11
N TRP A 51 7.11 14.61 -5.76
CA TRP A 51 8.18 13.70 -5.36
C TRP A 51 8.47 13.93 -3.88
N ASP A 52 8.67 15.19 -3.54
CA ASP A 52 8.97 15.56 -2.17
C ASP A 52 8.02 14.79 -1.23
N LEU A 53 6.76 14.79 -1.60
CA LEU A 53 5.75 14.11 -0.80
C LEU A 53 5.79 12.61 -1.11
N ALA A 54 6.23 12.30 -2.32
CA ALA A 54 6.31 10.92 -2.76
C ALA A 54 7.32 10.19 -1.88
N ASP A 55 8.56 10.68 -1.90
CA ASP A 55 9.63 10.08 -1.12
C ASP A 55 9.06 9.62 0.23
N THR A 56 9.52 8.45 0.66
CA THR A 56 9.08 7.89 1.93
C THR A 56 9.75 6.54 2.16
N ASP A 57 9.88 5.77 1.09
CA ASP A 57 10.50 4.46 1.17
C ASP A 57 11.99 4.58 0.83
N GLY A 58 12.58 5.66 1.30
CA GLY A 58 14.00 5.90 1.07
C GLY A 58 14.20 6.74 -0.20
N LYS A 59 15.14 6.30 -1.02
CA LYS A 59 15.45 6.99 -2.26
C LYS A 59 16.23 6.05 -3.18
N GLY A 60 16.37 6.48 -4.43
CA GLY A 60 17.09 5.69 -5.42
C GLY A 60 16.16 4.71 -6.12
N VAL A 61 15.01 4.49 -5.50
CA VAL A 61 14.01 3.58 -6.06
C VAL A 61 12.62 3.97 -5.56
N LEU A 62 11.64 3.70 -6.39
CA LEU A 62 10.26 4.01 -6.05
C LEU A 62 9.56 2.74 -5.53
N SER A 63 8.29 2.91 -5.19
CA SER A 63 7.51 1.79 -4.68
C SER A 63 6.19 1.69 -5.45
N LYS A 64 5.64 0.48 -5.46
CA LYS A 64 4.39 0.25 -6.16
C LYS A 64 3.38 1.33 -5.78
N GLN A 65 2.89 1.24 -4.55
CA GLN A 65 1.93 2.20 -4.06
C GLN A 65 2.42 3.63 -4.32
N GLU A 66 3.57 3.94 -3.73
CA GLU A 66 4.16 5.26 -3.89
C GLU A 66 3.97 5.75 -5.33
N PHE A 67 4.71 5.12 -6.24
CA PHE A 67 4.62 5.49 -7.65
C PHE A 67 3.17 5.62 -8.09
N PHE A 68 2.36 4.67 -7.65
CA PHE A 68 0.95 4.67 -8.00
C PHE A 68 0.23 5.87 -7.39
N VAL A 69 0.81 6.39 -6.32
CA VAL A 69 0.24 7.53 -5.64
C VAL A 69 0.59 8.81 -6.40
N ALA A 70 1.89 9.00 -6.59
CA ALA A 70 2.38 10.18 -7.30
C ALA A 70 1.67 10.27 -8.65
N LEU A 71 1.61 9.15 -9.34
CA LEU A 71 0.96 9.10 -10.64
C LEU A 71 -0.35 9.87 -10.58
N ARG A 72 -1.26 9.38 -9.75
CA ARG A 72 -2.57 10.01 -9.59
C ARG A 72 -2.39 11.41 -8.98
N LEU A 73 -1.40 11.53 -8.13
CA LEU A 73 -1.12 12.80 -7.47
C LEU A 73 -0.92 13.88 -8.53
N VAL A 74 -0.27 13.49 -9.61
CA VAL A 74 -0.01 14.41 -10.71
C VAL A 74 -1.34 14.93 -11.26
N ALA A 75 -2.32 14.04 -11.30
CA ALA A 75 -3.63 14.39 -11.80
C ALA A 75 -4.25 15.45 -10.89
N CYS A 76 -3.71 15.55 -9.69
CA CYS A 76 -4.19 16.52 -8.73
C CYS A 76 -3.76 17.92 -9.19
N ALA A 77 -2.46 18.17 -9.07
CA ALA A 77 -1.91 19.44 -9.47
C ALA A 77 -2.40 19.79 -10.87
N GLN A 78 -2.77 18.76 -11.61
CA GLN A 78 -3.25 18.94 -12.97
C GLN A 78 -4.53 19.79 -12.97
N ASN A 79 -5.09 19.95 -11.77
CA ASN A 79 -6.31 20.74 -11.62
C ASN A 79 -5.99 22.04 -10.89
N GLY A 80 -4.81 22.06 -10.30
CA GLY A 80 -4.36 23.23 -9.56
C GLY A 80 -4.52 23.03 -8.05
N LEU A 81 -4.88 21.80 -7.68
CA LEU A 81 -5.08 21.46 -6.28
C LEU A 81 -3.71 21.25 -5.62
N GLU A 82 -3.74 21.15 -4.31
CA GLU A 82 -2.52 20.95 -3.55
C GLU A 82 -1.64 19.88 -4.21
N VAL A 83 -0.38 19.89 -3.83
CA VAL A 83 0.56 18.92 -4.37
C VAL A 83 0.85 17.84 -3.33
N SER A 84 0.22 18.00 -2.18
CA SER A 84 0.39 17.05 -1.09
C SER A 84 -0.69 15.98 -1.14
N LEU A 85 -0.47 14.90 -0.42
CA LEU A 85 -1.42 13.80 -0.37
C LEU A 85 -2.74 14.31 0.20
N SER A 86 -2.65 15.41 0.95
CA SER A 86 -3.83 16.00 1.55
C SER A 86 -4.92 16.20 0.50
N SER A 87 -4.51 16.76 -0.63
CA SER A 87 -5.44 17.00 -1.73
C SER A 87 -5.81 15.69 -2.41
N LEU A 88 -4.91 14.71 -2.26
CA LEU A 88 -5.12 13.40 -2.86
C LEU A 88 -6.37 12.77 -2.24
N SER A 89 -6.56 13.03 -0.96
CA SER A 89 -7.71 12.49 -0.25
C SER A 89 -9.00 12.85 -0.99
N LEU A 90 -8.91 13.90 -1.79
CA LEU A 90 -10.06 14.35 -2.56
C LEU A 90 -10.20 13.49 -3.82
N ALA A 91 -11.04 13.95 -4.72
CA ALA A 91 -11.28 13.23 -5.97
C ALA A 91 -10.49 13.89 -7.09
N VAL A 92 -9.18 13.67 -7.06
CA VAL A 92 -8.30 14.24 -8.08
C VAL A 92 -8.83 13.88 -9.46
N PRO A 93 -8.65 14.84 -10.41
CA PRO A 93 -9.11 14.63 -11.78
C PRO A 93 -8.18 13.68 -12.53
N PRO A 94 -8.59 13.34 -13.78
CA PRO A 94 -7.79 12.44 -14.61
C PRO A 94 -6.55 13.15 -15.16
N PRO A 95 -5.42 12.40 -15.16
CA PRO A 95 -4.17 12.95 -15.66
C PRO A 95 -4.18 13.02 -17.19
N ARG A 96 -2.98 13.16 -17.76
CA ARG A 96 -2.83 13.25 -19.20
C ARG A 96 -2.36 11.91 -19.76
N PHE A 97 -1.60 11.19 -18.94
CA PHE A 97 -1.07 9.90 -19.35
C PHE A 97 -2.10 9.12 -20.17
N HIS A 98 -1.61 8.13 -20.89
CA HIS A 98 -2.47 7.30 -21.72
C HIS A 98 -3.41 6.50 -20.83
N ASP A 99 -4.67 6.45 -21.25
CA ASP A 99 -5.67 5.71 -20.50
C ASP A 99 -5.19 4.28 -20.26
N LEU A 1 -3.89 0.15 1.51
CA LEU A 1 -4.31 0.23 0.11
C LEU A 1 -3.37 -0.61 -0.74
N SER A 2 -3.54 -0.51 -2.05
CA SER A 2 -2.73 -1.26 -2.99
C SER A 2 -1.26 -1.24 -2.51
N LEU A 3 -0.55 -2.28 -2.91
CA LEU A 3 0.86 -2.41 -2.54
C LEU A 3 1.63 -1.20 -3.09
N THR A 4 1.22 -0.78 -4.27
CA THR A 4 1.88 0.35 -4.92
C THR A 4 1.82 1.59 -4.01
N GLN A 5 0.63 1.86 -3.51
CA GLN A 5 0.43 3.00 -2.63
C GLN A 5 0.96 2.69 -1.22
N LEU A 6 0.86 1.42 -0.85
CA LEU A 6 1.32 0.98 0.45
C LEU A 6 2.73 1.51 0.68
N SER A 7 3.55 1.41 -0.34
CA SER A 7 4.93 1.87 -0.26
C SER A 7 5.57 1.88 -1.65
N SER A 8 4.92 2.58 -2.57
CA SER A 8 5.41 2.67 -3.92
C SER A 8 5.51 1.28 -4.54
N GLY A 9 4.87 0.33 -3.88
CA GLY A 9 4.87 -1.05 -4.34
C GLY A 9 6.16 -1.76 -3.93
N ASN A 10 6.54 -1.54 -2.68
CA ASN A 10 7.74 -2.14 -2.14
C ASN A 10 7.50 -3.64 -1.92
N PRO A 11 8.29 -4.47 -2.65
CA PRO A 11 8.16 -5.91 -2.55
C PRO A 11 8.77 -6.42 -1.24
N VAL A 12 9.47 -5.53 -0.56
CA VAL A 12 10.09 -5.88 0.70
C VAL A 12 9.11 -6.64 1.57
N TYR A 13 7.87 -6.17 1.56
CA TYR A 13 6.81 -6.80 2.34
C TYR A 13 6.50 -8.20 1.80
N GLU A 14 6.55 -8.33 0.49
CA GLU A 14 6.28 -9.60 -0.15
C GLU A 14 7.11 -10.71 0.50
N LYS A 15 8.34 -10.36 0.86
CA LYS A 15 9.23 -11.31 1.49
C LYS A 15 8.54 -11.94 2.70
N TYR A 16 7.88 -11.08 3.47
CA TYR A 16 7.17 -11.52 4.65
C TYR A 16 5.88 -12.26 4.29
N TYR A 17 5.10 -11.62 3.42
CA TYR A 17 3.85 -12.19 2.98
C TYR A 17 4.06 -13.60 2.41
N ARG A 18 5.25 -13.82 1.87
CA ARG A 18 5.60 -15.11 1.30
C ARG A 18 6.00 -16.09 2.40
N GLN A 19 6.55 -15.54 3.47
CA GLN A 19 6.97 -16.35 4.60
C GLN A 19 5.77 -17.11 5.19
N VAL A 20 4.61 -16.46 5.13
CA VAL A 20 3.40 -17.05 5.65
C VAL A 20 2.75 -17.93 4.58
N GLU A 21 3.04 -17.58 3.33
CA GLU A 21 2.50 -18.32 2.20
C GLU A 21 2.81 -19.81 2.34
N ALA A 22 1.83 -20.63 1.98
CA ALA A 22 1.97 -22.07 2.07
C ALA A 22 1.97 -22.65 0.66
N GLY A 23 2.38 -23.91 0.58
CA GLY A 23 2.45 -24.61 -0.70
C GLY A 23 3.26 -23.82 -1.72
N ASN A 24 3.21 -24.27 -2.95
CA ASN A 24 3.94 -23.62 -4.02
C ASN A 24 2.97 -23.23 -5.14
N THR A 25 1.92 -22.53 -4.75
CA THR A 25 0.91 -22.09 -5.70
C THR A 25 0.94 -20.58 -5.85
N GLY A 26 1.31 -19.92 -4.76
CA GLY A 26 1.38 -18.47 -4.76
C GLY A 26 0.20 -17.86 -4.00
N ARG A 27 -0.49 -18.71 -3.26
CA ARG A 27 -1.65 -18.27 -2.48
C ARG A 27 -1.37 -18.41 -0.99
N VAL A 28 -1.84 -17.44 -0.23
CA VAL A 28 -1.65 -17.44 1.21
C VAL A 28 -2.95 -17.90 1.89
N LEU A 29 -2.85 -19.03 2.58
CA LEU A 29 -4.00 -19.58 3.28
C LEU A 29 -4.47 -18.58 4.34
N ALA A 30 -3.62 -17.60 4.60
CA ALA A 30 -3.95 -16.58 5.59
C ALA A 30 -3.62 -17.12 6.98
N LEU A 31 -4.14 -18.31 7.26
CA LEU A 31 -3.92 -18.94 8.55
C LEU A 31 -2.47 -18.68 9.00
N ASP A 32 -1.56 -18.89 8.06
CA ASP A 32 -0.14 -18.69 8.34
C ASP A 32 0.10 -17.20 8.64
N ALA A 33 -0.45 -16.37 7.78
CA ALA A 33 -0.29 -14.93 7.94
C ALA A 33 -0.60 -14.54 9.39
N ALA A 34 -1.61 -15.21 9.94
CA ALA A 34 -2.00 -14.94 11.31
C ALA A 34 -0.88 -15.35 12.26
N ALA A 35 -0.17 -16.40 11.87
CA ALA A 35 0.94 -16.91 12.66
C ALA A 35 2.10 -15.91 12.60
N PHE A 36 2.41 -15.49 11.38
CA PHE A 36 3.49 -14.54 11.17
C PHE A 36 3.28 -13.28 12.01
N LEU A 37 2.04 -12.86 12.07
CA LEU A 37 1.69 -11.66 12.83
C LEU A 37 2.17 -11.82 14.27
N LYS A 38 1.92 -13.00 14.82
CA LYS A 38 2.32 -13.30 16.18
C LYS A 38 3.82 -13.01 16.35
N LYS A 39 4.51 -13.03 15.22
CA LYS A 39 5.95 -12.77 15.22
C LYS A 39 6.19 -11.27 15.31
N SER A 40 5.09 -10.53 15.42
CA SER A 40 5.17 -9.08 15.52
C SER A 40 5.58 -8.67 16.93
N GLY A 41 4.62 -8.80 17.84
CA GLY A 41 4.87 -8.44 19.23
C GLY A 41 3.55 -8.29 20.00
N LEU A 42 2.53 -7.88 19.26
CA LEU A 42 1.22 -7.68 19.86
C LEU A 42 0.63 -9.05 20.23
N PRO A 43 -0.40 -9.00 21.13
CA PRO A 43 -1.06 -10.22 21.57
C PRO A 43 -1.98 -10.77 20.49
N ASP A 44 -2.75 -11.79 20.88
CA ASP A 44 -3.68 -12.40 19.95
C ASP A 44 -5.02 -11.65 20.00
N LEU A 45 -5.34 -11.15 21.18
CA LEU A 45 -6.57 -10.42 21.37
C LEU A 45 -6.59 -9.20 20.45
N ILE A 46 -5.72 -8.26 20.75
CA ILE A 46 -5.61 -7.05 19.95
C ILE A 46 -5.48 -7.41 18.48
N LEU A 47 -4.75 -8.49 18.24
CA LEU A 47 -4.54 -8.97 16.88
C LEU A 47 -5.89 -9.36 16.26
N GLY A 48 -6.64 -10.15 17.02
CA GLY A 48 -7.95 -10.60 16.56
C GLY A 48 -8.71 -9.47 15.89
N LYS A 49 -8.59 -8.28 16.47
CA LYS A 49 -9.26 -7.12 15.94
C LYS A 49 -8.68 -6.77 14.56
N ILE A 50 -7.37 -6.86 14.48
CA ILE A 50 -6.67 -6.57 13.23
C ILE A 50 -7.22 -7.48 12.12
N TRP A 51 -7.16 -8.77 12.38
CA TRP A 51 -7.63 -9.75 11.42
C TRP A 51 -9.09 -9.42 11.10
N ASP A 52 -9.88 -9.26 12.16
CA ASP A 52 -11.28 -8.95 12.00
C ASP A 52 -11.44 -7.86 10.93
N LEU A 53 -10.59 -6.86 11.03
CA LEU A 53 -10.62 -5.75 10.09
C LEU A 53 -9.90 -6.16 8.80
N ALA A 54 -8.95 -7.09 8.95
CA ALA A 54 -8.19 -7.57 7.82
C ALA A 54 -9.11 -8.36 6.89
N ASP A 55 -9.62 -9.46 7.42
CA ASP A 55 -10.52 -10.31 6.65
C ASP A 55 -11.44 -9.44 5.79
N THR A 56 -11.60 -9.86 4.54
CA THR A 56 -12.44 -9.13 3.61
C THR A 56 -13.04 -10.08 2.57
N ASP A 57 -12.18 -10.96 2.06
CA ASP A 57 -12.61 -11.93 1.07
C ASP A 57 -13.71 -12.80 1.66
N GLY A 58 -13.45 -13.32 2.84
CA GLY A 58 -14.40 -14.18 3.52
C GLY A 58 -13.79 -15.54 3.85
N LYS A 59 -13.51 -16.29 2.78
CA LYS A 59 -12.93 -17.61 2.94
C LYS A 59 -11.86 -17.57 4.03
N GLY A 60 -10.72 -17.00 3.68
CA GLY A 60 -9.61 -16.89 4.62
C GLY A 60 -8.36 -16.33 3.94
N VAL A 61 -8.02 -16.93 2.81
CA VAL A 61 -6.86 -16.50 2.06
C VAL A 61 -6.77 -14.97 2.10
N LEU A 62 -5.53 -14.49 2.07
CA LEU A 62 -5.29 -13.05 2.10
C LEU A 62 -5.00 -12.56 0.68
N SER A 63 -5.11 -11.25 0.51
CA SER A 63 -4.86 -10.64 -0.78
C SER A 63 -3.57 -9.81 -0.73
N LYS A 64 -3.57 -8.74 -1.52
CA LYS A 64 -2.41 -7.86 -1.57
C LYS A 64 -2.47 -6.87 -0.41
N GLN A 65 -2.98 -5.69 -0.72
CA GLN A 65 -3.10 -4.65 0.29
C GLN A 65 -3.65 -5.23 1.59
N GLU A 66 -4.44 -6.28 1.45
CA GLU A 66 -5.04 -6.93 2.60
C GLU A 66 -3.96 -7.23 3.65
N PHE A 67 -3.27 -8.34 3.44
CA PHE A 67 -2.21 -8.74 4.36
C PHE A 67 -1.24 -7.59 4.62
N PHE A 68 -1.06 -6.76 3.60
CA PHE A 68 -0.17 -5.62 3.70
C PHE A 68 -0.73 -4.57 4.65
N VAL A 69 -2.04 -4.63 4.85
CA VAL A 69 -2.71 -3.68 5.72
C VAL A 69 -2.60 -4.17 7.17
N ALA A 70 -3.17 -5.33 7.41
CA ALA A 70 -3.14 -5.91 8.75
C ALA A 70 -1.72 -5.85 9.29
N LEU A 71 -0.76 -5.83 8.38
CA LEU A 71 0.64 -5.77 8.76
C LEU A 71 0.92 -4.43 9.43
N ARG A 72 0.97 -3.39 8.61
CA ARG A 72 1.23 -2.06 9.12
C ARG A 72 0.28 -1.72 10.27
N LEU A 73 -0.90 -2.32 10.21
CA LEU A 73 -1.90 -2.11 11.24
C LEU A 73 -1.33 -2.50 12.60
N VAL A 74 -0.64 -3.64 12.61
CA VAL A 74 -0.03 -4.14 13.82
C VAL A 74 0.87 -3.05 14.43
N ALA A 75 1.53 -2.34 13.54
CA ALA A 75 2.43 -1.27 13.97
C ALA A 75 1.62 -0.18 14.68
N CYS A 76 0.31 -0.21 14.45
CA CYS A 76 -0.58 0.75 15.07
C CYS A 76 -0.77 0.36 16.53
N ALA A 77 -1.51 -0.73 16.72
CA ALA A 77 -1.78 -1.21 18.07
C ALA A 77 -0.47 -1.31 18.85
N GLN A 78 0.62 -1.43 18.10
CA GLN A 78 1.93 -1.54 18.71
C GLN A 78 2.20 -0.34 19.62
N ASN A 79 1.51 0.76 19.32
CA ASN A 79 1.65 1.97 20.10
C ASN A 79 0.44 2.12 21.03
N GLY A 80 -0.61 1.39 20.71
CA GLY A 80 -1.83 1.44 21.49
C GLY A 80 -2.94 2.16 20.73
N LEU A 81 -2.70 2.36 19.44
CA LEU A 81 -3.67 3.04 18.60
C LEU A 81 -4.79 2.07 18.24
N GLU A 82 -5.81 2.62 17.59
CA GLU A 82 -6.95 1.81 17.18
C GLU A 82 -6.47 0.57 16.40
N VAL A 83 -7.36 -0.40 16.32
CA VAL A 83 -7.05 -1.64 15.62
C VAL A 83 -7.75 -1.64 14.26
N SER A 84 -8.50 -0.58 14.01
CA SER A 84 -9.24 -0.45 12.77
C SER A 84 -8.41 0.36 11.76
N LEU A 85 -8.83 0.29 10.51
CA LEU A 85 -8.15 1.00 9.44
C LEU A 85 -8.20 2.50 9.73
N SER A 86 -9.17 2.89 10.55
CA SER A 86 -9.34 4.28 10.91
C SER A 86 -8.02 4.87 11.39
N SER A 87 -7.39 4.13 12.31
CA SER A 87 -6.12 4.57 12.87
C SER A 87 -5.01 4.38 11.83
N LEU A 88 -5.26 3.49 10.88
CA LEU A 88 -4.30 3.22 9.83
C LEU A 88 -4.12 4.47 8.97
N SER A 89 -5.23 5.17 8.76
CA SER A 89 -5.20 6.38 7.96
C SER A 89 -4.14 7.34 8.49
N LEU A 90 -3.82 7.19 9.76
CA LEU A 90 -2.82 8.03 10.39
C LEU A 90 -1.43 7.55 9.99
N ALA A 91 -0.44 8.01 10.74
CA ALA A 91 0.94 7.65 10.46
C ALA A 91 1.40 6.61 11.49
N VAL A 92 0.77 5.45 11.45
CA VAL A 92 1.10 4.38 12.37
C VAL A 92 2.63 4.27 12.49
N PRO A 93 3.07 3.90 13.72
CA PRO A 93 4.50 3.75 13.98
C PRO A 93 5.04 2.47 13.35
N PRO A 94 6.40 2.31 13.44
CA PRO A 94 7.06 1.14 12.88
C PRO A 94 6.81 -0.10 13.76
N PRO A 95 6.59 -1.25 13.07
CA PRO A 95 6.35 -2.50 13.78
C PRO A 95 7.65 -3.05 14.38
N ARG A 96 7.59 -4.32 14.76
CA ARG A 96 8.74 -4.97 15.35
C ARG A 96 9.46 -5.83 14.30
N PHE A 97 8.69 -6.32 13.34
CA PHE A 97 9.24 -7.14 12.29
C PHE A 97 10.60 -6.60 11.83
N HIS A 98 11.35 -7.48 11.16
CA HIS A 98 12.67 -7.10 10.68
C HIS A 98 12.53 -6.02 9.60
N ASP A 99 13.68 -5.47 9.21
CA ASP A 99 13.69 -4.42 8.20
C ASP A 99 12.84 -4.86 7.01
N LEU A 1 -3.89 0.15 1.51
CA LEU A 1 -4.31 0.23 0.11
C LEU A 1 -3.10 0.61 -0.75
N SER A 2 -3.28 0.47 -2.06
CA SER A 2 -2.22 0.79 -3.00
C SER A 2 -2.52 0.16 -4.36
N LEU A 3 -1.60 0.36 -5.28
CA LEU A 3 -1.75 -0.18 -6.62
C LEU A 3 -1.98 -1.69 -6.54
N THR A 4 -1.21 -2.32 -5.66
CA THR A 4 -1.32 -3.76 -5.48
C THR A 4 -2.78 -4.17 -5.34
N GLN A 5 -3.45 -3.53 -4.40
CA GLN A 5 -4.86 -3.83 -4.15
C GLN A 5 -5.73 -3.18 -5.22
N LEU A 6 -5.27 -2.04 -5.71
CA LEU A 6 -6.00 -1.32 -6.74
C LEU A 6 -6.35 -2.27 -7.88
N SER A 7 -5.40 -3.12 -8.22
CA SER A 7 -5.60 -4.09 -9.29
C SER A 7 -4.44 -5.08 -9.32
N SER A 8 -4.24 -5.75 -8.19
CA SER A 8 -3.17 -6.73 -8.08
C SER A 8 -1.83 -6.09 -8.44
N GLY A 9 -1.82 -4.76 -8.40
CA GLY A 9 -0.61 -4.02 -8.73
C GLY A 9 -0.39 -3.96 -10.24
N ASN A 10 -1.50 -4.00 -10.97
CA ASN A 10 -1.44 -3.96 -12.42
C ASN A 10 -0.67 -2.71 -12.86
N PRO A 11 0.44 -2.95 -13.62
CA PRO A 11 1.27 -1.85 -14.10
C PRO A 11 0.59 -1.14 -15.27
N VAL A 12 -0.61 -1.60 -15.59
CA VAL A 12 -1.37 -1.01 -16.68
C VAL A 12 -1.56 0.49 -16.41
N TYR A 13 -1.88 0.81 -15.16
CA TYR A 13 -2.08 2.18 -14.76
C TYR A 13 -0.78 2.98 -14.84
N GLU A 14 0.31 2.30 -14.53
CA GLU A 14 1.62 2.92 -14.56
C GLU A 14 1.88 3.53 -15.95
N LYS A 15 1.35 2.86 -16.96
CA LYS A 15 1.53 3.33 -18.33
C LYS A 15 0.89 4.71 -18.47
N TYR A 16 -0.23 4.89 -17.80
CA TYR A 16 -0.94 6.15 -17.85
C TYR A 16 -0.27 7.19 -16.95
N TYR A 17 0.12 6.74 -15.76
CA TYR A 17 0.76 7.61 -14.80
C TYR A 17 1.98 8.30 -15.43
N ARG A 18 2.64 7.58 -16.32
CA ARG A 18 3.81 8.11 -17.00
C ARG A 18 3.40 8.96 -18.21
N GLN A 19 2.21 8.65 -18.72
CA GLN A 19 1.69 9.37 -19.87
C GLN A 19 1.49 10.86 -19.52
N VAL A 20 1.11 11.09 -18.27
CA VAL A 20 0.89 12.45 -17.81
C VAL A 20 2.21 13.03 -17.29
N GLU A 21 3.09 12.13 -16.88
CA GLU A 21 4.38 12.54 -16.36
C GLU A 21 5.18 13.27 -17.44
N ALA A 22 5.47 14.54 -17.17
CA ALA A 22 6.22 15.36 -18.11
C ALA A 22 7.47 14.60 -18.55
N GLY A 23 8.08 15.11 -19.61
CA GLY A 23 9.29 14.49 -20.14
C GLY A 23 10.52 14.89 -19.32
N ASN A 24 11.48 13.98 -19.28
CA ASN A 24 12.70 14.22 -18.54
C ASN A 24 12.38 14.98 -17.25
N THR A 25 11.42 14.44 -16.51
CA THR A 25 11.00 15.06 -15.27
C THR A 25 11.22 14.10 -14.10
N GLY A 26 10.95 12.83 -14.35
CA GLY A 26 11.11 11.81 -13.34
C GLY A 26 9.87 11.71 -12.46
N ARG A 27 9.11 12.80 -12.43
CA ARG A 27 7.89 12.85 -11.62
C ARG A 27 6.77 13.49 -12.42
N VAL A 28 5.55 13.29 -11.94
CA VAL A 28 4.38 13.84 -12.60
C VAL A 28 4.06 15.22 -12.00
N LEU A 29 4.24 16.24 -12.82
CA LEU A 29 3.98 17.60 -12.38
C LEU A 29 2.53 17.71 -11.90
N ALA A 30 1.74 16.70 -12.27
CA ALA A 30 0.34 16.67 -11.88
C ALA A 30 -0.48 17.43 -12.91
N LEU A 31 0.00 18.62 -13.24
CA LEU A 31 -0.69 19.45 -14.23
C LEU A 31 -1.21 18.57 -15.36
N ASP A 32 -0.33 17.68 -15.82
CA ASP A 32 -0.68 16.78 -16.91
C ASP A 32 -1.65 15.71 -16.39
N ALA A 33 -1.35 15.22 -15.19
CA ALA A 33 -2.18 14.21 -14.57
C ALA A 33 -3.64 14.67 -14.58
N ALA A 34 -3.82 15.96 -14.34
CA ALA A 34 -5.15 16.54 -14.31
C ALA A 34 -5.72 16.56 -15.74
N ALA A 35 -4.82 16.75 -16.69
CA ALA A 35 -5.21 16.79 -18.09
C ALA A 35 -5.61 15.38 -18.55
N PHE A 36 -4.84 14.40 -18.10
CA PHE A 36 -5.10 13.02 -18.46
C PHE A 36 -6.42 12.55 -17.86
N LEU A 37 -6.75 13.13 -16.71
CA LEU A 37 -7.98 12.76 -16.02
C LEU A 37 -9.17 13.37 -16.76
N LYS A 38 -9.03 14.64 -17.10
CA LYS A 38 -10.10 15.36 -17.80
C LYS A 38 -10.51 14.55 -19.04
N LYS A 39 -9.60 13.67 -19.45
CA LYS A 39 -9.85 12.84 -20.62
C LYS A 39 -10.91 11.79 -20.27
N SER A 40 -11.29 11.78 -19.00
CA SER A 40 -12.29 10.84 -18.52
C SER A 40 -13.66 11.17 -19.12
N GLY A 41 -14.08 12.41 -18.90
CA GLY A 41 -15.36 12.86 -19.41
C GLY A 41 -15.98 13.89 -18.47
N LEU A 42 -15.77 13.68 -17.19
CA LEU A 42 -16.30 14.59 -16.18
C LEU A 42 -15.73 15.99 -16.40
N PRO A 43 -16.41 16.99 -15.79
CA PRO A 43 -15.98 18.37 -15.91
C PRO A 43 -14.74 18.64 -15.05
N ASP A 44 -14.47 19.92 -14.85
CA ASP A 44 -13.32 20.32 -14.05
C ASP A 44 -13.78 20.60 -12.62
N LEU A 45 -15.03 21.00 -12.50
CA LEU A 45 -15.60 21.30 -11.20
C LEU A 45 -15.56 20.04 -10.33
N ILE A 46 -16.25 19.01 -10.80
CA ILE A 46 -16.30 17.75 -10.08
C ILE A 46 -14.88 17.25 -9.84
N LEU A 47 -14.03 17.47 -10.84
CA LEU A 47 -12.64 17.04 -10.76
C LEU A 47 -11.95 17.80 -9.61
N GLY A 48 -12.13 19.11 -9.62
CA GLY A 48 -11.53 19.95 -8.59
C GLY A 48 -11.62 19.28 -7.22
N LYS A 49 -12.80 18.75 -6.93
CA LYS A 49 -13.03 18.09 -5.66
C LYS A 49 -12.07 16.91 -5.53
N ILE A 50 -11.97 16.14 -6.61
CA ILE A 50 -11.09 14.98 -6.62
C ILE A 50 -9.68 15.42 -6.26
N TRP A 51 -9.17 16.37 -7.02
CA TRP A 51 -7.83 16.90 -6.80
C TRP A 51 -7.74 17.36 -5.35
N ASP A 52 -8.65 18.26 -4.99
CA ASP A 52 -8.69 18.79 -3.64
C ASP A 52 -8.61 17.64 -2.64
N LEU A 53 -9.12 16.50 -3.06
CA LEU A 53 -9.12 15.32 -2.21
C LEU A 53 -7.82 14.54 -2.42
N ALA A 54 -7.30 14.66 -3.64
CA ALA A 54 -6.07 13.98 -3.99
C ALA A 54 -4.89 14.65 -3.27
N ASP A 55 -4.73 15.93 -3.53
CA ASP A 55 -3.65 16.70 -2.91
C ASP A 55 -3.50 16.27 -1.45
N THR A 56 -2.28 15.89 -1.10
CA THR A 56 -2.00 15.46 0.25
C THR A 56 -0.49 15.45 0.50
N ASP A 57 0.23 14.93 -0.48
CA ASP A 57 1.68 14.85 -0.38
C ASP A 57 2.22 16.19 0.10
N GLY A 58 1.64 17.26 -0.42
CA GLY A 58 2.06 18.60 -0.05
C GLY A 58 2.72 19.31 -1.23
N LYS A 59 2.58 18.70 -2.40
CA LYS A 59 3.17 19.26 -3.61
C LYS A 59 2.28 18.92 -4.81
N GLY A 60 2.17 19.87 -5.72
CA GLY A 60 1.36 19.68 -6.91
C GLY A 60 1.60 18.29 -7.52
N VAL A 61 2.86 17.96 -7.68
CA VAL A 61 3.24 16.68 -8.24
C VAL A 61 2.40 15.57 -7.59
N LEU A 62 2.12 14.55 -8.38
CA LEU A 62 1.33 13.43 -7.90
C LEU A 62 2.25 12.25 -7.58
N SER A 63 1.66 11.22 -7.01
CA SER A 63 2.42 10.03 -6.64
C SER A 63 1.74 8.78 -7.22
N LYS A 64 2.02 7.66 -6.58
CA LYS A 64 1.44 6.40 -7.01
C LYS A 64 -0.01 6.31 -6.54
N GLN A 65 -0.18 5.81 -5.33
CA GLN A 65 -1.51 5.67 -4.75
C GLN A 65 -2.38 6.87 -5.14
N GLU A 66 -1.84 8.05 -4.86
CA GLU A 66 -2.56 9.29 -5.16
C GLU A 66 -3.19 9.20 -6.55
N PHE A 67 -2.34 9.32 -7.57
CA PHE A 67 -2.81 9.27 -8.94
C PHE A 67 -3.64 8.01 -9.18
N PHE A 68 -3.30 6.95 -8.46
CA PHE A 68 -4.02 5.69 -8.58
C PHE A 68 -5.32 5.73 -7.79
N VAL A 69 -5.55 6.85 -7.13
CA VAL A 69 -6.74 7.02 -6.32
C VAL A 69 -7.73 7.92 -7.06
N ALA A 70 -7.25 9.11 -7.43
CA ALA A 70 -8.07 10.07 -8.14
C ALA A 70 -8.60 9.43 -9.43
N LEU A 71 -7.79 8.53 -9.97
CA LEU A 71 -8.16 7.84 -11.20
C LEU A 71 -9.53 7.16 -11.00
N ARG A 72 -9.51 6.10 -10.21
CA ARG A 72 -10.73 5.36 -9.94
C ARG A 72 -11.81 6.29 -9.38
N LEU A 73 -11.35 7.29 -8.63
CA LEU A 73 -12.26 8.26 -8.03
C LEU A 73 -13.20 8.79 -9.10
N VAL A 74 -12.63 9.17 -10.23
CA VAL A 74 -13.41 9.70 -11.33
C VAL A 74 -14.54 8.73 -11.66
N ALA A 75 -14.19 7.45 -11.68
CA ALA A 75 -15.16 6.41 -11.97
C ALA A 75 -16.33 6.51 -10.98
N CYS A 76 -16.06 7.20 -9.88
CA CYS A 76 -17.07 7.38 -8.85
C CYS A 76 -18.11 8.38 -9.35
N ALA A 77 -17.67 9.62 -9.46
CA ALA A 77 -18.55 10.69 -9.92
C ALA A 77 -19.18 10.26 -11.25
N GLN A 78 -18.53 9.33 -11.92
CA GLN A 78 -19.02 8.83 -13.19
C GLN A 78 -20.39 8.19 -13.02
N ASN A 79 -20.64 7.71 -11.81
CA ASN A 79 -21.90 7.06 -11.51
C ASN A 79 -22.81 8.06 -10.78
N GLY A 80 -22.22 9.17 -10.38
CA GLY A 80 -22.97 10.20 -9.68
C GLY A 80 -22.75 10.10 -8.17
N LEU A 81 -21.78 9.29 -7.79
CA LEU A 81 -21.46 9.09 -6.39
C LEU A 81 -20.65 10.29 -5.88
N GLU A 82 -20.32 10.24 -4.60
CA GLU A 82 -19.55 11.30 -3.98
C GLU A 82 -18.22 11.49 -4.71
N VAL A 83 -17.57 12.61 -4.41
CA VAL A 83 -16.29 12.92 -5.03
C VAL A 83 -15.18 12.75 -4.00
N SER A 84 -15.59 12.58 -2.75
CA SER A 84 -14.64 12.40 -1.66
C SER A 84 -14.41 10.91 -1.41
N LEU A 85 -13.16 10.58 -1.12
CA LEU A 85 -12.80 9.19 -0.85
C LEU A 85 -13.72 8.63 0.23
N SER A 86 -14.27 9.53 1.03
CA SER A 86 -15.17 9.14 2.10
C SER A 86 -16.29 8.27 1.54
N SER A 87 -16.50 8.39 0.23
CA SER A 87 -17.54 7.61 -0.43
C SER A 87 -16.92 6.74 -1.53
N LEU A 88 -15.69 6.31 -1.28
CA LEU A 88 -14.98 5.47 -2.23
C LEU A 88 -14.82 4.07 -1.65
N SER A 89 -14.12 3.23 -2.39
CA SER A 89 -13.89 1.86 -1.96
C SER A 89 -15.18 1.05 -2.10
N LEU A 90 -16.01 1.47 -3.04
CA LEU A 90 -17.27 0.79 -3.28
C LEU A 90 -17.20 0.07 -4.63
N ALA A 91 -18.37 -0.34 -5.11
CA ALA A 91 -18.46 -1.03 -6.38
C ALA A 91 -18.84 -0.05 -7.48
N VAL A 92 -17.96 0.93 -7.67
CA VAL A 92 -18.19 1.95 -8.68
C VAL A 92 -17.98 1.33 -10.08
N PRO A 93 -18.65 1.95 -11.08
CA PRO A 93 -18.54 1.48 -12.45
C PRO A 93 -17.20 1.85 -13.06
N PRO A 94 -16.96 1.34 -14.30
CA PRO A 94 -15.72 1.62 -15.00
C PRO A 94 -15.71 3.05 -15.56
N PRO A 95 -14.49 3.65 -15.58
CA PRO A 95 -14.34 5.00 -16.08
C PRO A 95 -14.42 5.04 -17.60
N ARG A 96 -13.94 6.13 -18.17
CA ARG A 96 -13.96 6.31 -19.61
C ARG A 96 -12.58 5.98 -20.20
N PHE A 97 -11.56 6.24 -19.42
CA PHE A 97 -10.19 5.98 -19.84
C PHE A 97 -10.10 4.66 -20.60
N HIS A 98 -9.01 4.51 -21.34
CA HIS A 98 -8.79 3.30 -22.12
C HIS A 98 -8.62 2.11 -21.18
N ASP A 99 -8.56 0.93 -21.77
CA ASP A 99 -8.40 -0.30 -21.00
C ASP A 99 -9.51 -0.38 -19.96
N LEU A 1 -3.89 0.15 1.51
CA LEU A 1 -4.31 0.23 0.11
C LEU A 1 -3.44 -0.71 -0.72
N SER A 2 -3.70 -0.70 -2.02
CA SER A 2 -2.96 -1.55 -2.94
C SER A 2 -1.50 -1.64 -2.49
N LEU A 3 -0.89 -2.79 -2.80
CA LEU A 3 0.49 -3.01 -2.43
C LEU A 3 1.37 -1.91 -3.04
N THR A 4 1.00 -1.51 -4.24
CA THR A 4 1.73 -0.47 -4.94
C THR A 4 1.86 0.78 -4.07
N GLN A 5 0.71 1.22 -3.56
CA GLN A 5 0.68 2.39 -2.71
C GLN A 5 1.18 2.05 -1.30
N LEU A 6 0.90 0.82 -0.90
CA LEU A 6 1.31 0.36 0.41
C LEU A 6 2.81 0.63 0.60
N SER A 7 3.57 0.30 -0.43
CA SER A 7 5.00 0.49 -0.40
C SER A 7 5.61 0.25 -1.79
N SER A 8 5.08 0.98 -2.75
CA SER A 8 5.55 0.86 -4.12
C SER A 8 5.35 -0.57 -4.61
N GLY A 9 4.55 -1.32 -3.87
CA GLY A 9 4.26 -2.70 -4.21
C GLY A 9 5.40 -3.63 -3.75
N ASN A 10 5.87 -3.37 -2.54
CA ASN A 10 6.94 -4.17 -1.97
C ASN A 10 6.43 -5.58 -1.71
N PRO A 11 7.18 -6.58 -2.28
CA PRO A 11 6.82 -7.98 -2.11
C PRO A 11 7.16 -8.46 -0.70
N VAL A 12 8.04 -7.73 -0.04
CA VAL A 12 8.45 -8.07 1.30
C VAL A 12 7.23 -8.52 2.11
N TYR A 13 6.16 -7.76 1.98
CA TYR A 13 4.93 -8.07 2.69
C TYR A 13 4.32 -9.37 2.18
N GLU A 14 4.41 -9.56 0.87
CA GLU A 14 3.86 -10.76 0.24
C GLU A 14 4.45 -12.01 0.90
N LYS A 15 5.74 -11.93 1.20
CA LYS A 15 6.43 -13.05 1.83
C LYS A 15 5.60 -13.57 3.00
N TYR A 16 5.23 -12.63 3.88
CA TYR A 16 4.44 -12.98 5.05
C TYR A 16 3.02 -13.41 4.64
N TYR A 17 2.38 -12.55 3.86
CA TYR A 17 1.04 -12.83 3.39
C TYR A 17 0.96 -14.21 2.72
N ARG A 18 2.11 -14.66 2.26
CA ARG A 18 2.19 -15.96 1.60
C ARG A 18 2.34 -17.08 2.63
N GLN A 19 2.88 -16.70 3.78
CA GLN A 19 3.11 -17.66 4.86
C GLN A 19 1.77 -18.20 5.36
N VAL A 20 0.79 -17.31 5.42
CA VAL A 20 -0.54 -17.69 5.88
C VAL A 20 -1.18 -18.64 4.85
N GLU A 21 -0.86 -18.40 3.60
CA GLU A 21 -1.39 -19.21 2.52
C GLU A 21 -1.42 -20.69 2.95
N ALA A 22 -2.43 -21.39 2.45
CA ALA A 22 -2.59 -22.80 2.76
C ALA A 22 -2.99 -23.56 1.50
N GLY A 23 -2.95 -24.88 1.59
CA GLY A 23 -3.30 -25.73 0.47
C GLY A 23 -2.39 -25.44 -0.73
N ASN A 24 -2.81 -25.97 -1.88
CA ASN A 24 -2.05 -25.78 -3.10
C ASN A 24 -2.89 -24.99 -4.10
N THR A 25 -3.47 -23.91 -3.61
CA THR A 25 -4.30 -23.06 -4.44
C THR A 25 -3.54 -21.81 -4.86
N GLY A 26 -2.61 -21.40 -4.01
CA GLY A 26 -1.80 -20.23 -4.28
C GLY A 26 -2.47 -18.96 -3.75
N ARG A 27 -3.63 -19.16 -3.15
CA ARG A 27 -4.38 -18.05 -2.60
C ARG A 27 -4.52 -18.19 -1.07
N VAL A 28 -4.77 -17.07 -0.43
CA VAL A 28 -4.92 -17.06 1.03
C VAL A 28 -6.36 -17.41 1.39
N LEU A 29 -6.50 -18.56 2.04
CA LEU A 29 -7.81 -19.03 2.45
C LEU A 29 -8.41 -18.03 3.46
N ALA A 30 -7.56 -17.13 3.93
CA ALA A 30 -7.98 -16.14 4.89
C ALA A 30 -7.89 -16.73 6.31
N LEU A 31 -8.53 -17.87 6.48
CA LEU A 31 -8.53 -18.55 7.77
C LEU A 31 -7.14 -18.45 8.38
N ASP A 32 -6.16 -18.96 7.65
CA ASP A 32 -4.78 -18.93 8.12
C ASP A 32 -4.37 -17.49 8.40
N ALA A 33 -4.82 -16.59 7.52
CA ALA A 33 -4.51 -15.18 7.66
C ALA A 33 -4.79 -14.74 9.10
N ALA A 34 -6.00 -15.02 9.54
CA ALA A 34 -6.41 -14.66 10.89
C ALA A 34 -5.45 -15.30 11.89
N ALA A 35 -4.83 -16.39 11.47
CA ALA A 35 -3.89 -17.10 12.31
C ALA A 35 -2.62 -16.27 12.46
N PHE A 36 -2.03 -15.93 11.32
CA PHE A 36 -0.81 -15.14 11.30
C PHE A 36 -0.99 -13.83 12.08
N LEU A 37 -2.24 -13.34 12.08
CA LEU A 37 -2.55 -12.10 12.77
C LEU A 37 -2.43 -12.33 14.28
N LYS A 38 -3.03 -13.41 14.74
CA LYS A 38 -3.00 -13.75 16.15
C LYS A 38 -1.55 -13.80 16.62
N LYS A 39 -0.65 -13.95 15.67
CA LYS A 39 0.77 -14.02 15.96
C LYS A 39 1.30 -12.60 16.22
N SER A 40 0.39 -11.64 16.15
CA SER A 40 0.74 -10.25 16.36
C SER A 40 0.96 -10.00 17.86
N GLY A 41 -0.15 -9.86 18.58
CA GLY A 41 -0.09 -9.61 20.01
C GLY A 41 -1.43 -9.11 20.53
N LEU A 42 -2.17 -8.45 19.64
CA LEU A 42 -3.48 -7.92 20.00
C LEU A 42 -4.47 -9.07 20.18
N PRO A 43 -5.60 -8.76 20.87
CA PRO A 43 -6.62 -9.75 21.12
C PRO A 43 -7.43 -10.04 19.86
N ASP A 44 -8.34 -11.01 19.98
CA ASP A 44 -9.17 -11.39 18.86
C ASP A 44 -10.31 -10.37 18.70
N LEU A 45 -10.70 -9.80 19.83
CA LEU A 45 -11.77 -8.82 19.84
C LEU A 45 -11.37 -7.63 18.95
N ILE A 46 -10.32 -6.95 19.37
CA ILE A 46 -9.84 -5.80 18.64
C ILE A 46 -9.51 -6.22 17.20
N LEU A 47 -9.02 -7.44 17.07
CA LEU A 47 -8.66 -7.98 15.77
C LEU A 47 -9.92 -8.05 14.90
N GLY A 48 -10.97 -8.65 15.46
CA GLY A 48 -12.22 -8.79 14.75
C GLY A 48 -12.56 -7.52 13.98
N LYS A 49 -12.38 -6.39 14.65
CA LYS A 49 -12.67 -5.10 14.05
C LYS A 49 -11.76 -4.89 12.84
N ILE A 50 -10.50 -5.27 13.02
CA ILE A 50 -9.52 -5.13 11.95
C ILE A 50 -10.00 -5.91 10.72
N TRP A 51 -10.24 -7.19 10.92
CA TRP A 51 -10.70 -8.05 9.84
C TRP A 51 -11.98 -7.44 9.27
N ASP A 52 -12.94 -7.20 10.16
CA ASP A 52 -14.20 -6.62 9.76
C ASP A 52 -13.94 -5.47 8.78
N LEU A 53 -12.99 -4.63 9.13
CA LEU A 53 -12.64 -3.49 8.29
C LEU A 53 -11.83 -3.98 7.09
N ALA A 54 -11.07 -5.06 7.32
CA ALA A 54 -10.25 -5.63 6.28
C ALA A 54 -11.15 -6.19 5.17
N ASP A 55 -11.91 -7.21 5.52
CA ASP A 55 -12.82 -7.83 4.57
C ASP A 55 -13.45 -6.75 3.69
N THR A 56 -13.41 -6.98 2.38
CA THR A 56 -13.97 -6.05 1.44
C THR A 56 -14.36 -6.76 0.14
N ASP A 57 -13.44 -7.58 -0.33
CA ASP A 57 -13.66 -8.34 -1.56
C ASP A 57 -14.82 -9.32 -1.35
N GLY A 58 -14.67 -10.15 -0.32
CA GLY A 58 -15.70 -11.13 -0.01
C GLY A 58 -15.38 -11.84 1.31
N LYS A 59 -15.16 -13.15 1.20
CA LYS A 59 -14.85 -13.95 2.37
C LYS A 59 -14.35 -15.32 1.92
N GLY A 60 -13.72 -16.02 2.84
CA GLY A 60 -13.18 -17.34 2.56
C GLY A 60 -11.78 -17.24 1.94
N VAL A 61 -11.45 -16.04 1.49
CA VAL A 61 -10.15 -15.80 0.88
C VAL A 61 -9.78 -14.32 1.04
N LEU A 62 -8.50 -14.05 0.86
CA LEU A 62 -8.00 -12.69 0.99
C LEU A 62 -7.37 -12.26 -0.34
N SER A 63 -7.29 -10.95 -0.52
CA SER A 63 -6.71 -10.40 -1.73
C SER A 63 -5.21 -10.17 -1.54
N LYS A 64 -4.87 -8.92 -1.24
CA LYS A 64 -3.48 -8.56 -1.03
C LYS A 64 -3.42 -7.25 -0.22
N GLN A 65 -3.94 -6.20 -0.83
CA GLN A 65 -3.95 -4.89 -0.18
C GLN A 65 -4.61 -4.99 1.20
N GLU A 66 -5.76 -5.66 1.22
CA GLU A 66 -6.50 -5.83 2.46
C GLU A 66 -5.57 -6.33 3.56
N PHE A 67 -5.16 -7.58 3.44
CA PHE A 67 -4.27 -8.19 4.41
C PHE A 67 -3.03 -7.32 4.63
N PHE A 68 -2.71 -6.52 3.63
CA PHE A 68 -1.56 -5.65 3.70
C PHE A 68 -1.85 -4.42 4.57
N VAL A 69 -3.13 -4.14 4.73
CA VAL A 69 -3.55 -3.01 5.54
C VAL A 69 -3.66 -3.44 7.00
N ALA A 70 -4.47 -4.46 7.22
CA ALA A 70 -4.67 -4.98 8.56
C ALA A 70 -3.32 -5.20 9.23
N LEU A 71 -2.36 -5.64 8.43
CA LEU A 71 -1.01 -5.89 8.93
C LEU A 71 -0.54 -4.68 9.73
N ARG A 72 -0.33 -3.59 9.01
CA ARG A 72 0.13 -2.35 9.64
C ARG A 72 -0.94 -1.82 10.61
N LEU A 73 -2.18 -2.19 10.31
CA LEU A 73 -3.29 -1.76 11.14
C LEU A 73 -3.07 -2.23 12.58
N VAL A 74 -2.55 -3.43 12.70
CA VAL A 74 -2.28 -4.01 14.00
C VAL A 74 -1.28 -3.12 14.76
N ALA A 75 -0.19 -2.81 14.09
CA ALA A 75 0.84 -1.97 14.68
C ALA A 75 0.21 -0.65 15.14
N CYS A 76 -0.90 -0.31 14.50
CA CYS A 76 -1.60 0.92 14.83
C CYS A 76 -2.25 0.75 16.20
N ALA A 77 -3.22 -0.17 16.26
CA ALA A 77 -3.93 -0.43 17.49
C ALA A 77 -2.93 -0.90 18.56
N GLN A 78 -1.80 -1.38 18.08
CA GLN A 78 -0.76 -1.86 18.98
C GLN A 78 -0.26 -0.73 19.88
N ASN A 79 -0.64 0.48 19.50
CA ASN A 79 -0.24 1.66 20.26
C ASN A 79 -1.49 2.29 20.90
N GLY A 80 -2.55 1.50 20.95
CA GLY A 80 -3.80 1.96 21.53
C GLY A 80 -4.56 2.86 20.56
N LEU A 81 -4.08 2.88 19.32
CA LEU A 81 -4.70 3.69 18.28
C LEU A 81 -5.96 2.98 17.78
N GLU A 82 -6.75 3.73 17.02
CA GLU A 82 -7.98 3.19 16.46
C GLU A 82 -7.71 1.86 15.76
N VAL A 83 -8.78 1.19 15.38
CA VAL A 83 -8.67 -0.09 14.69
C VAL A 83 -9.22 0.05 13.28
N SER A 84 -9.86 1.19 13.03
CA SER A 84 -10.43 1.45 11.72
C SER A 84 -9.44 2.24 10.86
N LEU A 85 -9.55 2.05 9.56
CA LEU A 85 -8.67 2.73 8.63
C LEU A 85 -8.93 4.24 8.70
N SER A 86 -10.13 4.58 9.15
CA SER A 86 -10.51 5.97 9.27
C SER A 86 -9.55 6.69 10.21
N SER A 87 -8.85 5.91 11.02
CA SER A 87 -7.90 6.47 11.96
C SER A 87 -6.50 5.91 11.68
N LEU A 88 -6.25 5.64 10.41
CA LEU A 88 -4.97 5.11 9.99
C LEU A 88 -4.20 6.19 9.23
N SER A 89 -3.11 5.76 8.60
CA SER A 89 -2.28 6.69 7.84
C SER A 89 -1.65 7.72 8.77
N LEU A 90 -1.26 7.25 9.95
CA LEU A 90 -0.65 8.13 10.94
C LEU A 90 0.74 7.61 11.29
N ALA A 91 1.21 8.00 12.47
CA ALA A 91 2.52 7.57 12.93
C ALA A 91 2.39 6.20 13.60
N VAL A 92 1.83 5.26 12.86
CA VAL A 92 1.65 3.92 13.38
C VAL A 92 3.01 3.29 13.65
N PRO A 93 3.17 2.76 14.89
CA PRO A 93 4.43 2.14 15.29
C PRO A 93 4.57 0.75 14.65
N PRO A 94 5.76 0.13 14.88
CA PRO A 94 6.03 -1.18 14.33
C PRO A 94 5.29 -2.27 15.11
N PRO A 95 4.84 -3.30 14.35
CA PRO A 95 4.11 -4.41 14.97
C PRO A 95 5.06 -5.33 15.74
N ARG A 96 4.55 -6.51 16.06
CA ARG A 96 5.34 -7.49 16.80
C ARG A 96 5.91 -8.53 15.85
N PHE A 97 5.17 -8.78 14.78
CA PHE A 97 5.59 -9.75 13.78
C PHE A 97 7.11 -9.69 13.56
N HIS A 98 7.64 -10.77 12.99
CA HIS A 98 9.06 -10.85 12.72
C HIS A 98 9.44 -9.82 11.65
N ASP A 99 10.75 -9.67 11.46
CA ASP A 99 11.26 -8.72 10.48
C ASP A 99 12.76 -8.89 10.35
#